data_4JTV
#
_entry.id   4JTV
#
_cell.length_a   66.722
_cell.length_b   117.321
_cell.length_c   117.393
_cell.angle_alpha   61.78
_cell.angle_beta   81.82
_cell.angle_gamma   77.42
#
_symmetry.space_group_name_H-M   'P 1'
#
loop_
_entity.id
_entity.type
_entity.pdbx_description
1 polymer Hemagglutinin
2 polymer Hemagglutinin
3 branched 'N-acetyl-alpha-neuraminic acid-(2-6)-beta-D-galactopyranose-(1-4)-2-acetamido-2-deoxy-beta-D-glucopyranose'
4 branched 'N-acetyl-alpha-neuraminic acid-(2-6)-beta-D-galactopyranose-(1-4)-2-acetamido-2-deoxy-beta-D-glucopyranose-(1-3)-beta-D-galactopyranose'
5 branched 2-acetamido-2-deoxy-beta-D-glucopyranose-(1-4)-2-acetamido-2-deoxy-beta-D-glucopyranose
6 non-polymer 2-acetamido-2-deoxy-beta-D-glucopyranose
7 non-polymer 'N-acetyl-alpha-neuraminic acid'
8 water water
#
loop_
_entity_poly.entity_id
_entity_poly.type
_entity_poly.pdbx_seq_one_letter_code
_entity_poly.pdbx_strand_id
1 'polypeptide(L)'
;DTLCIGYHANNSTDTVDTVLEKNVTVTHSVNLLEDKHNGKLCKLRGVAPLHLGKCNIAGWILGNPECESLSTASSWSYIV
ETPSSDNGTCYPGDFIDYEELREQLSSVSSFERFEIFPKTSSWPNHDSNKGVTAACPHAGAKSFYKNLIWLVKKGNSYPK
LSKSYINDKGKEVLVLWGIHHPSTSADQQSLYQNADTYVFVGSSRYSKKFKPEIAIRPKVRDQEGRMNYYWTLVEPGDKI
TFEATGNLVVPRYAFAMERNAGSGIIISDTPVHDCNTTCQTPKGAINTSLPFQNIHPITIGKCPKYVKSTKLRLATGLRN
I
;
A,C,E,G,I,K
2 'polypeptide(L)'
;GLFGAIAGFIEGGWTGMVDGWYGYHHQNEQGSGYAADLKSTQNAIDEITNKVNSVIEKMNTQFTAVGKEFNHLEKRIENL
NKKVDDGFLDIWTYNAELLVLLENERTLDYHDSNVKNLYEKVRSQLKNNAKEIGNGCFEFYHKCDNTCMESVKNGTYDYP
KY
;
B,D,F,H,J,L
#
loop_
_chem_comp.id
_chem_comp.type
_chem_comp.name
_chem_comp.formula
GAL D-saccharide, beta linking beta-D-galactopyranose 'C6 H12 O6'
NAG D-saccharide, beta linking 2-acetamido-2-deoxy-beta-D-glucopyranose 'C8 H15 N O6'
SIA D-saccharide, alpha linking 'N-acetyl-alpha-neuraminic acid' 'C11 H19 N O9'
#
# COMPACT_ATOMS: atom_id res chain seq x y z
N ASP A 1 65.38 -37.25 17.32
CA ASP A 1 65.08 -38.12 16.19
C ASP A 1 63.67 -38.66 16.38
N THR A 2 62.65 -37.94 15.92
CA THR A 2 62.81 -36.66 15.24
C THR A 2 62.05 -35.55 15.97
N LEU A 3 61.90 -34.42 15.30
CA LEU A 3 61.26 -33.27 15.90
C LEU A 3 60.20 -32.66 15.00
N CYS A 4 58.92 -32.92 15.23
CA CYS A 4 57.99 -32.29 14.32
C CYS A 4 57.43 -30.97 14.86
N ILE A 5 57.04 -30.09 13.95
CA ILE A 5 56.46 -28.80 14.31
C ILE A 5 55.08 -28.62 13.67
N GLY A 6 54.09 -28.22 14.48
CA GLY A 6 52.72 -28.14 14.02
C GLY A 6 51.86 -27.21 14.86
N TYR A 7 50.56 -27.20 14.63
CA TYR A 7 49.69 -26.30 15.35
C TYR A 7 48.52 -27.03 15.99
N HIS A 8 47.64 -26.28 16.64
CA HIS A 8 46.52 -26.82 17.43
C HIS A 8 45.29 -27.15 16.60
N ALA A 9 44.45 -28.02 17.14
CA ALA A 9 43.17 -28.36 16.54
C ALA A 9 42.24 -28.92 17.61
N ASN A 10 40.93 -28.77 17.42
CA ASN A 10 39.96 -29.25 18.40
C ASN A 10 38.60 -29.59 17.80
N ASN A 11 37.63 -29.89 18.67
CA ASN A 11 36.30 -30.28 18.23
C ASN A 11 35.42 -29.10 17.84
N SER A 12 36.03 -27.92 17.75
CA SER A 12 35.28 -26.70 17.44
C SER A 12 34.76 -26.68 16.00
N THR A 13 33.58 -26.09 15.83
CA THR A 13 32.95 -26.00 14.50
C THR A 13 32.64 -24.55 14.13
N ASP A 14 33.06 -23.62 14.98
CA ASP A 14 32.85 -22.19 14.73
C ASP A 14 33.43 -21.79 13.38
N THR A 15 32.58 -21.23 12.52
CA THR A 15 33.04 -20.76 11.22
C THR A 15 33.10 -19.24 11.18
N VAL A 16 34.01 -18.72 10.36
CA VAL A 16 34.13 -17.29 10.14
C VAL A 16 34.36 -17.05 8.66
N ASP A 17 34.27 -15.79 8.25
CA ASP A 17 34.49 -15.45 6.85
C ASP A 17 35.71 -14.56 6.68
N THR A 18 36.35 -14.66 5.52
CA THR A 18 37.46 -13.78 5.19
C THR A 18 37.23 -13.19 3.80
N VAL A 19 38.05 -12.21 3.44
CA VAL A 19 37.97 -11.61 2.13
C VAL A 19 38.16 -12.65 1.03
N LEU A 20 38.91 -13.71 1.30
CA LEU A 20 39.17 -14.72 0.29
C LEU A 20 38.51 -16.09 0.49
N GLU A 21 37.95 -16.35 1.64
CA GLU A 21 37.38 -17.66 1.89
C GLU A 21 36.15 -17.49 2.72
N LYS A 22 35.09 -18.21 2.35
CA LYS A 22 33.86 -18.19 3.15
C LYS A 22 33.71 -19.48 3.95
N ASN A 23 33.18 -19.34 5.14
CA ASN A 23 32.90 -20.44 6.00
C ASN A 23 34.16 -21.23 6.24
N VAL A 24 35.13 -20.58 6.87
CA VAL A 24 36.37 -21.20 7.31
C VAL A 24 36.27 -21.61 8.78
N THR A 25 36.34 -22.91 9.04
CA THR A 25 36.27 -23.41 10.40
C THR A 25 37.51 -22.99 11.18
N VAL A 26 37.42 -22.60 12.44
CA VAL A 26 38.64 -22.19 13.13
C VAL A 26 38.66 -22.49 14.59
N THR A 27 39.85 -22.58 15.15
CA THR A 27 39.93 -23.03 16.50
C THR A 27 39.11 -22.18 17.42
N HIS A 28 39.28 -20.88 17.41
CA HIS A 28 38.52 -20.04 18.33
C HIS A 28 37.90 -18.82 17.70
N SER A 29 36.96 -18.18 18.39
CA SER A 29 36.40 -16.96 17.81
C SER A 29 35.47 -16.25 18.78
N VAL A 30 35.41 -14.94 18.68
CA VAL A 30 34.49 -14.14 19.49
C VAL A 30 33.43 -13.50 18.61
N ASN A 31 32.38 -12.98 19.22
CA ASN A 31 31.33 -12.29 18.48
C ASN A 31 31.41 -10.78 18.71
N LEU A 32 31.41 -10.02 17.62
CA LEU A 32 31.43 -8.56 17.71
C LEU A 32 30.01 -7.99 17.72
N LEU A 33 29.05 -8.82 17.34
CA LEU A 33 27.67 -8.39 17.20
C LEU A 33 26.81 -8.79 18.39
N GLU A 34 26.22 -7.84 19.08
CA GLU A 34 25.31 -8.22 20.12
C GLU A 34 23.93 -8.34 19.54
N ASP A 35 23.30 -9.42 19.90
CA ASP A 35 21.98 -9.76 19.38
C ASP A 35 21.05 -10.27 20.48
N LYS A 36 21.31 -9.83 21.71
CA LYS A 36 20.55 -10.30 22.84
C LYS A 36 20.17 -9.16 23.79
N HIS A 37 18.89 -9.05 24.09
CA HIS A 37 18.38 -8.03 25.01
C HIS A 37 17.54 -8.68 26.11
N ASN A 38 17.40 -7.99 27.24
CA ASN A 38 16.69 -8.57 28.39
C ASN A 38 15.17 -8.38 28.34
N GLY A 39 14.67 -7.82 27.23
CA GLY A 39 13.24 -7.62 27.06
C GLY A 39 12.60 -6.89 28.22
N LYS A 40 13.30 -5.87 28.74
CA LYS A 40 12.80 -5.09 29.85
C LYS A 40 13.15 -3.61 29.66
N LEU A 41 12.22 -2.73 30.03
CA LEU A 41 12.52 -1.30 30.05
C LEU A 41 13.11 -0.93 31.41
N CYS A 42 14.41 -0.67 31.42
CA CYS A 42 15.14 -0.48 32.67
C CYS A 42 15.45 0.99 32.95
N LYS A 43 16.07 1.25 34.09
CA LYS A 43 16.53 2.59 34.42
C LYS A 43 17.58 2.92 33.37
N LEU A 44 17.92 4.20 33.22
CA LEU A 44 18.92 4.59 32.24
C LEU A 44 20.19 5.32 32.63
N ARG A 45 20.08 6.21 33.62
CA ARG A 45 21.25 6.90 34.14
C ARG A 45 21.32 6.06 35.40
N GLY A 46 20.53 6.47 36.39
CA GLY A 46 20.30 5.68 37.58
C GLY A 46 18.84 5.89 37.93
N VAL A 47 18.17 6.65 37.08
CA VAL A 47 16.79 7.08 37.28
C VAL A 47 15.84 6.31 36.38
N ALA A 48 14.74 5.82 36.95
CA ALA A 48 13.76 5.06 36.18
C ALA A 48 13.01 5.95 35.20
N PRO A 49 12.38 5.33 34.19
CA PRO A 49 11.60 6.10 33.21
C PRO A 49 10.26 6.51 33.78
N LEU A 50 9.54 7.33 33.04
CA LEU A 50 8.18 7.68 33.41
C LEU A 50 7.29 6.85 32.57
N HIS A 51 6.48 6.05 33.19
CA HIS A 51 5.53 5.22 32.46
C HIS A 51 4.11 5.78 32.59
N LEU A 52 3.50 6.09 31.45
CA LEU A 52 2.20 6.74 31.41
C LEU A 52 1.04 5.74 31.39
N GLY A 53 1.36 4.48 31.08
CA GLY A 53 0.36 3.42 31.05
C GLY A 53 -0.78 3.66 30.08
N LYS A 54 -1.96 3.92 30.62
CA LYS A 54 -3.17 4.07 29.80
C LYS A 54 -3.21 5.38 29.03
N CYS A 55 -2.47 6.37 29.50
CA CYS A 55 -2.51 7.71 28.91
C CYS A 55 -1.26 8.06 28.12
N ASN A 56 -1.35 9.17 27.39
CA ASN A 56 -0.24 9.71 26.64
C ASN A 56 0.18 11.05 27.22
N ILE A 57 1.24 11.64 26.69
CA ILE A 57 1.75 12.88 27.26
C ILE A 57 0.65 13.92 27.46
N ALA A 58 -0.14 14.16 26.42
CA ALA A 58 -1.19 15.17 26.46
C ALA A 58 -2.11 14.96 27.66
N GLY A 59 -2.71 13.78 27.74
CA GLY A 59 -3.59 13.45 28.84
C GLY A 59 -2.92 13.55 30.19
N TRP A 60 -1.62 13.31 30.23
CA TRP A 60 -0.88 13.30 31.49
C TRP A 60 -0.71 14.70 32.09
N ILE A 61 -0.24 15.67 31.30
CA ILE A 61 -0.02 17.01 31.81
C ILE A 61 -1.31 17.81 31.95
N LEU A 62 -2.27 17.57 31.07
CA LEU A 62 -3.55 18.27 31.14
C LEU A 62 -4.33 17.81 32.36
N GLY A 63 -4.19 16.53 32.70
CA GLY A 63 -4.84 16.00 33.87
C GLY A 63 -6.11 15.23 33.55
N ASN A 64 -6.17 14.68 32.34
CA ASN A 64 -7.30 13.83 31.96
C ASN A 64 -7.68 12.93 33.12
N PRO A 65 -8.97 12.88 33.45
CA PRO A 65 -9.51 12.14 34.60
C PRO A 65 -9.04 10.69 34.70
N GLU A 66 -8.60 10.11 33.58
CA GLU A 66 -8.14 8.73 33.60
C GLU A 66 -6.67 8.60 34.02
N CYS A 67 -5.87 9.61 33.69
CA CYS A 67 -4.47 9.66 34.09
C CYS A 67 -4.36 10.09 35.55
N GLU A 68 -5.46 9.92 36.26
CA GLU A 68 -5.60 10.36 37.64
C GLU A 68 -4.58 9.73 38.58
N SER A 69 -4.05 8.58 38.19
CA SER A 69 -3.25 7.77 39.11
C SER A 69 -1.74 7.71 38.87
N LEU A 70 -1.15 8.72 38.24
CA LEU A 70 0.26 8.60 37.82
C LEU A 70 1.31 9.68 38.09
N SER A 71 0.87 10.88 38.46
CA SER A 71 1.78 12.03 38.44
C SER A 71 2.51 12.32 39.75
N THR A 72 3.60 11.62 40.04
CA THR A 72 4.39 12.05 41.19
C THR A 72 5.91 12.13 41.08
N ALA A 73 6.50 11.20 40.34
CA ALA A 73 7.96 11.11 40.19
C ALA A 73 8.61 12.47 39.90
N SER A 74 9.57 12.84 40.73
CA SER A 74 10.22 14.15 40.60
C SER A 74 11.30 14.21 39.53
N SER A 75 11.55 13.09 38.86
CA SER A 75 12.50 13.05 37.76
C SER A 75 12.47 11.71 37.03
N TRP A 76 12.80 11.74 35.74
CA TRP A 76 12.87 10.52 34.96
C TRP A 76 13.91 10.66 33.85
N SER A 77 14.40 9.52 33.37
CA SER A 77 15.43 9.49 32.34
C SER A 77 14.83 9.53 30.95
N TYR A 78 13.67 8.92 30.79
CA TYR A 78 12.94 8.94 29.52
C TYR A 78 11.46 8.64 29.77
N ILE A 79 10.64 8.72 28.72
CA ILE A 79 9.21 8.53 28.87
C ILE A 79 8.71 7.35 28.06
N VAL A 80 7.80 6.57 28.66
CA VAL A 80 7.27 5.38 28.01
C VAL A 80 5.75 5.45 27.83
N GLU A 81 5.29 5.31 26.61
CA GLU A 81 3.88 5.23 26.39
C GLU A 81 3.62 3.84 25.86
N THR A 82 2.40 3.38 25.93
CA THR A 82 2.00 2.11 25.33
C THR A 82 1.31 2.41 24.00
N PRO A 83 1.49 1.53 23.01
CA PRO A 83 0.84 1.73 21.70
C PRO A 83 -0.66 1.77 21.85
N SER A 84 -1.17 1.32 22.99
CA SER A 84 -2.59 1.26 23.26
C SER A 84 -3.03 2.21 24.35
N SER A 85 -2.25 3.24 24.56
CA SER A 85 -2.64 4.42 25.34
C SER A 85 -3.33 5.47 24.46
N ASP A 86 -4.64 5.64 24.67
CA ASP A 86 -5.43 6.55 23.86
C ASP A 86 -6.04 7.70 24.66
N ASN A 87 -5.82 7.68 25.97
CA ASN A 87 -6.36 8.71 26.85
C ASN A 87 -5.51 9.97 26.85
N GLY A 88 -5.87 10.93 25.99
CA GLY A 88 -5.15 12.19 25.90
C GLY A 88 -6.09 13.36 26.04
N THR A 89 -6.21 14.16 24.99
CA THR A 89 -7.11 15.32 24.99
C THR A 89 -8.55 14.89 24.72
N CYS A 90 -9.28 14.64 25.81
CA CYS A 90 -10.65 14.14 25.72
C CYS A 90 -11.60 15.12 25.01
N TYR A 91 -11.40 16.41 25.24
CA TYR A 91 -12.16 17.42 24.51
C TYR A 91 -11.44 17.80 23.22
N PRO A 92 -12.05 17.46 22.06
CA PRO A 92 -11.45 17.67 20.75
C PRO A 92 -10.81 19.03 20.61
N GLY A 93 -9.66 19.09 19.94
CA GLY A 93 -8.93 20.34 19.79
C GLY A 93 -7.52 20.12 19.27
N ASP A 94 -6.76 21.18 19.28
CA ASP A 94 -5.44 21.11 18.75
C ASP A 94 -4.44 21.45 19.82
N PHE A 95 -3.48 20.58 20.01
CA PHE A 95 -2.41 20.80 20.97
C PHE A 95 -1.22 21.45 20.25
N ILE A 96 -1.11 22.75 20.36
CA ILE A 96 -0.10 23.43 19.61
C ILE A 96 1.27 23.06 20.09
N ASP A 97 2.19 22.96 19.16
CA ASP A 97 3.57 22.56 19.44
C ASP A 97 3.60 21.39 20.40
N TYR A 98 2.79 20.38 20.12
CA TYR A 98 2.68 19.21 20.98
C TYR A 98 3.97 18.40 20.99
N GLU A 99 4.42 17.92 19.86
CA GLU A 99 5.48 16.96 19.88
C GLU A 99 6.70 17.59 20.42
N GLU A 100 6.67 18.91 20.51
CA GLU A 100 7.82 19.69 20.91
C GLU A 100 7.89 19.71 22.38
N LEU A 101 6.73 19.86 22.99
CA LEU A 101 6.59 19.75 24.40
C LEU A 101 7.07 18.41 24.84
N ARG A 102 6.59 17.40 24.17
CA ARG A 102 7.00 16.04 24.49
C ARG A 102 8.53 15.92 24.54
N GLU A 103 9.21 16.54 23.58
CA GLU A 103 10.67 16.54 23.57
C GLU A 103 11.21 17.23 24.82
N GLN A 104 10.65 18.39 25.15
CA GLN A 104 11.07 19.15 26.31
C GLN A 104 10.84 18.36 27.59
N LEU A 105 9.81 17.52 27.56
CA LEU A 105 9.39 16.76 28.74
C LEU A 105 10.02 15.37 28.78
N SER A 106 10.70 14.98 27.72
CA SER A 106 11.27 13.64 27.60
C SER A 106 12.09 13.25 28.82
N SER A 107 12.95 14.15 29.26
CA SER A 107 13.74 13.92 30.46
C SER A 107 13.84 15.16 31.33
N VAL A 108 13.70 14.96 32.63
CA VAL A 108 13.63 16.05 33.57
C VAL A 108 14.41 15.71 34.84
N SER A 109 15.08 16.70 35.42
CA SER A 109 15.91 16.50 36.60
C SER A 109 15.12 16.75 37.89
N SER A 110 14.18 17.70 37.83
CA SER A 110 13.26 17.95 38.93
C SER A 110 11.91 18.41 38.39
N PHE A 111 10.84 17.89 38.95
CA PHE A 111 9.52 18.09 38.38
C PHE A 111 8.44 18.04 39.46
N GLU A 112 8.14 19.18 40.05
CA GLU A 112 7.08 19.24 41.06
C GLU A 112 5.88 20.02 40.53
N ARG A 113 4.69 19.48 40.78
CA ARG A 113 3.45 20.07 40.28
C ARG A 113 2.73 20.86 41.35
N PHE A 114 2.76 22.19 41.25
CA PHE A 114 2.13 23.05 42.24
C PHE A 114 0.90 23.75 41.68
N GLU A 115 -0.02 24.11 42.56
CA GLU A 115 -1.24 24.80 42.15
C GLU A 115 -0.95 26.29 41.93
N ILE A 116 -0.88 26.68 40.66
CA ILE A 116 -0.51 28.05 40.30
C ILE A 116 -1.60 29.06 40.64
N PHE A 117 -2.81 28.81 40.14
CA PHE A 117 -3.95 29.65 40.45
C PHE A 117 -4.99 28.88 41.27
N PRO A 118 -4.86 28.93 42.61
CA PRO A 118 -5.78 28.23 43.51
C PRO A 118 -7.23 28.47 43.12
N LYS A 119 -7.96 27.39 42.83
CA LYS A 119 -9.32 27.46 42.31
C LYS A 119 -10.27 28.30 43.18
N THR A 120 -10.19 28.12 44.49
CA THR A 120 -11.13 28.76 45.40
C THR A 120 -10.98 30.27 45.48
N SER A 121 -9.73 30.74 45.54
CA SER A 121 -9.48 32.15 45.81
C SER A 121 -9.09 32.96 44.57
N SER A 122 -9.03 32.32 43.42
CA SER A 122 -8.54 33.00 42.22
C SER A 122 -9.63 33.58 41.33
N TRP A 123 -10.74 32.89 41.19
CA TRP A 123 -11.72 33.27 40.19
C TRP A 123 -13.02 33.67 40.82
N PRO A 124 -13.04 34.92 41.26
CA PRO A 124 -14.04 35.45 42.15
C PRO A 124 -15.12 36.12 41.38
N ASN A 125 -14.86 36.30 40.10
CA ASN A 125 -15.85 36.86 39.24
C ASN A 125 -16.21 35.89 38.13
N HIS A 126 -16.15 34.61 38.41
CA HIS A 126 -16.52 33.66 37.37
C HIS A 126 -16.85 32.31 38.00
N ASP A 127 -17.63 31.51 37.29
CA ASP A 127 -18.03 30.20 37.80
C ASP A 127 -16.97 29.14 37.47
N SER A 128 -16.43 28.52 38.51
CA SER A 128 -15.40 27.52 38.33
C SER A 128 -15.90 26.13 38.70
N ASN A 129 -17.20 25.90 38.48
CA ASN A 129 -17.82 24.63 38.87
C ASN A 129 -18.70 24.03 37.79
N LYS A 130 -18.96 24.88 36.82
CA LYS A 130 -19.83 24.59 35.74
C LYS A 130 -19.03 24.12 34.56
N GLY A 131 -17.72 24.09 34.70
CA GLY A 131 -16.91 23.72 33.58
C GLY A 131 -16.58 22.27 33.45
N VAL A 132 -17.57 21.44 33.17
CA VAL A 132 -17.33 20.03 32.91
C VAL A 132 -17.96 19.63 31.58
N THR A 133 -17.71 18.39 31.16
CA THR A 133 -18.19 17.92 29.86
C THR A 133 -18.34 16.42 29.82
N ALA A 134 -19.25 15.93 28.99
CA ALA A 134 -19.46 14.50 28.82
C ALA A 134 -18.30 13.88 28.05
N ALA A 135 -17.47 14.73 27.44
CA ALA A 135 -16.31 14.27 26.71
C ALA A 135 -15.22 13.81 27.66
N CYS A 136 -15.20 14.37 28.87
CA CYS A 136 -14.20 13.99 29.87
C CYS A 136 -14.86 13.30 31.05
N PRO A 137 -15.45 12.15 30.87
CA PRO A 137 -16.25 11.58 31.94
C PRO A 137 -15.42 11.09 33.09
N HIS A 138 -15.95 11.22 34.29
CA HIS A 138 -15.34 10.59 35.45
C HIS A 138 -16.47 10.02 36.22
N ALA A 139 -16.52 8.70 36.27
CA ALA A 139 -17.54 8.01 37.01
C ALA A 139 -18.85 8.28 36.37
N GLY A 140 -18.91 8.08 35.07
CA GLY A 140 -20.15 8.30 34.38
C GLY A 140 -20.63 9.71 34.58
N ALA A 141 -20.00 10.41 35.50
CA ALA A 141 -20.37 11.79 35.71
C ALA A 141 -19.46 12.66 34.90
N LYS A 142 -20.02 13.67 34.26
CA LYS A 142 -19.18 14.63 33.57
C LYS A 142 -18.05 15.21 34.43
N SER A 143 -16.87 15.32 33.83
CA SER A 143 -15.71 15.86 34.52
C SER A 143 -14.89 16.72 33.56
N PHE A 144 -13.62 16.94 33.91
CA PHE A 144 -12.74 17.77 33.10
C PHE A 144 -11.29 17.53 33.50
N TYR A 145 -10.36 18.25 32.88
CA TYR A 145 -8.95 18.13 33.21
C TYR A 145 -8.70 18.61 34.64
N LYS A 146 -7.84 17.90 35.36
CA LYS A 146 -7.51 18.26 36.73
C LYS A 146 -6.68 19.54 36.80
N ASN A 147 -5.83 19.73 35.79
CA ASN A 147 -4.87 20.82 35.81
C ASN A 147 -5.36 22.08 35.09
N LEU A 148 -6.57 22.00 34.55
CA LEU A 148 -7.20 23.15 33.91
C LEU A 148 -8.58 23.41 34.49
N ILE A 149 -9.01 24.67 34.46
CA ILE A 149 -10.34 25.04 34.89
C ILE A 149 -11.09 25.77 33.78
N TRP A 150 -12.30 25.29 33.47
CA TRP A 150 -13.10 25.86 32.40
C TRP A 150 -14.02 26.95 32.92
N LEU A 151 -13.47 28.15 33.05
CA LEU A 151 -14.21 29.29 33.58
C LEU A 151 -15.39 29.68 32.68
N VAL A 152 -16.58 29.71 33.25
CA VAL A 152 -17.77 30.19 32.56
C VAL A 152 -18.33 31.42 33.28
N LYS A 153 -19.31 32.08 32.69
CA LYS A 153 -19.88 33.29 33.30
C LYS A 153 -20.72 32.98 34.51
N LYS A 154 -20.64 33.89 35.46
CA LYS A 154 -21.41 33.89 36.66
C LYS A 154 -22.76 34.44 36.33
N GLY A 155 -23.74 33.57 36.14
CA GLY A 155 -25.07 34.09 35.93
C GLY A 155 -25.29 35.39 35.18
N ASN A 156 -25.01 35.38 33.88
CA ASN A 156 -25.32 36.51 33.01
C ASN A 156 -24.21 37.55 33.05
N SER A 157 -23.07 37.20 33.61
CA SER A 157 -21.97 38.16 33.67
C SER A 157 -20.59 37.51 33.60
N TYR A 158 -19.84 37.88 32.55
CA TYR A 158 -18.45 37.48 32.42
C TYR A 158 -17.58 38.72 32.35
N PRO A 159 -17.14 39.21 33.51
CA PRO A 159 -16.30 40.41 33.61
C PRO A 159 -14.90 40.12 33.10
N LYS A 160 -14.24 41.10 32.51
CA LYS A 160 -12.86 40.93 32.11
C LYS A 160 -12.05 40.40 33.28
N LEU A 161 -11.31 39.32 33.03
CA LEU A 161 -10.45 38.75 34.02
C LEU A 161 -9.03 39.06 33.71
N SER A 162 -8.23 39.20 34.75
CA SER A 162 -6.83 39.47 34.59
C SER A 162 -6.04 39.00 35.79
N LYS A 163 -5.48 37.81 35.68
CA LYS A 163 -4.62 37.29 36.71
C LYS A 163 -3.25 37.07 36.16
N SER A 164 -2.30 36.92 37.05
CA SER A 164 -0.91 36.81 36.65
C SER A 164 -0.07 36.12 37.72
N TYR A 165 0.81 35.23 37.28
CA TYR A 165 1.70 34.51 38.19
C TYR A 165 3.15 34.90 37.96
N ILE A 166 3.87 35.17 39.05
CA ILE A 166 5.28 35.47 38.94
C ILE A 166 6.11 34.29 39.45
N ASN A 167 6.98 33.78 38.59
CA ASN A 167 7.77 32.60 38.88
C ASN A 167 8.79 32.83 40.01
N ASP A 168 8.44 32.39 41.21
CA ASP A 168 9.34 32.52 42.34
C ASP A 168 10.04 31.19 42.61
N LYS A 169 9.84 30.22 41.75
CA LYS A 169 10.56 28.98 41.88
C LYS A 169 11.97 29.25 41.45
N GLY A 170 12.83 28.27 41.61
CA GLY A 170 14.22 28.42 41.20
C GLY A 170 14.50 27.69 39.91
N LYS A 171 13.49 27.64 39.07
CA LYS A 171 13.57 26.92 37.80
C LYS A 171 12.41 27.26 36.91
N GLU A 172 12.42 26.74 35.71
CA GLU A 172 11.37 27.03 34.75
C GLU A 172 10.03 26.50 35.24
N VAL A 173 8.95 27.18 34.84
CA VAL A 173 7.60 26.75 35.16
C VAL A 173 6.79 26.52 33.89
N LEU A 174 6.43 25.27 33.65
CA LEU A 174 5.58 24.92 32.52
C LEU A 174 4.15 25.31 32.85
N VAL A 175 3.56 26.19 32.05
CA VAL A 175 2.18 26.62 32.27
C VAL A 175 1.33 26.24 31.07
N LEU A 176 0.24 25.52 31.32
CA LEU A 176 -0.67 25.15 30.24
C LEU A 176 -2.03 25.82 30.39
N TRP A 177 -2.62 26.20 29.27
CA TRP A 177 -3.94 26.78 29.27
C TRP A 177 -4.70 26.35 28.02
N GLY A 178 -5.91 26.85 27.85
CA GLY A 178 -6.74 26.46 26.72
C GLY A 178 -7.66 27.56 26.22
N ILE A 179 -7.98 27.51 24.94
CA ILE A 179 -8.91 28.44 24.34
C ILE A 179 -10.08 27.64 23.79
N HIS A 180 -11.28 27.95 24.24
CA HIS A 180 -12.47 27.22 23.81
C HIS A 180 -13.22 27.92 22.69
N HIS A 181 -13.54 27.16 21.66
CA HIS A 181 -14.26 27.69 20.51
C HIS A 181 -15.62 27.02 20.41
N PRO A 182 -16.67 27.72 20.86
CA PRO A 182 -18.05 27.21 20.84
C PRO A 182 -18.54 26.96 19.43
N SER A 183 -19.53 26.07 19.30
CA SER A 183 -20.01 25.66 17.99
C SER A 183 -20.97 26.67 17.39
N THR A 184 -21.76 27.32 18.24
CA THR A 184 -22.75 28.28 17.79
C THR A 184 -22.71 29.53 18.66
N SER A 185 -23.10 30.66 18.06
CA SER A 185 -23.12 31.94 18.78
C SER A 185 -24.10 31.92 19.95
N ALA A 186 -25.02 30.95 19.95
CA ALA A 186 -25.93 30.76 21.06
C ALA A 186 -25.21 30.17 22.27
N ASP A 187 -24.33 29.20 22.02
CA ASP A 187 -23.53 28.61 23.08
C ASP A 187 -22.47 29.59 23.56
N GLN A 188 -22.05 30.49 22.67
CA GLN A 188 -21.07 31.50 23.01
C GLN A 188 -21.54 32.35 24.18
N GLN A 189 -22.72 32.96 24.06
CA GLN A 189 -23.25 33.81 25.11
C GLN A 189 -23.75 32.97 26.28
N SER A 190 -24.26 31.80 26.01
CA SER A 190 -24.69 30.95 27.07
C SER A 190 -23.55 30.63 27.99
N LEU A 191 -22.35 30.58 27.45
CA LEU A 191 -21.16 30.25 28.24
C LEU A 191 -20.47 31.50 28.75
N TYR A 192 -20.26 32.47 27.87
CA TYR A 192 -19.59 33.71 28.24
C TYR A 192 -20.48 34.76 27.57
N GLN A 193 -21.33 35.41 28.32
CA GLN A 193 -22.30 36.31 27.75
C GLN A 193 -21.86 37.02 26.51
N ASN A 194 -20.77 37.75 26.63
CA ASN A 194 -20.32 38.62 25.55
C ASN A 194 -20.19 37.82 24.26
N ALA A 195 -20.61 38.41 23.14
CA ALA A 195 -20.58 37.72 21.85
C ALA A 195 -19.25 37.92 21.12
N ASP A 196 -18.51 38.97 21.42
CA ASP A 196 -17.18 39.07 20.82
C ASP A 196 -16.10 39.22 21.82
N THR A 197 -15.37 38.15 22.07
CA THR A 197 -14.43 38.16 23.14
C THR A 197 -13.02 38.06 22.66
N TYR A 198 -12.09 37.93 23.57
CA TYR A 198 -10.70 37.73 23.20
C TYR A 198 -9.92 37.36 24.41
N VAL A 199 -8.90 36.56 24.23
CA VAL A 199 -8.03 36.09 25.29
C VAL A 199 -6.60 36.52 25.00
N PHE A 200 -5.88 36.96 26.03
CA PHE A 200 -4.49 37.37 25.85
C PHE A 200 -3.58 36.75 26.90
N VAL A 201 -2.55 36.04 26.45
CA VAL A 201 -1.53 35.51 27.34
C VAL A 201 -0.20 36.18 27.02
N GLY A 202 0.50 36.63 28.05
CA GLY A 202 1.76 37.33 27.83
C GLY A 202 2.76 37.19 28.96
N SER A 203 4.03 37.05 28.59
CA SER A 203 5.12 37.04 29.55
C SER A 203 6.23 37.92 29.02
N SER A 204 7.46 37.68 29.48
CA SER A 204 8.61 38.44 28.99
C SER A 204 8.96 38.07 27.55
N ARG A 205 8.66 36.82 27.18
CA ARG A 205 8.97 36.34 25.85
C ARG A 205 7.72 35.99 25.04
N TYR A 206 6.69 35.50 25.73
CA TYR A 206 5.45 35.09 25.07
C TYR A 206 4.47 36.25 25.00
N SER A 207 3.66 36.27 23.95
CA SER A 207 2.64 37.30 23.76
C SER A 207 1.79 36.81 22.60
N LYS A 208 0.49 36.65 22.81
CA LYS A 208 -0.40 36.15 21.79
C LYS A 208 -1.83 36.44 22.13
N LYS A 209 -2.59 37.03 21.20
CA LYS A 209 -4.00 37.38 21.41
C LYS A 209 -4.89 36.43 20.61
N PHE A 210 -5.73 35.69 21.33
CA PHE A 210 -6.57 34.67 20.71
C PHE A 210 -7.99 35.18 20.47
N LYS A 211 -8.53 34.89 19.29
CA LYS A 211 -9.90 35.22 18.95
C LYS A 211 -10.69 33.95 18.68
N PRO A 212 -11.73 33.70 19.48
CA PRO A 212 -12.55 32.50 19.33
C PRO A 212 -13.10 32.36 17.91
N GLU A 213 -13.01 31.15 17.37
CA GLU A 213 -13.51 30.86 16.03
C GLU A 213 -14.76 30.00 16.12
N ILE A 214 -15.91 30.66 16.13
CA ILE A 214 -17.19 29.99 16.33
C ILE A 214 -17.75 29.39 15.05
N ALA A 215 -17.95 28.07 15.06
CA ALA A 215 -18.47 27.36 13.91
C ALA A 215 -18.77 25.90 14.23
N ILE A 216 -19.52 25.24 13.37
CA ILE A 216 -19.89 23.85 13.57
C ILE A 216 -18.85 22.90 12.98
N ARG A 217 -18.09 22.24 13.85
CA ARG A 217 -17.15 21.21 13.41
C ARG A 217 -17.86 19.85 13.46
N PRO A 218 -17.39 18.90 12.64
CA PRO A 218 -17.93 17.55 12.71
C PRO A 218 -17.77 17.00 14.11
N LYS A 219 -18.72 16.23 14.61
CA LYS A 219 -18.68 15.80 15.99
C LYS A 219 -17.60 14.78 16.32
N VAL A 220 -16.76 15.12 17.27
CA VAL A 220 -15.69 14.27 17.78
C VAL A 220 -15.93 14.10 19.27
N ARG A 221 -16.17 12.86 19.69
CA ARG A 221 -16.53 12.58 21.06
C ARG A 221 -17.74 13.43 21.45
N ASP A 222 -18.65 13.58 20.48
CA ASP A 222 -19.93 14.26 20.68
C ASP A 222 -19.81 15.77 20.86
N GLN A 223 -18.73 16.35 20.38
CA GLN A 223 -18.54 17.80 20.46
C GLN A 223 -18.47 18.42 19.07
N GLU A 224 -19.32 19.42 18.84
CA GLU A 224 -19.28 20.17 17.59
C GLU A 224 -18.38 21.38 17.77
N GLY A 225 -17.95 21.59 19.01
CA GLY A 225 -17.04 22.67 19.34
C GLY A 225 -15.62 22.15 19.47
N ARG A 226 -14.67 23.06 19.67
CA ARG A 226 -13.28 22.68 19.76
C ARG A 226 -12.59 23.40 20.91
N MET A 227 -11.47 22.86 21.36
CA MET A 227 -10.69 23.45 22.43
C MET A 227 -9.21 23.28 22.15
N ASN A 228 -8.52 24.37 21.85
CA ASN A 228 -7.09 24.31 21.56
C ASN A 228 -6.24 24.50 22.80
N TYR A 229 -5.15 23.73 22.89
CA TYR A 229 -4.30 23.75 24.07
C TYR A 229 -2.97 24.42 23.79
N TYR A 230 -2.52 25.23 24.74
CA TYR A 230 -1.30 26.00 24.58
C TYR A 230 -0.43 25.86 25.82
N TRP A 231 0.87 26.03 25.66
CA TRP A 231 1.81 25.92 26.76
C TRP A 231 3.00 26.85 26.59
N THR A 232 3.69 27.14 27.68
CA THR A 232 4.87 27.98 27.64
C THR A 232 5.73 27.76 28.86
N LEU A 233 7.02 28.11 28.75
CA LEU A 233 7.92 28.02 29.88
C LEU A 233 8.22 29.42 30.40
N VAL A 234 8.00 29.63 31.69
CA VAL A 234 8.34 30.93 32.25
C VAL A 234 9.63 30.91 33.07
N GLU A 235 10.54 31.79 32.70
CA GLU A 235 11.85 31.87 33.34
C GLU A 235 11.67 32.20 34.81
N PRO A 236 12.68 31.86 35.62
CA PRO A 236 12.65 32.26 37.04
C PRO A 236 12.67 33.78 37.15
N GLY A 237 11.83 34.34 38.02
CA GLY A 237 11.79 35.78 38.22
C GLY A 237 10.86 36.48 37.23
N ASP A 238 10.53 35.79 36.14
CA ASP A 238 9.62 36.32 35.14
C ASP A 238 8.18 36.05 35.57
N LYS A 239 7.24 36.83 35.04
CA LYS A 239 5.83 36.60 35.31
C LYS A 239 5.03 36.41 34.03
N ILE A 240 3.90 35.73 34.15
CA ILE A 240 3.01 35.51 33.01
C ILE A 240 1.61 36.04 33.34
N THR A 241 1.03 36.79 32.41
CA THR A 241 -0.26 37.44 32.66
C THR A 241 -1.37 36.88 31.78
N PHE A 242 -2.47 36.48 32.43
CA PHE A 242 -3.66 36.05 31.71
C PHE A 242 -4.71 37.15 31.75
N GLU A 243 -5.38 37.30 30.63
CA GLU A 243 -6.39 38.31 30.46
C GLU A 243 -7.44 37.78 29.51
N ALA A 244 -8.70 37.95 29.81
CA ALA A 244 -9.72 37.40 28.93
C ALA A 244 -11.11 37.89 29.26
N THR A 245 -11.90 38.04 28.20
CA THR A 245 -13.28 38.37 28.29
C THR A 245 -14.12 37.19 27.85
N GLY A 246 -13.64 35.99 28.09
CA GLY A 246 -14.38 34.77 27.79
C GLY A 246 -13.54 33.76 27.03
N ASN A 247 -14.00 32.51 27.01
CA ASN A 247 -13.37 31.46 26.22
C ASN A 247 -11.98 31.04 26.69
N LEU A 248 -11.61 31.42 27.92
CA LEU A 248 -10.32 31.02 28.47
C LEU A 248 -10.42 29.87 29.47
N VAL A 249 -9.78 28.75 29.14
CA VAL A 249 -9.60 27.65 30.07
C VAL A 249 -8.32 27.91 30.84
N VAL A 250 -8.46 28.35 32.09
CA VAL A 250 -7.32 28.83 32.87
C VAL A 250 -6.48 27.70 33.48
N PRO A 251 -5.22 28.01 33.81
CA PRO A 251 -4.34 27.10 34.54
C PRO A 251 -4.77 26.94 35.99
N ARG A 252 -4.77 25.70 36.48
CA ARG A 252 -5.05 25.42 37.88
C ARG A 252 -3.77 24.92 38.53
N TYR A 253 -3.11 23.98 37.85
CA TYR A 253 -1.83 23.46 38.30
C TYR A 253 -0.75 23.72 37.26
N ALA A 254 0.40 24.19 37.73
CA ALA A 254 1.56 24.38 36.88
C ALA A 254 2.62 23.36 37.27
N PHE A 255 3.83 23.50 36.73
CA PHE A 255 4.90 22.56 37.02
C PHE A 255 6.26 23.24 37.14
N ALA A 256 6.82 23.23 38.34
CA ALA A 256 8.20 23.65 38.55
C ALA A 256 9.08 22.54 38.01
N MET A 257 9.96 22.88 37.08
CA MET A 257 10.61 21.89 36.25
C MET A 257 12.02 22.28 35.84
N GLU A 258 12.94 21.32 35.86
CA GLU A 258 14.29 21.54 35.38
C GLU A 258 14.67 20.40 34.45
N ARG A 259 14.98 20.74 33.20
CA ARG A 259 15.13 19.73 32.16
C ARG A 259 16.57 19.50 31.71
N ASN A 260 17.05 18.28 31.90
CA ASN A 260 18.34 17.87 31.35
C ASN A 260 18.18 17.31 29.93
N ALA A 261 18.32 18.18 28.95
CA ALA A 261 18.07 17.83 27.55
C ALA A 261 18.86 16.61 27.10
N GLY A 262 18.36 15.93 26.07
CA GLY A 262 19.09 14.85 25.44
C GLY A 262 18.50 13.47 25.62
N SER A 263 17.18 13.37 25.73
CA SER A 263 16.54 12.06 25.82
C SER A 263 15.39 11.92 24.82
N GLY A 264 14.58 10.89 25.00
CA GLY A 264 13.50 10.61 24.07
C GLY A 264 12.31 9.89 24.69
N ILE A 265 11.47 9.33 23.83
CA ILE A 265 10.22 8.71 24.26
C ILE A 265 10.05 7.35 23.60
N ILE A 266 9.75 6.34 24.41
CA ILE A 266 9.61 4.98 23.90
C ILE A 266 8.16 4.53 23.92
N ILE A 267 7.66 4.11 22.75
CA ILE A 267 6.30 3.60 22.64
C ILE A 267 6.34 2.08 22.53
N SER A 268 6.22 1.39 23.67
CA SER A 268 6.36 -0.05 23.69
C SER A 268 5.52 -0.73 24.78
N ASP A 269 5.29 -2.01 24.54
CA ASP A 269 4.50 -2.94 25.33
C ASP A 269 5.37 -3.65 26.33
N THR A 270 6.66 -3.41 26.23
CA THR A 270 7.66 -4.02 27.10
C THR A 270 7.54 -3.54 28.54
N PRO A 271 7.43 -4.49 29.47
CA PRO A 271 7.28 -4.22 30.91
C PRO A 271 8.45 -3.43 31.48
N VAL A 272 8.16 -2.50 32.38
CA VAL A 272 9.20 -1.73 33.04
C VAL A 272 9.63 -2.41 34.34
N HIS A 273 10.93 -2.57 34.53
CA HIS A 273 11.49 -3.32 35.63
C HIS A 273 12.58 -2.59 36.37
N ASP A 274 12.91 -3.08 37.54
CA ASP A 274 13.94 -2.43 38.35
C ASP A 274 15.31 -2.98 37.99
N CYS A 275 15.91 -2.41 36.94
CA CYS A 275 17.23 -2.85 36.51
C CYS A 275 18.02 -1.68 35.93
N ASN A 276 19.35 -1.77 36.02
CA ASN A 276 20.22 -0.76 35.44
C ASN A 276 20.60 -1.12 34.01
N THR A 277 20.63 -0.13 33.14
CA THR A 277 21.11 -0.33 31.78
C THR A 277 21.74 0.95 31.25
N THR A 278 22.70 0.79 30.35
CA THR A 278 23.39 1.93 29.77
C THR A 278 22.82 2.23 28.39
N CYS A 279 22.04 1.30 27.87
CA CYS A 279 21.45 1.42 26.54
C CYS A 279 20.05 0.80 26.52
N GLN A 280 19.08 1.57 26.03
CA GLN A 280 17.70 1.09 25.96
C GLN A 280 17.10 1.13 24.59
N THR A 281 16.35 0.09 24.26
CA THR A 281 15.57 0.01 23.04
C THR A 281 14.17 -0.30 23.42
N PRO A 282 13.27 -0.33 22.47
CA PRO A 282 11.88 -0.50 22.78
C PRO A 282 11.58 -1.96 22.98
N LYS A 283 12.41 -2.79 22.41
CA LYS A 283 12.26 -4.23 22.62
C LYS A 283 12.85 -4.70 23.95
N GLY A 284 13.77 -3.92 24.50
CA GLY A 284 14.42 -4.26 25.75
C GLY A 284 15.76 -3.56 25.92
N ALA A 285 16.42 -3.80 27.04
CA ALA A 285 17.70 -3.18 27.33
C ALA A 285 18.86 -3.97 26.73
N ILE A 286 20.01 -3.32 26.59
CA ILE A 286 21.21 -3.96 26.06
C ILE A 286 22.39 -3.81 27.02
N ASN A 287 22.82 -4.93 27.58
CA ASN A 287 24.01 -4.96 28.43
C ASN A 287 25.18 -5.56 27.67
N THR A 288 25.92 -4.71 26.97
CA THR A 288 27.01 -5.19 26.13
C THR A 288 28.19 -4.22 26.04
N SER A 289 29.34 -4.75 25.64
CA SER A 289 30.55 -3.95 25.44
C SER A 289 30.91 -3.97 23.96
N LEU A 290 30.21 -4.82 23.21
CA LEU A 290 30.45 -4.97 21.77
C LEU A 290 30.16 -3.66 21.03
N PRO A 291 30.85 -3.46 19.90
CA PRO A 291 30.76 -2.22 19.13
C PRO A 291 29.47 -2.15 18.31
N PHE A 292 28.86 -3.28 18.04
CA PHE A 292 27.70 -3.32 17.15
C PHE A 292 26.53 -4.12 17.74
N GLN A 293 25.32 -3.79 17.30
CA GLN A 293 24.12 -4.51 17.70
C GLN A 293 23.11 -4.49 16.56
N ASN A 294 22.27 -5.52 16.51
CA ASN A 294 21.24 -5.60 15.47
C ASN A 294 19.84 -5.79 16.06
N ILE A 295 19.65 -5.29 17.27
CA ILE A 295 18.38 -5.42 17.98
C ILE A 295 17.34 -4.39 17.54
N HIS A 296 17.74 -3.12 17.53
CA HIS A 296 16.81 -2.05 17.19
C HIS A 296 17.54 -0.76 16.86
N PRO A 297 17.10 -0.08 15.77
CA PRO A 297 17.69 1.18 15.32
C PRO A 297 17.42 2.32 16.29
N ILE A 298 16.22 2.34 16.87
CA ILE A 298 15.86 3.37 17.85
C ILE A 298 16.41 3.01 19.22
N THR A 299 17.36 3.76 19.73
CA THR A 299 17.99 3.41 20.97
C THR A 299 18.13 4.67 21.78
N ILE A 300 18.33 4.52 23.08
CA ILE A 300 18.52 5.63 24.01
C ILE A 300 19.65 5.35 24.98
N GLY A 301 20.60 6.28 25.08
CA GLY A 301 21.74 6.13 25.95
C GLY A 301 23.03 6.05 25.15
N LYS A 302 24.07 5.46 25.77
CA LYS A 302 25.34 5.24 25.09
C LYS A 302 25.35 3.82 24.54
N CYS A 303 24.95 3.67 23.28
CA CYS A 303 24.68 2.37 22.70
C CYS A 303 25.63 1.99 21.58
N PRO A 304 25.70 0.68 21.27
CA PRO A 304 26.43 0.17 20.11
C PRO A 304 25.76 0.65 18.83
N LYS A 305 26.53 0.85 17.77
CA LYS A 305 25.97 1.27 16.49
C LYS A 305 25.04 0.19 15.93
N TYR A 306 23.90 0.61 15.41
CA TYR A 306 22.96 -0.35 14.83
C TYR A 306 23.46 -0.83 13.47
N VAL A 307 23.43 -2.14 13.29
CA VAL A 307 23.94 -2.75 12.06
C VAL A 307 22.95 -3.79 11.53
N LYS A 308 22.89 -3.92 10.21
CA LYS A 308 21.99 -4.88 9.57
C LYS A 308 22.50 -6.32 9.62
N SER A 309 23.78 -6.48 9.94
CA SER A 309 24.42 -7.79 9.93
C SER A 309 23.71 -8.81 10.78
N THR A 310 23.83 -10.07 10.40
CA THR A 310 23.16 -11.16 11.06
C THR A 310 24.14 -12.01 11.84
N LYS A 311 25.41 -11.81 11.57
CA LYS A 311 26.51 -12.36 12.36
C LYS A 311 27.82 -11.63 12.08
N LEU A 312 28.50 -11.23 13.14
CA LEU A 312 29.82 -10.62 13.02
C LEU A 312 30.83 -11.39 13.86
N ARG A 313 31.22 -12.57 13.38
CA ARG A 313 32.14 -13.49 14.07
C ARG A 313 33.57 -13.24 13.78
N LEU A 314 34.30 -12.80 14.79
CA LEU A 314 35.70 -12.42 14.62
C LEU A 314 36.62 -13.56 15.05
N ALA A 315 37.37 -14.11 14.11
CA ALA A 315 38.28 -15.22 14.39
C ALA A 315 39.44 -14.82 15.29
N THR A 316 39.76 -15.66 16.27
CA THR A 316 40.88 -15.42 17.18
C THR A 316 41.91 -16.53 17.08
N GLY A 317 41.44 -17.76 16.91
CA GLY A 317 42.32 -18.91 16.77
C GLY A 317 42.77 -19.11 15.34
N LEU A 318 43.10 -20.35 14.99
CA LEU A 318 43.55 -20.66 13.63
C LEU A 318 42.68 -21.74 12.99
N ARG A 319 43.00 -22.08 11.76
CA ARG A 319 42.26 -23.09 11.02
C ARG A 319 42.12 -24.37 11.81
N ASN A 320 41.00 -25.05 11.65
CA ASN A 320 40.90 -26.37 12.18
C ASN A 320 41.15 -27.43 11.13
N ILE A 321 41.50 -28.63 11.58
CA ILE A 321 41.92 -29.67 10.68
C ILE A 321 42.08 -30.98 11.43
N GLY B 1 48.50 -19.69 4.57
CA GLY B 1 48.34 -19.67 3.14
C GLY B 1 48.98 -18.46 2.49
N LEU B 2 49.44 -17.53 3.32
CA LEU B 2 50.16 -16.36 2.84
C LEU B 2 51.66 -16.51 3.07
N PHE B 3 52.01 -17.37 4.02
CA PHE B 3 53.41 -17.63 4.34
C PHE B 3 53.78 -19.08 4.03
N GLY B 4 52.82 -19.82 3.50
CA GLY B 4 53.06 -21.17 3.04
C GLY B 4 53.14 -22.24 4.12
N ALA B 5 53.13 -21.81 5.38
CA ALA B 5 53.24 -22.75 6.50
C ALA B 5 51.97 -23.53 6.85
N ILE B 6 50.99 -22.84 7.44
CA ILE B 6 49.73 -23.46 7.81
C ILE B 6 48.96 -23.81 6.55
N ALA B 7 48.42 -25.03 6.52
CA ALA B 7 47.70 -25.52 5.35
C ALA B 7 48.54 -25.41 4.09
N GLY B 8 49.86 -25.31 4.27
CA GLY B 8 50.78 -25.21 3.17
C GLY B 8 51.70 -26.41 3.12
N PHE B 9 52.97 -26.23 3.49
CA PHE B 9 53.89 -27.35 3.55
C PHE B 9 53.73 -28.13 4.85
N ILE B 10 52.94 -27.57 5.77
CA ILE B 10 52.52 -28.29 6.96
C ILE B 10 51.00 -28.48 6.89
N GLU B 11 50.58 -29.56 6.26
CA GLU B 11 49.17 -29.77 5.89
C GLU B 11 48.18 -29.60 7.05
N GLY B 12 48.26 -30.47 8.05
CA GLY B 12 47.28 -30.47 9.12
C GLY B 12 47.78 -29.93 10.44
N GLY B 13 46.91 -29.99 11.45
CA GLY B 13 47.27 -29.55 12.79
C GLY B 13 47.19 -30.71 13.76
N TRP B 14 47.70 -30.49 14.96
CA TRP B 14 47.75 -31.56 15.92
C TRP B 14 46.72 -31.44 17.02
N THR B 15 45.69 -32.25 16.92
CA THR B 15 44.67 -32.33 17.96
C THR B 15 45.32 -32.70 19.29
N GLY B 16 46.50 -33.32 19.20
CA GLY B 16 47.24 -33.73 20.38
C GLY B 16 47.70 -32.56 21.22
N MET B 17 48.38 -31.62 20.61
CA MET B 17 48.87 -30.45 21.31
C MET B 17 47.77 -29.54 21.82
N VAL B 18 47.76 -29.31 23.12
CA VAL B 18 46.67 -28.57 23.75
C VAL B 18 47.15 -27.52 24.74
N ASP B 19 48.42 -27.16 24.63
CA ASP B 19 49.01 -26.20 25.58
C ASP B 19 49.10 -24.81 24.96
N GLY B 20 49.07 -24.75 23.64
CA GLY B 20 49.20 -23.50 22.92
C GLY B 20 48.87 -23.64 21.44
N TRP B 21 49.06 -22.57 20.69
CA TRP B 21 48.74 -22.58 19.26
C TRP B 21 49.85 -23.22 18.42
N TYR B 22 51.08 -22.98 18.87
CA TYR B 22 52.32 -23.32 18.18
C TYR B 22 53.21 -24.20 19.03
N GLY B 23 53.72 -25.29 18.46
CA GLY B 23 54.58 -26.18 19.21
C GLY B 23 55.36 -27.24 18.46
N TYR B 24 55.76 -28.30 19.15
CA TYR B 24 56.55 -29.36 18.54
C TYR B 24 56.13 -30.75 19.00
N HIS B 25 56.55 -31.77 18.25
CA HIS B 25 56.33 -33.18 18.59
C HIS B 25 57.61 -33.95 18.42
N HIS B 26 58.34 -34.16 19.53
CA HIS B 26 59.62 -34.83 19.50
C HIS B 26 59.49 -36.33 19.59
N GLN B 27 60.43 -37.03 18.96
CA GLN B 27 60.35 -38.49 18.86
C GLN B 27 61.74 -39.11 19.00
N ASN B 28 62.22 -39.19 20.23
CA ASN B 28 63.50 -39.84 20.51
C ASN B 28 63.29 -41.17 21.23
N GLU B 29 64.36 -41.70 21.81
CA GLU B 29 64.29 -42.98 22.52
C GLU B 29 63.51 -42.87 23.83
N GLN B 30 63.66 -41.74 24.53
CA GLN B 30 62.96 -41.52 25.78
C GLN B 30 61.44 -41.53 25.59
N GLY B 31 60.97 -41.18 24.40
CA GLY B 31 59.56 -41.23 24.10
C GLY B 31 59.06 -40.11 23.19
N SER B 32 57.79 -40.18 22.83
CA SER B 32 57.17 -39.16 21.99
C SER B 32 56.34 -38.21 22.85
N GLY B 33 56.20 -36.97 22.41
CA GLY B 33 55.44 -36.00 23.16
C GLY B 33 55.15 -34.70 22.43
N TYR B 34 53.95 -34.17 22.62
CA TYR B 34 53.57 -32.87 22.10
C TYR B 34 53.86 -31.80 23.14
N ALA B 35 54.58 -30.76 22.74
CA ALA B 35 54.92 -29.67 23.64
C ALA B 35 54.79 -28.32 22.94
N ALA B 36 53.83 -27.52 23.38
CA ALA B 36 53.57 -26.23 22.76
C ALA B 36 54.63 -25.20 23.14
N ASP B 37 55.09 -24.44 22.16
CA ASP B 37 56.05 -23.36 22.41
C ASP B 37 55.41 -22.29 23.28
N LEU B 38 55.82 -22.25 24.54
CA LEU B 38 55.25 -21.31 25.51
C LEU B 38 55.40 -19.86 25.06
N LYS B 39 56.64 -19.41 24.92
CA LYS B 39 56.92 -18.02 24.59
C LYS B 39 56.15 -17.53 23.36
N SER B 40 56.21 -18.30 22.27
CA SER B 40 55.55 -17.91 21.03
C SER B 40 54.03 -17.84 21.18
N THR B 41 53.44 -18.91 21.70
CA THR B 41 52.01 -18.94 21.96
C THR B 41 51.58 -17.79 22.86
N GLN B 42 52.37 -17.54 23.90
CA GLN B 42 52.06 -16.50 24.88
C GLN B 42 52.10 -15.10 24.26
N ASN B 43 52.96 -14.92 23.27
CA ASN B 43 53.09 -13.62 22.61
C ASN B 43 51.92 -13.35 21.68
N ALA B 44 51.52 -14.37 20.92
CA ALA B 44 50.39 -14.25 20.01
C ALA B 44 49.12 -13.94 20.79
N ILE B 45 48.87 -14.72 21.83
CA ILE B 45 47.70 -14.50 22.68
C ILE B 45 47.67 -13.06 23.19
N ASP B 46 48.83 -12.52 23.54
CA ASP B 46 48.90 -11.15 24.03
C ASP B 46 48.60 -10.14 22.92
N GLU B 47 48.98 -10.46 21.70
CA GLU B 47 48.78 -9.54 20.58
C GLU B 47 47.38 -9.64 19.98
N ILE B 48 46.88 -10.86 19.81
CA ILE B 48 45.52 -11.06 19.30
C ILE B 48 44.50 -10.46 20.26
N THR B 49 44.71 -10.67 21.55
CA THR B 49 43.86 -10.06 22.58
C THR B 49 43.82 -8.54 22.39
N ASN B 50 44.99 -7.93 22.30
CA ASN B 50 45.07 -6.49 22.08
C ASN B 50 44.33 -6.07 20.81
N LYS B 51 44.34 -6.95 19.80
CA LYS B 51 43.65 -6.69 18.55
C LYS B 51 42.14 -6.57 18.76
N VAL B 52 41.57 -7.56 19.43
CA VAL B 52 40.14 -7.55 19.72
C VAL B 52 39.77 -6.37 20.62
N ASN B 53 40.63 -6.08 21.59
CA ASN B 53 40.39 -4.97 22.51
C ASN B 53 40.64 -3.61 21.87
N SER B 54 41.06 -3.62 20.61
CA SER B 54 41.21 -2.38 19.85
C SER B 54 39.95 -2.12 19.02
N VAL B 55 39.51 -3.14 18.30
CA VAL B 55 38.29 -3.04 17.50
C VAL B 55 37.08 -2.70 18.37
N ILE B 56 37.11 -3.18 19.60
CA ILE B 56 36.01 -2.93 20.54
C ILE B 56 36.17 -1.61 21.27
N GLU B 57 37.32 -1.43 21.93
CA GLU B 57 37.53 -0.30 22.82
C GLU B 57 37.65 1.05 22.10
N LYS B 58 37.86 1.02 20.78
CA LYS B 58 37.95 2.27 20.01
C LYS B 58 36.58 2.79 19.64
N MET B 59 35.56 1.99 19.88
CA MET B 59 34.22 2.45 19.63
C MET B 59 33.64 3.06 20.86
N ASN B 60 33.84 4.37 20.95
CA ASN B 60 33.29 5.17 22.02
C ASN B 60 32.17 6.05 21.49
N THR B 61 30.94 5.79 21.93
CA THR B 61 29.78 6.49 21.40
C THR B 61 29.29 7.60 22.33
N GLN B 62 28.32 8.34 21.84
CA GLN B 62 27.81 9.46 22.58
C GLN B 62 26.45 9.11 23.16
N PHE B 63 26.01 9.85 24.16
CA PHE B 63 24.70 9.58 24.74
C PHE B 63 23.64 10.34 23.94
N THR B 64 22.99 9.64 23.03
CA THR B 64 21.95 10.25 22.20
C THR B 64 20.72 9.36 22.12
N ALA B 65 19.58 9.99 21.89
CA ALA B 65 18.33 9.26 21.72
C ALA B 65 17.86 9.34 20.27
N VAL B 66 18.23 8.34 19.47
CA VAL B 66 17.75 8.23 18.10
C VAL B 66 16.23 8.21 18.14
N GLY B 67 15.61 8.48 17.00
CA GLY B 67 14.18 8.39 16.91
C GLY B 67 13.52 9.66 17.40
N LYS B 68 12.65 10.23 16.57
CA LYS B 68 12.01 11.46 16.90
C LYS B 68 10.60 11.41 16.40
N GLU B 69 9.78 12.35 16.81
CA GLU B 69 8.37 12.33 16.51
C GLU B 69 7.96 13.48 15.65
N PHE B 70 7.16 13.20 14.61
CA PHE B 70 6.69 14.23 13.69
C PHE B 70 5.21 14.03 13.37
N ASN B 71 4.50 15.12 13.17
CA ASN B 71 3.10 15.02 12.79
C ASN B 71 2.86 14.74 11.34
N HIS B 72 1.60 14.76 10.94
CA HIS B 72 1.26 14.49 9.55
C HIS B 72 1.66 15.63 8.60
N LEU B 73 2.08 16.76 9.16
CA LEU B 73 2.50 17.90 8.35
C LEU B 73 4.00 18.13 8.46
N GLU B 74 4.73 17.08 8.82
CA GLU B 74 6.18 17.14 8.90
C GLU B 74 6.79 15.89 8.27
N LYS B 75 6.14 15.40 7.22
CA LYS B 75 6.58 14.19 6.55
C LYS B 75 7.97 14.37 5.93
N ARG B 76 8.32 15.59 5.56
CA ARG B 76 9.60 15.82 4.96
C ARG B 76 10.70 15.64 5.95
N ILE B 77 10.67 16.42 6.99
CA ILE B 77 11.73 16.30 8.00
C ILE B 77 11.67 14.95 8.69
N GLU B 78 10.54 14.26 8.58
CA GLU B 78 10.45 12.88 9.05
C GLU B 78 11.28 11.98 8.15
N ASN B 79 11.20 12.25 6.84
CA ASN B 79 11.99 11.51 5.87
C ASN B 79 13.46 11.91 5.91
N LEU B 80 13.73 13.17 6.26
CA LEU B 80 15.10 13.62 6.44
C LEU B 80 15.70 12.80 7.57
N ASN B 81 15.00 12.78 8.70
CA ASN B 81 15.42 11.99 9.85
C ASN B 81 15.63 10.52 9.49
N LYS B 82 14.72 9.98 8.69
CA LYS B 82 14.85 8.59 8.25
C LYS B 82 16.11 8.41 7.40
N LYS B 83 16.41 9.42 6.59
CA LYS B 83 17.59 9.38 5.73
C LYS B 83 18.86 9.36 6.55
N VAL B 84 18.88 10.11 7.65
CA VAL B 84 20.03 10.13 8.55
C VAL B 84 20.22 8.78 9.24
N ASP B 85 19.11 8.14 9.58
CA ASP B 85 19.18 6.83 10.23
C ASP B 85 19.61 5.73 9.27
N ASP B 86 19.16 5.82 8.01
CA ASP B 86 19.52 4.82 7.01
C ASP B 86 20.93 5.03 6.47
N GLY B 87 21.37 6.27 6.46
CA GLY B 87 22.73 6.58 6.05
C GLY B 87 23.73 5.99 7.03
N PHE B 88 23.47 6.20 8.31
CA PHE B 88 24.32 5.65 9.36
C PHE B 88 24.21 4.14 9.41
N LEU B 89 23.10 3.60 8.92
CA LEU B 89 22.90 2.15 8.91
C LEU B 89 23.77 1.49 7.86
N ASP B 90 23.83 2.09 6.68
CA ASP B 90 24.62 1.54 5.60
C ASP B 90 26.12 1.72 5.82
N ILE B 91 26.49 2.84 6.44
CA ILE B 91 27.90 3.11 6.70
C ILE B 91 28.47 2.14 7.71
N TRP B 92 27.79 1.95 8.83
CA TRP B 92 28.27 1.05 9.87
C TRP B 92 28.19 -0.42 9.47
N THR B 93 27.10 -0.81 8.82
CA THR B 93 26.96 -2.18 8.37
C THR B 93 28.10 -2.57 7.43
N TYR B 94 28.37 -1.73 6.44
CA TYR B 94 29.43 -1.99 5.47
C TYR B 94 30.81 -2.00 6.11
N ASN B 95 31.14 -1.01 6.89
CA ASN B 95 32.44 -0.99 7.46
C ASN B 95 32.64 -2.11 8.45
N ALA B 96 31.63 -2.42 9.24
CA ALA B 96 31.74 -3.52 10.18
C ALA B 96 31.91 -4.84 9.44
N GLU B 97 31.21 -5.01 8.34
CA GLU B 97 31.28 -6.20 7.53
C GLU B 97 32.64 -6.37 6.91
N LEU B 98 33.23 -5.30 6.43
CA LEU B 98 34.55 -5.32 5.81
C LEU B 98 35.68 -5.38 6.82
N LEU B 99 35.52 -4.67 7.94
CA LEU B 99 36.51 -4.68 9.00
C LEU B 99 36.78 -6.09 9.47
N VAL B 100 35.72 -6.90 9.54
CA VAL B 100 35.84 -8.29 9.96
C VAL B 100 36.50 -9.15 8.87
N LEU B 101 36.07 -8.97 7.63
CA LEU B 101 36.65 -9.71 6.50
C LEU B 101 38.15 -9.48 6.39
N LEU B 102 38.59 -8.24 6.54
CA LEU B 102 40.01 -7.92 6.41
C LEU B 102 40.81 -8.42 7.62
N GLU B 103 40.32 -8.13 8.82
CA GLU B 103 41.07 -8.50 10.02
C GLU B 103 41.04 -9.99 10.30
N ASN B 104 40.18 -10.68 9.58
CA ASN B 104 40.11 -12.14 9.61
C ASN B 104 41.19 -12.70 8.74
N GLU B 105 41.30 -12.16 7.56
CA GLU B 105 42.35 -12.51 6.62
C GLU B 105 43.72 -12.28 7.24
N ARG B 106 43.88 -11.15 7.90
CA ARG B 106 45.13 -10.78 8.50
C ARG B 106 45.47 -11.65 9.67
N THR B 107 44.50 -11.96 10.51
CA THR B 107 44.72 -12.79 11.69
C THR B 107 45.20 -14.19 11.32
N LEU B 108 44.60 -14.78 10.31
CA LEU B 108 45.02 -16.10 9.84
C LEU B 108 46.44 -16.06 9.27
N ASP B 109 46.79 -14.95 8.63
CA ASP B 109 48.14 -14.76 8.11
C ASP B 109 49.13 -14.52 9.25
N TYR B 110 48.63 -13.96 10.35
CA TYR B 110 49.46 -13.74 11.52
C TYR B 110 49.92 -15.06 12.10
N HIS B 111 48.98 -16.01 12.21
CA HIS B 111 49.31 -17.34 12.72
C HIS B 111 50.21 -18.09 11.74
N ASP B 112 49.97 -17.90 10.45
CA ASP B 112 50.79 -18.53 9.43
C ASP B 112 52.22 -18.04 9.56
N SER B 113 52.37 -16.73 9.71
CA SER B 113 53.68 -16.11 9.93
C SER B 113 54.35 -16.69 11.17
N ASN B 114 53.62 -16.75 12.27
CA ASN B 114 54.18 -17.25 13.52
C ASN B 114 54.69 -18.69 13.43
N VAL B 115 53.99 -19.53 12.68
CA VAL B 115 54.42 -20.91 12.47
C VAL B 115 55.67 -20.96 11.61
N LYS B 116 55.60 -20.40 10.40
CA LYS B 116 56.75 -20.32 9.52
C LYS B 116 57.98 -19.75 10.23
N ASN B 117 57.78 -18.63 10.94
CA ASN B 117 58.86 -18.02 11.71
C ASN B 117 59.48 -18.98 12.71
N LEU B 118 58.66 -19.88 13.24
CA LEU B 118 59.14 -20.87 14.21
C LEU B 118 59.95 -21.95 13.50
N TYR B 119 59.49 -22.36 12.33
CA TYR B 119 60.19 -23.34 11.51
C TYR B 119 61.59 -22.85 11.16
N GLU B 120 61.69 -21.59 10.74
CA GLU B 120 62.97 -21.00 10.36
C GLU B 120 63.88 -20.79 11.56
N LYS B 121 63.29 -20.45 12.70
CA LYS B 121 64.08 -20.12 13.89
C LYS B 121 64.83 -21.33 14.44
N VAL B 122 64.34 -22.52 14.11
CA VAL B 122 64.94 -23.78 14.53
C VAL B 122 65.84 -24.31 13.42
N ARG B 123 65.39 -24.14 12.19
CA ARG B 123 66.12 -24.64 11.05
C ARG B 123 67.45 -23.97 10.83
N SER B 124 67.62 -22.78 11.37
CA SER B 124 68.88 -22.06 11.28
C SER B 124 69.73 -22.21 12.54
N GLN B 125 69.19 -22.94 13.48
CA GLN B 125 69.90 -23.22 14.70
C GLN B 125 70.77 -24.42 14.42
N LEU B 126 70.16 -25.49 13.94
CA LEU B 126 70.84 -26.74 13.63
C LEU B 126 70.87 -26.98 12.12
N LYS B 127 71.84 -26.36 11.45
CA LYS B 127 71.94 -26.42 10.00
C LYS B 127 72.25 -27.82 9.48
N ASN B 128 73.45 -28.32 9.81
CA ASN B 128 73.92 -29.61 9.31
C ASN B 128 73.46 -30.79 10.15
N ASN B 129 73.35 -30.57 11.46
CA ASN B 129 73.09 -31.64 12.41
C ASN B 129 71.76 -32.38 12.17
N ALA B 130 71.00 -31.93 11.17
CA ALA B 130 69.74 -32.56 10.81
C ALA B 130 69.32 -32.19 9.40
N LYS B 131 68.40 -32.96 8.82
CA LYS B 131 67.94 -32.70 7.46
C LYS B 131 66.45 -32.36 7.41
N GLU B 132 66.08 -31.55 6.42
CA GLU B 132 64.68 -31.17 6.23
C GLU B 132 63.92 -32.23 5.45
N ILE B 133 62.95 -32.87 6.10
CA ILE B 133 62.07 -33.80 5.41
C ILE B 133 61.26 -33.07 4.35
N GLY B 134 60.70 -31.93 4.74
CA GLY B 134 59.86 -31.12 3.85
C GLY B 134 58.45 -30.99 4.39
N ASN B 135 58.18 -31.71 5.48
CA ASN B 135 56.86 -31.72 6.09
C ASN B 135 56.87 -30.95 7.41
N GLY B 136 57.78 -29.98 7.51
CA GLY B 136 57.93 -29.22 8.74
C GLY B 136 58.68 -30.04 9.78
N CYS B 137 59.06 -31.25 9.40
CA CYS B 137 59.76 -32.15 10.31
C CYS B 137 61.25 -32.26 9.97
N PHE B 138 62.07 -32.35 11.02
CA PHE B 138 63.51 -32.57 10.84
C PHE B 138 63.89 -33.96 11.33
N GLU B 139 64.90 -34.55 10.69
CA GLU B 139 65.45 -35.82 11.17
C GLU B 139 66.89 -35.64 11.61
N PHE B 140 67.11 -35.69 12.92
CA PHE B 140 68.45 -35.51 13.48
C PHE B 140 69.46 -36.50 12.91
N TYR B 141 70.71 -36.07 12.84
CA TYR B 141 71.79 -36.94 12.41
C TYR B 141 72.58 -37.46 13.61
N HIS B 142 72.04 -37.22 14.80
CA HIS B 142 72.67 -37.70 16.03
C HIS B 142 71.65 -37.86 17.16
N LYS B 143 72.02 -38.63 18.17
CA LYS B 143 71.14 -38.88 19.30
C LYS B 143 70.71 -37.57 19.97
N CYS B 144 69.41 -37.29 19.92
CA CYS B 144 68.89 -36.10 20.59
C CYS B 144 67.98 -36.50 21.74
N ASP B 145 68.51 -36.42 22.95
CA ASP B 145 67.77 -36.78 24.16
C ASP B 145 66.88 -35.64 24.61
N ASN B 146 66.16 -35.87 25.71
CA ASN B 146 65.22 -34.88 26.22
C ASN B 146 65.87 -33.52 26.50
N THR B 147 67.09 -33.54 27.01
CA THR B 147 67.81 -32.30 27.31
C THR B 147 68.50 -31.75 26.06
N CYS B 148 68.46 -32.52 24.98
CA CYS B 148 68.94 -32.04 23.69
C CYS B 148 67.83 -31.25 23.01
N MET B 149 66.64 -31.83 22.98
CA MET B 149 65.47 -31.16 22.46
C MET B 149 65.26 -29.86 23.24
N GLU B 150 65.35 -29.95 24.56
CA GLU B 150 65.19 -28.81 25.44
C GLU B 150 65.98 -27.60 24.94
N SER B 151 67.19 -27.85 24.46
CA SER B 151 68.07 -26.75 24.04
C SER B 151 67.71 -26.22 22.66
N VAL B 152 66.91 -26.96 21.92
CA VAL B 152 66.44 -26.50 20.62
C VAL B 152 65.22 -25.61 20.79
N LYS B 153 64.25 -26.10 21.57
CA LYS B 153 63.04 -25.34 21.87
C LYS B 153 63.36 -24.20 22.82
N ASN B 154 64.56 -24.21 23.37
CA ASN B 154 64.97 -23.21 24.35
C ASN B 154 65.64 -22.02 23.68
N GLY B 155 66.16 -22.25 22.48
CA GLY B 155 66.89 -21.21 21.76
C GLY B 155 68.36 -21.21 22.13
N THR B 156 68.73 -22.07 23.07
CA THR B 156 70.11 -22.21 23.50
C THR B 156 70.68 -23.55 23.03
N TYR B 157 70.96 -23.65 21.74
CA TYR B 157 71.40 -24.90 21.13
C TYR B 157 72.83 -24.86 20.59
N ASP B 158 73.77 -25.49 21.29
CA ASP B 158 75.18 -25.51 20.87
C ASP B 158 75.49 -26.41 19.67
N TYR B 159 76.61 -26.15 19.02
CA TYR B 159 76.91 -26.76 17.73
C TYR B 159 78.34 -27.34 17.65
N PRO B 160 78.62 -28.38 18.46
CA PRO B 160 79.89 -29.09 18.37
C PRO B 160 79.67 -30.55 18.01
N LYS B 161 79.09 -30.84 16.85
CA LYS B 161 78.66 -32.21 16.59
C LYS B 161 78.69 -32.67 15.12
N TYR B 162 78.38 -33.96 14.95
CA TYR B 162 78.07 -34.55 13.65
C TYR B 162 77.29 -35.84 13.85
N ASP C 1 69.56 -29.29 -18.55
CA ASP C 1 68.12 -29.15 -18.39
C ASP C 1 67.78 -28.16 -17.29
N THR C 2 66.62 -27.52 -17.38
CA THR C 2 66.23 -26.56 -16.37
C THR C 2 64.73 -26.55 -16.08
N LEU C 3 64.44 -25.90 -14.97
CA LEU C 3 63.16 -25.34 -14.67
C LEU C 3 63.35 -24.01 -13.99
N CYS C 4 62.51 -23.05 -14.40
CA CYS C 4 62.42 -21.74 -13.76
C CYS C 4 60.94 -21.39 -13.56
N ILE C 5 60.59 -20.96 -12.34
CA ILE C 5 59.21 -20.67 -11.98
C ILE C 5 58.92 -19.18 -12.18
N GLY C 6 57.69 -18.84 -12.60
CA GLY C 6 57.39 -17.44 -12.85
C GLY C 6 55.90 -17.13 -12.90
N TYR C 7 55.57 -15.92 -13.34
CA TYR C 7 54.18 -15.48 -13.36
C TYR C 7 53.75 -14.92 -14.70
N HIS C 8 52.45 -14.61 -14.81
CA HIS C 8 51.84 -14.21 -16.06
C HIS C 8 52.10 -12.74 -16.42
N ALA C 9 51.95 -12.43 -17.70
CA ALA C 9 52.05 -11.07 -18.19
C ALA C 9 51.34 -10.96 -19.54
N ASN C 10 50.85 -9.78 -19.88
CA ASN C 10 50.12 -9.59 -21.13
C ASN C 10 50.19 -8.16 -21.66
N ASN C 11 49.39 -7.86 -22.67
CA ASN C 11 49.47 -6.56 -23.29
C ASN C 11 48.62 -5.53 -22.60
N SER C 12 48.14 -5.89 -21.43
CA SER C 12 47.27 -5.01 -20.64
C SER C 12 48.00 -3.75 -20.16
N THR C 13 47.27 -2.64 -20.10
CA THR C 13 47.83 -1.38 -19.64
C THR C 13 47.03 -0.78 -18.49
N ASP C 14 46.05 -1.53 -18.01
CA ASP C 14 45.23 -1.10 -16.88
C ASP C 14 46.09 -0.77 -15.68
N THR C 15 45.96 0.45 -15.17
CA THR C 15 46.70 0.87 -13.99
C THR C 15 45.79 0.96 -12.78
N VAL C 16 46.36 0.73 -11.61
CA VAL C 16 45.64 0.86 -10.35
C VAL C 16 46.55 1.55 -9.35
N ASP C 17 46.00 1.95 -8.22
CA ASP C 17 46.80 2.60 -7.19
C ASP C 17 46.84 1.76 -5.92
N THR C 18 47.91 1.89 -5.15
CA THR C 18 48.02 1.24 -3.86
C THR C 18 48.47 2.26 -2.81
N VAL C 19 48.41 1.87 -1.55
CA VAL C 19 48.85 2.76 -0.48
C VAL C 19 50.30 3.15 -0.68
N LEU C 20 51.08 2.24 -1.27
CA LEU C 20 52.52 2.40 -1.39
C LEU C 20 52.98 2.94 -2.73
N GLU C 21 52.21 2.66 -3.78
CA GLU C 21 52.66 2.97 -5.14
C GLU C 21 51.51 3.43 -6.02
N LYS C 22 51.77 4.44 -6.86
CA LYS C 22 50.74 4.98 -7.74
C LYS C 22 50.97 4.55 -9.18
N ASN C 23 49.88 4.39 -9.91
CA ASN C 23 49.88 3.96 -11.30
C ASN C 23 50.69 2.73 -11.52
N VAL C 24 50.29 1.63 -10.88
CA VAL C 24 50.89 0.33 -11.03
C VAL C 24 50.15 -0.46 -12.11
N THR C 25 50.84 -0.78 -13.20
CA THR C 25 50.21 -1.53 -14.28
C THR C 25 49.91 -2.94 -13.82
N VAL C 26 48.79 -3.50 -14.24
CA VAL C 26 48.42 -4.85 -13.85
C VAL C 26 47.77 -5.65 -14.98
N THR C 27 47.72 -6.97 -14.77
CA THR C 27 47.22 -7.89 -15.78
C THR C 27 45.70 -7.83 -15.90
N HIS C 28 45.03 -7.77 -14.76
CA HIS C 28 43.57 -7.75 -14.74
C HIS C 28 43.04 -6.85 -13.63
N SER C 29 41.89 -6.22 -13.89
CA SER C 29 41.27 -5.34 -12.90
C SER C 29 39.81 -5.07 -13.22
N VAL C 30 39.02 -4.85 -12.18
CA VAL C 30 37.61 -4.51 -12.35
C VAL C 30 37.37 -3.09 -11.86
N ASN C 31 36.21 -2.54 -12.20
CA ASN C 31 35.84 -1.20 -11.75
C ASN C 31 34.77 -1.27 -10.67
N LEU C 32 35.01 -0.60 -9.55
CA LEU C 32 34.03 -0.54 -8.48
C LEU C 32 33.09 0.66 -8.63
N LEU C 33 33.48 1.60 -9.49
CA LEU C 33 32.75 2.84 -9.66
C LEU C 33 31.88 2.83 -10.90
N GLU C 34 30.58 2.99 -10.75
CA GLU C 34 29.73 3.10 -11.92
C GLU C 34 29.63 4.54 -12.31
N ASP C 35 29.89 4.79 -13.58
CA ASP C 35 29.93 6.14 -14.13
C ASP C 35 29.14 6.23 -15.43
N LYS C 36 28.17 5.36 -15.60
CA LYS C 36 27.41 5.29 -16.83
C LYS C 36 25.91 5.14 -16.59
N HIS C 37 25.13 6.04 -17.19
CA HIS C 37 23.67 6.01 -17.07
C HIS C 37 23.04 6.01 -18.44
N ASN C 38 21.79 5.54 -18.52
CA ASN C 38 21.11 5.43 -19.81
C ASN C 38 20.41 6.70 -20.27
N GLY C 39 20.60 7.79 -19.52
CA GLY C 39 20.01 9.07 -19.88
C GLY C 39 18.52 8.99 -20.15
N LYS C 40 17.81 8.21 -19.34
CA LYS C 40 16.37 8.06 -19.49
C LYS C 40 15.70 8.01 -18.11
N LEU C 41 14.52 8.61 -18.00
CA LEU C 41 13.71 8.48 -16.79
C LEU C 41 12.83 7.25 -16.94
N CYS C 42 13.17 6.20 -16.19
CA CYS C 42 12.50 4.91 -16.36
C CYS C 42 11.50 4.63 -15.24
N LYS C 43 10.82 3.49 -15.34
CA LYS C 43 9.95 3.03 -14.27
C LYS C 43 10.84 2.77 -13.07
N LEU C 44 10.22 2.66 -11.90
CA LEU C 44 10.97 2.36 -10.75
C LEU C 44 10.79 1.17 -9.90
N ARG C 45 9.53 0.81 -9.66
CA ARG C 45 9.26 -0.35 -8.83
C ARG C 45 8.97 -1.24 -10.03
N GLY C 46 7.79 -1.04 -10.59
CA GLY C 46 7.40 -1.63 -11.86
C GLY C 46 6.46 -0.62 -12.48
N VAL C 47 6.28 0.48 -11.75
CA VAL C 47 5.34 1.51 -12.17
C VAL C 47 6.01 2.79 -12.63
N ALA C 48 5.52 3.32 -13.75
CA ALA C 48 6.12 4.49 -14.38
C ALA C 48 5.91 5.74 -13.53
N PRO C 49 6.71 6.78 -13.77
CA PRO C 49 6.58 8.03 -13.03
C PRO C 49 5.39 8.85 -13.56
N LEU C 50 5.05 9.91 -12.84
CA LEU C 50 4.03 10.83 -13.29
C LEU C 50 4.70 12.07 -13.90
N HIS C 51 4.57 12.24 -15.21
CA HIS C 51 5.20 13.36 -15.87
C HIS C 51 4.20 14.49 -16.08
N LEU C 52 4.51 15.66 -15.54
CA LEU C 52 3.59 16.80 -15.59
C LEU C 52 3.81 17.68 -16.82
N GLY C 53 4.93 17.50 -17.49
CA GLY C 53 5.23 18.23 -18.70
C GLY C 53 5.26 19.73 -18.52
N LYS C 54 4.28 20.42 -19.09
CA LYS C 54 4.25 21.88 -19.08
C LYS C 54 3.92 22.47 -17.71
N CYS C 55 3.25 21.67 -16.87
CA CYS C 55 2.77 22.14 -15.58
C CYS C 55 3.57 21.59 -14.40
N ASN C 56 3.40 22.22 -13.25
CA ASN C 56 3.97 21.71 -12.00
C ASN C 56 2.87 21.12 -11.11
N ILE C 57 3.23 20.69 -9.91
CA ILE C 57 2.29 20.03 -9.02
C ILE C 57 1.05 20.90 -8.77
N ALA C 58 1.27 22.15 -8.41
CA ALA C 58 0.17 23.08 -8.10
C ALA C 58 -0.85 23.12 -9.23
N GLY C 59 -0.39 23.47 -10.42
CA GLY C 59 -1.25 23.54 -11.59
C GLY C 59 -1.95 22.23 -11.88
N TRP C 60 -1.29 21.12 -11.55
CA TRP C 60 -1.83 19.81 -11.85
C TRP C 60 -3.06 19.42 -11.02
N ILE C 61 -2.97 19.59 -9.70
CA ILE C 61 -4.08 19.22 -8.82
C ILE C 61 -5.20 20.26 -8.81
N LEU C 62 -4.84 21.53 -8.96
CA LEU C 62 -5.84 22.59 -8.98
C LEU C 62 -6.66 22.49 -10.26
N GLY C 63 -6.02 22.08 -11.35
CA GLY C 63 -6.69 21.89 -12.61
C GLY C 63 -6.50 23.05 -13.57
N ASN C 64 -5.38 23.74 -13.43
CA ASN C 64 -5.02 24.81 -14.36
C ASN C 64 -5.37 24.40 -15.79
N PRO C 65 -6.08 25.27 -16.52
CA PRO C 65 -6.59 24.99 -17.87
C PRO C 65 -5.53 24.43 -18.83
N GLU C 66 -4.26 24.65 -18.55
CA GLU C 66 -3.20 24.16 -19.42
C GLU C 66 -2.81 22.72 -19.11
N CYS C 67 -2.92 22.32 -17.84
CA CYS C 67 -2.65 20.95 -17.43
C CYS C 67 -3.84 20.06 -17.78
N GLU C 68 -4.66 20.55 -18.70
CA GLU C 68 -5.91 19.91 -19.09
C GLU C 68 -5.71 18.81 -20.12
N SER C 69 -4.65 18.02 -19.92
CA SER C 69 -4.20 17.03 -20.87
C SER C 69 -4.43 15.98 -19.83
N LEU C 70 -3.76 14.84 -19.95
CA LEU C 70 -3.99 13.74 -19.03
C LEU C 70 -3.22 13.57 -17.73
N SER C 71 -2.84 12.32 -17.48
CA SER C 71 -2.29 11.95 -16.20
C SER C 71 -3.29 11.13 -15.43
N THR C 72 -4.42 10.78 -16.06
CA THR C 72 -5.34 9.89 -15.35
C THR C 72 -4.70 8.80 -14.50
N ALA C 73 -3.45 8.45 -14.83
CA ALA C 73 -2.69 7.43 -14.12
C ALA C 73 -3.17 7.20 -12.68
N SER C 74 -3.47 5.94 -12.36
CA SER C 74 -4.00 5.59 -11.06
C SER C 74 -2.89 5.32 -10.03
N SER C 75 -1.64 5.43 -10.46
CA SER C 75 -0.51 5.27 -9.55
C SER C 75 0.80 5.60 -10.23
N TRP C 76 1.77 6.06 -9.45
CA TRP C 76 3.10 6.35 -9.96
C TRP C 76 4.16 6.15 -8.88
N SER C 77 5.39 5.94 -9.32
CA SER C 77 6.50 5.67 -8.42
C SER C 77 7.15 6.97 -7.95
N TYR C 78 7.16 7.96 -8.82
CA TYR C 78 7.72 9.28 -8.49
C TYR C 78 7.17 10.32 -9.47
N ILE C 79 7.49 11.58 -9.23
CA ILE C 79 6.93 12.65 -10.05
C ILE C 79 8.03 13.43 -10.77
N VAL C 80 7.77 13.77 -12.03
CA VAL C 80 8.73 14.48 -12.86
C VAL C 80 8.21 15.83 -13.34
N GLU C 81 8.91 16.90 -12.98
CA GLU C 81 8.62 18.22 -13.51
C GLU C 81 9.76 18.63 -14.42
N THR C 82 9.47 19.46 -15.41
CA THR C 82 10.51 20.04 -16.24
C THR C 82 10.91 21.38 -15.66
N PRO C 83 12.20 21.73 -15.76
CA PRO C 83 12.69 23.01 -15.26
C PRO C 83 11.96 24.18 -15.92
N SER C 84 11.24 23.86 -16.98
CA SER C 84 10.59 24.82 -17.82
C SER C 84 9.11 24.56 -17.87
N SER C 85 8.59 24.04 -16.77
CA SER C 85 7.18 24.03 -16.42
C SER C 85 6.81 25.17 -15.48
N ASP C 86 6.04 26.14 -15.98
CA ASP C 86 5.69 27.32 -15.21
C ASP C 86 4.20 27.44 -14.97
N ASN C 87 3.42 26.52 -15.54
CA ASN C 87 1.97 26.55 -15.40
C ASN C 87 1.49 25.95 -14.09
N GLY C 88 1.35 26.79 -13.07
CA GLY C 88 0.87 26.37 -11.76
C GLY C 88 -0.34 27.17 -11.33
N THR C 89 -0.20 27.93 -10.25
CA THR C 89 -1.29 28.75 -9.75
C THR C 89 -1.43 30.04 -10.55
N CYS C 90 -2.29 30.01 -11.57
CA CYS C 90 -2.44 31.14 -12.48
C CYS C 90 -2.96 32.39 -11.77
N TYR C 91 -3.79 32.18 -10.76
CA TYR C 91 -4.26 33.26 -9.93
C TYR C 91 -3.39 33.50 -8.72
N PRO C 92 -2.69 34.62 -8.72
CA PRO C 92 -1.70 34.90 -7.67
C PRO C 92 -2.23 34.56 -6.30
N GLY C 93 -1.37 34.01 -5.46
CA GLY C 93 -1.78 33.62 -4.13
C GLY C 93 -0.73 32.75 -3.45
N ASP C 94 -1.10 32.21 -2.29
CA ASP C 94 -0.18 31.44 -1.47
C ASP C 94 -0.69 30.02 -1.30
N PHE C 95 0.09 29.05 -1.76
CA PHE C 95 -0.26 27.65 -1.60
C PHE C 95 0.27 27.15 -0.27
N ILE C 96 -0.62 27.09 0.72
CA ILE C 96 -0.23 26.73 2.08
C ILE C 96 0.25 25.29 2.17
N ASP C 97 1.39 25.10 2.84
CA ASP C 97 1.99 23.78 2.97
C ASP C 97 2.12 23.10 1.61
N TYR C 98 2.64 23.84 0.64
CA TYR C 98 2.77 23.34 -0.72
C TYR C 98 3.78 22.21 -0.80
N GLU C 99 4.99 22.48 -0.30
CA GLU C 99 6.06 21.49 -0.34
C GLU C 99 5.62 20.19 0.31
N GLU C 100 4.94 20.27 1.42
CA GLU C 100 4.48 19.06 2.07
C GLU C 100 3.55 18.29 1.20
N LEU C 101 2.60 18.93 0.56
CA LEU C 101 1.72 18.20 -0.33
C LEU C 101 2.55 17.46 -1.31
N ARG C 102 3.36 18.20 -2.02
CA ARG C 102 4.18 17.57 -3.05
C ARG C 102 4.80 16.28 -2.54
N GLU C 103 5.26 16.26 -1.30
CA GLU C 103 5.89 15.07 -0.77
C GLU C 103 4.87 13.98 -0.48
N GLN C 104 3.67 14.40 -0.15
CA GLN C 104 2.63 13.44 0.08
C GLN C 104 2.21 12.86 -1.22
N LEU C 105 2.33 13.64 -2.28
CA LEU C 105 1.87 13.26 -3.60
C LEU C 105 2.95 12.60 -4.43
N SER C 106 4.18 12.60 -3.90
CA SER C 106 5.34 12.11 -4.64
C SER C 106 5.11 10.71 -5.19
N SER C 107 4.59 9.83 -4.36
CA SER C 107 4.26 8.47 -4.80
C SER C 107 2.93 8.01 -4.22
N VAL C 108 2.14 7.35 -5.07
CA VAL C 108 0.78 6.98 -4.73
C VAL C 108 0.48 5.58 -5.28
N SER C 109 -0.32 4.82 -4.56
CA SER C 109 -0.60 3.46 -4.97
C SER C 109 -1.98 3.30 -5.60
N SER C 110 -2.84 4.23 -5.32
CA SER C 110 -4.11 4.38 -6.05
C SER C 110 -4.58 5.82 -5.98
N PHE C 111 -5.05 6.34 -7.10
CA PHE C 111 -5.33 7.77 -7.22
C PHE C 111 -6.42 8.02 -8.24
N GLU C 112 -7.67 7.99 -7.78
CA GLU C 112 -8.79 8.31 -8.66
C GLU C 112 -9.41 9.66 -8.30
N ARG C 113 -9.69 10.47 -9.30
CA ARG C 113 -10.27 11.78 -9.05
C ARG C 113 -11.74 11.81 -9.35
N PHE C 114 -12.51 11.99 -8.31
CA PHE C 114 -13.96 12.00 -8.39
C PHE C 114 -14.53 13.39 -8.09
N GLU C 115 -15.70 13.67 -8.64
CA GLU C 115 -16.37 14.95 -8.40
C GLU C 115 -17.04 14.96 -7.03
N ILE C 116 -16.43 15.67 -6.08
CA ILE C 116 -16.91 15.68 -4.71
C ILE C 116 -18.22 16.46 -4.55
N PHE C 117 -18.21 17.71 -5.01
CA PHE C 117 -19.41 18.54 -4.98
C PHE C 117 -19.87 18.86 -6.39
N PRO C 118 -20.73 17.99 -6.97
CA PRO C 118 -21.24 18.17 -8.32
C PRO C 118 -21.71 19.59 -8.56
N LYS C 119 -21.14 20.26 -9.56
CA LYS C 119 -21.38 21.67 -9.82
C LYS C 119 -22.85 22.02 -10.00
N THR C 120 -23.57 21.19 -10.74
CA THR C 120 -24.96 21.48 -11.09
C THR C 120 -25.90 21.46 -9.89
N SER C 121 -25.76 20.44 -9.05
CA SER C 121 -26.73 20.20 -7.99
C SER C 121 -26.28 20.65 -6.60
N SER C 122 -25.08 21.21 -6.49
CA SER C 122 -24.53 21.55 -5.19
C SER C 122 -24.73 23.00 -4.78
N TRP C 123 -24.77 23.90 -5.76
CA TRP C 123 -24.85 25.33 -5.46
C TRP C 123 -26.04 26.00 -6.11
N PRO C 124 -27.25 25.77 -5.57
CA PRO C 124 -28.49 26.32 -6.12
C PRO C 124 -28.73 27.74 -5.64
N ASN C 125 -27.90 28.22 -4.71
CA ASN C 125 -28.11 29.53 -4.11
C ASN C 125 -26.97 30.50 -4.42
N HIS C 126 -26.05 30.07 -5.27
CA HIS C 126 -24.90 30.89 -5.65
C HIS C 126 -24.58 30.69 -7.12
N ASP C 127 -23.91 31.67 -7.72
CA ASP C 127 -23.58 31.60 -9.14
C ASP C 127 -22.27 30.85 -9.35
N SER C 128 -22.34 29.75 -10.10
CA SER C 128 -21.16 28.92 -10.36
C SER C 128 -20.73 29.02 -11.82
N ASN C 129 -20.95 30.18 -12.43
CA ASN C 129 -20.66 30.36 -13.85
C ASN C 129 -19.90 31.66 -14.15
N LYS C 130 -19.99 32.62 -13.25
CA LYS C 130 -19.30 33.89 -13.43
C LYS C 130 -17.87 33.81 -12.90
N GLY C 131 -17.53 32.70 -12.26
CA GLY C 131 -16.26 32.55 -11.59
C GLY C 131 -15.09 32.23 -12.50
N VAL C 132 -14.76 33.14 -13.40
CA VAL C 132 -13.58 32.98 -14.25
C VAL C 132 -12.69 34.21 -14.16
N THR C 133 -11.54 34.16 -14.82
CA THR C 133 -10.58 35.24 -14.74
C THR C 133 -9.64 35.25 -15.94
N ALA C 134 -9.15 36.44 -16.28
CA ALA C 134 -8.22 36.60 -17.39
C ALA C 134 -6.85 36.06 -17.00
N ALA C 135 -6.66 35.79 -15.71
CA ALA C 135 -5.42 35.22 -15.23
C ALA C 135 -5.32 33.74 -15.57
N CYS C 136 -6.45 33.08 -15.75
CA CYS C 136 -6.48 31.67 -16.09
C CYS C 136 -7.09 31.46 -17.48
N PRO C 137 -6.36 31.86 -18.52
CA PRO C 137 -6.85 31.86 -19.90
C PRO C 137 -6.90 30.46 -20.52
N HIS C 138 -8.00 30.08 -21.15
CA HIS C 138 -7.94 28.94 -22.03
C HIS C 138 -8.52 29.36 -23.35
N ALA C 139 -7.63 29.52 -24.30
CA ALA C 139 -7.91 29.99 -25.65
C ALA C 139 -8.30 31.46 -25.65
N GLY C 140 -7.45 32.31 -25.06
CA GLY C 140 -7.65 33.74 -25.06
C GLY C 140 -8.84 34.21 -24.22
N ALA C 141 -9.80 33.31 -24.04
CA ALA C 141 -10.99 33.63 -23.26
C ALA C 141 -10.83 33.18 -21.81
N LYS C 142 -11.42 33.92 -20.89
CA LYS C 142 -11.21 33.65 -19.49
C LYS C 142 -11.71 32.30 -19.08
N SER C 143 -11.01 31.70 -18.14
CA SER C 143 -11.34 30.40 -17.57
C SER C 143 -10.92 30.35 -16.10
N PHE C 144 -10.80 29.13 -15.56
CA PHE C 144 -10.45 28.94 -14.16
C PHE C 144 -9.99 27.51 -13.95
N TYR C 145 -9.66 27.17 -12.71
CA TYR C 145 -9.25 25.81 -12.37
C TYR C 145 -10.40 24.83 -12.59
N LYS C 146 -10.09 23.62 -13.02
CA LYS C 146 -11.14 22.68 -13.32
C LYS C 146 -11.57 21.92 -12.11
N ASN C 147 -10.73 21.91 -11.11
CA ASN C 147 -11.06 21.21 -9.88
C ASN C 147 -11.59 22.12 -8.77
N LEU C 148 -11.65 23.41 -9.06
CA LEU C 148 -12.22 24.38 -8.13
C LEU C 148 -13.32 25.21 -8.79
N ILE C 149 -14.27 25.68 -7.98
CA ILE C 149 -15.32 26.56 -8.48
C ILE C 149 -15.34 27.86 -7.69
N TRP C 150 -15.28 28.98 -8.40
CA TRP C 150 -15.27 30.30 -7.78
C TRP C 150 -16.70 30.83 -7.59
N LEU C 151 -17.37 30.39 -6.55
CA LEU C 151 -18.72 30.83 -6.39
C LEU C 151 -18.75 32.29 -6.08
N VAL C 152 -19.70 32.97 -6.71
CA VAL C 152 -20.02 34.38 -6.48
C VAL C 152 -21.50 34.52 -6.14
N LYS C 153 -21.89 35.73 -5.78
CA LYS C 153 -23.28 36.00 -5.40
C LYS C 153 -24.22 35.86 -6.59
N LYS C 154 -25.43 35.37 -6.35
CA LYS C 154 -26.45 35.27 -7.35
C LYS C 154 -27.28 36.52 -7.34
N GLY C 155 -26.90 37.48 -8.12
CA GLY C 155 -27.62 38.75 -8.17
C GLY C 155 -27.97 39.30 -6.80
N ASN C 156 -27.05 40.07 -6.23
CA ASN C 156 -27.32 40.81 -4.99
C ASN C 156 -27.58 39.95 -3.75
N SER C 157 -27.27 38.67 -3.82
CA SER C 157 -27.49 37.82 -2.66
C SER C 157 -26.48 36.68 -2.53
N TYR C 158 -25.73 36.69 -1.43
CA TYR C 158 -24.82 35.61 -1.10
C TYR C 158 -25.22 35.03 0.25
N PRO C 159 -26.13 34.04 0.23
CA PRO C 159 -26.63 33.40 1.45
C PRO C 159 -25.55 32.52 2.07
N LYS C 160 -25.54 32.39 3.39
CA LYS C 160 -24.60 31.48 4.03
C LYS C 160 -24.72 30.11 3.37
N LEU C 161 -23.62 29.61 2.82
CA LEU C 161 -23.61 28.26 2.26
C LEU C 161 -23.05 27.30 3.28
N SER C 162 -23.41 26.04 3.17
CA SER C 162 -23.04 25.04 4.14
C SER C 162 -23.16 23.68 3.47
N LYS C 163 -22.08 23.21 2.88
CA LYS C 163 -22.01 21.87 2.31
C LYS C 163 -21.06 21.01 3.13
N SER C 164 -21.13 19.71 2.93
CA SER C 164 -20.24 18.79 3.62
C SER C 164 -20.16 17.44 2.92
N TYR C 165 -18.96 16.90 2.83
CA TYR C 165 -18.76 15.60 2.20
C TYR C 165 -18.28 14.58 3.22
N ILE C 166 -18.88 13.39 3.19
CA ILE C 166 -18.43 12.32 4.05
C ILE C 166 -17.69 11.25 3.25
N ASN C 167 -16.45 10.99 3.65
CA ASN C 167 -15.58 10.07 2.93
C ASN C 167 -16.06 8.63 2.98
N ASP C 168 -16.73 8.20 1.92
CA ASP C 168 -17.19 6.81 1.81
C ASP C 168 -16.24 5.97 0.96
N LYS C 169 -15.16 6.59 0.51
CA LYS C 169 -14.10 5.87 -0.18
C LYS C 169 -13.36 5.02 0.84
N GLY C 170 -12.65 4.00 0.39
CA GLY C 170 -11.91 3.12 1.29
C GLY C 170 -10.48 3.58 1.47
N LYS C 171 -10.33 4.90 1.49
CA LYS C 171 -9.04 5.52 1.41
C LYS C 171 -9.07 7.02 1.75
N GLU C 172 -7.91 7.62 1.93
CA GLU C 172 -7.88 9.05 2.18
C GLU C 172 -8.41 9.83 0.98
N VAL C 173 -8.97 11.00 1.25
CA VAL C 173 -9.45 11.87 0.19
C VAL C 173 -8.78 13.23 0.29
N LEU C 174 -7.97 13.56 -0.70
CA LEU C 174 -7.35 14.87 -0.76
C LEU C 174 -8.39 15.89 -1.23
N VAL C 175 -8.65 16.90 -0.40
CA VAL C 175 -9.61 17.94 -0.74
C VAL C 175 -8.91 19.29 -0.81
N LEU C 176 -9.05 19.98 -1.94
CA LEU C 176 -8.46 21.31 -2.08
C LEU C 176 -9.53 22.39 -2.21
N TRP C 177 -9.26 23.54 -1.62
CA TRP C 177 -10.16 24.67 -1.72
C TRP C 177 -9.36 25.96 -1.76
N GLY C 178 -10.06 27.10 -1.81
CA GLY C 178 -9.40 28.39 -1.91
C GLY C 178 -10.15 29.51 -1.20
N ILE C 179 -9.39 30.49 -0.74
CA ILE C 179 -9.95 31.67 -0.11
C ILE C 179 -9.54 32.89 -0.94
N HIS C 180 -10.51 33.63 -1.43
CA HIS C 180 -10.22 34.77 -2.28
C HIS C 180 -10.22 36.08 -1.49
N HIS C 181 -9.19 36.89 -1.72
CA HIS C 181 -9.05 38.16 -1.05
C HIS C 181 -9.11 39.28 -2.08
N PRO C 182 -10.27 39.93 -2.22
CA PRO C 182 -10.48 41.02 -3.17
C PRO C 182 -9.57 42.21 -2.88
N SER C 183 -9.31 43.02 -3.90
CA SER C 183 -8.38 44.14 -3.76
C SER C 183 -9.02 45.35 -3.09
N THR C 184 -10.31 45.55 -3.35
CA THR C 184 -11.02 46.70 -2.81
C THR C 184 -12.38 46.29 -2.26
N SER C 185 -12.86 47.03 -1.27
CA SER C 185 -14.15 46.73 -0.64
C SER C 185 -15.29 46.87 -1.64
N ALA C 186 -15.03 47.53 -2.76
CA ALA C 186 -16.01 47.65 -3.83
C ALA C 186 -16.16 46.32 -4.56
N ASP C 187 -15.02 45.66 -4.82
CA ASP C 187 -15.02 44.35 -5.46
C ASP C 187 -15.53 43.28 -4.49
N GLN C 188 -15.33 43.51 -3.20
CA GLN C 188 -15.84 42.62 -2.17
C GLN C 188 -17.35 42.41 -2.29
N GLN C 189 -18.11 43.50 -2.26
CA GLN C 189 -19.56 43.41 -2.35
C GLN C 189 -20.00 43.08 -3.77
N SER C 190 -19.24 43.56 -4.75
CA SER C 190 -19.53 43.28 -6.14
C SER C 190 -19.46 41.78 -6.43
N LEU C 191 -18.71 41.06 -5.60
CA LEU C 191 -18.55 39.62 -5.75
C LEU C 191 -19.42 38.85 -4.75
N TYR C 192 -19.37 39.27 -3.49
CA TYR C 192 -20.12 38.62 -2.44
C TYR C 192 -20.62 39.97 -1.89
N GLN C 193 -21.92 40.10 -1.69
CA GLN C 193 -22.47 41.39 -1.37
C GLN C 193 -21.99 41.75 0.03
N ASN C 194 -22.09 40.82 0.95
CA ASN C 194 -21.75 41.11 2.32
C ASN C 194 -20.36 41.75 2.35
N ALA C 195 -20.15 42.76 3.21
CA ALA C 195 -18.85 43.38 3.36
C ALA C 195 -17.95 42.73 4.42
N ASP C 196 -18.58 42.05 5.38
CA ASP C 196 -17.83 41.33 6.39
C ASP C 196 -18.15 39.84 6.35
N THR C 197 -17.31 39.08 5.66
CA THR C 197 -17.56 37.66 5.45
C THR C 197 -16.58 36.80 6.23
N TYR C 198 -16.83 35.50 6.22
CA TYR C 198 -15.94 34.53 6.86
C TYR C 198 -16.12 33.17 6.20
N VAL C 199 -15.05 32.38 6.17
CA VAL C 199 -15.11 31.02 5.65
C VAL C 199 -14.64 30.07 6.73
N PHE C 200 -15.30 28.92 6.86
CA PHE C 200 -14.88 27.93 7.83
C PHE C 200 -14.83 26.53 7.22
N VAL C 201 -13.66 25.89 7.33
CA VAL C 201 -13.49 24.51 6.92
C VAL C 201 -13.18 23.66 8.14
N GLY C 202 -13.87 22.53 8.28
CA GLY C 202 -13.68 21.69 9.44
C GLY C 202 -13.92 20.20 9.19
N SER C 203 -13.09 19.37 9.79
CA SER C 203 -13.28 17.92 9.77
C SER C 203 -13.05 17.39 11.18
N SER C 204 -12.71 16.10 11.29
CA SER C 204 -12.43 15.52 12.59
C SER C 204 -11.10 16.01 13.14
N ARG C 205 -10.18 16.38 12.25
CA ARG C 205 -8.87 16.84 12.66
C ARG C 205 -8.61 18.29 12.26
N TYR C 206 -9.18 18.71 11.15
CA TYR C 206 -9.03 20.08 10.72
C TYR C 206 -10.07 20.99 11.24
N SER C 207 -9.68 22.21 11.49
CA SER C 207 -10.62 23.27 11.76
C SER C 207 -9.90 24.61 11.65
N LYS C 208 -10.37 25.43 10.74
CA LYS C 208 -9.77 26.71 10.51
C LYS C 208 -10.85 27.61 10.01
N LYS C 209 -10.69 28.89 10.25
CA LYS C 209 -11.70 29.83 9.87
C LYS C 209 -11.01 31.04 9.39
N PHE C 210 -11.29 31.39 8.15
CA PHE C 210 -10.54 32.41 7.50
C PHE C 210 -11.31 33.68 7.37
N LYS C 211 -10.57 34.75 7.46
CA LYS C 211 -11.10 36.10 7.31
C LYS C 211 -10.42 36.80 6.14
N PRO C 212 -11.20 37.17 5.11
CA PRO C 212 -10.66 37.84 3.92
C PRO C 212 -9.85 39.08 4.28
N GLU C 213 -8.69 39.22 3.65
CA GLU C 213 -7.83 40.37 3.89
C GLU C 213 -7.84 41.26 2.66
N ILE C 214 -8.72 42.26 2.68
CA ILE C 214 -8.94 43.13 1.52
C ILE C 214 -7.92 44.26 1.46
N ALA C 215 -7.16 44.31 0.37
CA ALA C 215 -6.14 45.34 0.17
C ALA C 215 -5.57 45.28 -1.23
N ILE C 216 -4.88 46.35 -1.63
CA ILE C 216 -4.27 46.42 -2.95
C ILE C 216 -2.86 45.82 -2.95
N ARG C 217 -2.71 44.66 -3.56
CA ARG C 217 -1.40 44.06 -3.76
C ARG C 217 -0.84 44.48 -5.11
N PRO C 218 0.49 44.50 -5.24
CA PRO C 218 1.10 44.78 -6.55
C PRO C 218 0.58 43.81 -7.59
N LYS C 219 0.43 44.26 -8.83
CA LYS C 219 -0.13 43.42 -9.87
C LYS C 219 0.73 42.21 -10.19
N VAL C 220 0.10 41.04 -10.14
CA VAL C 220 0.72 39.80 -10.60
C VAL C 220 -0.25 39.13 -11.56
N ARG C 221 0.18 38.98 -12.81
CA ARG C 221 -0.71 38.47 -13.84
C ARG C 221 -2.00 39.31 -13.87
N ASP C 222 -1.81 40.62 -13.68
CA ASP C 222 -2.88 41.61 -13.79
C ASP C 222 -3.91 41.52 -12.67
N GLN C 223 -3.53 40.99 -11.54
CA GLN C 223 -4.42 40.94 -10.41
C GLN C 223 -3.87 41.71 -9.25
N GLU C 224 -4.67 42.56 -8.64
CA GLU C 224 -4.24 43.25 -7.46
C GLU C 224 -4.71 42.45 -6.28
N GLY C 225 -5.63 41.53 -6.53
CA GLY C 225 -6.17 40.70 -5.48
C GLY C 225 -5.36 39.43 -5.33
N ARG C 226 -5.70 38.62 -4.34
CA ARG C 226 -4.98 37.39 -4.10
C ARG C 226 -5.92 36.23 -3.84
N MET C 227 -5.43 35.01 -4.01
CA MET C 227 -6.21 33.81 -3.76
C MET C 227 -5.32 32.73 -3.13
N ASN C 228 -5.54 32.43 -1.86
CA ASN C 228 -4.74 31.43 -1.16
C ASN C 228 -5.35 30.04 -1.27
N TYR C 229 -4.50 29.04 -1.45
CA TYR C 229 -4.95 27.68 -1.66
C TYR C 229 -4.67 26.81 -0.45
N TYR C 230 -5.64 25.96 -0.10
CA TYR C 230 -5.52 25.11 1.07
C TYR C 230 -5.91 23.69 0.71
N TRP C 231 -5.41 22.73 1.48
CA TRP C 231 -5.70 21.32 1.23
C TRP C 231 -5.70 20.53 2.53
N THR C 232 -6.32 19.36 2.50
CA THR C 232 -6.36 18.49 3.66
C THR C 232 -6.69 17.06 3.26
N LEU C 233 -6.34 16.12 4.13
CA LEU C 233 -6.65 14.72 3.90
C LEU C 233 -7.76 14.30 4.84
N VAL C 234 -8.83 13.73 4.28
CA VAL C 234 -9.97 13.27 5.08
C VAL C 234 -9.92 11.76 5.25
N GLU C 235 -9.88 11.30 6.50
CA GLU C 235 -9.84 9.87 6.78
C GLU C 235 -11.09 9.19 6.23
N PRO C 236 -11.00 7.87 5.99
CA PRO C 236 -12.21 7.12 5.59
C PRO C 236 -13.23 7.15 6.72
N GLY C 237 -14.49 7.40 6.37
CA GLY C 237 -15.56 7.44 7.35
C GLY C 237 -15.73 8.82 7.97
N ASP C 238 -14.70 9.64 7.85
CA ASP C 238 -14.75 11.01 8.37
C ASP C 238 -15.43 11.92 7.35
N LYS C 239 -15.93 13.06 7.82
CA LYS C 239 -16.53 14.03 6.92
C LYS C 239 -15.88 15.40 7.07
N ILE C 240 -15.97 16.20 6.02
CA ILE C 240 -15.44 17.56 6.03
C ILE C 240 -16.55 18.55 5.69
N THR C 241 -16.65 19.62 6.48
CA THR C 241 -17.73 20.58 6.32
C THR C 241 -17.25 21.95 5.86
N PHE C 242 -17.85 22.45 4.78
CA PHE C 242 -17.58 23.80 4.30
C PHE C 242 -18.73 24.73 4.67
N GLU C 243 -18.37 25.93 5.12
CA GLU C 243 -19.36 26.92 5.53
C GLU C 243 -18.77 28.29 5.24
N ALA C 244 -19.54 29.14 4.57
CA ALA C 244 -19.02 30.45 4.16
C ALA C 244 -20.10 31.44 3.81
N THR C 245 -19.81 32.71 4.06
CA THR C 245 -20.70 33.80 3.67
C THR C 245 -20.03 34.64 2.60
N GLY C 246 -19.12 34.02 1.85
CA GLY C 246 -18.43 34.69 0.76
C GLY C 246 -16.95 34.35 0.71
N ASN C 247 -16.33 34.63 -0.44
CA ASN C 247 -14.89 34.50 -0.60
C ASN C 247 -14.38 33.06 -0.72
N LEU C 248 -15.29 32.09 -0.72
CA LEU C 248 -14.89 30.68 -0.75
C LEU C 248 -14.85 30.11 -2.16
N VAL C 249 -13.66 29.69 -2.59
CA VAL C 249 -13.51 28.91 -3.81
C VAL C 249 -13.66 27.43 -3.47
N VAL C 250 -14.82 26.88 -3.78
CA VAL C 250 -15.19 25.54 -3.33
C VAL C 250 -14.56 24.41 -4.13
N PRO C 251 -14.47 23.22 -3.53
CA PRO C 251 -14.03 22.01 -4.23
C PRO C 251 -15.06 21.53 -5.25
N ARG C 252 -14.57 21.16 -6.41
CA ARG C 252 -15.41 20.56 -7.41
C ARG C 252 -15.02 19.11 -7.53
N TYR C 253 -13.73 18.87 -7.72
CA TYR C 253 -13.19 17.52 -7.80
C TYR C 253 -12.23 17.25 -6.63
N ALA C 254 -12.39 16.08 -6.03
CA ALA C 254 -11.49 15.64 -4.99
C ALA C 254 -10.68 14.45 -5.52
N PHE C 255 -9.92 13.80 -4.64
CA PHE C 255 -9.08 12.67 -5.06
C PHE C 255 -9.07 11.55 -4.03
N ALA C 256 -9.64 10.41 -4.39
CA ALA C 256 -9.49 9.19 -3.59
C ALA C 256 -8.07 8.69 -3.81
N MET C 257 -7.39 8.44 -2.72
CA MET C 257 -5.96 8.29 -2.76
C MET C 257 -5.45 7.28 -1.78
N GLU C 258 -4.35 6.66 -2.11
CA GLU C 258 -3.63 5.84 -1.14
C GLU C 258 -2.14 5.97 -1.39
N ARG C 259 -1.40 6.45 -0.39
CA ARG C 259 -0.02 6.85 -0.58
C ARG C 259 1.00 5.91 0.06
N ASN C 260 1.84 5.30 -0.78
CA ASN C 260 2.98 4.53 -0.29
C ASN C 260 4.21 5.42 -0.10
N ALA C 261 4.37 5.94 1.11
CA ALA C 261 5.41 6.92 1.41
C ALA C 261 6.80 6.43 1.02
N GLY C 262 7.70 7.38 0.81
CA GLY C 262 9.10 7.06 0.59
C GLY C 262 9.64 7.32 -0.81
N SER C 263 9.09 8.32 -1.49
CA SER C 263 9.60 8.69 -2.81
C SER C 263 9.91 10.18 -2.90
N GLY C 264 10.11 10.67 -4.11
CA GLY C 264 10.48 12.05 -4.33
C GLY C 264 10.05 12.62 -5.67
N ILE C 265 10.64 13.76 -6.03
CA ILE C 265 10.26 14.47 -7.23
C ILE C 265 11.50 14.87 -8.03
N ILE C 266 11.49 14.59 -9.33
CA ILE C 266 12.63 14.87 -10.17
C ILE C 266 12.34 16.02 -11.13
N ILE C 267 13.18 17.05 -11.09
CA ILE C 267 13.05 18.18 -12.01
C ILE C 267 14.10 18.08 -13.10
N SER C 268 13.74 17.47 -14.23
CA SER C 268 14.69 17.22 -15.29
C SER C 268 14.06 17.25 -16.69
N ASP C 269 14.87 17.51 -17.71
CA ASP C 269 14.38 17.49 -19.07
C ASP C 269 14.55 16.13 -19.68
N THR C 270 15.26 15.27 -18.97
CA THR C 270 15.48 13.92 -19.45
C THR C 270 14.17 13.24 -19.85
N PRO C 271 14.11 12.71 -21.07
CA PRO C 271 12.93 12.04 -21.63
C PRO C 271 12.52 10.82 -20.81
N VAL C 272 11.22 10.61 -20.65
CA VAL C 272 10.71 9.45 -19.95
C VAL C 272 10.45 8.31 -20.93
N HIS C 273 11.02 7.14 -20.65
CA HIS C 273 10.91 6.00 -21.55
C HIS C 273 10.28 4.80 -20.87
N ASP C 274 10.04 3.75 -21.65
CA ASP C 274 9.51 2.49 -21.13
C ASP C 274 10.65 1.54 -20.80
N CYS C 275 11.22 1.69 -19.61
CA CYS C 275 12.30 0.83 -19.17
C CYS C 275 12.26 0.59 -17.66
N ASN C 276 12.79 -0.54 -17.23
CA ASN C 276 12.88 -0.85 -15.80
C ASN C 276 14.20 -0.38 -15.23
N THR C 277 14.16 0.17 -14.02
CA THR C 277 15.37 0.54 -13.31
C THR C 277 15.16 0.42 -11.82
N THR C 278 16.25 0.15 -11.09
CA THR C 278 16.18 0.01 -9.66
C THR C 278 16.68 1.28 -8.99
N CYS C 279 17.28 2.16 -9.77
CA CYS C 279 17.85 3.40 -9.28
C CYS C 279 17.71 4.51 -10.32
N GLN C 280 17.15 5.64 -9.90
CA GLN C 280 16.90 6.74 -10.83
C GLN C 280 17.56 8.05 -10.38
N THR C 281 18.13 8.77 -11.34
CA THR C 281 18.70 10.09 -11.08
C THR C 281 18.17 11.05 -12.14
N PRO C 282 18.25 12.36 -11.87
CA PRO C 282 17.79 13.38 -12.83
C PRO C 282 18.44 13.25 -14.21
N LYS C 283 19.69 12.83 -14.23
CA LYS C 283 20.45 12.64 -15.44
C LYS C 283 19.98 11.44 -16.25
N GLY C 284 19.56 10.40 -15.58
CA GLY C 284 19.19 9.14 -16.18
C GLY C 284 19.18 8.01 -15.17
N ALA C 285 18.85 6.80 -15.63
CA ALA C 285 18.78 5.64 -14.75
C ALA C 285 20.14 4.95 -14.58
N ILE C 286 20.27 4.16 -13.53
CA ILE C 286 21.51 3.43 -13.28
C ILE C 286 21.25 1.93 -13.14
N ASN C 287 21.77 1.16 -14.09
CA ASN C 287 21.69 -0.29 -14.03
C ASN C 287 23.03 -0.87 -13.63
N THR C 288 23.25 -1.01 -12.32
CA THR C 288 24.55 -1.46 -11.83
C THR C 288 24.46 -2.30 -10.56
N SER C 289 25.53 -3.05 -10.29
CA SER C 289 25.63 -3.85 -9.07
C SER C 289 26.77 -3.30 -8.22
N LEU C 290 27.52 -2.37 -8.79
CA LEU C 290 28.66 -1.76 -8.11
C LEU C 290 28.21 -1.00 -6.87
N PRO C 291 29.09 -0.91 -5.87
CA PRO C 291 28.79 -0.29 -4.58
C PRO C 291 28.77 1.23 -4.66
N PHE C 292 29.44 1.80 -5.66
CA PHE C 292 29.58 3.26 -5.75
C PHE C 292 29.24 3.80 -7.12
N GLN C 293 28.84 5.07 -7.16
CA GLN C 293 28.56 5.79 -8.40
C GLN C 293 28.89 7.23 -8.27
N ASN C 294 29.24 7.88 -9.36
CA ASN C 294 29.57 9.31 -9.36
C ASN C 294 28.74 10.10 -10.36
N ILE C 295 27.54 9.60 -10.65
CA ILE C 295 26.66 10.23 -11.62
C ILE C 295 25.87 11.41 -11.05
N HIS C 296 25.23 11.19 -9.91
CA HIS C 296 24.39 12.23 -9.31
C HIS C 296 24.09 11.94 -7.84
N PRO C 297 24.20 12.96 -6.98
CA PRO C 297 23.93 12.83 -5.54
C PRO C 297 22.46 12.60 -5.26
N ILE C 298 21.59 13.25 -6.01
CA ILE C 298 20.15 13.07 -5.85
C ILE C 298 19.70 11.82 -6.57
N THR C 299 19.26 10.84 -5.78
CA THR C 299 18.94 9.53 -6.30
C THR C 299 17.59 9.06 -5.76
N ILE C 300 16.93 8.18 -6.49
CA ILE C 300 15.69 7.58 -6.01
C ILE C 300 15.67 6.07 -6.23
N GLY C 301 15.39 5.33 -5.18
CA GLY C 301 15.36 3.88 -5.24
C GLY C 301 16.46 3.27 -4.39
N LYS C 302 16.86 2.05 -4.75
CA LYS C 302 17.95 1.33 -4.11
C LYS C 302 19.21 1.56 -4.88
N CYS C 303 19.96 2.58 -4.51
CA CYS C 303 21.08 3.02 -5.33
C CYS C 303 22.45 2.84 -4.69
N PRO C 304 23.51 2.86 -5.50
CA PRO C 304 24.90 2.88 -5.02
C PRO C 304 25.17 4.20 -4.31
N LYS C 305 26.05 4.18 -3.32
CA LYS C 305 26.41 5.40 -2.60
C LYS C 305 27.09 6.40 -3.54
N TYR C 306 26.75 7.66 -3.46
CA TYR C 306 27.36 8.61 -4.33
C TYR C 306 28.72 9.02 -3.81
N VAL C 307 29.68 9.03 -4.71
CA VAL C 307 31.08 9.27 -4.37
C VAL C 307 31.70 10.28 -5.33
N LYS C 308 32.63 11.09 -4.81
CA LYS C 308 33.30 12.12 -5.60
C LYS C 308 34.39 11.55 -6.52
N SER C 309 34.80 10.31 -6.26
CA SER C 309 35.89 9.68 -7.01
C SER C 309 35.68 9.71 -8.52
N THR C 310 36.78 9.75 -9.23
CA THR C 310 36.75 9.79 -10.66
C THR C 310 36.98 8.42 -11.20
N LYS C 311 37.67 7.59 -10.45
CA LYS C 311 37.85 6.21 -10.81
C LYS C 311 38.15 5.41 -9.58
N LEU C 312 37.56 4.24 -9.51
CA LEU C 312 37.79 3.28 -8.44
C LEU C 312 38.12 1.91 -9.02
N ARG C 313 39.33 1.79 -9.56
CA ARG C 313 39.77 0.57 -10.24
C ARG C 313 40.41 -0.40 -9.25
N LEU C 314 39.82 -1.57 -9.12
CA LEU C 314 40.34 -2.54 -8.19
C LEU C 314 41.09 -3.59 -8.92
N ALA C 315 42.30 -3.81 -8.50
CA ALA C 315 43.18 -4.79 -9.12
C ALA C 315 42.77 -6.22 -8.77
N THR C 316 42.78 -7.10 -9.76
CA THR C 316 42.48 -8.51 -9.55
C THR C 316 43.68 -9.40 -9.93
N GLY C 317 44.38 -9.01 -10.99
CA GLY C 317 45.55 -9.75 -11.43
C GLY C 317 46.80 -9.30 -10.69
N LEU C 318 47.91 -9.33 -11.41
CA LEU C 318 49.16 -8.99 -10.78
C LEU C 318 49.95 -8.01 -11.60
N ARG C 319 51.10 -7.59 -11.12
CA ARG C 319 51.92 -6.64 -11.84
C ARG C 319 52.34 -7.11 -13.22
N ASN C 320 52.17 -6.23 -14.19
CA ASN C 320 52.30 -6.59 -15.58
C ASN C 320 53.53 -6.02 -16.20
N ILE C 321 54.39 -6.90 -16.70
CA ILE C 321 55.57 -6.53 -17.44
C ILE C 321 55.54 -6.99 -18.89
N GLY D 1 56.69 -7.16 -4.09
CA GLY D 1 57.74 -6.43 -3.40
C GLY D 1 57.66 -6.56 -1.90
N LEU D 2 56.71 -7.37 -1.41
CA LEU D 2 56.59 -7.61 0.01
C LEU D 2 57.17 -8.98 0.37
N PHE D 3 57.20 -9.86 -0.62
CA PHE D 3 57.74 -11.21 -0.42
C PHE D 3 59.01 -11.41 -1.24
N GLY D 4 59.43 -10.36 -1.95
CA GLY D 4 60.68 -10.39 -2.67
C GLY D 4 60.67 -11.13 -3.99
N ALA D 5 59.57 -11.81 -4.28
CA ALA D 5 59.46 -12.61 -5.50
C ALA D 5 59.20 -11.83 -6.79
N ILE D 6 57.97 -11.33 -6.92
CA ILE D 6 57.58 -10.56 -8.10
C ILE D 6 58.32 -9.22 -8.06
N ALA D 7 58.87 -8.84 -9.22
CA ALA D 7 59.64 -7.60 -9.33
C ALA D 7 60.75 -7.55 -8.27
N GLY D 8 61.11 -8.73 -7.76
CA GLY D 8 62.17 -8.84 -6.76
C GLY D 8 63.34 -9.63 -7.32
N PHE D 9 63.50 -10.87 -6.85
CA PHE D 9 64.56 -11.73 -7.38
C PHE D 9 64.13 -12.39 -8.69
N ILE D 10 62.84 -12.25 -9.01
CA ILE D 10 62.34 -12.63 -10.33
C ILE D 10 61.86 -11.37 -11.03
N GLU D 11 62.78 -10.72 -11.74
CA GLU D 11 62.56 -9.39 -12.29
C GLU D 11 61.28 -9.22 -13.12
N GLY D 12 61.20 -9.91 -14.25
CA GLY D 12 60.09 -9.72 -15.17
C GLY D 12 59.09 -10.86 -15.18
N GLY D 13 58.10 -10.74 -16.07
CA GLY D 13 57.09 -11.77 -16.23
C GLY D 13 57.13 -12.35 -17.63
N TRP D 14 56.45 -13.46 -17.84
CA TRP D 14 56.50 -14.15 -19.13
C TRP D 14 55.28 -13.91 -19.98
N THR D 15 55.42 -13.04 -20.98
CA THR D 15 54.36 -12.81 -21.94
C THR D 15 54.00 -14.13 -22.61
N GLY D 16 54.93 -15.08 -22.58
CA GLY D 16 54.74 -16.38 -23.18
C GLY D 16 53.64 -17.18 -22.51
N MET D 17 53.72 -17.31 -21.19
CA MET D 17 52.75 -18.05 -20.40
C MET D 17 51.37 -17.42 -20.38
N VAL D 18 50.36 -18.13 -20.87
CA VAL D 18 49.04 -17.54 -21.05
C VAL D 18 47.92 -18.45 -20.52
N ASP D 19 48.29 -19.41 -19.68
CA ASP D 19 47.32 -20.37 -19.15
C ASP D 19 46.89 -20.01 -17.73
N GLY D 20 47.73 -19.22 -17.05
CA GLY D 20 47.46 -18.83 -15.68
C GLY D 20 48.38 -17.72 -15.22
N TRP D 21 48.29 -17.39 -13.93
CA TRP D 21 49.09 -16.30 -13.37
C TRP D 21 50.50 -16.76 -13.01
N TYR D 22 50.62 -17.97 -12.50
CA TYR D 22 51.93 -18.52 -12.12
C TYR D 22 52.18 -19.84 -12.84
N GLY D 23 53.43 -20.08 -13.22
CA GLY D 23 53.77 -21.32 -13.91
C GLY D 23 55.26 -21.54 -14.05
N TYR D 24 55.64 -22.40 -15.00
CA TYR D 24 57.03 -22.76 -15.20
C TYR D 24 57.46 -22.62 -16.66
N HIS D 25 58.78 -22.64 -16.87
CA HIS D 25 59.35 -22.72 -18.21
C HIS D 25 60.49 -23.73 -18.22
N HIS D 26 60.18 -24.98 -18.57
CA HIS D 26 61.17 -26.04 -18.59
C HIS D 26 62.03 -25.97 -19.85
N GLN D 27 63.25 -26.51 -19.75
CA GLN D 27 64.19 -26.48 -20.86
C GLN D 27 65.07 -27.73 -20.86
N ASN D 28 64.51 -28.84 -21.33
CA ASN D 28 65.27 -30.08 -21.48
C ASN D 28 65.54 -30.41 -22.95
N GLU D 29 65.93 -31.64 -23.21
CA GLU D 29 66.23 -32.08 -24.56
C GLU D 29 64.99 -32.18 -25.43
N GLN D 30 63.89 -32.65 -24.84
CA GLN D 30 62.63 -32.79 -25.56
C GLN D 30 62.12 -31.44 -26.09
N GLY D 31 62.49 -30.36 -25.42
CA GLY D 31 62.13 -29.02 -25.88
C GLY D 31 61.82 -28.04 -24.77
N SER D 32 61.56 -26.79 -25.16
CA SER D 32 61.22 -25.74 -24.20
C SER D 32 59.72 -25.50 -24.22
N GLY D 33 59.17 -25.06 -23.09
CA GLY D 33 57.74 -24.81 -23.01
C GLY D 33 57.29 -24.08 -21.76
N TYR D 34 56.33 -23.17 -21.94
CA TYR D 34 55.71 -22.49 -20.81
C TYR D 34 54.47 -23.26 -20.37
N ALA D 35 54.39 -23.56 -19.08
CA ALA D 35 53.25 -24.28 -18.53
C ALA D 35 52.81 -23.69 -17.20
N ALA D 36 51.61 -23.10 -17.18
CA ALA D 36 51.10 -22.46 -15.97
C ALA D 36 50.65 -23.49 -14.94
N ASP D 37 51.01 -23.25 -13.68
CA ASP D 37 50.57 -24.10 -12.59
C ASP D 37 49.06 -24.02 -12.44
N LEU D 38 48.37 -25.08 -12.85
CA LEU D 38 46.91 -25.11 -12.83
C LEU D 38 46.35 -24.88 -11.42
N LYS D 39 46.69 -25.79 -10.51
CA LYS D 39 46.16 -25.75 -9.15
C LYS D 39 46.34 -24.39 -8.48
N SER D 40 47.55 -23.86 -8.53
CA SER D 40 47.86 -22.58 -7.89
C SER D 40 47.07 -21.43 -8.51
N THR D 41 47.15 -21.31 -9.83
CA THR D 41 46.40 -20.28 -10.56
C THR D 41 44.90 -20.39 -10.28
N GLN D 42 44.42 -21.62 -10.26
CA GLN D 42 43.02 -21.93 -10.05
C GLN D 42 42.53 -21.55 -8.66
N ASN D 43 43.41 -21.58 -7.69
CA ASN D 43 43.09 -21.22 -6.32
C ASN D 43 43.04 -19.71 -6.11
N ALA D 44 44.01 -19.01 -6.70
CA ALA D 44 44.06 -17.56 -6.61
C ALA D 44 42.82 -16.96 -7.26
N ILE D 45 42.53 -17.40 -8.47
CA ILE D 45 41.34 -16.92 -9.19
C ILE D 45 40.09 -17.09 -8.33
N ASP D 46 40.00 -18.21 -7.62
CA ASP D 46 38.86 -18.48 -6.75
C ASP D 46 38.82 -17.53 -5.56
N GLU D 47 39.99 -17.16 -5.06
CA GLU D 47 40.07 -16.30 -3.88
C GLU D 47 39.95 -14.81 -4.22
N ILE D 48 40.60 -14.38 -5.30
CA ILE D 48 40.49 -13.00 -5.75
C ILE D 48 39.05 -12.68 -6.16
N THR D 49 38.43 -13.62 -6.86
CA THR D 49 37.02 -13.47 -7.22
C THR D 49 36.18 -13.24 -5.98
N ASN D 50 36.34 -14.10 -4.99
CA ASN D 50 35.62 -13.94 -3.73
C ASN D 50 35.88 -12.59 -3.09
N LYS D 51 37.09 -12.07 -3.28
CA LYS D 51 37.47 -10.77 -2.74
C LYS D 51 36.63 -9.66 -3.34
N VAL D 52 36.58 -9.63 -4.68
CA VAL D 52 35.77 -8.64 -5.38
C VAL D 52 34.29 -8.79 -5.07
N ASN D 53 33.83 -10.03 -4.96
CA ASN D 53 32.42 -10.29 -4.64
C ASN D 53 32.10 -10.05 -3.17
N SER D 54 33.11 -9.66 -2.39
CA SER D 54 32.88 -9.27 -1.00
C SER D 54 32.74 -7.76 -0.90
N VAL D 55 33.67 -7.04 -1.52
CA VAL D 55 33.63 -5.58 -1.55
C VAL D 55 32.34 -5.08 -2.19
N ILE D 56 31.83 -5.83 -3.15
CA ILE D 56 30.61 -5.46 -3.85
C ILE D 56 29.36 -5.94 -3.11
N GLU D 57 29.30 -7.23 -2.83
CA GLU D 57 28.10 -7.85 -2.30
C GLU D 57 27.77 -7.44 -0.86
N LYS D 58 28.74 -6.88 -0.15
CA LYS D 58 28.51 -6.43 1.23
C LYS D 58 27.85 -5.06 1.26
N MET D 59 27.78 -4.41 0.12
CA MET D 59 27.09 -3.16 0.07
C MET D 59 25.65 -3.36 -0.28
N ASN D 60 24.86 -3.49 0.75
CA ASN D 60 23.41 -3.61 0.63
C ASN D 60 22.74 -2.33 1.12
N THR D 61 22.11 -1.60 0.21
CA THR D 61 21.53 -0.31 0.55
C THR D 61 20.02 -0.37 0.75
N GLN D 62 19.47 0.73 1.28
CA GLN D 62 18.04 0.83 1.54
C GLN D 62 17.35 1.46 0.34
N PHE D 63 16.03 1.37 0.29
CA PHE D 63 15.27 2.10 -0.71
C PHE D 63 14.87 3.46 -0.17
N THR D 64 15.64 4.49 -0.53
CA THR D 64 15.38 5.84 -0.06
C THR D 64 15.47 6.84 -1.20
N ALA D 65 14.76 7.94 -1.06
CA ALA D 65 14.80 9.01 -2.05
C ALA D 65 15.49 10.23 -1.48
N VAL D 66 16.79 10.33 -1.72
CA VAL D 66 17.55 11.49 -1.28
C VAL D 66 16.98 12.72 -1.98
N GLY D 67 17.27 13.90 -1.44
CA GLY D 67 16.77 15.12 -2.05
C GLY D 67 15.39 15.46 -1.57
N LYS D 68 15.24 16.67 -1.04
CA LYS D 68 13.99 17.11 -0.46
C LYS D 68 13.73 18.54 -0.93
N GLU D 69 12.49 19.00 -0.74
CA GLU D 69 12.12 20.34 -1.17
C GLU D 69 11.81 21.23 0.02
N PHE D 70 12.34 22.45 -0.01
CA PHE D 70 12.10 23.42 1.04
C PHE D 70 11.82 24.80 0.45
N ASN D 71 11.02 25.57 1.17
CA ASN D 71 10.65 26.90 0.73
C ASN D 71 11.60 27.96 1.22
N HIS D 72 11.44 29.19 0.75
CA HIS D 72 12.38 30.26 1.08
C HIS D 72 12.46 30.55 2.58
N LEU D 73 11.56 29.96 3.36
CA LEU D 73 11.55 30.14 4.80
C LEU D 73 11.98 28.88 5.53
N GLU D 74 12.70 28.01 4.84
CA GLU D 74 13.21 26.79 5.42
C GLU D 74 14.66 26.56 5.01
N LYS D 75 15.39 27.66 4.88
CA LYS D 75 16.78 27.62 4.45
C LYS D 75 17.66 26.86 5.44
N ARG D 76 17.31 26.93 6.72
CA ARG D 76 18.07 26.24 7.75
C ARG D 76 18.01 24.73 7.60
N ILE D 77 16.80 24.17 7.60
CA ILE D 77 16.65 22.72 7.44
C ILE D 77 17.03 22.28 6.03
N GLU D 78 17.07 23.24 5.10
CA GLU D 78 17.57 22.96 3.75
C GLU D 78 19.07 22.74 3.82
N ASN D 79 19.73 23.57 4.63
CA ASN D 79 21.16 23.44 4.86
C ASN D 79 21.50 22.25 5.74
N LEU D 80 20.59 21.90 6.66
CA LEU D 80 20.77 20.71 7.47
C LEU D 80 20.78 19.52 6.52
N ASN D 81 19.76 19.45 5.67
CA ASN D 81 19.67 18.39 4.67
C ASN D 81 20.92 18.33 3.79
N LYS D 82 21.43 19.49 3.39
CA LYS D 82 22.63 19.55 2.58
C LYS D 82 23.82 19.02 3.37
N LYS D 83 23.84 19.31 4.66
CA LYS D 83 24.92 18.83 5.52
C LYS D 83 24.94 17.31 5.62
N VAL D 84 23.75 16.71 5.66
CA VAL D 84 23.63 15.27 5.71
C VAL D 84 24.10 14.64 4.41
N ASP D 85 23.81 15.30 3.29
CA ASP D 85 24.23 14.80 1.99
C ASP D 85 25.73 14.93 1.77
N ASP D 86 26.31 16.02 2.26
CA ASP D 86 27.75 16.25 2.12
C ASP D 86 28.55 15.43 3.11
N GLY D 87 27.97 15.14 4.27
CA GLY D 87 28.61 14.30 5.26
C GLY D 87 28.74 12.88 4.73
N PHE D 88 27.67 12.37 4.14
CA PHE D 88 27.69 11.03 3.54
C PHE D 88 28.56 10.99 2.30
N LEU D 89 28.75 12.14 1.68
CA LEU D 89 29.58 12.23 0.48
C LEU D 89 31.05 12.07 0.84
N ASP D 90 31.47 12.76 1.89
CA ASP D 90 32.87 12.71 2.31
C ASP D 90 33.24 11.37 2.95
N ILE D 91 32.29 10.78 3.67
CA ILE D 91 32.53 9.49 4.31
C ILE D 91 32.71 8.36 3.30
N TRP D 92 31.80 8.28 2.33
CA TRP D 92 31.88 7.23 1.32
C TRP D 92 33.03 7.44 0.34
N THR D 93 33.25 8.68 -0.07
CA THR D 93 34.36 8.97 -0.98
C THR D 93 35.70 8.56 -0.37
N TYR D 94 35.93 8.95 0.87
CA TYR D 94 37.17 8.65 1.57
C TYR D 94 37.33 7.14 1.79
N ASN D 95 36.30 6.53 2.37
CA ASN D 95 36.33 5.09 2.63
C ASN D 95 36.52 4.26 1.36
N ALA D 96 35.87 4.66 0.28
CA ALA D 96 36.01 3.94 -1.00
C ALA D 96 37.39 4.16 -1.60
N GLU D 97 37.92 5.37 -1.47
CA GLU D 97 39.24 5.67 -1.98
C GLU D 97 40.33 4.88 -1.26
N LEU D 98 40.22 4.79 0.06
CA LEU D 98 41.21 4.06 0.86
C LEU D 98 41.03 2.55 0.77
N LEU D 99 39.78 2.10 0.71
CA LEU D 99 39.50 0.68 0.60
C LEU D 99 40.20 0.10 -0.62
N VAL D 100 40.21 0.86 -1.71
CA VAL D 100 40.86 0.44 -2.94
C VAL D 100 42.38 0.48 -2.82
N LEU D 101 42.91 1.56 -2.24
CA LEU D 101 44.34 1.69 -2.05
C LEU D 101 44.91 0.55 -1.21
N LEU D 102 44.21 0.20 -0.14
CA LEU D 102 44.65 -0.87 0.76
C LEU D 102 44.54 -2.24 0.11
N GLU D 103 43.37 -2.53 -0.46
CA GLU D 103 43.12 -3.85 -1.04
C GLU D 103 43.87 -4.09 -2.35
N ASN D 104 44.36 -3.01 -2.95
CA ASN D 104 45.26 -3.15 -4.09
C ASN D 104 46.65 -3.55 -3.62
N GLU D 105 47.12 -2.86 -2.58
CA GLU D 105 48.41 -3.20 -1.98
C GLU D 105 48.43 -4.65 -1.56
N ARG D 106 47.36 -5.08 -0.90
CA ARG D 106 47.27 -6.45 -0.42
C ARG D 106 47.19 -7.47 -1.56
N THR D 107 46.41 -7.15 -2.59
CA THR D 107 46.24 -8.07 -3.71
C THR D 107 47.56 -8.33 -4.43
N LEU D 108 48.36 -7.29 -4.64
CA LEU D 108 49.66 -7.45 -5.27
C LEU D 108 50.61 -8.27 -4.39
N ASP D 109 50.48 -8.12 -3.07
CA ASP D 109 51.26 -8.90 -2.13
C ASP D 109 50.79 -10.34 -2.11
N TYR D 110 49.51 -10.54 -2.41
CA TYR D 110 48.93 -11.88 -2.47
C TYR D 110 49.57 -12.67 -3.60
N HIS D 111 49.70 -12.03 -4.76
CA HIS D 111 50.34 -12.66 -5.90
C HIS D 111 51.83 -12.89 -5.66
N ASP D 112 52.46 -11.94 -4.97
CA ASP D 112 53.87 -12.06 -4.63
C ASP D 112 54.07 -13.28 -3.74
N SER D 113 53.20 -13.40 -2.73
CA SER D 113 53.24 -14.55 -1.84
C SER D 113 53.07 -15.85 -2.62
N ASN D 114 52.08 -15.89 -3.50
CA ASN D 114 51.80 -17.09 -4.28
C ASN D 114 52.97 -17.54 -5.15
N VAL D 115 53.70 -16.59 -5.71
CA VAL D 115 54.88 -16.90 -6.51
C VAL D 115 56.01 -17.44 -5.62
N LYS D 116 56.42 -16.64 -4.63
CA LYS D 116 57.43 -17.07 -3.68
C LYS D 116 57.11 -18.44 -3.10
N ASN D 117 55.87 -18.62 -2.66
CA ASN D 117 55.42 -19.90 -2.12
C ASN D 117 55.62 -21.05 -3.09
N LEU D 118 55.50 -20.75 -4.39
CA LEU D 118 55.68 -21.75 -5.43
C LEU D 118 57.16 -22.07 -5.60
N TYR D 119 57.97 -21.05 -5.52
CA TYR D 119 59.38 -21.23 -5.52
C TYR D 119 59.64 -22.28 -4.51
N GLU D 120 59.49 -21.87 -3.27
CA GLU D 120 59.90 -22.66 -2.11
C GLU D 120 59.36 -24.10 -2.17
N LYS D 121 58.15 -24.24 -2.71
CA LYS D 121 57.49 -25.55 -2.71
C LYS D 121 58.20 -26.55 -3.62
N VAL D 122 58.96 -26.04 -4.57
CA VAL D 122 59.72 -26.85 -5.51
C VAL D 122 61.16 -26.98 -5.03
N ARG D 123 61.70 -25.87 -4.50
CA ARG D 123 63.07 -25.82 -4.01
C ARG D 123 63.32 -26.86 -2.93
N SER D 124 62.33 -27.13 -2.11
CA SER D 124 62.57 -28.08 -1.06
C SER D 124 62.34 -29.52 -1.53
N GLN D 125 61.59 -29.64 -2.60
CA GLN D 125 61.40 -30.91 -3.16
C GLN D 125 62.76 -31.46 -3.45
N LEU D 126 63.41 -30.83 -4.40
CA LEU D 126 64.64 -31.32 -5.01
C LEU D 126 65.80 -30.49 -4.45
N LYS D 127 66.25 -30.85 -3.26
CA LYS D 127 67.29 -30.10 -2.56
C LYS D 127 68.63 -30.14 -3.26
N ASN D 128 69.23 -31.32 -3.33
CA ASN D 128 70.57 -31.50 -3.90
C ASN D 128 70.56 -31.70 -5.41
N ASN D 129 69.52 -32.35 -5.92
CA ASN D 129 69.45 -32.74 -7.32
C ASN D 129 69.52 -31.56 -8.31
N ALA D 130 69.58 -30.35 -7.78
CA ALA D 130 69.68 -29.15 -8.61
C ALA D 130 70.20 -27.97 -7.80
N LYS D 131 70.68 -26.94 -8.48
CA LYS D 131 71.22 -25.76 -7.80
C LYS D 131 70.43 -24.49 -8.10
N GLU D 132 70.41 -23.57 -7.15
CA GLU D 132 69.72 -22.30 -7.32
C GLU D 132 70.57 -21.29 -8.07
N ILE D 133 70.13 -20.91 -9.26
CA ILE D 133 70.81 -19.86 -10.01
C ILE D 133 70.70 -18.54 -9.25
N GLY D 134 69.50 -18.24 -8.78
CA GLY D 134 69.23 -17.00 -8.06
C GLY D 134 68.20 -16.15 -8.80
N ASN D 135 67.83 -16.59 -9.99
CA ASN D 135 66.87 -15.87 -10.81
C ASN D 135 65.52 -16.59 -10.85
N GLY D 136 65.23 -17.33 -9.79
CA GLY D 136 64.02 -18.13 -9.73
C GLY D 136 64.14 -19.38 -10.57
N CYS D 137 65.32 -19.55 -11.19
CA CYS D 137 65.55 -20.71 -12.05
C CYS D 137 66.52 -21.72 -11.42
N PHE D 138 66.21 -23.00 -11.61
CA PHE D 138 67.06 -24.08 -11.11
C PHE D 138 67.77 -24.76 -12.27
N GLU D 139 68.98 -25.25 -12.03
CA GLU D 139 69.69 -26.05 -13.02
C GLU D 139 69.89 -27.47 -12.52
N PHE D 140 69.16 -28.41 -13.10
CA PHE D 140 69.24 -29.81 -12.71
C PHE D 140 70.65 -30.38 -12.80
N TYR D 141 70.95 -31.32 -11.92
CA TYR D 141 72.24 -32.01 -11.96
C TYR D 141 72.10 -33.37 -12.64
N HIS D 142 70.95 -33.61 -13.24
CA HIS D 142 70.70 -34.86 -13.96
C HIS D 142 69.64 -34.68 -15.03
N LYS D 143 69.60 -35.62 -15.97
CA LYS D 143 68.65 -35.55 -17.07
C LYS D 143 67.21 -35.52 -16.55
N CYS D 144 66.52 -34.42 -16.82
CA CYS D 144 65.12 -34.30 -16.44
C CYS D 144 64.22 -34.24 -17.67
N ASP D 145 63.61 -35.37 -17.98
CA ASP D 145 62.73 -35.49 -19.15
C ASP D 145 61.34 -34.95 -18.85
N ASN D 146 60.46 -35.00 -19.84
CA ASN D 146 59.11 -34.48 -19.70
C ASN D 146 58.35 -35.08 -18.53
N THR D 147 58.53 -36.38 -18.30
CA THR D 147 57.86 -37.05 -17.19
C THR D 147 58.63 -36.87 -15.89
N CYS D 148 59.81 -36.27 -15.97
CA CYS D 148 60.55 -35.88 -14.78
C CYS D 148 60.04 -34.54 -14.28
N MET D 149 59.93 -33.59 -15.20
CA MET D 149 59.35 -32.29 -14.88
C MET D 149 57.95 -32.49 -14.34
N GLU D 150 57.20 -33.37 -14.98
CA GLU D 150 55.83 -33.72 -14.63
C GLU D 150 55.62 -34.17 -13.20
N SER D 151 56.68 -34.65 -12.60
CA SER D 151 56.65 -35.06 -11.19
C SER D 151 57.07 -33.94 -10.23
N VAL D 152 57.69 -32.90 -10.78
CA VAL D 152 58.05 -31.74 -9.98
C VAL D 152 56.87 -30.79 -9.86
N LYS D 153 56.27 -30.47 -11.01
CA LYS D 153 55.09 -29.61 -11.05
C LYS D 153 53.87 -30.36 -10.51
N ASN D 154 54.02 -31.65 -10.31
CA ASN D 154 52.93 -32.49 -9.84
C ASN D 154 52.91 -32.59 -8.32
N GLY D 155 54.05 -32.34 -7.70
CA GLY D 155 54.18 -32.44 -6.26
C GLY D 155 54.55 -33.85 -5.85
N THR D 156 54.62 -34.75 -6.83
CA THR D 156 55.00 -36.13 -6.58
C THR D 156 56.39 -36.41 -7.16
N TYR D 157 57.41 -35.89 -6.49
CA TYR D 157 58.77 -35.97 -7.00
C TYR D 157 59.72 -36.82 -6.16
N ASP D 158 60.06 -37.99 -6.71
CA ASP D 158 60.99 -38.93 -6.11
C ASP D 158 62.39 -38.36 -5.86
N TYR D 159 63.03 -38.85 -4.81
CA TYR D 159 64.40 -38.46 -4.49
C TYR D 159 65.42 -39.59 -4.69
N PRO D 160 64.93 -40.84 -4.83
CA PRO D 160 65.87 -41.89 -5.25
C PRO D 160 66.42 -41.58 -6.64
N LYS D 161 67.30 -40.59 -6.72
CA LYS D 161 67.80 -40.10 -8.00
C LYS D 161 69.14 -39.37 -7.82
N TYR D 162 69.97 -39.45 -8.85
CA TYR D 162 71.25 -38.73 -8.91
C TYR D 162 72.16 -39.28 -10.01
N ASP E 1 86.72 -11.69 8.63
CA ASP E 1 85.89 -11.16 7.57
C ASP E 1 84.46 -11.65 7.66
N THR E 2 83.54 -10.72 7.93
CA THR E 2 82.12 -11.00 8.03
C THR E 2 81.29 -9.95 7.29
N LEU E 3 80.03 -10.27 7.02
CA LEU E 3 79.10 -9.34 6.38
C LEU E 3 77.72 -9.46 7.01
N CYS E 4 77.32 -8.45 7.77
CA CYS E 4 76.05 -8.49 8.49
C CYS E 4 74.98 -7.62 7.87
N ILE E 5 73.72 -8.00 8.08
CA ILE E 5 72.59 -7.25 7.56
C ILE E 5 71.66 -6.84 8.70
N GLY E 6 71.31 -5.57 8.76
CA GLY E 6 70.48 -5.06 9.84
C GLY E 6 69.71 -3.80 9.47
N TYR E 7 69.13 -3.16 10.49
CA TYR E 7 68.29 -2.00 10.26
C TYR E 7 68.67 -0.81 11.13
N HIS E 8 68.02 0.32 10.88
CA HIS E 8 68.35 1.59 11.54
C HIS E 8 67.79 1.72 12.95
N ALA E 9 68.40 2.60 13.74
CA ALA E 9 67.94 2.92 15.08
C ALA E 9 68.49 4.29 15.49
N ASN E 10 67.79 4.97 16.38
CA ASN E 10 68.19 6.32 16.80
C ASN E 10 67.70 6.69 18.19
N ASN E 11 67.93 7.95 18.58
CA ASN E 11 67.56 8.42 19.90
C ASN E 11 66.07 8.79 20.02
N SER E 12 65.30 8.44 19.00
CA SER E 12 63.88 8.77 18.97
C SER E 12 63.08 8.01 20.02
N THR E 13 62.04 8.66 20.56
CA THR E 13 61.20 8.05 21.57
C THR E 13 59.73 8.08 21.17
N ASP E 14 59.46 8.53 19.94
CA ASP E 14 58.10 8.59 19.42
C ASP E 14 57.45 7.21 19.48
N THR E 15 56.30 7.14 20.14
CA THR E 15 55.55 5.90 20.23
C THR E 15 54.31 5.94 19.35
N VAL E 16 53.90 4.78 18.86
CA VAL E 16 52.68 4.65 18.09
C VAL E 16 51.95 3.39 18.54
N ASP E 17 50.72 3.22 18.09
CA ASP E 17 49.96 2.03 18.45
C ASP E 17 49.63 1.20 17.22
N THR E 18 49.49 -0.10 17.42
CA THR E 18 49.06 -1.00 16.36
C THR E 18 47.93 -1.88 16.87
N VAL E 19 47.30 -2.60 15.94
CA VAL E 19 46.22 -3.50 16.30
C VAL E 19 46.71 -4.54 17.31
N LEU E 20 47.98 -4.91 17.19
CA LEU E 20 48.55 -6.00 17.99
C LEU E 20 49.32 -5.52 19.23
N GLU E 21 49.87 -4.32 19.17
CA GLU E 21 50.77 -3.87 20.23
C GLU E 21 50.59 -2.38 20.52
N LYS E 22 50.64 -2.02 21.80
CA LYS E 22 50.47 -0.63 22.21
C LYS E 22 51.81 -0.02 22.65
N ASN E 23 51.96 1.28 22.41
CA ASN E 23 53.17 2.00 22.78
C ASN E 23 54.44 1.37 22.21
N VAL E 24 54.46 1.25 20.88
CA VAL E 24 55.63 0.73 20.18
C VAL E 24 56.53 1.89 19.75
N THR E 25 57.73 1.94 20.30
CA THR E 25 58.68 3.00 19.96
C THR E 25 59.15 2.83 18.53
N VAL E 26 59.44 3.94 17.87
CA VAL E 26 59.65 3.92 16.43
C VAL E 26 60.65 5.00 16.03
N THR E 27 61.32 4.80 14.89
CA THR E 27 62.36 5.72 14.44
C THR E 27 61.79 7.03 13.89
N HIS E 28 60.71 6.92 13.13
CA HIS E 28 60.09 8.09 12.52
C HIS E 28 58.57 7.98 12.50
N SER E 29 57.89 9.10 12.63
CA SER E 29 56.43 9.12 12.61
C SER E 29 55.88 10.51 12.36
N VAL E 30 54.72 10.58 11.71
CA VAL E 30 54.04 11.85 11.48
C VAL E 30 52.73 11.89 12.25
N ASN E 31 52.14 13.07 12.36
CA ASN E 31 50.86 13.23 13.04
C ASN E 31 49.74 13.47 12.04
N LEU E 32 48.67 12.70 12.16
CA LEU E 32 47.51 12.88 11.29
C LEU E 32 46.49 13.82 11.91
N LEU E 33 46.65 14.09 13.20
CA LEU E 33 45.69 14.88 13.94
C LEU E 33 46.17 16.31 14.17
N GLU E 34 45.41 17.27 13.66
CA GLU E 34 45.72 18.67 13.90
C GLU E 34 45.12 19.11 15.22
N ASP E 35 45.95 19.65 16.10
CA ASP E 35 45.51 20.06 17.43
C ASP E 35 45.99 21.45 17.79
N LYS E 36 46.25 22.26 16.76
CA LYS E 36 46.81 23.58 16.97
C LYS E 36 46.11 24.65 16.12
N HIS E 37 45.65 25.70 16.76
CA HIS E 37 44.99 26.81 16.08
C HIS E 37 45.63 28.13 16.46
N ASN E 38 45.46 29.15 15.63
CA ASN E 38 46.13 30.42 15.85
C ASN E 38 45.38 31.37 16.77
N GLY E 39 44.27 30.88 17.33
CA GLY E 39 43.47 31.67 18.26
C GLY E 39 43.09 33.03 17.71
N LYS E 40 42.77 33.07 16.43
CA LYS E 40 42.45 34.30 15.76
C LYS E 40 41.24 34.01 14.95
N LEU E 41 40.47 35.04 14.66
CA LEU E 41 39.34 34.90 13.79
C LEU E 41 39.72 35.60 12.51
N CYS E 42 39.97 34.86 11.46
CA CYS E 42 40.61 35.37 10.25
C CYS E 42 39.63 35.50 9.09
N LYS E 43 40.12 36.01 7.96
CA LYS E 43 39.33 36.05 6.74
C LYS E 43 39.09 34.63 6.33
N LEU E 44 38.04 34.40 5.53
CA LEU E 44 37.67 33.05 5.14
C LEU E 44 37.91 32.66 3.67
N ARG E 45 37.47 33.50 2.74
CA ARG E 45 37.51 33.17 1.34
C ARG E 45 38.73 34.03 1.10
N GLY E 46 38.50 35.32 0.95
CA GLY E 46 39.55 36.33 0.94
C GLY E 46 38.95 37.54 1.62
N VAL E 47 37.71 37.36 2.08
CA VAL E 47 36.89 38.43 2.65
C VAL E 47 36.78 38.28 4.16
N ALA E 48 36.98 39.37 4.88
CA ALA E 48 36.93 39.34 6.33
C ALA E 48 35.50 39.14 6.83
N PRO E 49 35.34 38.72 8.09
CA PRO E 49 34.01 38.52 8.67
C PRO E 49 33.38 39.84 9.07
N LEU E 50 32.10 39.81 9.41
CA LEU E 50 31.41 40.99 9.93
C LEU E 50 31.33 40.90 11.45
N HIS E 51 32.05 41.78 12.13
CA HIS E 51 32.07 41.74 13.59
C HIS E 51 31.11 42.79 14.15
N LEU E 52 30.14 42.33 14.94
CA LEU E 52 29.10 43.21 15.48
C LEU E 52 29.46 43.82 16.83
N GLY E 53 30.49 43.28 17.46
CA GLY E 53 30.96 43.81 18.72
C GLY E 53 29.93 43.80 19.83
N LYS E 54 29.49 44.99 20.22
CA LYS E 54 28.57 45.14 21.34
C LYS E 54 27.15 44.67 21.02
N CYS E 55 26.81 44.66 19.73
CA CYS E 55 25.44 44.34 19.31
C CYS E 55 25.33 42.96 18.67
N ASN E 56 24.09 42.49 18.53
CA ASN E 56 23.80 41.26 17.80
C ASN E 56 23.11 41.59 16.47
N ILE E 57 22.74 40.56 15.71
CA ILE E 57 22.15 40.76 14.40
C ILE E 57 20.95 41.70 14.45
N ALA E 58 20.02 41.42 15.35
CA ALA E 58 18.79 42.21 15.47
C ALA E 58 19.09 43.70 15.61
N GLY E 59 19.89 44.05 16.62
CA GLY E 59 20.26 45.43 16.87
C GLY E 59 20.99 46.05 15.69
N TRP E 60 21.71 45.22 14.94
CA TRP E 60 22.51 45.72 13.83
C TRP E 60 21.68 46.18 12.63
N ILE E 61 20.73 45.36 12.19
CA ILE E 61 19.91 45.73 11.03
C ILE E 61 18.80 46.72 11.36
N LEU E 62 18.27 46.63 12.57
CA LEU E 62 17.22 47.56 12.99
C LEU E 62 17.80 48.96 13.18
N GLY E 63 19.04 49.02 13.63
CA GLY E 63 19.72 50.29 13.79
C GLY E 63 19.72 50.79 15.22
N ASN E 64 19.66 49.87 16.16
CA ASN E 64 19.78 50.21 17.57
C ASN E 64 20.85 51.27 17.77
N PRO E 65 20.52 52.35 18.49
CA PRO E 65 21.39 53.51 18.69
C PRO E 65 22.81 53.16 19.14
N GLU E 66 23.00 51.99 19.72
CA GLU E 66 24.34 51.58 20.17
C GLU E 66 25.17 50.96 19.06
N CYS E 67 24.51 50.28 18.12
CA CYS E 67 25.19 49.71 16.96
C CYS E 67 25.48 50.80 15.94
N GLU E 68 25.47 52.03 16.41
CA GLU E 68 25.62 53.22 15.57
C GLU E 68 26.93 53.25 14.78
N SER E 69 27.94 52.54 15.27
CA SER E 69 29.29 52.66 14.73
C SER E 69 29.71 51.34 14.12
N LEU E 70 28.80 50.74 13.36
CA LEU E 70 28.91 49.34 12.98
C LEU E 70 29.07 49.14 11.48
N SER E 71 27.95 48.94 10.78
CA SER E 71 28.00 48.45 9.41
C SER E 71 28.28 49.47 8.31
N THR E 72 29.33 49.18 7.56
CA THR E 72 29.54 49.73 6.23
C THR E 72 29.90 48.61 5.25
N ALA E 73 30.83 47.74 5.64
CA ALA E 73 31.32 46.62 4.83
C ALA E 73 30.30 46.15 3.80
N SER E 74 30.75 46.08 2.55
CA SER E 74 29.86 45.73 1.44
C SER E 74 29.79 44.23 1.22
N SER E 75 30.53 43.47 2.02
CA SER E 75 30.48 42.01 1.95
C SER E 75 31.27 41.37 3.07
N TRP E 76 30.86 40.17 3.46
CA TRP E 76 31.56 39.42 4.50
C TRP E 76 31.41 37.92 4.28
N SER E 77 32.33 37.15 4.83
CA SER E 77 32.35 35.70 4.65
C SER E 77 31.51 35.01 5.73
N TYR E 78 31.48 35.60 6.92
CA TYR E 78 30.67 35.08 8.02
C TYR E 78 30.46 36.19 9.05
N ILE E 79 29.65 35.90 10.06
CA ILE E 79 29.30 36.92 11.06
C ILE E 79 29.75 36.53 12.46
N VAL E 80 30.28 37.50 13.19
CA VAL E 80 30.79 37.25 14.53
C VAL E 80 30.08 38.07 15.59
N GLU E 81 29.46 37.40 16.54
CA GLU E 81 28.88 38.05 17.71
C GLU E 81 29.72 37.68 18.93
N THR E 82 29.73 38.57 19.92
CA THR E 82 30.37 38.26 21.19
C THR E 82 29.31 37.71 22.13
N PRO E 83 29.69 36.76 22.99
CA PRO E 83 28.76 36.19 23.97
C PRO E 83 28.18 37.27 24.87
N SER E 84 28.84 38.43 24.91
CA SER E 84 28.45 39.52 25.78
C SER E 84 27.53 40.52 25.09
N SER E 85 27.46 40.48 23.77
CA SER E 85 26.65 41.42 23.01
C SER E 85 25.16 41.27 23.31
N ASP E 86 24.60 42.27 23.98
CA ASP E 86 23.21 42.22 24.40
C ASP E 86 22.35 43.31 23.75
N ASN E 87 22.99 44.18 22.97
CA ASN E 87 22.27 45.28 22.33
C ASN E 87 21.56 44.86 21.05
N GLY E 88 20.30 44.47 21.18
CA GLY E 88 19.50 44.05 20.05
C GLY E 88 18.22 44.86 19.95
N THR E 89 17.08 44.19 20.11
CA THR E 89 15.79 44.86 20.05
C THR E 89 15.47 45.55 21.38
N CYS E 90 15.82 46.83 21.48
CA CYS E 90 15.67 47.58 22.72
C CYS E 90 14.22 47.70 23.15
N TYR E 91 13.31 47.84 22.18
CA TYR E 91 11.89 47.86 22.50
C TYR E 91 11.33 46.45 22.43
N PRO E 92 10.90 45.93 23.59
CA PRO E 92 10.43 44.54 23.73
C PRO E 92 9.49 44.14 22.60
N GLY E 93 9.62 42.91 22.15
CA GLY E 93 8.79 42.43 21.04
C GLY E 93 9.31 41.12 20.49
N ASP E 94 8.72 40.70 19.38
CA ASP E 94 9.03 39.41 18.78
C ASP E 94 9.58 39.61 17.38
N PHE E 95 10.81 39.14 17.16
CA PHE E 95 11.43 39.23 15.84
C PHE E 95 11.06 37.98 15.05
N ILE E 96 10.06 38.12 14.18
CA ILE E 96 9.54 36.98 13.43
C ILE E 96 10.56 36.41 12.47
N ASP E 97 10.69 35.09 12.48
CA ASP E 97 11.67 34.39 11.64
C ASP E 97 13.06 35.01 11.79
N TYR E 98 13.47 35.23 13.04
CA TYR E 98 14.74 35.86 13.33
C TYR E 98 15.91 34.98 12.93
N GLU E 99 15.90 33.74 13.39
CA GLU E 99 16.98 32.81 13.08
C GLU E 99 17.17 32.68 11.57
N GLU E 100 16.06 32.56 10.85
CA GLU E 100 16.10 32.46 9.41
C GLU E 100 16.84 33.65 8.79
N LEU E 101 16.49 34.85 9.22
CA LEU E 101 17.12 36.06 8.71
C LEU E 101 18.63 36.03 8.96
N ARG E 102 19.03 35.67 10.17
CA ARG E 102 20.45 35.56 10.50
C ARG E 102 21.16 34.64 9.51
N GLU E 103 20.51 33.55 9.16
CA GLU E 103 21.08 32.59 8.23
C GLU E 103 21.17 33.14 6.82
N GLN E 104 20.27 34.02 6.46
CA GLN E 104 20.34 34.59 5.14
C GLN E 104 21.31 35.71 5.12
N LEU E 105 21.59 36.25 6.28
CA LEU E 105 22.52 37.36 6.40
C LEU E 105 23.94 36.90 6.74
N SER E 106 24.08 35.61 7.01
CA SER E 106 25.37 35.05 7.46
C SER E 106 26.51 35.43 6.52
N SER E 107 26.29 35.29 5.23
CA SER E 107 27.28 35.69 4.24
C SER E 107 26.64 36.41 3.06
N VAL E 108 27.21 37.55 2.70
CA VAL E 108 26.73 38.28 1.53
C VAL E 108 27.85 38.76 0.63
N SER E 109 27.52 38.87 -0.66
CA SER E 109 28.50 39.24 -1.67
C SER E 109 28.50 40.74 -1.92
N SER E 110 27.33 41.36 -1.79
CA SER E 110 27.21 42.82 -1.87
C SER E 110 26.09 43.28 -0.97
N PHE E 111 26.32 44.37 -0.23
CA PHE E 111 25.40 44.79 0.81
C PHE E 111 25.49 46.29 1.02
N GLU E 112 24.67 47.04 0.29
CA GLU E 112 24.61 48.49 0.46
C GLU E 112 23.29 48.90 1.10
N ARG E 113 23.31 49.81 2.06
CA ARG E 113 22.10 50.18 2.78
C ARG E 113 21.60 51.55 2.44
N PHE E 114 20.58 51.63 1.62
CA PHE E 114 20.02 52.86 1.06
C PHE E 114 18.74 53.27 1.78
N GLU E 115 18.45 54.56 1.75
CA GLU E 115 17.23 55.08 2.36
C GLU E 115 16.03 54.83 1.47
N ILE E 116 15.21 53.84 1.82
CA ILE E 116 14.09 53.44 0.99
C ILE E 116 12.96 54.49 0.99
N PHE E 117 12.50 54.86 2.18
CA PHE E 117 11.47 55.88 2.32
C PHE E 117 12.06 57.10 3.04
N PRO E 118 12.62 58.04 2.26
CA PRO E 118 13.20 59.27 2.83
C PRO E 118 12.28 59.92 3.86
N LYS E 119 12.78 60.08 5.07
CA LYS E 119 11.98 60.55 6.20
C LYS E 119 11.27 61.89 5.94
N THR E 120 11.99 62.83 5.34
CA THR E 120 11.47 64.18 5.16
C THR E 120 10.30 64.26 4.18
N SER E 121 10.42 63.56 3.05
CA SER E 121 9.46 63.71 1.96
C SER E 121 8.43 62.58 1.86
N SER E 122 8.51 61.60 2.75
CA SER E 122 7.65 60.42 2.64
C SER E 122 6.40 60.48 3.50
N TRP E 123 6.48 61.16 4.63
CA TRP E 123 5.36 61.18 5.58
C TRP E 123 4.88 62.59 5.92
N PRO E 124 4.17 63.23 4.98
CA PRO E 124 3.69 64.60 5.14
C PRO E 124 2.40 64.65 5.93
N ASN E 125 1.82 63.48 6.20
CA ASN E 125 0.52 63.42 6.87
C ASN E 125 0.60 62.75 8.25
N HIS E 126 1.82 62.47 8.69
CA HIS E 126 2.03 61.83 9.98
C HIS E 126 3.27 62.41 10.65
N ASP E 127 3.34 62.30 11.97
CA ASP E 127 4.48 62.84 12.71
C ASP E 127 5.62 61.84 12.78
N SER E 128 6.77 62.22 12.24
CA SER E 128 7.93 61.35 12.19
C SER E 128 9.03 61.85 13.14
N ASN E 129 8.64 62.48 14.23
CA ASN E 129 9.59 63.07 15.15
C ASN E 129 9.31 62.76 16.61
N LYS E 130 8.07 62.38 16.91
CA LYS E 130 7.68 62.03 18.28
C LYS E 130 7.97 60.56 18.56
N GLY E 131 8.39 59.83 17.54
CA GLY E 131 8.54 58.39 17.64
C GLY E 131 9.83 57.94 18.31
N VAL E 132 10.00 58.28 19.57
CA VAL E 132 11.15 57.82 20.34
C VAL E 132 10.69 57.15 21.63
N THR E 133 11.64 56.58 22.38
CA THR E 133 11.31 55.85 23.59
C THR E 133 12.49 55.80 24.55
N ALA E 134 12.20 55.69 25.83
CA ALA E 134 13.23 55.59 26.85
C ALA E 134 13.87 54.21 26.81
N ALA E 135 13.24 53.30 26.10
CA ALA E 135 13.76 51.95 25.94
C ALA E 135 14.96 51.94 24.99
N CYS E 136 15.01 52.90 24.07
CA CYS E 136 16.12 53.00 23.13
C CYS E 136 16.92 54.27 23.35
N PRO E 137 17.67 54.33 24.46
CA PRO E 137 18.39 55.53 24.90
C PRO E 137 19.64 55.79 24.08
N HIS E 138 19.82 57.05 23.67
CA HIS E 138 21.08 57.48 23.07
C HIS E 138 21.57 58.70 23.83
N ALA E 139 22.48 58.47 24.78
CA ALA E 139 22.98 59.52 25.66
C ALA E 139 21.90 59.97 26.65
N GLY E 140 21.34 59.02 27.39
CA GLY E 140 20.37 59.30 28.42
C GLY E 140 19.04 59.83 27.89
N ALA E 141 19.07 60.42 26.71
CA ALA E 141 17.87 60.98 26.10
C ALA E 141 17.23 59.96 25.15
N LYS E 142 15.91 60.04 25.02
CA LYS E 142 15.15 59.05 24.26
C LYS E 142 15.47 59.05 22.77
N SER E 143 15.60 57.85 22.21
CA SER E 143 15.88 57.68 20.79
C SER E 143 15.10 56.48 20.23
N PHE E 144 15.55 55.97 19.10
CA PHE E 144 14.87 54.86 18.44
C PHE E 144 15.81 54.22 17.41
N TYR E 145 15.32 53.21 16.71
CA TYR E 145 16.10 52.56 15.66
C TYR E 145 16.39 53.55 14.52
N LYS E 146 17.60 53.49 13.98
CA LYS E 146 17.99 54.37 12.89
C LYS E 146 17.29 53.99 11.59
N ASN E 147 17.05 52.70 11.41
CA ASN E 147 16.52 52.17 10.16
C ASN E 147 15.01 52.04 10.15
N LEU E 148 14.37 52.39 11.26
CA LEU E 148 12.91 52.40 11.34
C LEU E 148 12.39 53.75 11.83
N ILE E 149 11.17 54.08 11.43
CA ILE E 149 10.54 55.30 11.91
C ILE E 149 9.19 54.98 12.55
N TRP E 150 9.00 55.45 13.77
CA TRP E 150 7.77 55.20 14.52
C TRP E 150 6.73 56.29 14.25
N LEU E 151 5.99 56.15 13.15
CA LEU E 151 4.97 57.13 12.78
C LEU E 151 3.83 57.19 13.77
N VAL E 152 3.59 58.40 14.29
CA VAL E 152 2.44 58.66 15.15
C VAL E 152 1.51 59.66 14.47
N LYS E 153 0.36 59.89 15.07
CA LYS E 153 -0.63 60.82 14.52
C LYS E 153 -0.14 62.26 14.59
N LYS E 154 -0.45 63.04 13.56
CA LYS E 154 -0.12 64.45 13.55
C LYS E 154 -1.28 65.25 14.15
N GLY E 155 -1.21 65.47 15.46
CA GLY E 155 -2.25 66.20 16.17
C GLY E 155 -3.72 65.87 15.96
N ASN E 156 -4.11 64.68 16.40
CA ASN E 156 -5.52 64.31 16.43
C ASN E 156 -5.95 63.72 15.08
N SER E 157 -4.98 63.38 14.23
CA SER E 157 -5.32 62.82 12.93
C SER E 157 -4.28 61.82 12.41
N TYR E 158 -4.72 60.58 12.23
CA TYR E 158 -3.90 59.56 11.59
C TYR E 158 -4.62 59.06 10.35
N PRO E 159 -4.36 59.70 9.21
CA PRO E 159 -4.98 59.35 7.92
C PRO E 159 -4.41 58.04 7.40
N LYS E 160 -5.23 57.26 6.69
CA LYS E 160 -4.71 56.05 6.06
C LYS E 160 -3.49 56.40 5.25
N LEU E 161 -2.36 55.77 5.58
CA LEU E 161 -1.14 55.97 4.82
C LEU E 161 -0.97 54.84 3.81
N SER E 162 -0.31 55.13 2.70
CA SER E 162 -0.16 54.15 1.63
C SER E 162 1.06 54.44 0.78
N LYS E 163 2.21 53.92 1.20
CA LYS E 163 3.46 54.07 0.46
C LYS E 163 3.82 52.75 -0.20
N SER E 164 4.73 52.81 -1.17
CA SER E 164 5.20 51.60 -1.83
C SER E 164 6.53 51.83 -2.54
N TYR E 165 7.43 50.87 -2.40
CA TYR E 165 8.74 50.95 -3.04
C TYR E 165 8.89 49.88 -4.12
N ILE E 166 9.39 50.28 -5.27
CA ILE E 166 9.65 49.32 -6.34
C ILE E 166 11.16 49.09 -6.49
N ASN E 167 11.56 47.83 -6.36
CA ASN E 167 12.97 47.46 -6.38
C ASN E 167 13.63 47.69 -7.72
N ASP E 168 14.35 48.80 -7.84
CA ASP E 168 15.07 49.12 -9.08
C ASP E 168 16.54 48.76 -8.95
N LYS E 169 16.91 48.20 -7.80
CA LYS E 169 18.26 47.68 -7.60
C LYS E 169 18.39 46.41 -8.42
N GLY E 170 19.62 45.98 -8.68
CA GLY E 170 19.85 44.80 -9.50
C GLY E 170 20.04 43.59 -8.64
N LYS E 171 19.32 43.55 -7.52
CA LYS E 171 19.50 42.53 -6.52
C LYS E 171 18.34 42.54 -5.54
N GLU E 172 18.31 41.59 -4.62
CA GLU E 172 17.27 41.56 -3.61
C GLU E 172 17.38 42.74 -2.66
N VAL E 173 16.24 43.16 -2.13
CA VAL E 173 16.21 44.24 -1.15
C VAL E 173 15.57 43.76 0.14
N LEU E 174 16.36 43.70 1.20
CA LEU E 174 15.84 43.34 2.52
C LEU E 174 15.11 44.55 3.11
N VAL E 175 13.83 44.36 3.40
CA VAL E 175 13.02 45.43 3.97
C VAL E 175 12.51 45.02 5.34
N LEU E 176 12.78 45.85 6.34
CA LEU E 176 12.31 45.58 7.69
C LEU E 176 11.28 46.61 8.14
N TRP E 177 10.27 46.16 8.88
CA TRP E 177 9.28 47.06 9.44
C TRP E 177 8.84 46.54 10.81
N GLY E 178 7.89 47.23 11.42
CA GLY E 178 7.43 46.87 12.75
C GLY E 178 5.96 47.17 12.99
N ILE E 179 5.34 46.36 13.85
CA ILE E 179 3.96 46.58 14.25
C ILE E 179 3.95 46.82 15.75
N HIS E 180 3.41 47.98 16.15
CA HIS E 180 3.38 48.34 17.56
C HIS E 180 2.05 48.00 18.23
N HIS E 181 2.13 47.34 19.39
CA HIS E 181 0.96 46.96 20.14
C HIS E 181 0.94 47.70 21.47
N PRO E 182 0.15 48.78 21.55
CA PRO E 182 0.02 49.59 22.76
C PRO E 182 -0.54 48.79 23.94
N SER E 183 -0.25 49.24 25.15
CA SER E 183 -0.64 48.51 26.35
C SER E 183 -2.09 48.75 26.72
N THR E 184 -2.57 49.96 26.46
CA THR E 184 -3.94 50.34 26.81
C THR E 184 -4.62 51.08 25.65
N SER E 185 -5.94 50.96 25.58
CA SER E 185 -6.71 51.62 24.52
C SER E 185 -6.60 53.13 24.61
N ALA E 186 -6.16 53.63 25.76
CA ALA E 186 -5.90 55.05 25.94
C ALA E 186 -4.65 55.48 25.19
N ASP E 187 -3.60 54.65 25.26
CA ASP E 187 -2.37 54.92 24.54
C ASP E 187 -2.58 54.69 23.04
N GLN E 188 -3.51 53.80 22.71
CA GLN E 188 -3.82 53.52 21.31
C GLN E 188 -4.23 54.78 20.57
N GLN E 189 -5.25 55.47 21.09
CA GLN E 189 -5.73 56.70 20.46
C GLN E 189 -4.74 57.84 20.67
N SER E 190 -4.09 57.84 21.83
CA SER E 190 -3.09 58.85 22.13
C SER E 190 -1.94 58.82 21.12
N LEU E 191 -1.74 57.67 20.49
CA LEU E 191 -0.69 57.50 19.50
C LEU E 191 -1.24 57.56 18.08
N TYR E 192 -2.32 56.83 17.84
CA TYR E 192 -2.94 56.78 16.52
C TYR E 192 -4.38 56.96 16.98
N GLN E 193 -4.97 58.11 16.65
CA GLN E 193 -6.35 58.46 17.04
C GLN E 193 -7.41 57.36 16.95
N ASN E 194 -7.40 56.62 15.86
CA ASN E 194 -8.37 55.56 15.60
C ASN E 194 -8.18 54.44 16.60
N ALA E 195 -9.29 53.87 17.09
CA ALA E 195 -9.24 52.82 18.09
C ALA E 195 -9.19 51.43 17.46
N ASP E 196 -9.66 51.31 16.22
CA ASP E 196 -9.60 50.06 15.50
C ASP E 196 -8.78 50.21 14.22
N THR E 197 -7.50 49.87 14.30
CA THR E 197 -6.58 50.05 13.18
C THR E 197 -6.18 48.73 12.56
N TYR E 198 -5.46 48.82 11.43
CA TYR E 198 -4.94 47.65 10.76
C TYR E 198 -3.73 48.05 9.94
N VAL E 199 -2.76 47.15 9.81
CA VAL E 199 -1.68 47.38 8.89
C VAL E 199 -1.52 46.25 7.88
N PHE E 200 -1.18 46.61 6.65
CA PHE E 200 -1.05 45.64 5.59
C PHE E 200 0.23 45.82 4.80
N VAL E 201 1.03 44.76 4.73
CA VAL E 201 2.23 44.74 3.91
C VAL E 201 2.06 43.71 2.81
N GLY E 202 2.38 44.08 1.57
CA GLY E 202 2.21 43.18 0.45
C GLY E 202 3.18 43.40 -0.69
N SER E 203 3.64 42.30 -1.27
CA SER E 203 4.47 42.34 -2.47
C SER E 203 3.95 41.29 -3.44
N SER E 204 4.80 40.84 -4.35
CA SER E 204 4.41 39.81 -5.30
C SER E 204 4.28 38.44 -4.62
N ARG E 205 5.03 38.25 -3.54
CA ARG E 205 5.00 36.98 -2.81
C ARG E 205 4.48 37.13 -1.39
N TYR E 206 4.76 38.28 -0.77
CA TYR E 206 4.31 38.55 0.59
C TYR E 206 2.97 39.22 0.66
N SER E 207 2.23 38.93 1.71
CA SER E 207 0.91 39.51 1.90
C SER E 207 0.59 39.11 3.34
N LYS E 208 0.18 40.08 4.14
CA LYS E 208 -0.14 39.83 5.54
C LYS E 208 -0.83 41.07 6.12
N LYS E 209 -1.95 40.84 6.80
CA LYS E 209 -2.70 41.92 7.44
C LYS E 209 -2.60 41.81 8.96
N PHE E 210 -2.02 42.83 9.57
CA PHE E 210 -1.75 42.81 11.01
C PHE E 210 -2.82 43.56 11.79
N LYS E 211 -3.29 43.00 12.88
CA LYS E 211 -4.17 43.73 13.76
C LYS E 211 -3.51 43.84 15.11
N PRO E 212 -3.43 45.05 15.62
CA PRO E 212 -2.80 45.26 16.90
C PRO E 212 -3.48 44.47 17.94
N GLU E 213 -2.70 44.05 18.92
CA GLU E 213 -3.21 43.31 20.07
C GLU E 213 -2.94 44.12 21.33
N ILE E 214 -3.93 44.91 21.73
CA ILE E 214 -3.78 45.82 22.86
C ILE E 214 -4.03 45.11 24.20
N ALA E 215 -3.02 45.15 25.07
CA ALA E 215 -3.11 44.53 26.39
C ALA E 215 -1.90 44.87 27.24
N ILE E 216 -2.01 44.63 28.54
CA ILE E 216 -0.90 44.89 29.46
C ILE E 216 0.04 43.70 29.58
N ARG E 217 1.24 43.84 29.02
CA ARG E 217 2.27 42.83 29.20
C ARG E 217 3.15 43.21 30.39
N PRO E 218 3.79 42.20 31.01
CA PRO E 218 4.72 42.48 32.09
C PRO E 218 5.80 43.43 31.59
N LYS E 219 6.30 44.30 32.47
CA LYS E 219 7.29 45.29 32.06
C LYS E 219 8.62 44.68 31.62
N VAL E 220 9.04 45.04 30.42
CA VAL E 220 10.36 44.70 29.93
C VAL E 220 11.01 45.98 29.45
N ARG E 221 12.12 46.35 30.09
CA ARG E 221 12.77 47.62 29.81
C ARG E 221 11.75 48.75 29.94
N ASP E 222 10.87 48.56 30.91
CA ASP E 222 9.87 49.52 31.33
C ASP E 222 8.71 49.73 30.39
N GLN E 223 8.52 48.80 29.49
CA GLN E 223 7.40 48.94 28.61
C GLN E 223 6.44 47.79 28.82
N GLU E 224 5.17 48.12 28.92
CA GLU E 224 4.18 47.08 29.04
C GLU E 224 3.46 46.96 27.73
N GLY E 225 3.96 47.67 26.75
CA GLY E 225 3.55 47.43 25.37
C GLY E 225 4.57 46.58 24.65
N ARG E 226 4.31 46.29 23.39
CA ARG E 226 5.20 45.45 22.63
C ARG E 226 5.41 46.00 21.25
N MET E 227 6.38 45.45 20.55
CA MET E 227 6.63 45.83 19.17
C MET E 227 7.24 44.66 18.42
N ASN E 228 6.48 44.07 17.51
CA ASN E 228 6.95 42.93 16.73
C ASN E 228 7.63 43.37 15.44
N TYR E 229 8.73 42.68 15.10
CA TYR E 229 9.52 43.06 13.94
C TYR E 229 9.37 42.04 12.82
N TYR E 230 9.26 42.55 11.59
CA TYR E 230 9.05 41.71 10.43
C TYR E 230 10.01 42.10 9.32
N TRP E 231 10.29 41.16 8.43
CA TRP E 231 11.22 41.42 7.32
C TRP E 231 10.83 40.60 6.10
N THR E 232 11.29 41.04 4.93
CA THR E 232 11.05 40.31 3.70
C THR E 232 12.07 40.68 2.63
N LEU E 233 12.22 39.80 1.64
CA LEU E 233 13.10 40.07 0.52
C LEU E 233 12.27 40.39 -0.72
N VAL E 234 12.56 41.52 -1.34
CA VAL E 234 11.85 41.94 -2.54
C VAL E 234 12.70 41.66 -3.78
N GLU E 235 12.18 40.91 -4.73
CA GLU E 235 12.92 40.60 -5.94
C GLU E 235 13.05 41.74 -6.89
N PRO E 236 14.15 41.78 -7.62
CA PRO E 236 14.39 42.92 -8.52
C PRO E 236 13.19 43.10 -9.44
N GLY E 237 12.75 44.35 -9.61
CA GLY E 237 11.63 44.65 -10.49
C GLY E 237 10.29 44.54 -9.77
N ASP E 238 10.29 43.86 -8.63
CA ASP E 238 9.08 43.72 -7.83
C ASP E 238 8.92 44.93 -6.94
N LYS E 239 7.72 45.10 -6.41
CA LYS E 239 7.42 46.21 -5.54
C LYS E 239 6.83 45.73 -4.22
N ILE E 240 6.95 46.54 -3.18
CA ILE E 240 6.32 46.21 -1.91
C ILE E 240 5.48 47.40 -1.44
N THR E 241 4.24 47.12 -1.03
CA THR E 241 3.31 48.18 -0.65
C THR E 241 2.97 48.17 0.84
N PHE E 242 3.15 49.33 1.48
CA PHE E 242 2.74 49.51 2.87
C PHE E 242 1.44 50.30 2.94
N GLU E 243 0.54 49.86 3.82
CA GLU E 243 -0.74 50.52 4.01
C GLU E 243 -1.16 50.33 5.46
N ALA E 244 -1.55 51.42 6.11
CA ALA E 244 -1.87 51.34 7.53
C ALA E 244 -2.69 52.52 8.03
N THR E 245 -3.53 52.24 9.02
CA THR E 245 -4.30 53.29 9.66
C THR E 245 -3.82 53.45 11.11
N GLY E 246 -2.57 53.07 11.34
CA GLY E 246 -1.96 53.21 12.66
C GLY E 246 -1.11 52.00 13.04
N ASN E 247 -0.27 52.20 14.06
CA ASN E 247 0.53 51.11 14.64
C ASN E 247 1.70 50.64 13.79
N LEU E 248 1.96 51.32 12.69
CA LEU E 248 3.01 50.90 11.76
C LEU E 248 4.33 51.60 11.92
N VAL E 249 5.34 50.83 12.30
CA VAL E 249 6.70 51.36 12.34
C VAL E 249 7.30 51.14 10.95
N VAL E 250 7.38 52.22 10.18
CA VAL E 250 7.77 52.13 8.77
C VAL E 250 9.26 51.99 8.53
N PRO E 251 9.63 51.46 7.36
CA PRO E 251 11.03 51.38 6.93
C PRO E 251 11.58 52.77 6.59
N ARG E 252 12.80 53.04 7.02
CA ARG E 252 13.49 54.27 6.68
C ARG E 252 14.68 53.92 5.80
N TYR E 253 15.43 52.90 6.22
CA TYR E 253 16.54 52.38 5.43
C TYR E 253 16.31 50.92 5.07
N ALA E 254 16.56 50.59 3.80
CA ALA E 254 16.51 49.21 3.34
C ALA E 254 17.93 48.75 3.02
N PHE E 255 18.05 47.56 2.42
CA PHE E 255 19.37 47.03 2.08
C PHE E 255 19.39 46.33 0.73
N ALA E 256 20.11 46.89 -0.22
CA ALA E 256 20.38 46.22 -1.48
C ALA E 256 21.42 45.14 -1.19
N MET E 257 21.10 43.90 -1.51
CA MET E 257 21.85 42.77 -0.98
C MET E 257 21.89 41.59 -1.94
N GLU E 258 23.05 40.95 -2.02
CA GLU E 258 23.20 39.73 -2.81
C GLU E 258 23.91 38.68 -1.97
N ARG E 259 23.27 37.55 -1.75
CA ARG E 259 23.74 36.60 -0.74
C ARG E 259 24.24 35.25 -1.23
N ASN E 260 25.54 35.03 -1.12
CA ASN E 260 26.17 33.77 -1.48
C ASN E 260 25.98 32.75 -0.36
N ALA E 261 24.91 31.97 -0.45
CA ALA E 261 24.54 31.04 0.60
C ALA E 261 25.66 30.08 0.98
N GLY E 262 25.60 29.56 2.20
CA GLY E 262 26.52 28.53 2.64
C GLY E 262 27.51 28.92 3.72
N SER E 263 27.12 29.84 4.59
CA SER E 263 27.99 30.22 5.70
C SER E 263 27.26 30.15 7.03
N GLY E 264 27.86 30.74 8.07
CA GLY E 264 27.30 30.68 9.41
C GLY E 264 27.69 31.85 10.29
N ILE E 265 27.45 31.68 11.59
CA ILE E 265 27.66 32.76 12.55
C ILE E 265 28.46 32.23 13.75
N ILE E 266 29.49 32.97 14.12
CA ILE E 266 30.36 32.57 15.22
C ILE E 266 30.17 33.47 16.44
N ILE E 267 29.86 32.85 17.57
CA ILE E 267 29.72 33.59 18.82
C ILE E 267 30.94 33.35 19.71
N SER E 268 31.91 34.25 19.61
CA SER E 268 33.18 34.06 20.31
C SER E 268 33.84 35.38 20.72
N ASP E 269 34.65 35.32 21.77
CA ASP E 269 35.43 36.47 22.22
C ASP E 269 36.71 36.62 21.41
N THR E 270 37.10 35.56 20.71
CA THR E 270 38.34 35.53 19.96
C THR E 270 38.50 36.76 19.07
N PRO E 271 39.61 37.47 19.21
CA PRO E 271 39.91 38.69 18.45
C PRO E 271 39.95 38.45 16.94
N VAL E 272 39.43 39.39 16.17
CA VAL E 272 39.48 39.29 14.71
C VAL E 272 40.74 39.97 14.18
N HIS E 273 41.51 39.24 13.38
CA HIS E 273 42.78 39.73 12.86
C HIS E 273 42.81 39.75 11.33
N ASP E 274 43.88 40.31 10.78
CA ASP E 274 44.08 40.32 9.34
C ASP E 274 44.91 39.13 8.92
N CYS E 275 44.25 37.99 8.72
CA CYS E 275 44.94 36.78 8.28
C CYS E 275 44.05 35.92 7.40
N ASN E 276 44.64 35.08 6.58
CA ASN E 276 43.88 34.25 5.67
C ASN E 276 43.81 32.88 6.28
N THR E 277 42.66 32.24 6.15
CA THR E 277 42.44 30.88 6.62
C THR E 277 41.43 30.17 5.75
N THR E 278 41.55 28.86 5.65
CA THR E 278 40.64 28.08 4.82
C THR E 278 39.61 27.40 5.72
N CYS E 279 39.84 27.45 7.03
CA CYS E 279 38.97 26.81 8.00
C CYS E 279 38.93 27.61 9.29
N GLN E 280 37.73 27.92 9.76
CA GLN E 280 37.57 28.75 10.94
C GLN E 280 36.73 28.08 12.02
N THR E 281 37.16 28.23 13.28
CA THR E 281 36.40 27.74 14.42
C THR E 281 36.32 28.86 15.45
N PRO E 282 35.36 28.76 16.39
CA PRO E 282 35.18 29.78 17.43
C PRO E 282 36.45 30.04 18.23
N LYS E 283 37.27 29.02 18.38
CA LYS E 283 38.46 29.10 19.16
C LYS E 283 39.61 29.73 18.41
N GLY E 284 39.59 29.67 17.10
CA GLY E 284 40.62 30.20 16.25
C GLY E 284 40.64 29.53 14.89
N ALA E 285 41.56 29.95 14.03
CA ALA E 285 41.65 29.40 12.68
C ALA E 285 42.51 28.15 12.65
N ILE E 286 42.36 27.36 11.59
CA ILE E 286 43.15 26.15 11.40
C ILE E 286 43.88 26.13 10.07
N ASN E 287 45.20 26.20 10.12
CA ASN E 287 46.03 26.10 8.93
C ASN E 287 46.66 24.73 8.85
N THR E 288 45.97 23.78 8.24
CA THR E 288 46.44 22.40 8.19
C THR E 288 46.08 21.66 6.90
N SER E 289 46.81 20.58 6.63
CA SER E 289 46.52 19.73 5.49
C SER E 289 46.07 18.36 5.99
N LEU E 290 46.10 18.19 7.30
CA LEU E 290 45.74 16.92 7.90
C LEU E 290 44.31 16.60 7.67
N PRO E 291 43.97 15.33 7.72
CA PRO E 291 42.59 14.89 7.49
C PRO E 291 41.69 15.08 8.71
N PHE E 292 42.28 15.19 9.89
CA PHE E 292 41.49 15.25 11.12
C PHE E 292 41.95 16.35 12.05
N GLN E 293 41.03 16.80 12.90
CA GLN E 293 41.31 17.83 13.89
C GLN E 293 40.43 17.61 15.13
N ASN E 294 40.94 18.00 16.29
CA ASN E 294 40.20 17.86 17.53
C ASN E 294 40.05 19.18 18.28
N ILE E 295 40.05 20.27 17.52
CA ILE E 295 39.96 21.61 18.09
C ILE E 295 38.53 22.01 18.44
N HIS E 296 37.61 21.86 17.47
CA HIS E 296 36.23 22.27 17.66
C HIS E 296 35.31 21.65 16.62
N PRO E 297 34.15 21.16 17.05
CA PRO E 297 33.16 20.53 16.17
C PRO E 297 32.50 21.55 15.24
N ILE E 298 32.25 22.76 15.75
CA ILE E 298 31.66 23.81 14.93
C ILE E 298 32.73 24.48 14.09
N THR E 299 32.62 24.29 12.78
CA THR E 299 33.64 24.72 11.86
C THR E 299 33.02 25.47 10.68
N ILE E 300 33.79 26.35 10.04
CA ILE E 300 33.33 27.03 8.84
C ILE E 300 34.40 27.04 7.78
N GLY E 301 34.04 26.60 6.57
CA GLY E 301 34.97 26.52 5.46
C GLY E 301 35.23 25.09 5.05
N LYS E 302 36.36 24.87 4.38
CA LYS E 302 36.76 23.52 4.00
C LYS E 302 37.71 22.96 5.05
N CYS E 303 37.15 22.24 6.02
CA CYS E 303 37.90 21.86 7.22
C CYS E 303 38.12 20.36 7.34
N PRO E 304 39.11 19.98 8.17
CA PRO E 304 39.33 18.59 8.54
C PRO E 304 38.16 18.06 9.36
N LYS E 305 37.86 16.77 9.26
CA LYS E 305 36.78 16.18 10.03
C LYS E 305 37.08 16.26 11.53
N TYR E 306 36.08 16.61 12.33
CA TYR E 306 36.26 16.68 13.76
C TYR E 306 36.29 15.30 14.37
N VAL E 307 37.28 15.05 15.22
CA VAL E 307 37.50 13.74 15.81
C VAL E 307 37.76 13.88 17.31
N LYS E 308 37.32 12.89 18.08
CA LYS E 308 37.47 12.89 19.54
C LYS E 308 38.88 12.50 19.98
N SER E 309 39.64 11.91 19.06
CA SER E 309 40.97 11.41 19.37
C SER E 309 41.89 12.45 20.00
N THR E 310 42.75 11.98 20.91
CA THR E 310 43.72 12.86 21.55
C THR E 310 45.07 12.82 20.81
N LYS E 311 45.34 11.72 20.14
CA LYS E 311 46.54 11.58 19.32
C LYS E 311 46.34 10.59 18.18
N LEU E 312 46.80 10.98 17.00
CA LEU E 312 46.76 10.11 15.82
C LEU E 312 48.08 10.06 15.12
N ARG E 313 49.08 9.51 15.80
CA ARG E 313 50.42 9.37 15.27
C ARG E 313 50.46 8.20 14.35
N LEU E 314 50.95 8.47 13.17
CA LEU E 314 51.11 7.47 12.13
C LEU E 314 52.59 7.13 11.93
N ALA E 315 52.95 5.88 12.20
CA ALA E 315 54.33 5.44 12.07
C ALA E 315 54.81 5.44 10.62
N THR E 316 56.03 5.92 10.41
CA THR E 316 56.64 5.92 9.08
C THR E 316 57.93 5.09 9.06
N GLY E 317 58.70 5.17 10.14
CA GLY E 317 59.93 4.40 10.26
C GLY E 317 59.66 3.00 10.80
N LEU E 318 60.67 2.42 11.44
CA LEU E 318 60.56 1.07 11.97
C LEU E 318 60.85 1.04 13.47
N ARG E 319 60.70 -0.14 14.08
CA ARG E 319 60.93 -0.27 15.52
C ARG E 319 62.29 0.30 15.90
N ASN E 320 62.35 0.92 17.07
CA ASN E 320 63.59 1.53 17.52
C ASN E 320 64.19 0.75 18.69
N ILE E 321 65.52 0.61 18.68
CA ILE E 321 66.21 -0.13 19.74
C ILE E 321 67.54 0.54 20.11
N LEU F 2 56.70 -9.82 11.74
CA LEU F 2 55.87 -10.59 10.81
C LEU F 2 56.73 -11.34 9.82
N PHE F 3 57.96 -10.86 9.61
CA PHE F 3 58.89 -11.50 8.69
C PHE F 3 60.09 -12.05 9.42
N GLY F 4 60.10 -11.89 10.73
CA GLY F 4 61.12 -12.49 11.58
C GLY F 4 62.44 -11.76 11.60
N ALA F 5 62.59 -10.75 10.75
CA ALA F 5 63.84 -10.00 10.66
C ALA F 5 64.07 -8.99 11.79
N ILE F 6 63.36 -7.87 11.71
CA ILE F 6 63.47 -6.81 12.72
C ILE F 6 62.94 -7.33 14.06
N ALA F 7 63.68 -7.07 15.12
CA ALA F 7 63.34 -7.55 16.46
C ALA F 7 63.09 -9.07 16.45
N GLY F 8 63.63 -9.73 15.44
CA GLY F 8 63.51 -11.17 15.32
C GLY F 8 64.86 -11.85 15.43
N PHE F 9 65.38 -12.34 14.32
CA PHE F 9 66.72 -12.94 14.32
C PHE F 9 67.80 -11.87 14.23
N ILE F 10 67.38 -10.63 13.98
CA ILE F 10 68.26 -9.49 14.09
C ILE F 10 67.75 -8.60 15.22
N GLU F 11 68.21 -8.88 16.44
CA GLU F 11 67.64 -8.28 17.65
C GLU F 11 67.54 -6.76 17.64
N GLY F 12 68.68 -6.07 17.60
CA GLY F 12 68.70 -4.63 17.71
C GLY F 12 68.98 -3.88 16.42
N GLY F 13 69.04 -2.56 16.52
CA GLY F 13 69.37 -1.70 15.39
C GLY F 13 70.67 -0.97 15.62
N TRP F 14 71.20 -0.37 14.56
CA TRP F 14 72.50 0.29 14.64
C TRP F 14 72.37 1.80 14.74
N THR F 15 72.58 2.33 15.95
CA THR F 15 72.63 3.76 16.15
C THR F 15 73.73 4.36 15.28
N GLY F 16 74.69 3.52 14.92
CA GLY F 16 75.81 3.95 14.08
C GLY F 16 75.38 4.38 12.70
N MET F 17 74.66 3.50 12.00
CA MET F 17 74.19 3.80 10.65
C MET F 17 73.21 4.97 10.66
N VAL F 18 73.49 5.98 9.85
CA VAL F 18 72.68 7.20 9.84
C VAL F 18 72.42 7.73 8.43
N ASP F 19 72.63 6.90 7.43
CA ASP F 19 72.37 7.37 6.07
C ASP F 19 71.15 6.74 5.43
N GLY F 20 70.53 5.80 6.12
CA GLY F 20 69.27 5.23 5.68
C GLY F 20 68.66 4.31 6.71
N TRP F 21 67.57 3.65 6.33
CA TRP F 21 66.87 2.74 7.24
C TRP F 21 67.52 1.36 7.29
N TYR F 22 67.99 0.87 6.15
CA TYR F 22 68.63 -0.43 6.08
C TYR F 22 70.03 -0.32 5.48
N GLY F 23 70.97 -1.11 5.99
CA GLY F 23 72.33 -1.07 5.49
C GLY F 23 73.20 -2.21 5.97
N TYR F 24 74.51 -2.00 5.91
CA TYR F 24 75.46 -3.04 6.29
C TYR F 24 76.53 -2.52 7.25
N HIS F 25 77.25 -3.46 7.87
CA HIS F 25 78.42 -3.14 8.67
C HIS F 25 79.54 -4.12 8.35
N HIS F 26 80.41 -3.74 7.42
CA HIS F 26 81.51 -4.61 7.00
C HIS F 26 82.66 -4.56 8.00
N GLN F 27 83.45 -5.63 8.02
CA GLN F 27 84.57 -5.75 8.95
C GLN F 27 85.71 -6.54 8.33
N ASN F 28 86.47 -5.88 7.45
CA ASN F 28 87.65 -6.49 6.87
C ASN F 28 88.94 -5.88 7.41
N GLU F 29 90.05 -6.13 6.71
CA GLU F 29 91.34 -5.60 7.15
C GLU F 29 91.45 -4.10 6.95
N GLN F 30 90.88 -3.59 5.86
CA GLN F 30 90.90 -2.16 5.58
C GLN F 30 90.19 -1.34 6.67
N GLY F 31 89.24 -1.96 7.36
CA GLY F 31 88.57 -1.31 8.47
C GLY F 31 87.09 -1.65 8.59
N SER F 32 86.47 -1.13 9.65
CA SER F 32 85.04 -1.33 9.88
C SER F 32 84.25 -0.09 9.46
N GLY F 33 83.01 -0.28 9.06
CA GLY F 33 82.19 0.83 8.63
C GLY F 33 80.72 0.52 8.43
N TYR F 34 79.86 1.46 8.84
CA TYR F 34 78.43 1.35 8.58
C TYR F 34 78.09 2.04 7.27
N ALA F 35 77.38 1.32 6.40
CA ALA F 35 76.99 1.87 5.11
C ALA F 35 75.55 1.48 4.77
N ALA F 36 74.66 2.47 4.73
CA ALA F 36 73.26 2.23 4.46
C ALA F 36 73.02 1.91 2.98
N ASP F 37 72.20 0.89 2.73
CA ASP F 37 71.82 0.55 1.37
C ASP F 37 71.03 1.68 0.74
N LEU F 38 71.67 2.41 -0.18
CA LEU F 38 71.04 3.57 -0.79
C LEU F 38 69.74 3.22 -1.52
N LYS F 39 69.83 2.34 -2.52
CA LYS F 39 68.67 1.98 -3.34
C LYS F 39 67.47 1.53 -2.52
N SER F 40 67.69 0.62 -1.58
CA SER F 40 66.61 0.08 -0.76
C SER F 40 65.99 1.18 0.11
N THR F 41 66.82 1.88 0.86
CA THR F 41 66.34 2.99 1.70
C THR F 41 65.58 4.01 0.87
N GLN F 42 66.12 4.34 -0.30
CA GLN F 42 65.52 5.34 -1.17
C GLN F 42 64.15 4.91 -1.70
N ASN F 43 63.96 3.61 -1.88
CA ASN F 43 62.70 3.09 -2.39
C ASN F 43 61.62 3.11 -1.31
N ALA F 44 61.99 2.73 -0.10
CA ALA F 44 61.06 2.74 1.02
C ALA F 44 60.58 4.16 1.29
N ILE F 45 61.52 5.09 1.40
CA ILE F 45 61.20 6.49 1.62
C ILE F 45 60.21 6.99 0.57
N ASP F 46 60.38 6.56 -0.67
CA ASP F 46 59.49 6.95 -1.74
C ASP F 46 58.08 6.35 -1.59
N GLU F 47 58.03 5.14 -1.05
CA GLU F 47 56.75 4.44 -0.90
C GLU F 47 56.01 4.84 0.37
N ILE F 48 56.74 4.98 1.48
CA ILE F 48 56.14 5.43 2.74
C ILE F 48 55.60 6.85 2.60
N THR F 49 56.36 7.71 1.94
CA THR F 49 55.91 9.06 1.65
C THR F 49 54.58 9.02 0.90
N ASN F 50 54.52 8.24 -0.17
CA ASN F 50 53.30 8.10 -0.95
C ASN F 50 52.15 7.60 -0.08
N LYS F 51 52.48 6.79 0.91
CA LYS F 51 51.47 6.25 1.83
C LYS F 51 50.83 7.37 2.64
N VAL F 52 51.67 8.19 3.27
CA VAL F 52 51.17 9.32 4.05
C VAL F 52 50.42 10.32 3.17
N ASN F 53 50.91 10.55 1.96
CA ASN F 53 50.28 11.47 1.03
C ASN F 53 49.02 10.88 0.40
N SER F 54 48.70 9.64 0.75
CA SER F 54 47.44 9.03 0.32
C SER F 54 46.38 9.20 1.40
N VAL F 55 46.74 8.85 2.63
CA VAL F 55 45.84 9.01 3.77
C VAL F 55 45.40 10.45 3.94
N ILE F 56 46.28 11.38 3.59
CA ILE F 56 46.00 12.80 3.70
C ILE F 56 45.27 13.34 2.47
N GLU F 57 45.86 13.14 1.31
CA GLU F 57 45.37 13.76 0.08
C GLU F 57 44.04 13.20 -0.41
N LYS F 58 43.63 12.04 0.10
CA LYS F 58 42.35 11.45 -0.29
C LYS F 58 41.19 12.06 0.49
N MET F 59 41.53 12.82 1.53
CA MET F 59 40.52 13.52 2.32
C MET F 59 40.19 14.88 1.72
N ASN F 60 39.29 14.87 0.75
CA ASN F 60 38.83 16.11 0.11
C ASN F 60 37.43 16.43 0.61
N THR F 61 37.30 17.54 1.35
CA THR F 61 36.03 17.90 1.96
C THR F 61 35.28 18.99 1.21
N GLN F 62 34.03 19.19 1.59
CA GLN F 62 33.18 20.20 0.97
C GLN F 62 33.28 21.51 1.74
N PHE F 63 32.80 22.60 1.16
CA PHE F 63 32.69 23.85 1.88
C PHE F 63 31.32 23.94 2.55
N THR F 64 31.26 23.60 3.82
CA THR F 64 30.00 23.64 4.55
C THR F 64 30.19 24.30 5.91
N ALA F 65 29.10 24.87 6.42
CA ALA F 65 29.11 25.49 7.73
C ALA F 65 28.27 24.67 8.69
N VAL F 66 28.92 23.77 9.42
CA VAL F 66 28.25 22.99 10.44
C VAL F 66 27.71 23.93 11.51
N GLY F 67 26.75 23.49 12.29
CA GLY F 67 26.18 24.32 13.32
C GLY F 67 25.05 25.18 12.78
N LYS F 68 23.89 25.06 13.42
CA LYS F 68 22.70 25.76 12.99
C LYS F 68 22.01 26.35 14.22
N GLU F 69 21.08 27.28 13.99
CA GLU F 69 20.38 27.92 15.09
C GLU F 69 18.90 27.54 15.12
N PHE F 70 18.40 27.19 16.30
CA PHE F 70 17.01 26.84 16.47
C PHE F 70 16.42 27.51 17.71
N ASN F 71 15.15 27.90 17.63
CA ASN F 71 14.46 28.52 18.76
C ASN F 71 13.91 27.48 19.74
N HIS F 72 13.34 27.95 20.85
CA HIS F 72 12.87 27.07 21.91
C HIS F 72 11.73 26.14 21.46
N LEU F 73 11.20 26.38 20.27
CA LEU F 73 10.13 25.55 19.74
C LEU F 73 10.60 24.69 18.56
N GLU F 74 11.91 24.45 18.52
CA GLU F 74 12.51 23.61 17.49
C GLU F 74 13.54 22.67 18.11
N LYS F 75 13.25 22.25 19.34
CA LYS F 75 14.16 21.37 20.07
C LYS F 75 14.34 20.03 19.36
N ARG F 76 13.30 19.56 18.66
CA ARG F 76 13.38 18.29 17.96
C ARG F 76 14.39 18.33 16.82
N ILE F 77 14.22 19.26 15.88
CA ILE F 77 15.16 19.37 14.78
C ILE F 77 16.52 19.86 15.26
N GLU F 78 16.56 20.44 16.44
CA GLU F 78 17.84 20.81 17.05
C GLU F 78 18.57 19.54 17.47
N ASN F 79 17.81 18.59 18.00
CA ASN F 79 18.35 17.29 18.39
C ASN F 79 18.64 16.42 17.17
N LEU F 80 17.87 16.58 16.11
CA LEU F 80 18.15 15.90 14.86
C LEU F 80 19.52 16.36 14.38
N ASN F 81 19.68 17.67 14.31
CA ASN F 81 20.96 18.26 13.92
C ASN F 81 22.10 17.76 14.79
N LYS F 82 21.85 17.67 16.09
CA LYS F 82 22.87 17.18 17.00
C LYS F 82 23.19 15.73 16.72
N LYS F 83 22.19 15.00 16.29
CA LYS F 83 22.32 13.60 16.00
C LYS F 83 23.16 13.36 14.76
N VAL F 84 23.08 14.27 13.80
CA VAL F 84 23.90 14.24 12.59
C VAL F 84 25.34 14.58 12.91
N ASP F 85 25.55 15.51 13.83
CA ASP F 85 26.89 15.91 14.22
C ASP F 85 27.60 14.83 15.04
N ASP F 86 26.84 14.14 15.90
CA ASP F 86 27.41 13.09 16.73
C ASP F 86 27.61 11.80 15.94
N GLY F 87 26.77 11.57 14.94
CA GLY F 87 26.92 10.42 14.08
C GLY F 87 28.21 10.52 13.28
N PHE F 88 28.45 11.69 12.70
CA PHE F 88 29.67 11.94 11.95
C PHE F 88 30.89 11.96 12.86
N LEU F 89 30.67 12.26 14.14
CA LEU F 89 31.76 12.30 15.10
C LEU F 89 32.25 10.89 15.41
N ASP F 90 31.31 9.98 15.62
CA ASP F 90 31.65 8.61 15.95
C ASP F 90 32.22 7.84 14.76
N ILE F 91 31.72 8.15 13.58
CA ILE F 91 32.18 7.49 12.36
C ILE F 91 33.63 7.86 12.03
N TRP F 92 33.94 9.15 12.06
CA TRP F 92 35.28 9.61 11.74
C TRP F 92 36.29 9.26 12.83
N THR F 93 35.90 9.42 14.08
CA THR F 93 36.78 9.08 15.19
C THR F 93 37.20 7.62 15.14
N TYR F 94 36.23 6.73 14.93
CA TYR F 94 36.50 5.29 14.88
C TYR F 94 37.35 4.93 13.67
N ASN F 95 36.92 5.38 12.49
CA ASN F 95 37.65 5.11 11.26
C ASN F 95 39.09 5.63 11.27
N ALA F 96 39.27 6.82 11.83
CA ALA F 96 40.61 7.41 11.93
C ALA F 96 41.46 6.66 12.94
N GLU F 97 40.86 6.25 14.05
CA GLU F 97 41.57 5.49 15.08
C GLU F 97 42.04 4.14 14.57
N LEU F 98 41.18 3.44 13.83
CA LEU F 98 41.53 2.14 13.28
C LEU F 98 42.44 2.24 12.07
N LEU F 99 42.23 3.24 11.22
CA LEU F 99 43.07 3.43 10.05
C LEU F 99 44.53 3.55 10.46
N VAL F 100 44.78 4.23 11.57
CA VAL F 100 46.13 4.41 12.07
C VAL F 100 46.68 3.11 12.68
N LEU F 101 45.85 2.42 13.47
CA LEU F 101 46.26 1.14 14.07
C LEU F 101 46.65 0.12 13.02
N LEU F 102 45.86 0.02 11.95
CA LEU F 102 46.12 -0.93 10.88
C LEU F 102 47.35 -0.55 10.06
N GLU F 103 47.41 0.71 9.62
CA GLU F 103 48.49 1.15 8.76
C GLU F 103 49.82 1.31 9.50
N ASN F 104 49.76 1.34 10.82
CA ASN F 104 50.98 1.28 11.61
C ASN F 104 51.51 -0.14 11.66
N GLU F 105 50.61 -1.09 11.89
CA GLU F 105 50.98 -2.50 11.87
C GLU F 105 51.60 -2.87 10.54
N ARG F 106 50.98 -2.43 9.45
CA ARG F 106 51.47 -2.73 8.12
C ARG F 106 52.81 -2.07 7.83
N THR F 107 52.96 -0.82 8.25
CA THR F 107 54.19 -0.08 7.99
C THR F 107 55.40 -0.73 8.67
N LEU F 108 55.22 -1.18 9.90
CA LEU F 108 56.29 -1.88 10.60
C LEU F 108 56.64 -3.21 9.93
N ASP F 109 55.62 -3.87 9.38
CA ASP F 109 55.82 -5.11 8.64
C ASP F 109 56.49 -4.84 7.30
N TYR F 110 56.26 -3.64 6.77
CA TYR F 110 56.89 -3.24 5.51
C TYR F 110 58.40 -3.14 5.69
N HIS F 111 58.82 -2.53 6.79
CA HIS F 111 60.23 -2.40 7.09
C HIS F 111 60.84 -3.77 7.42
N ASP F 112 60.08 -4.61 8.09
CA ASP F 112 60.53 -5.96 8.41
C ASP F 112 60.79 -6.72 7.12
N SER F 113 59.83 -6.63 6.20
CA SER F 113 59.97 -7.25 4.88
C SER F 113 61.21 -6.75 4.16
N ASN F 114 61.40 -5.44 4.15
CA ASN F 114 62.53 -4.84 3.45
C ASN F 114 63.88 -5.30 3.98
N VAL F 115 63.97 -5.50 5.30
CA VAL F 115 65.20 -6.02 5.91
C VAL F 115 65.43 -7.47 5.54
N LYS F 116 64.47 -8.33 5.86
CA LYS F 116 64.54 -9.74 5.48
C LYS F 116 64.85 -9.90 3.99
N ASN F 117 64.14 -9.17 3.15
CA ASN F 117 64.38 -9.22 1.72
C ASN F 117 65.83 -8.89 1.37
N LEU F 118 66.44 -8.02 2.16
CA LEU F 118 67.83 -7.62 1.94
C LEU F 118 68.77 -8.74 2.36
N TYR F 119 68.44 -9.39 3.47
CA TYR F 119 69.21 -10.51 3.98
C TYR F 119 69.27 -11.64 2.95
N GLU F 120 68.11 -11.97 2.39
CA GLU F 120 68.01 -13.02 1.39
C GLU F 120 68.70 -12.65 0.08
N LYS F 121 68.62 -11.38 -0.28
CA LYS F 121 69.16 -10.92 -1.57
C LYS F 121 70.67 -11.02 -1.62
N VAL F 122 71.33 -10.99 -0.46
CA VAL F 122 72.77 -11.22 -0.44
C VAL F 122 73.15 -12.65 -0.10
N ARG F 123 72.33 -13.29 0.73
CA ARG F 123 72.56 -14.68 1.10
C ARG F 123 72.60 -15.60 -0.12
N SER F 124 71.82 -15.25 -1.14
CA SER F 124 71.72 -16.08 -2.34
C SER F 124 72.69 -15.65 -3.43
N GLN F 125 73.48 -14.61 -3.13
CA GLN F 125 74.48 -14.14 -4.08
C GLN F 125 75.81 -14.82 -3.80
N LEU F 126 76.11 -15.01 -2.52
CA LEU F 126 77.30 -15.75 -2.10
C LEU F 126 76.92 -16.95 -1.24
N LYS F 127 76.57 -18.05 -1.90
CA LYS F 127 76.06 -19.24 -1.22
C LYS F 127 77.13 -19.91 -0.36
N ASN F 128 78.16 -20.43 -1.01
CA ASN F 128 79.22 -21.19 -0.34
C ASN F 128 80.33 -20.31 0.22
N ASN F 129 80.62 -19.22 -0.48
CA ASN F 129 81.76 -18.36 -0.15
C ASN F 129 81.71 -17.76 1.25
N ALA F 130 80.63 -18.03 1.98
CA ALA F 130 80.49 -17.55 3.36
C ALA F 130 79.44 -18.37 4.10
N LYS F 131 79.45 -18.27 5.43
CA LYS F 131 78.52 -19.02 6.26
C LYS F 131 77.59 -18.12 7.07
N GLU F 132 76.38 -18.61 7.33
CA GLU F 132 75.41 -17.85 8.12
C GLU F 132 75.65 -18.04 9.62
N ILE F 133 76.01 -16.96 10.29
CA ILE F 133 76.15 -16.99 11.74
C ILE F 133 74.78 -17.26 12.37
N GLY F 134 73.77 -16.55 11.90
CA GLY F 134 72.42 -16.67 12.42
C GLY F 134 71.93 -15.36 13.00
N ASN F 135 72.83 -14.38 13.07
CA ASN F 135 72.52 -13.07 13.64
C ASN F 135 72.42 -12.02 12.54
N GLY F 136 72.06 -12.45 11.34
CA GLY F 136 71.99 -11.56 10.20
C GLY F 136 73.37 -11.27 9.66
N CYS F 137 74.38 -11.87 10.29
CA CYS F 137 75.77 -11.65 9.91
C CYS F 137 76.35 -12.85 9.16
N PHE F 138 77.18 -12.57 8.16
CA PHE F 138 77.87 -13.62 7.42
C PHE F 138 79.36 -13.57 7.72
N GLU F 139 80.02 -14.72 7.72
CA GLU F 139 81.47 -14.76 7.86
C GLU F 139 82.11 -15.31 6.59
N PHE F 140 82.76 -14.44 5.82
CA PHE F 140 83.41 -14.82 4.57
C PHE F 140 84.42 -15.95 4.76
N TYR F 141 84.55 -16.78 3.73
CA TYR F 141 85.55 -17.85 3.73
C TYR F 141 86.78 -17.42 2.92
N HIS F 142 86.84 -16.15 2.56
CA HIS F 142 87.97 -15.63 1.80
C HIS F 142 88.12 -14.13 2.02
N LYS F 143 89.31 -13.60 1.72
CA LYS F 143 89.59 -12.18 1.89
C LYS F 143 88.61 -11.33 1.09
N CYS F 144 87.81 -10.54 1.80
CA CYS F 144 86.87 -9.63 1.14
C CYS F 144 87.27 -8.17 1.40
N ASP F 145 87.92 -7.57 0.40
CA ASP F 145 88.38 -6.20 0.50
C ASP F 145 87.26 -5.20 0.21
N ASN F 146 87.57 -3.92 0.28
CA ASN F 146 86.57 -2.87 0.07
C ASN F 146 85.84 -2.99 -1.27
N THR F 147 86.57 -3.36 -2.31
CA THR F 147 85.97 -3.52 -3.64
C THR F 147 85.33 -4.89 -3.79
N CYS F 148 85.51 -5.75 -2.79
CA CYS F 148 84.82 -7.03 -2.75
C CYS F 148 83.44 -6.82 -2.14
N MET F 149 83.41 -6.12 -1.02
CA MET F 149 82.15 -5.75 -0.38
C MET F 149 81.31 -4.95 -1.37
N GLU F 150 81.95 -3.98 -2.02
CA GLU F 150 81.30 -3.14 -3.00
C GLU F 150 80.44 -3.95 -3.97
N SER F 151 80.95 -5.09 -4.39
CA SER F 151 80.27 -5.92 -5.38
C SER F 151 79.13 -6.74 -4.78
N VAL F 152 79.11 -6.86 -3.46
CA VAL F 152 78.02 -7.54 -2.78
C VAL F 152 76.85 -6.59 -2.57
N LYS F 153 77.16 -5.40 -2.04
CA LYS F 153 76.15 -4.38 -1.82
C LYS F 153 75.73 -3.77 -3.15
N ASN F 154 76.46 -4.09 -4.21
CA ASN F 154 76.20 -3.54 -5.53
C ASN F 154 75.25 -4.42 -6.33
N GLY F 155 75.17 -5.70 -5.96
CA GLY F 155 74.34 -6.65 -6.67
C GLY F 155 75.09 -7.28 -7.81
N THR F 156 76.33 -6.83 -8.02
CA THR F 156 77.19 -7.37 -9.06
C THR F 156 78.34 -8.15 -8.43
N TYR F 157 78.02 -9.32 -7.89
CA TYR F 157 78.99 -10.18 -7.22
C TYR F 157 79.04 -11.44 -8.08
N ASP F 158 79.31 -11.26 -9.37
CA ASP F 158 78.91 -12.27 -10.36
C ASP F 158 79.97 -13.34 -10.64
N TYR F 159 81.05 -13.32 -9.87
CA TYR F 159 82.18 -14.22 -10.11
C TYR F 159 82.53 -14.98 -8.84
N PRO F 160 82.26 -16.29 -8.82
CA PRO F 160 82.47 -17.17 -7.66
C PRO F 160 83.94 -17.49 -7.41
N LYS F 161 84.44 -17.20 -6.21
CA LYS F 161 85.86 -17.35 -5.90
C LYS F 161 86.15 -18.00 -4.55
N TYR F 162 86.55 -19.27 -4.55
CA TYR F 162 87.10 -19.90 -3.36
C TYR F 162 88.55 -20.32 -3.59
N ASP G 1 33.19 -36.25 -19.80
CA ASP G 1 34.53 -35.76 -19.52
C ASP G 1 34.58 -34.40 -20.18
N THR G 2 33.52 -33.61 -20.00
CA THR G 2 32.37 -33.83 -19.14
C THR G 2 31.09 -33.49 -19.91
N LEU G 3 29.93 -33.81 -19.35
CA LEU G 3 28.65 -33.45 -19.97
C LEU G 3 27.64 -33.04 -18.90
N CYS G 4 27.32 -31.75 -18.86
CA CYS G 4 26.44 -31.21 -17.83
C CYS G 4 25.04 -30.88 -18.33
N ILE G 5 24.07 -30.93 -17.42
CA ILE G 5 22.69 -30.63 -17.75
C ILE G 5 22.17 -29.50 -16.86
N GLY G 6 21.59 -28.48 -17.47
CA GLY G 6 21.12 -27.33 -16.74
C GLY G 6 20.01 -26.56 -17.43
N TYR G 7 19.68 -25.38 -16.91
CA TYR G 7 18.58 -24.60 -17.43
C TYR G 7 18.96 -23.15 -17.75
N HIS G 8 18.03 -22.42 -18.34
CA HIS G 8 18.27 -21.07 -18.85
C HIS G 8 18.26 -20.01 -17.76
N ALA G 9 18.89 -18.88 -18.05
CA ALA G 9 18.88 -17.72 -17.17
C ALA G 9 19.21 -16.47 -17.98
N ASN G 10 18.73 -15.32 -17.53
CA ASN G 10 18.96 -14.07 -18.26
C ASN G 10 18.92 -12.83 -17.36
N ASN G 11 18.98 -11.66 -17.99
CA ASN G 11 19.02 -10.39 -17.25
C ASN G 11 17.64 -9.93 -16.77
N SER G 12 16.65 -10.82 -16.90
CA SER G 12 15.27 -10.48 -16.53
C SER G 12 15.10 -10.29 -15.03
N THR G 13 14.22 -9.37 -14.65
CA THR G 13 13.95 -9.10 -13.24
C THR G 13 12.46 -9.23 -12.92
N ASP G 14 11.68 -9.67 -13.89
CA ASP G 14 10.25 -9.90 -13.70
C ASP G 14 9.99 -10.83 -12.52
N THR G 15 9.21 -10.36 -11.55
CA THR G 15 8.86 -11.18 -10.42
C THR G 15 7.40 -11.63 -10.49
N VAL G 16 7.11 -12.80 -9.92
CA VAL G 16 5.76 -13.30 -9.84
C VAL G 16 5.57 -13.90 -8.46
N ASP G 17 4.33 -14.24 -8.13
CA ASP G 17 4.04 -14.83 -6.83
C ASP G 17 3.49 -16.23 -6.99
N THR G 18 3.73 -17.07 -5.98
CA THR G 18 3.16 -18.41 -5.95
C THR G 18 2.51 -18.65 -4.60
N VAL G 19 1.78 -19.75 -4.48
CA VAL G 19 1.14 -20.10 -3.23
C VAL G 19 2.17 -20.25 -2.12
N LEU G 20 3.37 -20.69 -2.50
CA LEU G 20 4.41 -21.02 -1.53
C LEU G 20 5.44 -19.91 -1.32
N GLU G 21 5.65 -19.10 -2.35
CA GLU G 21 6.74 -18.13 -2.32
C GLU G 21 6.36 -16.81 -2.98
N LYS G 22 6.78 -15.70 -2.38
CA LYS G 22 6.46 -14.37 -2.90
C LYS G 22 7.68 -13.73 -3.56
N ASN G 23 7.45 -12.92 -4.59
CA ASN G 23 8.51 -12.23 -5.30
C ASN G 23 9.59 -13.18 -5.83
N VAL G 24 9.16 -14.16 -6.63
CA VAL G 24 10.08 -15.09 -7.27
C VAL G 24 10.47 -14.57 -8.65
N THR G 25 11.75 -14.24 -8.82
CA THR G 25 12.22 -13.75 -10.10
C THR G 25 12.15 -14.86 -11.15
N VAL G 26 11.79 -14.50 -12.38
CA VAL G 26 11.69 -15.49 -13.44
C VAL G 26 12.20 -14.99 -14.78
N THR G 27 12.40 -15.93 -15.70
CA THR G 27 12.97 -15.63 -17.01
C THR G 27 11.95 -14.96 -17.93
N HIS G 28 10.73 -15.46 -17.91
CA HIS G 28 9.67 -14.94 -18.78
C HIS G 28 8.32 -14.95 -18.07
N SER G 29 7.49 -13.96 -18.42
CA SER G 29 6.16 -13.86 -17.82
C SER G 29 5.26 -12.93 -18.63
N VAL G 30 3.96 -13.22 -18.61
CA VAL G 30 2.97 -12.38 -19.26
C VAL G 30 2.06 -11.75 -18.22
N ASN G 31 1.30 -10.75 -18.64
CA ASN G 31 0.35 -10.09 -17.75
C ASN G 31 -1.08 -10.47 -18.09
N LEU G 32 -1.84 -10.90 -17.09
CA LEU G 32 -3.24 -11.26 -17.28
C LEU G 32 -4.16 -10.07 -17.03
N LEU G 33 -3.60 -9.03 -16.41
CA LEU G 33 -4.39 -7.87 -16.01
C LEU G 33 -4.19 -6.70 -16.97
N GLU G 34 -5.28 -6.25 -17.58
CA GLU G 34 -5.24 -5.06 -18.42
C GLU G 34 -5.41 -3.82 -17.57
N ASP G 35 -4.46 -2.89 -17.67
CA ASP G 35 -4.48 -1.69 -16.86
C ASP G 35 -4.22 -0.45 -17.70
N LYS G 36 -4.54 -0.53 -18.99
CA LYS G 36 -4.26 0.56 -19.91
C LYS G 36 -5.45 0.83 -20.84
N HIS G 37 -5.88 2.08 -20.87
CA HIS G 37 -6.98 2.51 -21.74
C HIS G 37 -6.55 3.70 -22.58
N ASN G 38 -7.23 3.92 -23.71
CA ASN G 38 -6.84 4.98 -24.63
C ASN G 38 -7.41 6.36 -24.29
N GLY G 39 -8.09 6.45 -23.15
CA GLY G 39 -8.65 7.72 -22.71
C GLY G 39 -9.51 8.39 -23.75
N LYS G 40 -10.31 7.60 -24.47
CA LYS G 40 -11.19 8.12 -25.51
C LYS G 40 -12.53 7.39 -25.50
N LEU G 41 -13.61 8.12 -25.75
CA LEU G 41 -14.91 7.50 -25.92
C LEU G 41 -15.09 7.15 -27.39
N CYS G 42 -15.02 5.86 -27.70
CA CYS G 42 -14.99 5.39 -29.07
C CYS G 42 -16.32 4.80 -29.51
N LYS G 43 -16.41 4.42 -30.78
CA LYS G 43 -17.58 3.71 -31.27
C LYS G 43 -17.63 2.39 -30.54
N LEU G 44 -18.80 1.76 -30.48
CA LEU G 44 -18.93 0.48 -29.79
C LEU G 44 -19.31 -0.82 -30.50
N ARG G 45 -20.17 -0.73 -31.50
CA ARG G 45 -20.52 -1.90 -32.28
C ARG G 45 -19.69 -1.49 -33.51
N GLY G 46 -20.26 -0.60 -34.31
CA GLY G 46 -19.53 0.06 -35.36
C GLY G 46 -20.11 1.47 -35.43
N VAL G 47 -21.02 1.73 -34.50
CA VAL G 47 -21.79 2.96 -34.45
C VAL G 47 -21.31 3.85 -33.31
N ALA G 48 -21.13 5.14 -33.61
CA ALA G 48 -20.64 6.08 -32.61
C ALA G 48 -21.71 6.35 -31.55
N PRO G 49 -21.29 6.88 -30.39
CA PRO G 49 -22.25 7.21 -29.32
C PRO G 49 -22.98 8.51 -29.63
N LEU G 50 -24.00 8.81 -28.82
CA LEU G 50 -24.71 10.08 -28.94
C LEU G 50 -24.21 11.01 -27.85
N HIS G 51 -23.50 12.06 -28.25
CA HIS G 51 -22.96 13.01 -27.28
C HIS G 51 -23.86 14.23 -27.15
N LEU G 52 -24.34 14.48 -25.93
CA LEU G 52 -25.29 15.55 -25.67
C LEU G 52 -24.63 16.87 -25.32
N GLY G 53 -23.34 16.82 -24.99
CA GLY G 53 -22.58 18.01 -24.68
C GLY G 53 -23.12 18.81 -23.52
N LYS G 54 -23.65 20.00 -23.82
CA LYS G 54 -24.11 20.92 -22.79
C LYS G 54 -25.40 20.47 -22.12
N CYS G 55 -26.17 19.62 -22.81
CA CYS G 55 -27.48 19.21 -22.33
C CYS G 55 -27.51 17.77 -21.83
N ASN G 56 -28.57 17.42 -21.10
CA ASN G 56 -28.81 16.04 -20.71
C ASN G 56 -29.98 15.45 -21.51
N ILE G 57 -30.35 14.22 -21.20
CA ILE G 57 -31.41 13.54 -21.94
C ILE G 57 -32.69 14.36 -21.99
N ALA G 58 -33.15 14.81 -20.82
CA ALA G 58 -34.39 15.57 -20.73
C ALA G 58 -34.41 16.76 -21.69
N GLY G 59 -33.41 17.63 -21.57
CA GLY G 59 -33.30 18.79 -22.43
C GLY G 59 -33.21 18.43 -23.90
N TRP G 60 -32.63 17.27 -24.18
CA TRP G 60 -32.43 16.84 -25.56
C TRP G 60 -33.72 16.48 -26.29
N ILE G 61 -34.56 15.63 -25.68
CA ILE G 61 -35.80 15.20 -26.33
C ILE G 61 -36.90 16.25 -26.25
N LEU G 62 -36.92 17.01 -25.17
CA LEU G 62 -37.92 18.07 -25.03
C LEU G 62 -37.65 19.19 -26.03
N GLY G 63 -36.37 19.43 -26.29
CA GLY G 63 -35.99 20.43 -27.26
C GLY G 63 -35.59 21.75 -26.63
N ASN G 64 -35.09 21.68 -25.40
CA ASN G 64 -34.57 22.87 -24.73
C ASN G 64 -33.77 23.72 -25.72
N PRO G 65 -34.07 25.03 -25.77
CA PRO G 65 -33.47 25.96 -26.74
C PRO G 65 -31.94 25.90 -26.83
N GLU G 66 -31.28 25.38 -25.80
CA GLU G 66 -29.82 25.29 -25.80
C GLU G 66 -29.33 24.02 -26.50
N CYS G 67 -30.10 22.95 -26.42
CA CYS G 67 -29.77 21.70 -27.11
C CYS G 67 -30.13 21.82 -28.58
N GLU G 68 -30.25 23.06 -29.03
CA GLU G 68 -30.68 23.38 -30.39
C GLU G 68 -29.80 22.76 -31.47
N SER G 69 -28.56 22.46 -31.11
CA SER G 69 -27.55 22.10 -32.10
C SER G 69 -27.06 20.66 -32.17
N LEU G 70 -27.87 19.67 -31.81
CA LEU G 70 -27.37 18.28 -31.81
C LEU G 70 -28.35 17.17 -32.18
N SER G 71 -29.39 17.52 -32.94
CA SER G 71 -30.49 16.59 -33.14
C SER G 71 -30.48 15.91 -34.50
N THR G 72 -29.56 14.97 -34.76
CA THR G 72 -29.71 14.30 -36.05
C THR G 72 -29.47 12.80 -36.11
N ALA G 73 -28.30 12.35 -35.65
CA ALA G 73 -27.92 10.94 -35.73
C ALA G 73 -29.11 9.99 -35.72
N SER G 74 -29.14 9.08 -36.68
CA SER G 74 -30.26 8.15 -36.83
C SER G 74 -30.07 6.89 -36.01
N SER G 75 -28.94 6.79 -35.31
CA SER G 75 -28.66 5.65 -34.44
C SER G 75 -27.38 5.85 -33.64
N TRP G 76 -27.35 5.25 -32.45
CA TRP G 76 -26.16 5.31 -31.61
C TRP G 76 -26.05 4.06 -30.75
N SER G 77 -24.83 3.77 -30.30
CA SER G 77 -24.56 2.57 -29.51
C SER G 77 -24.78 2.82 -28.03
N TYR G 78 -24.51 4.05 -27.59
CA TYR G 78 -24.72 4.45 -26.20
C TYR G 78 -24.80 5.97 -26.12
N ILE G 79 -25.11 6.48 -24.93
CA ILE G 79 -25.28 7.93 -24.77
C ILE G 79 -24.28 8.52 -23.78
N VAL G 80 -23.75 9.69 -24.13
CA VAL G 80 -22.75 10.36 -23.30
C VAL G 80 -23.22 11.73 -22.81
N GLU G 81 -23.27 11.89 -21.49
CA GLU G 81 -23.51 13.19 -20.89
C GLU G 81 -22.24 13.67 -20.21
N THR G 82 -22.06 14.98 -20.13
CA THR G 82 -20.97 15.54 -19.36
C THR G 82 -21.45 15.83 -17.95
N PRO G 83 -20.57 15.65 -16.96
CA PRO G 83 -20.94 15.94 -15.57
C PRO G 83 -21.36 17.39 -15.39
N SER G 84 -21.02 18.24 -16.36
CA SER G 84 -21.32 19.65 -16.30
C SER G 84 -22.64 20.02 -17.00
N SER G 85 -23.16 19.11 -17.82
CA SER G 85 -24.39 19.38 -18.58
C SER G 85 -25.59 19.57 -17.67
N ASP G 86 -26.09 20.81 -17.61
CA ASP G 86 -27.19 21.15 -16.71
C ASP G 86 -28.44 21.60 -17.46
N ASN G 87 -28.34 21.69 -18.78
CA ASN G 87 -29.48 22.14 -19.58
C ASN G 87 -30.49 21.03 -19.87
N GLY G 88 -31.49 20.92 -19.00
CA GLY G 88 -32.53 19.92 -19.16
C GLY G 88 -33.90 20.56 -19.19
N THR G 89 -34.72 20.25 -18.18
CA THR G 89 -36.07 20.81 -18.10
C THR G 89 -36.02 22.22 -17.51
N CYS G 90 -35.97 23.22 -18.39
CA CYS G 90 -35.83 24.60 -17.98
C CYS G 90 -37.02 25.10 -17.17
N TYR G 91 -38.22 24.63 -17.51
CA TYR G 91 -39.40 24.95 -16.72
C TYR G 91 -39.60 23.89 -15.63
N PRO G 92 -39.44 24.29 -14.37
CA PRO G 92 -39.51 23.39 -13.21
C PRO G 92 -40.66 22.42 -13.32
N GLY G 93 -40.43 21.17 -12.93
CA GLY G 93 -41.45 20.16 -12.99
C GLY G 93 -40.90 18.77 -12.76
N ASP G 94 -41.75 17.77 -12.98
CA ASP G 94 -41.39 16.39 -12.70
C ASP G 94 -41.44 15.56 -13.98
N PHE G 95 -40.30 15.00 -14.36
CA PHE G 95 -40.23 14.14 -15.53
C PHE G 95 -40.57 12.72 -15.12
N ILE G 96 -41.82 12.32 -15.36
CA ILE G 96 -42.31 11.01 -14.92
C ILE G 96 -41.59 9.87 -15.64
N ASP G 97 -41.18 8.88 -14.87
CA ASP G 97 -40.44 7.73 -15.41
C ASP G 97 -39.26 8.19 -16.26
N TYR G 98 -38.50 9.14 -15.74
CA TYR G 98 -37.38 9.73 -16.48
C TYR G 98 -36.29 8.71 -16.70
N GLU G 99 -35.92 8.01 -15.65
CA GLU G 99 -34.83 7.07 -15.66
C GLU G 99 -35.09 5.91 -16.55
N GLU G 100 -36.34 5.56 -16.70
CA GLU G 100 -36.72 4.47 -17.56
C GLU G 100 -36.62 4.92 -18.99
N LEU G 101 -37.06 6.14 -19.30
CA LEU G 101 -36.93 6.67 -20.65
C LEU G 101 -35.47 6.65 -21.11
N ARG G 102 -34.59 7.16 -20.25
CA ARG G 102 -33.17 7.19 -20.55
C ARG G 102 -32.67 5.81 -20.93
N GLU G 103 -33.12 4.81 -20.20
CA GLU G 103 -32.75 3.44 -20.49
C GLU G 103 -33.24 3.04 -21.86
N GLN G 104 -34.49 3.32 -22.14
CA GLN G 104 -35.10 2.98 -23.42
C GLN G 104 -34.37 3.68 -24.56
N LEU G 105 -33.82 4.85 -24.26
CA LEU G 105 -33.18 5.70 -25.27
C LEU G 105 -31.68 5.47 -25.34
N SER G 106 -31.15 4.66 -24.43
CA SER G 106 -29.71 4.45 -24.32
C SER G 106 -29.10 4.03 -25.65
N SER G 107 -29.74 3.08 -26.33
CA SER G 107 -29.30 2.66 -27.65
C SER G 107 -30.46 2.44 -28.60
N VAL G 108 -30.29 2.92 -29.83
CA VAL G 108 -31.36 2.94 -30.81
C VAL G 108 -30.79 2.55 -32.18
N SER G 109 -31.57 1.80 -32.94
CA SER G 109 -31.15 1.32 -34.27
C SER G 109 -31.57 2.30 -35.38
N SER G 110 -32.72 2.94 -35.19
CA SER G 110 -33.18 3.98 -36.10
C SER G 110 -33.98 5.02 -35.32
N PHE G 111 -33.73 6.29 -35.60
CA PHE G 111 -34.30 7.36 -34.79
C PHE G 111 -34.50 8.63 -35.61
N GLU G 112 -35.66 8.76 -36.24
CA GLU G 112 -35.98 9.96 -36.98
C GLU G 112 -37.04 10.79 -36.27
N ARG G 113 -36.83 12.10 -36.24
CA ARG G 113 -37.71 13.02 -35.53
C ARG G 113 -38.65 13.74 -36.49
N PHE G 114 -39.92 13.36 -36.49
CA PHE G 114 -40.90 13.96 -37.38
C PHE G 114 -41.89 14.83 -36.63
N GLU G 115 -42.46 15.81 -37.33
CA GLU G 115 -43.47 16.69 -36.74
C GLU G 115 -44.82 15.99 -36.68
N ILE G 116 -45.21 15.55 -35.48
CA ILE G 116 -46.44 14.79 -35.30
C ILE G 116 -47.69 15.66 -35.47
N PHE G 117 -47.77 16.75 -34.73
CA PHE G 117 -48.88 17.69 -34.85
C PHE G 117 -48.37 19.03 -35.38
N PRO G 118 -48.36 19.18 -36.71
CA PRO G 118 -47.90 20.42 -37.35
C PRO G 118 -48.51 21.66 -36.69
N LYS G 119 -47.66 22.55 -36.21
CA LYS G 119 -48.08 23.71 -35.42
C LYS G 119 -49.13 24.58 -36.12
N THR G 120 -48.91 24.83 -37.40
CA THR G 120 -49.76 25.76 -38.14
C THR G 120 -51.18 25.26 -38.35
N SER G 121 -51.32 23.99 -38.70
CA SER G 121 -52.61 23.45 -39.11
C SER G 121 -53.31 22.62 -38.04
N SER G 122 -52.71 22.47 -36.87
CA SER G 122 -53.26 21.57 -35.86
C SER G 122 -54.10 22.28 -34.79
N TRP G 123 -53.77 23.53 -34.50
CA TRP G 123 -54.44 24.25 -33.42
C TRP G 123 -55.06 25.57 -33.88
N PRO G 124 -56.18 25.48 -34.61
CA PRO G 124 -56.89 26.64 -35.15
C PRO G 124 -57.80 27.30 -34.10
N ASN G 125 -57.95 26.66 -32.96
CA ASN G 125 -58.86 27.15 -31.93
C ASN G 125 -58.15 27.55 -30.65
N HIS G 126 -56.82 27.65 -30.75
CA HIS G 126 -55.95 28.13 -29.67
C HIS G 126 -54.71 28.90 -30.12
N ASP G 127 -54.09 29.57 -29.17
CA ASP G 127 -52.95 30.40 -29.49
C ASP G 127 -51.65 29.69 -29.20
N SER G 128 -51.00 29.32 -30.27
CA SER G 128 -49.77 28.55 -30.24
C SER G 128 -48.56 29.46 -30.40
N ASN G 129 -48.66 30.67 -29.90
CA ASN G 129 -47.59 31.66 -30.07
C ASN G 129 -47.24 32.41 -28.79
N LYS G 130 -48.17 32.42 -27.84
CA LYS G 130 -47.95 33.09 -26.57
C LYS G 130 -47.25 32.16 -25.57
N GLY G 131 -47.10 30.90 -25.96
CA GLY G 131 -46.57 29.88 -25.06
C GLY G 131 -45.07 29.89 -24.87
N VAL G 132 -44.54 30.97 -24.32
CA VAL G 132 -43.11 31.04 -24.02
C VAL G 132 -42.91 31.43 -22.57
N THR G 133 -41.66 31.42 -22.12
CA THR G 133 -41.34 31.69 -20.72
C THR G 133 -39.91 32.18 -20.55
N ALA G 134 -39.69 32.99 -19.52
CA ALA G 134 -38.36 33.51 -19.21
C ALA G 134 -37.49 32.41 -18.66
N ALA G 135 -38.12 31.29 -18.29
CA ALA G 135 -37.39 30.14 -17.78
C ALA G 135 -36.64 29.42 -18.90
N CYS G 136 -37.15 29.53 -20.12
CA CYS G 136 -36.52 28.90 -21.27
C CYS G 136 -36.00 29.94 -22.24
N PRO G 137 -34.92 30.64 -21.86
CA PRO G 137 -34.39 31.78 -22.63
C PRO G 137 -33.61 31.34 -23.87
N HIS G 138 -33.88 32.01 -24.99
CA HIS G 138 -33.05 31.84 -26.18
C HIS G 138 -32.62 33.22 -26.66
N ALA G 139 -31.42 33.61 -26.27
CA ALA G 139 -30.88 34.94 -26.55
C ALA G 139 -31.61 36.01 -25.73
N GLY G 140 -31.62 35.83 -24.41
CA GLY G 140 -32.19 36.79 -23.50
C GLY G 140 -33.70 36.93 -23.60
N ALA G 141 -34.23 36.58 -24.77
CA ALA G 141 -35.67 36.69 -25.01
C ALA G 141 -36.36 35.36 -24.75
N LYS G 142 -37.62 35.43 -24.32
CA LYS G 142 -38.36 34.25 -23.89
C LYS G 142 -38.61 33.23 -25.00
N SER G 143 -38.40 31.96 -24.68
CA SER G 143 -38.63 30.87 -25.62
C SER G 143 -39.25 29.66 -24.91
N PHE G 144 -39.14 28.50 -25.53
CA PHE G 144 -39.75 27.29 -24.99
C PHE G 144 -39.14 26.07 -25.68
N TYR G 145 -39.60 24.89 -25.31
CA TYR G 145 -39.13 23.66 -25.92
C TYR G 145 -39.50 23.61 -27.39
N LYS G 146 -38.58 23.12 -28.22
CA LYS G 146 -38.82 23.02 -29.66
C LYS G 146 -39.84 21.94 -29.99
N ASN G 147 -39.83 20.87 -29.21
CA ASN G 147 -40.64 19.69 -29.50
C ASN G 147 -41.99 19.69 -28.78
N LEU G 148 -42.23 20.74 -28.00
CA LEU G 148 -43.52 20.91 -27.33
C LEU G 148 -44.13 22.29 -27.63
N ILE G 149 -45.45 22.37 -27.61
CA ILE G 149 -46.13 23.65 -27.77
C ILE G 149 -47.04 23.94 -26.58
N TRP G 150 -46.89 25.13 -25.99
CA TRP G 150 -47.66 25.50 -24.82
C TRP G 150 -48.96 26.22 -25.24
N LEU G 151 -49.97 25.46 -25.54
CA LEU G 151 -51.20 26.05 -26.01
C LEU G 151 -51.90 26.80 -24.91
N VAL G 152 -52.26 28.03 -25.21
CA VAL G 152 -53.05 28.88 -24.33
C VAL G 152 -54.37 29.26 -25.01
N LYS G 153 -55.25 29.91 -24.25
CA LYS G 153 -56.55 30.32 -24.78
C LYS G 153 -56.39 31.40 -25.84
N LYS G 154 -57.29 31.37 -26.82
CA LYS G 154 -57.32 32.38 -27.86
C LYS G 154 -58.31 33.43 -27.45
N GLY G 155 -57.80 34.46 -26.81
CA GLY G 155 -58.65 35.54 -26.37
C GLY G 155 -59.98 35.27 -25.69
N ASN G 156 -59.91 34.72 -24.48
CA ASN G 156 -61.09 34.55 -23.63
C ASN G 156 -61.81 33.25 -23.98
N SER G 157 -61.17 32.37 -24.73
CA SER G 157 -61.81 31.12 -25.10
C SER G 157 -60.84 29.95 -25.26
N TYR G 158 -61.02 28.94 -24.43
CA TYR G 158 -60.27 27.69 -24.55
C TYR G 158 -61.24 26.54 -24.76
N PRO G 159 -61.57 26.26 -26.02
CA PRO G 159 -62.53 25.20 -26.38
C PRO G 159 -61.90 23.84 -26.15
N LYS G 160 -62.71 22.84 -25.79
CA LYS G 160 -62.19 21.48 -25.67
C LYS G 160 -61.44 21.11 -26.94
N LEU G 161 -60.15 20.79 -26.82
CA LEU G 161 -59.39 20.33 -27.97
C LEU G 161 -59.36 18.81 -27.99
N SER G 162 -59.21 18.25 -29.18
CA SER G 162 -59.24 16.79 -29.33
C SER G 162 -58.52 16.35 -30.59
N LYS G 163 -57.21 16.17 -30.47
CA LYS G 163 -56.38 15.70 -31.57
C LYS G 163 -55.98 14.25 -31.35
N SER G 164 -55.53 13.58 -32.40
CA SER G 164 -55.07 12.21 -32.28
C SER G 164 -54.17 11.82 -33.45
N TYR G 165 -53.08 11.12 -33.15
CA TYR G 165 -52.16 10.67 -34.17
C TYR G 165 -52.17 9.14 -34.27
N ILE G 166 -52.22 8.63 -35.50
CA ILE G 166 -52.15 7.20 -35.71
C ILE G 166 -50.79 6.82 -36.30
N ASN G 167 -50.10 5.93 -35.59
CA ASN G 167 -48.74 5.54 -35.97
C ASN G 167 -48.69 4.77 -37.28
N ASP G 168 -48.35 5.48 -38.36
CA ASP G 168 -48.21 4.85 -39.65
C ASP G 168 -46.74 4.56 -39.98
N LYS G 169 -45.86 4.88 -39.03
CA LYS G 169 -44.45 4.51 -39.14
C LYS G 169 -44.34 3.00 -38.95
N GLY G 170 -43.24 2.42 -39.41
CA GLY G 170 -43.04 0.99 -39.29
C GLY G 170 -42.28 0.62 -38.04
N LYS G 171 -42.52 1.38 -36.97
CA LYS G 171 -41.77 1.26 -35.74
C LYS G 171 -42.48 2.01 -34.62
N GLU G 172 -41.95 1.89 -33.40
CA GLU G 172 -42.52 2.62 -32.28
C GLU G 172 -42.35 4.12 -32.44
N VAL G 173 -43.27 4.87 -31.86
CA VAL G 173 -43.19 6.33 -31.87
C VAL G 173 -43.21 6.88 -30.45
N LEU G 174 -42.09 7.47 -30.04
CA LEU G 174 -42.00 8.11 -28.73
C LEU G 174 -42.73 9.44 -28.80
N VAL G 175 -43.74 9.60 -27.95
CA VAL G 175 -44.51 10.84 -27.90
C VAL G 175 -44.38 11.48 -26.53
N LEU G 176 -43.96 12.73 -26.49
CA LEU G 176 -43.84 13.45 -25.24
C LEU G 176 -44.84 14.60 -25.15
N TRP G 177 -45.38 14.81 -23.96
CA TRP G 177 -46.28 15.93 -23.72
C TRP G 177 -46.07 16.48 -22.31
N GLY G 178 -46.87 17.46 -21.94
CA GLY G 178 -46.71 18.11 -20.65
C GLY G 178 -48.02 18.61 -20.06
N ILE G 179 -48.09 18.62 -18.73
CA ILE G 179 -49.23 19.14 -18.01
C ILE G 179 -48.78 20.32 -17.16
N HIS G 180 -49.37 21.48 -17.40
CA HIS G 180 -48.96 22.69 -16.68
C HIS G 180 -49.85 22.96 -15.47
N HIS G 181 -49.21 23.24 -14.35
CA HIS G 181 -49.92 23.53 -13.11
C HIS G 181 -49.62 24.96 -12.69
N PRO G 182 -50.56 25.88 -12.98
CA PRO G 182 -50.41 27.29 -12.63
C PRO G 182 -50.31 27.51 -11.12
N SER G 183 -49.71 28.63 -10.72
CA SER G 183 -49.48 28.91 -9.30
C SER G 183 -50.71 29.44 -8.60
N THR G 184 -51.52 30.20 -9.32
CA THR G 184 -52.71 30.81 -8.75
C THR G 184 -53.92 30.66 -9.69
N SER G 185 -55.12 30.61 -9.11
CA SER G 185 -56.33 30.47 -9.90
C SER G 185 -56.54 31.66 -10.84
N ALA G 186 -55.84 32.75 -10.57
CA ALA G 186 -55.87 33.93 -11.44
C ALA G 186 -55.11 33.65 -12.74
N ASP G 187 -53.96 33.01 -12.61
CA ASP G 187 -53.16 32.63 -13.77
C ASP G 187 -53.83 31.49 -14.52
N GLN G 188 -54.58 30.67 -13.80
CA GLN G 188 -55.33 29.56 -14.40
C GLN G 188 -56.24 30.07 -15.51
N GLN G 189 -57.13 30.99 -15.17
CA GLN G 189 -58.08 31.53 -16.16
C GLN G 189 -57.38 32.46 -17.14
N SER G 190 -56.35 33.15 -16.66
CA SER G 190 -55.58 34.05 -17.51
C SER G 190 -54.90 33.28 -18.63
N LEU G 191 -54.68 31.98 -18.41
CA LEU G 191 -54.04 31.12 -19.41
C LEU G 191 -55.07 30.27 -20.15
N TYR G 192 -55.97 29.65 -19.40
CA TYR G 192 -57.00 28.79 -19.98
C TYR G 192 -58.15 29.38 -19.18
N GLN G 193 -59.11 29.99 -19.87
CA GLN G 193 -60.27 30.64 -19.25
C GLN G 193 -61.02 29.84 -18.17
N ASN G 194 -61.23 28.55 -18.44
CA ASN G 194 -61.97 27.68 -17.54
C ASN G 194 -61.17 27.47 -16.26
N ALA G 195 -61.88 27.46 -15.12
CA ALA G 195 -61.23 27.33 -13.83
C ALA G 195 -61.08 25.86 -13.41
N ASP G 196 -61.94 25.01 -13.95
CA ASP G 196 -61.85 23.57 -13.67
C ASP G 196 -61.60 22.79 -14.96
N THR G 197 -60.34 22.48 -15.22
CA THR G 197 -59.95 21.82 -16.45
C THR G 197 -59.51 20.38 -16.22
N TYR G 198 -59.29 19.67 -17.31
CA TYR G 198 -58.79 18.30 -17.26
C TYR G 198 -58.09 17.97 -18.57
N VAL G 199 -57.08 17.11 -18.50
CA VAL G 199 -56.39 16.63 -19.69
C VAL G 199 -56.46 15.12 -19.72
N PHE G 200 -56.67 14.56 -20.91
CA PHE G 200 -56.70 13.11 -21.05
C PHE G 200 -55.85 12.62 -22.22
N VAL G 201 -54.91 11.73 -21.94
CA VAL G 201 -54.12 11.09 -22.98
C VAL G 201 -54.44 9.60 -22.99
N GLY G 202 -54.68 9.04 -24.17
CA GLY G 202 -55.03 7.64 -24.27
C GLY G 202 -54.62 6.97 -25.57
N SER G 203 -54.18 5.73 -25.46
CA SER G 203 -53.87 4.91 -26.63
C SER G 203 -54.45 3.52 -26.40
N SER G 204 -53.89 2.52 -27.08
CA SER G 204 -54.36 1.15 -26.89
C SER G 204 -53.92 0.59 -25.54
N ARG G 205 -52.80 1.10 -25.03
CA ARG G 205 -52.27 0.64 -23.75
C ARG G 205 -51.64 1.87 -23.08
N TYR G 206 -52.46 2.87 -22.77
CA TYR G 206 -51.96 4.09 -22.18
C TYR G 206 -53.35 4.73 -21.99
N SER G 207 -53.59 5.27 -20.80
CA SER G 207 -54.84 5.92 -20.48
C SER G 207 -54.54 6.61 -19.15
N LYS G 208 -54.85 7.90 -19.05
CA LYS G 208 -54.56 8.66 -17.85
C LYS G 208 -55.25 10.02 -17.93
N LYS G 209 -55.96 10.38 -16.88
CA LYS G 209 -56.65 11.67 -16.81
C LYS G 209 -56.00 12.58 -15.79
N PHE G 210 -55.47 13.70 -16.26
CA PHE G 210 -54.72 14.61 -15.40
C PHE G 210 -55.58 15.77 -14.92
N LYS G 211 -55.45 16.08 -13.63
CA LYS G 211 -56.13 17.23 -13.04
C LYS G 211 -55.11 18.22 -12.51
N PRO G 212 -55.11 19.44 -13.06
CA PRO G 212 -54.17 20.49 -12.65
C PRO G 212 -54.19 20.73 -11.15
N GLU G 213 -53.01 20.83 -10.56
CA GLU G 213 -52.89 21.07 -9.13
C GLU G 213 -52.37 22.49 -8.89
N ILE G 214 -53.30 23.42 -8.72
CA ILE G 214 -52.97 24.83 -8.60
C ILE G 214 -52.54 25.20 -7.19
N ALA G 215 -51.32 25.71 -7.06
CA ALA G 215 -50.80 26.13 -5.77
C ALA G 215 -49.46 26.84 -5.93
N ILE G 216 -49.02 27.54 -4.88
CA ILE G 216 -47.76 28.27 -4.90
C ILE G 216 -46.60 27.40 -4.47
N ARG G 217 -45.75 27.03 -5.44
CA ARG G 217 -44.52 26.32 -5.12
C ARG G 217 -43.39 27.31 -4.94
N PRO G 218 -42.36 26.93 -4.16
CA PRO G 218 -41.19 27.79 -4.01
C PRO G 218 -40.60 28.08 -5.38
N LYS G 219 -40.03 29.27 -5.55
CA LYS G 219 -39.51 29.68 -6.86
C LYS G 219 -38.34 28.83 -7.32
N VAL G 220 -38.48 28.27 -8.52
CA VAL G 220 -37.37 27.59 -9.19
C VAL G 220 -37.24 28.19 -10.59
N ARG G 221 -36.14 28.85 -10.87
CA ARG G 221 -36.01 29.45 -12.16
C ARG G 221 -37.08 30.50 -12.28
N ASP G 222 -37.42 31.15 -11.17
CA ASP G 222 -38.40 32.24 -11.14
C ASP G 222 -39.83 31.80 -11.46
N GLN G 223 -40.12 30.51 -11.25
CA GLN G 223 -41.47 30.00 -11.47
C GLN G 223 -42.07 29.48 -10.17
N GLU G 224 -43.25 29.99 -9.82
CA GLU G 224 -43.98 29.48 -8.67
C GLU G 224 -44.90 28.36 -9.12
N GLY G 225 -44.98 28.18 -10.43
CA GLY G 225 -45.80 27.13 -11.02
C GLY G 225 -44.95 25.95 -11.40
N ARG G 226 -45.59 24.88 -11.85
CA ARG G 226 -44.86 23.67 -12.22
C ARG G 226 -45.36 23.10 -13.53
N MET G 227 -44.53 22.27 -14.17
CA MET G 227 -44.88 21.63 -15.42
C MET G 227 -44.33 20.20 -15.45
N ASN G 228 -45.22 19.22 -15.37
CA ASN G 228 -44.82 17.82 -15.38
C ASN G 228 -44.76 17.25 -16.78
N TYR G 229 -43.74 16.43 -17.04
CA TYR G 229 -43.52 15.90 -18.37
C TYR G 229 -43.85 14.40 -18.41
N TYR G 230 -44.50 13.98 -19.49
CA TYR G 230 -44.92 12.60 -19.65
C TYR G 230 -44.53 12.09 -21.03
N TRP G 231 -44.39 10.78 -21.15
CA TRP G 231 -44.02 10.18 -22.42
C TRP G 231 -44.62 8.79 -22.56
N THR G 232 -44.71 8.31 -23.80
CA THR G 232 -45.21 6.96 -24.05
C THR G 232 -44.76 6.47 -25.41
N LEU G 233 -44.79 5.15 -25.58
CA LEU G 233 -44.45 4.55 -26.86
C LEU G 233 -45.71 4.04 -27.53
N VAL G 234 -45.96 4.48 -28.76
CA VAL G 234 -47.12 3.97 -29.48
C VAL G 234 -46.74 2.94 -30.54
N GLU G 235 -47.36 1.77 -30.43
CA GLU G 235 -47.10 0.67 -31.34
C GLU G 235 -47.42 1.08 -32.77
N PRO G 236 -46.83 0.39 -33.76
CA PRO G 236 -47.20 0.62 -35.15
C PRO G 236 -48.66 0.25 -35.38
N GLY G 237 -49.40 1.09 -36.09
CA GLY G 237 -50.80 0.81 -36.37
C GLY G 237 -51.72 1.32 -35.27
N ASP G 238 -51.17 1.55 -34.09
CA ASP G 238 -51.93 2.07 -32.96
C ASP G 238 -52.03 3.59 -33.06
N LYS G 239 -53.03 4.17 -32.40
CA LYS G 239 -53.17 5.62 -32.36
C LYS G 239 -53.21 6.14 -30.93
N ILE G 240 -52.84 7.40 -30.75
CA ILE G 240 -52.87 8.05 -29.45
C ILE G 240 -53.73 9.30 -29.53
N THR G 241 -54.63 9.47 -28.55
CA THR G 241 -55.57 10.58 -28.57
C THR G 241 -55.33 11.57 -27.44
N PHE G 242 -55.20 12.85 -27.81
CA PHE G 242 -55.12 13.93 -26.85
C PHE G 242 -56.45 14.67 -26.75
N GLU G 243 -56.84 14.99 -25.53
CA GLU G 243 -58.10 15.69 -25.27
C GLU G 243 -57.91 16.54 -24.02
N ALA G 244 -58.25 17.81 -24.10
CA ALA G 244 -58.01 18.71 -22.97
C ALA G 244 -58.86 19.98 -23.03
N THR G 245 -59.19 20.50 -21.86
CA THR G 245 -59.90 21.76 -21.75
C THR G 245 -58.98 22.80 -21.10
N GLY G 246 -57.68 22.59 -21.23
CA GLY G 246 -56.69 23.51 -20.70
C GLY G 246 -55.51 22.80 -20.07
N ASN G 247 -54.42 23.54 -19.87
CA ASN G 247 -53.25 23.05 -19.15
C ASN G 247 -52.38 22.05 -19.91
N LEU G 248 -52.75 21.75 -21.16
CA LEU G 248 -52.02 20.76 -21.95
C LEU G 248 -50.91 21.35 -22.82
N VAL G 249 -49.67 20.95 -22.54
CA VAL G 249 -48.55 21.25 -23.41
C VAL G 249 -48.45 20.14 -24.45
N VAL G 250 -48.89 20.43 -25.67
CA VAL G 250 -49.05 19.40 -26.70
C VAL G 250 -47.75 19.04 -27.40
N PRO G 251 -47.71 17.83 -27.99
CA PRO G 251 -46.59 17.39 -28.82
C PRO G 251 -46.53 18.16 -30.13
N ARG G 252 -45.32 18.55 -30.53
CA ARG G 252 -45.11 19.20 -31.82
C ARG G 252 -44.27 18.27 -32.67
N TYR G 253 -43.22 17.72 -32.08
CA TYR G 253 -42.37 16.74 -32.74
C TYR G 253 -42.36 15.42 -31.98
N ALA G 254 -42.51 14.32 -32.70
CA ALA G 254 -42.42 12.99 -32.13
C ALA G 254 -41.16 12.32 -32.66
N PHE G 255 -41.00 11.04 -32.37
CA PHE G 255 -39.81 10.33 -32.82
C PHE G 255 -40.12 8.90 -33.27
N ALA G 256 -39.94 8.64 -34.56
CA ALA G 256 -39.98 7.28 -35.09
C ALA G 256 -38.70 6.59 -34.66
N MET G 257 -38.82 5.48 -33.96
CA MET G 257 -37.70 4.93 -33.21
C MET G 257 -37.74 3.40 -33.13
N GLU G 258 -36.57 2.79 -33.28
CA GLU G 258 -36.44 1.34 -33.11
C GLU G 258 -35.24 1.06 -32.19
N ARG G 259 -35.52 0.41 -31.07
CA ARG G 259 -34.53 0.29 -30.00
C ARG G 259 -33.95 -1.11 -29.84
N ASN G 260 -32.64 -1.22 -30.04
CA ASN G 260 -31.92 -2.45 -29.74
C ASN G 260 -31.44 -2.46 -28.30
N ALA G 261 -32.31 -2.93 -27.42
CA ALA G 261 -32.06 -2.80 -26.01
C ALA G 261 -30.71 -3.35 -25.73
N GLY G 262 -30.16 -2.94 -24.60
CA GLY G 262 -28.91 -3.50 -24.14
C GLY G 262 -27.72 -2.58 -24.10
N SER G 263 -27.94 -1.28 -23.90
CA SER G 263 -26.82 -0.37 -23.75
C SER G 263 -26.92 0.41 -22.47
N GLY G 264 -26.28 1.57 -22.43
CA GLY G 264 -26.29 2.37 -21.24
C GLY G 264 -25.77 3.76 -21.47
N ILE G 265 -25.55 4.50 -20.39
CA ILE G 265 -25.27 5.92 -20.50
C ILE G 265 -24.00 6.26 -19.72
N ILE G 266 -23.09 6.99 -20.37
CA ILE G 266 -21.82 7.33 -19.75
C ILE G 266 -21.76 8.82 -19.42
N ILE G 267 -21.50 9.14 -18.17
CA ILE G 267 -21.34 10.53 -17.75
C ILE G 267 -19.87 10.85 -17.53
N SER G 268 -19.22 11.37 -18.58
CA SER G 268 -17.78 11.60 -18.54
C SER G 268 -17.33 12.80 -19.36
N ASP G 269 -16.21 13.39 -18.97
CA ASP G 269 -15.61 14.50 -19.70
C ASP G 269 -14.78 13.99 -20.86
N THR G 270 -14.45 12.71 -20.82
CA THR G 270 -13.58 12.10 -21.83
C THR G 270 -14.04 12.40 -23.25
N PRO G 271 -13.14 12.96 -24.07
CA PRO G 271 -13.42 13.35 -25.45
C PRO G 271 -13.87 12.16 -26.31
N VAL G 272 -14.83 12.40 -27.19
CA VAL G 272 -15.31 11.37 -28.11
C VAL G 272 -14.51 11.44 -29.42
N HIS G 273 -13.93 10.31 -29.81
CA HIS G 273 -13.09 10.24 -31.00
C HIS G 273 -13.62 9.24 -32.03
N ASP G 274 -12.98 9.21 -33.19
CA ASP G 274 -13.32 8.26 -34.23
C ASP G 274 -12.44 7.01 -34.11
N CYS G 275 -12.85 6.08 -33.27
CA CYS G 275 -12.10 4.84 -33.09
C CYS G 275 -13.04 3.68 -32.77
N ASN G 276 -12.61 2.48 -33.12
CA ASN G 276 -13.38 1.27 -32.81
C ASN G 276 -12.94 0.69 -31.47
N THR G 277 -13.92 0.22 -30.71
CA THR G 277 -13.62 -0.47 -29.46
C THR G 277 -14.69 -1.51 -29.16
N THR G 278 -14.31 -2.56 -28.47
CA THR G 278 -15.24 -3.62 -28.13
C THR G 278 -15.71 -3.47 -26.68
N CYS G 279 -15.03 -2.59 -25.95
CA CYS G 279 -15.32 -2.36 -24.54
C CYS G 279 -15.08 -0.91 -24.18
N GLN G 280 -16.07 -0.28 -23.56
CA GLN G 280 -15.98 1.14 -23.23
C GLN G 280 -16.20 1.41 -21.74
N THR G 281 -15.39 2.32 -21.19
CA THR G 281 -15.54 2.77 -19.81
C THR G 281 -15.51 4.29 -19.79
N PRO G 282 -16.02 4.90 -18.71
CA PRO G 282 -16.04 6.36 -18.59
C PRO G 282 -14.66 7.00 -18.76
N LYS G 283 -13.63 6.25 -18.38
CA LYS G 283 -12.28 6.73 -18.40
C LYS G 283 -11.69 6.68 -19.78
N GLY G 284 -12.14 5.73 -20.57
CA GLY G 284 -11.65 5.50 -21.91
C GLY G 284 -11.96 4.09 -22.40
N ALA G 285 -11.54 3.77 -23.62
CA ALA G 285 -11.80 2.46 -24.21
C ALA G 285 -10.74 1.43 -23.81
N ILE G 286 -11.09 0.17 -23.96
CA ILE G 286 -10.17 -0.92 -23.65
C ILE G 286 -10.00 -1.87 -24.83
N ASN G 287 -8.79 -1.88 -25.39
CA ASN G 287 -8.44 -2.80 -26.46
C ASN G 287 -7.58 -3.93 -25.92
N THR G 288 -8.21 -4.99 -25.45
CA THR G 288 -7.48 -6.09 -24.83
C THR G 288 -8.12 -7.46 -25.06
N SER G 289 -7.31 -8.51 -24.87
CA SER G 289 -7.79 -9.88 -24.97
C SER G 289 -7.71 -10.53 -23.59
N LEU G 290 -7.07 -9.83 -22.66
CA LEU G 290 -6.90 -10.33 -21.31
C LEU G 290 -8.24 -10.56 -20.61
N PRO G 291 -8.28 -11.50 -19.68
CA PRO G 291 -9.52 -11.89 -18.98
C PRO G 291 -9.93 -10.87 -17.93
N PHE G 292 -9.00 -10.07 -17.45
CA PHE G 292 -9.28 -9.15 -16.34
C PHE G 292 -8.79 -7.74 -16.61
N GLN G 293 -9.43 -6.78 -15.95
CA GLN G 293 -9.04 -5.37 -16.04
C GLN G 293 -9.33 -4.66 -14.73
N ASN G 294 -8.54 -3.64 -14.43
CA ASN G 294 -8.74 -2.86 -13.21
C ASN G 294 -8.91 -1.37 -13.47
N ILE G 295 -9.43 -1.05 -14.65
CA ILE G 295 -9.61 0.33 -15.06
C ILE G 295 -10.88 0.97 -14.49
N HIS G 296 -12.01 0.28 -14.65
CA HIS G 296 -13.28 0.81 -14.21
C HIS G 296 -14.35 -0.28 -14.12
N PRO G 297 -15.14 -0.25 -13.03
CA PRO G 297 -16.21 -1.23 -12.79
C PRO G 297 -17.36 -1.04 -13.77
N ILE G 298 -17.68 0.21 -14.09
CA ILE G 298 -18.75 0.51 -15.04
C ILE G 298 -18.25 0.37 -16.46
N THR G 299 -18.78 -0.62 -17.16
CA THR G 299 -18.27 -0.98 -18.47
C THR G 299 -19.43 -1.16 -19.44
N ILE G 300 -19.18 -0.97 -20.74
CA ILE G 300 -20.18 -1.21 -21.76
C ILE G 300 -19.60 -1.99 -22.93
N GLY G 301 -20.27 -3.09 -23.29
CA GLY G 301 -19.80 -3.95 -24.36
C GLY G 301 -19.39 -5.32 -23.85
N LYS G 302 -18.55 -6.00 -24.62
CA LYS G 302 -18.02 -7.29 -24.20
C LYS G 302 -16.66 -7.08 -23.57
N CYS G 303 -16.64 -6.95 -22.24
CA CYS G 303 -15.46 -6.50 -21.53
C CYS G 303 -14.85 -7.56 -20.61
N PRO G 304 -13.58 -7.35 -20.23
CA PRO G 304 -12.92 -8.18 -19.21
C PRO G 304 -13.59 -7.94 -17.86
N LYS G 305 -13.60 -8.96 -17.00
CA LYS G 305 -14.16 -8.81 -15.66
C LYS G 305 -13.37 -7.80 -14.85
N TYR G 306 -14.07 -6.92 -14.12
CA TYR G 306 -13.40 -5.93 -13.30
C TYR G 306 -12.82 -6.58 -12.06
N VAL G 307 -11.57 -6.27 -11.76
CA VAL G 307 -10.87 -6.88 -10.63
C VAL G 307 -10.14 -5.79 -9.83
N LYS G 308 -10.04 -6.00 -8.53
CA LYS G 308 -9.35 -5.05 -7.64
C LYS G 308 -7.82 -5.17 -7.71
N SER G 309 -7.33 -6.26 -8.27
CA SER G 309 -5.90 -6.55 -8.29
C SER G 309 -5.09 -5.41 -8.91
N THR G 310 -3.88 -5.23 -8.40
CA THR G 310 -2.96 -4.22 -8.91
C THR G 310 -2.02 -4.83 -9.94
N LYS G 311 -1.75 -6.12 -9.80
CA LYS G 311 -0.93 -6.84 -10.77
C LYS G 311 -1.31 -8.32 -10.82
N LEU G 312 -1.48 -8.84 -12.03
CA LEU G 312 -1.73 -10.27 -12.24
C LEU G 312 -0.71 -10.83 -13.21
N ARG G 313 0.53 -10.98 -12.75
CA ARG G 313 1.63 -11.48 -13.56
C ARG G 313 1.68 -12.97 -13.55
N LEU G 314 1.56 -13.56 -14.73
CA LEU G 314 1.55 -15.01 -14.87
C LEU G 314 2.89 -15.51 -15.42
N ALA G 315 3.60 -16.30 -14.62
CA ALA G 315 4.91 -16.80 -15.00
C ALA G 315 4.83 -17.79 -16.16
N THR G 316 5.74 -17.67 -17.11
CA THR G 316 5.80 -18.59 -18.24
C THR G 316 7.15 -19.33 -18.29
N GLY G 317 8.22 -18.61 -17.94
CA GLY G 317 9.54 -19.19 -17.90
C GLY G 317 9.82 -19.86 -16.57
N LEU G 318 11.10 -19.95 -16.21
CA LEU G 318 11.50 -20.60 -14.97
C LEU G 318 12.30 -19.65 -14.07
N ARG G 319 12.64 -20.11 -12.88
CA ARG G 319 13.41 -19.30 -11.95
C ARG G 319 14.65 -18.72 -12.61
N ASN G 320 14.99 -17.49 -12.26
CA ASN G 320 16.13 -16.82 -12.85
C ASN G 320 17.28 -16.69 -11.86
N ILE G 321 18.51 -16.89 -12.33
CA ILE G 321 19.68 -16.79 -11.47
C ILE G 321 20.87 -16.16 -12.20
N GLY H 1 11.21 -25.76 -6.73
CA GLY H 1 11.87 -26.89 -6.11
C GLY H 1 10.90 -27.98 -5.71
N LEU H 2 10.30 -28.63 -6.70
CA LEU H 2 9.38 -29.73 -6.46
C LEU H 2 9.96 -31.03 -7.01
N PHE H 3 10.88 -30.90 -7.96
CA PHE H 3 11.53 -32.06 -8.55
C PHE H 3 13.03 -32.09 -8.22
N GLY H 4 13.47 -31.12 -7.43
CA GLY H 4 14.83 -31.09 -6.94
C GLY H 4 15.88 -30.63 -7.93
N ALA H 5 15.49 -30.44 -9.18
CA ALA H 5 16.42 -30.02 -10.23
C ALA H 5 16.80 -28.54 -10.19
N ILE H 6 15.89 -27.69 -10.66
CA ILE H 6 16.13 -26.24 -10.68
C ILE H 6 16.22 -25.72 -9.26
N ALA H 7 17.24 -24.89 -9.02
CA ALA H 7 17.51 -24.35 -7.69
C ALA H 7 17.62 -25.46 -6.65
N GLY H 8 17.90 -26.68 -7.13
CA GLY H 8 18.05 -27.83 -6.27
C GLY H 8 19.47 -28.36 -6.33
N PHE H 9 19.65 -29.50 -6.98
CA PHE H 9 20.98 -30.06 -7.16
C PHE H 9 21.71 -29.39 -8.33
N ILE H 10 20.95 -28.60 -9.10
CA ILE H 10 21.54 -27.73 -10.10
C ILE H 10 21.29 -26.29 -9.69
N GLU H 11 22.20 -25.73 -8.89
CA GLU H 11 21.99 -24.44 -8.22
C GLU H 11 21.56 -23.30 -9.14
N GLY H 12 22.42 -22.91 -10.06
CA GLY H 12 22.15 -21.74 -10.89
C GLY H 12 21.78 -22.04 -12.33
N GLY H 13 21.60 -20.98 -13.11
CA GLY H 13 21.29 -21.10 -14.52
C GLY H 13 22.38 -20.50 -15.38
N TRP H 14 22.35 -20.78 -16.67
CA TRP H 14 23.41 -20.33 -17.56
C TRP H 14 23.02 -19.12 -18.39
N THR H 15 23.50 -17.96 -17.99
CA THR H 15 23.31 -16.75 -18.77
C THR H 15 23.87 -16.95 -20.18
N GLY H 16 24.79 -17.90 -20.30
CA GLY H 16 25.41 -18.20 -21.58
C GLY H 16 24.42 -18.75 -22.59
N MET H 17 23.71 -19.81 -22.22
CA MET H 17 22.73 -20.43 -23.10
C MET H 17 21.60 -19.47 -23.40
N VAL H 18 21.33 -19.25 -24.70
CA VAL H 18 20.32 -18.29 -25.12
C VAL H 18 19.46 -18.79 -26.27
N ASP H 19 19.47 -20.10 -26.48
CA ASP H 19 18.73 -20.70 -27.60
C ASP H 19 17.43 -21.32 -27.13
N GLY H 20 17.35 -21.62 -25.83
CA GLY H 20 16.17 -22.23 -25.26
C GLY H 20 16.19 -22.22 -23.74
N TRP H 21 15.22 -22.89 -23.13
CA TRP H 21 15.12 -22.91 -21.67
C TRP H 21 16.03 -23.96 -21.05
N TYR H 22 16.14 -25.12 -21.70
CA TYR H 22 16.99 -26.19 -21.20
C TYR H 22 18.01 -26.60 -22.26
N GLY H 23 19.23 -26.93 -21.81
CA GLY H 23 20.28 -27.34 -22.74
C GLY H 23 21.50 -27.95 -22.07
N TYR H 24 22.61 -27.93 -22.78
CA TYR H 24 23.85 -28.53 -22.28
C TYR H 24 25.04 -27.60 -22.41
N HIS H 25 26.12 -27.94 -21.70
CA HIS H 25 27.40 -27.27 -21.87
C HIS H 25 28.51 -28.30 -21.94
N HIS H 26 28.89 -28.69 -23.15
CA HIS H 26 29.92 -29.70 -23.36
C HIS H 26 31.32 -29.10 -23.20
N GLN H 27 32.27 -29.94 -22.84
CA GLN H 27 33.64 -29.51 -22.61
C GLN H 27 34.64 -30.59 -23.02
N ASN H 28 34.87 -30.73 -24.32
CA ASN H 28 35.86 -31.67 -24.82
C ASN H 28 37.09 -30.95 -25.38
N GLU H 29 37.89 -31.67 -26.15
CA GLU H 29 39.11 -31.10 -26.72
C GLU H 29 38.80 -30.10 -27.83
N GLN H 30 37.78 -30.39 -28.63
CA GLN H 30 37.38 -29.49 -29.71
C GLN H 30 36.96 -28.12 -29.20
N GLY H 31 36.48 -28.06 -27.95
CA GLY H 31 36.12 -26.79 -27.34
C GLY H 31 34.90 -26.85 -26.44
N SER H 32 34.60 -25.73 -25.81
CA SER H 32 33.44 -25.61 -24.92
C SER H 32 32.30 -24.90 -25.65
N GLY H 33 31.06 -25.21 -25.28
CA GLY H 33 29.92 -24.59 -25.92
C GLY H 33 28.58 -24.85 -25.25
N TYR H 34 27.74 -23.82 -25.20
CA TYR H 34 26.38 -23.95 -24.72
C TYR H 34 25.44 -24.27 -25.87
N ALA H 35 24.65 -25.33 -25.71
CA ALA H 35 23.70 -25.73 -26.74
C ALA H 35 22.37 -26.13 -26.14
N ALA H 36 21.34 -25.34 -26.41
CA ALA H 36 20.01 -25.61 -25.85
C ALA H 36 19.34 -26.79 -26.54
N ASP H 37 18.72 -27.65 -25.73
CA ASP H 37 17.98 -28.78 -26.27
C ASP H 37 16.77 -28.27 -27.06
N LEU H 38 16.85 -28.37 -28.39
CA LEU H 38 15.81 -27.87 -29.27
C LEU H 38 14.45 -28.52 -28.97
N LYS H 39 14.37 -29.83 -29.15
CA LYS H 39 13.11 -30.54 -28.98
C LYS H 39 12.41 -30.25 -27.66
N SER H 40 13.16 -30.34 -26.56
CA SER H 40 12.59 -30.13 -25.23
C SER H 40 12.09 -28.69 -25.06
N THR H 41 12.96 -27.72 -25.36
CA THR H 41 12.59 -26.31 -25.28
C THR H 41 11.36 -26.03 -26.15
N GLN H 42 11.36 -26.59 -27.36
CA GLN H 42 10.28 -26.36 -28.31
C GLN H 42 8.95 -26.92 -27.82
N ASN H 43 9.01 -28.01 -27.06
CA ASN H 43 7.79 -28.63 -26.56
C ASN H 43 7.20 -27.82 -25.41
N ALA H 44 8.06 -27.35 -24.52
CA ALA H 44 7.61 -26.54 -23.39
C ALA H 44 6.95 -25.25 -23.89
N ILE H 45 7.65 -24.56 -24.78
CA ILE H 45 7.11 -23.34 -25.37
C ILE H 45 5.73 -23.58 -25.97
N ASP H 46 5.53 -24.72 -26.61
CA ASP H 46 4.24 -25.06 -27.20
C ASP H 46 3.18 -25.31 -26.14
N GLU H 47 3.61 -25.82 -24.99
CA GLU H 47 2.71 -26.18 -23.91
C GLU H 47 2.36 -24.99 -23.06
N ILE H 48 3.36 -24.23 -22.68
CA ILE H 48 3.17 -23.03 -21.87
C ILE H 48 2.31 -22.02 -22.62
N THR H 49 2.59 -21.86 -23.92
CA THR H 49 1.77 -20.99 -24.75
C THR H 49 0.31 -21.41 -24.68
N ASN H 50 0.05 -22.70 -24.89
CA ASN H 50 -1.31 -23.21 -24.81
C ASN H 50 -1.94 -22.93 -23.44
N LYS H 51 -1.11 -22.94 -22.40
CA LYS H 51 -1.58 -22.65 -21.04
C LYS H 51 -2.12 -21.23 -20.94
N VAL H 52 -1.32 -20.27 -21.38
CA VAL H 52 -1.73 -18.87 -21.35
C VAL H 52 -2.94 -18.63 -22.24
N ASN H 53 -2.97 -19.28 -23.40
CA ASN H 53 -4.10 -19.15 -24.32
C ASN H 53 -5.34 -19.91 -23.85
N SER H 54 -5.23 -20.59 -22.71
CA SER H 54 -6.38 -21.24 -22.10
C SER H 54 -6.99 -20.33 -21.05
N VAL H 55 -6.16 -19.80 -20.17
CA VAL H 55 -6.59 -18.88 -19.13
C VAL H 55 -7.25 -17.65 -19.74
N ILE H 56 -6.78 -17.25 -20.91
CA ILE H 56 -7.32 -16.08 -21.60
C ILE H 56 -8.54 -16.43 -22.44
N GLU H 57 -8.37 -17.39 -23.34
CA GLU H 57 -9.38 -17.70 -24.33
C GLU H 57 -10.65 -18.34 -23.76
N LYS H 58 -10.57 -18.84 -22.54
CA LYS H 58 -11.75 -19.44 -21.90
C LYS H 58 -12.66 -18.38 -21.28
N MET H 59 -12.16 -17.14 -21.21
CA MET H 59 -12.94 -16.03 -20.68
C MET H 59 -13.76 -15.39 -21.79
N ASN H 60 -14.93 -15.96 -22.06
CA ASN H 60 -15.84 -15.41 -23.05
C ASN H 60 -17.01 -14.72 -22.35
N THR H 61 -17.10 -13.40 -22.49
CA THR H 61 -18.10 -12.63 -21.77
C THR H 61 -19.29 -12.25 -22.65
N GLN H 62 -20.34 -11.74 -22.00
CA GLN H 62 -21.56 -11.33 -22.69
C GLN H 62 -21.47 -9.85 -23.02
N PHE H 63 -22.37 -9.38 -23.89
CA PHE H 63 -22.48 -7.95 -24.14
C PHE H 63 -23.51 -7.35 -23.19
N THR H 64 -23.02 -6.78 -22.09
CA THR H 64 -23.91 -6.17 -21.12
C THR H 64 -23.40 -4.80 -20.69
N ALA H 65 -24.33 -3.95 -20.25
CA ALA H 65 -23.99 -2.63 -19.76
C ALA H 65 -24.20 -2.55 -18.25
N VAL H 66 -23.15 -2.81 -17.49
CA VAL H 66 -23.20 -2.64 -16.05
C VAL H 66 -23.61 -1.22 -15.74
N GLY H 67 -24.06 -0.97 -14.52
CA GLY H 67 -24.38 0.37 -14.11
C GLY H 67 -25.78 0.76 -14.53
N LYS H 68 -26.58 1.16 -13.55
CA LYS H 68 -27.97 1.52 -13.78
C LYS H 68 -28.29 2.81 -13.05
N GLU H 69 -29.41 3.43 -13.40
CA GLU H 69 -29.80 4.68 -12.77
C GLU H 69 -31.05 4.52 -11.89
N PHE H 70 -30.99 5.08 -10.68
CA PHE H 70 -32.12 5.03 -9.78
C PHE H 70 -32.36 6.39 -9.12
N ASN H 71 -33.62 6.73 -8.89
CA ASN H 71 -33.96 7.98 -8.23
C ASN H 71 -33.90 7.88 -6.71
N HIS H 72 -34.11 9.01 -6.03
CA HIS H 72 -33.97 9.07 -4.57
C HIS H 72 -34.95 8.17 -3.82
N LEU H 73 -35.91 7.60 -4.55
CA LEU H 73 -36.89 6.72 -3.95
C LEU H 73 -36.69 5.28 -4.40
N GLU H 74 -35.47 4.96 -4.83
CA GLU H 74 -35.11 3.61 -5.23
C GLU H 74 -33.75 3.23 -4.66
N LYS H 75 -33.46 3.73 -3.47
CA LYS H 75 -32.18 3.47 -2.81
C LYS H 75 -31.97 1.99 -2.52
N ARG H 76 -33.06 1.28 -2.27
CA ARG H 76 -32.97 -0.15 -1.98
C ARG H 76 -32.47 -0.96 -3.17
N ILE H 77 -33.16 -0.84 -4.31
CA ILE H 77 -32.75 -1.57 -5.50
C ILE H 77 -31.45 -0.99 -6.05
N GLU H 78 -31.11 0.22 -5.64
CA GLU H 78 -29.81 0.81 -5.98
C GLU H 78 -28.73 0.07 -5.22
N ASN H 79 -29.01 -0.24 -3.95
CA ASN H 79 -28.09 -1.00 -3.12
C ASN H 79 -28.07 -2.48 -3.51
N LEU H 80 -29.19 -2.99 -4.01
CA LEU H 80 -29.23 -4.35 -4.53
C LEU H 80 -28.27 -4.41 -5.71
N ASN H 81 -28.43 -3.48 -6.63
CA ASN H 81 -27.55 -3.41 -7.78
C ASN H 81 -26.09 -3.28 -7.38
N LYS H 82 -25.82 -2.49 -6.36
CA LYS H 82 -24.46 -2.33 -5.86
C LYS H 82 -23.95 -3.64 -5.28
N LYS H 83 -24.84 -4.38 -4.64
CA LYS H 83 -24.47 -5.68 -4.06
C LYS H 83 -24.08 -6.68 -5.15
N VAL H 84 -24.78 -6.64 -6.27
CA VAL H 84 -24.47 -7.51 -7.40
C VAL H 84 -23.11 -7.16 -8.00
N ASP H 85 -22.80 -5.87 -8.04
CA ASP H 85 -21.54 -5.42 -8.60
C ASP H 85 -20.37 -5.75 -7.67
N ASP H 86 -20.59 -5.63 -6.37
CA ASP H 86 -19.54 -5.92 -5.39
C ASP H 86 -19.36 -7.42 -5.20
N GLY H 87 -20.42 -8.19 -5.36
CA GLY H 87 -20.34 -9.64 -5.28
C GLY H 87 -19.50 -10.18 -6.41
N PHE H 88 -19.73 -9.69 -7.61
CA PHE H 88 -18.96 -10.09 -8.79
C PHE H 88 -17.53 -9.58 -8.70
N LEU H 89 -17.34 -8.50 -7.95
CA LEU H 89 -16.00 -7.92 -7.79
C LEU H 89 -15.14 -8.82 -6.93
N ASP H 90 -15.71 -9.29 -5.83
CA ASP H 90 -14.98 -10.13 -4.88
C ASP H 90 -14.73 -11.53 -5.44
N ILE H 91 -15.69 -12.04 -6.20
CA ILE H 91 -15.54 -13.36 -6.80
C ILE H 91 -14.43 -13.41 -7.85
N TRP H 92 -14.44 -12.45 -8.77
CA TRP H 92 -13.43 -12.42 -9.82
C TRP H 92 -12.05 -12.03 -9.30
N THR H 93 -11.99 -11.06 -8.40
CA THR H 93 -10.72 -10.66 -7.83
C THR H 93 -10.02 -11.83 -7.13
N TYR H 94 -10.78 -12.55 -6.30
CA TYR H 94 -10.24 -13.69 -5.56
C TYR H 94 -9.83 -14.83 -6.49
N ASN H 95 -10.73 -15.23 -7.37
CA ASN H 95 -10.46 -16.30 -8.33
C ASN H 95 -9.27 -15.99 -9.23
N ALA H 96 -9.16 -14.74 -9.69
CA ALA H 96 -8.04 -14.35 -10.54
C ALA H 96 -6.74 -14.32 -9.75
N GLU H 97 -6.80 -13.84 -8.51
CA GLU H 97 -5.62 -13.78 -7.66
C GLU H 97 -5.08 -15.18 -7.37
N LEU H 98 -5.98 -16.12 -7.07
CA LEU H 98 -5.59 -17.48 -6.76
C LEU H 98 -5.20 -18.28 -8.00
N LEU H 99 -5.92 -18.07 -9.09
CA LEU H 99 -5.61 -18.75 -10.35
C LEU H 99 -4.17 -18.50 -10.75
N VAL H 100 -3.70 -17.28 -10.52
CA VAL H 100 -2.32 -16.92 -10.86
C VAL H 100 -1.33 -17.55 -9.87
N LEU H 101 -1.64 -17.49 -8.59
CA LEU H 101 -0.77 -18.08 -7.57
C LEU H 101 -0.58 -19.57 -7.80
N LEU H 102 -1.65 -20.28 -8.14
CA LEU H 102 -1.56 -21.73 -8.36
C LEU H 102 -0.83 -22.05 -9.65
N GLU H 103 -1.22 -21.40 -10.74
CA GLU H 103 -0.65 -21.71 -12.04
C GLU H 103 0.78 -21.22 -12.20
N ASN H 104 1.21 -20.33 -11.31
CA ASN H 104 2.60 -19.94 -11.25
C ASN H 104 3.42 -21.03 -10.56
N GLU H 105 2.89 -21.51 -9.44
CA GLU H 105 3.53 -22.61 -8.74
C GLU H 105 3.70 -23.81 -9.66
N ARG H 106 2.64 -24.14 -10.39
CA ARG H 106 2.67 -25.27 -11.30
C ARG H 106 3.65 -25.07 -12.46
N THR H 107 3.65 -23.87 -13.02
CA THR H 107 4.51 -23.57 -14.16
C THR H 107 5.99 -23.73 -13.81
N LEU H 108 6.38 -23.23 -12.64
CA LEU H 108 7.76 -23.38 -12.19
C LEU H 108 8.11 -24.85 -11.95
N ASP H 109 7.15 -25.63 -11.47
CA ASP H 109 7.34 -27.06 -11.28
C ASP H 109 7.40 -27.78 -12.62
N TYR H 110 6.73 -27.22 -13.61
CA TYR H 110 6.75 -27.77 -14.97
C TYR H 110 8.16 -27.70 -15.52
N HIS H 111 8.81 -26.56 -15.35
CA HIS H 111 10.18 -26.37 -15.82
C HIS H 111 11.15 -27.23 -15.00
N ASP H 112 10.88 -27.37 -13.71
CA ASP H 112 11.71 -28.20 -12.86
C ASP H 112 11.65 -29.64 -13.35
N SER H 113 10.43 -30.10 -13.63
CA SER H 113 10.22 -31.44 -14.17
C SER H 113 10.97 -31.63 -15.47
N ASN H 114 10.84 -30.67 -16.38
CA ASN H 114 11.50 -30.77 -17.68
C ASN H 114 13.02 -30.87 -17.60
N VAL H 115 13.61 -30.16 -16.64
CA VAL H 115 15.06 -30.24 -16.43
C VAL H 115 15.46 -31.60 -15.86
N LYS H 116 14.88 -31.96 -14.72
CA LYS H 116 15.12 -33.27 -14.12
C LYS H 116 14.92 -34.38 -15.14
N ASN H 117 13.80 -34.34 -15.86
CA ASN H 117 13.52 -35.33 -16.89
C ASN H 117 14.62 -35.43 -17.93
N LEU H 118 15.27 -34.29 -18.20
CA LEU H 118 16.36 -34.24 -19.16
C LEU H 118 17.61 -34.88 -18.58
N TYR H 119 17.86 -34.61 -17.30
CA TYR H 119 18.99 -35.18 -16.58
C TYR H 119 18.92 -36.71 -16.59
N GLU H 120 17.75 -37.24 -16.29
CA GLU H 120 17.53 -38.68 -16.25
C GLU H 120 17.60 -39.32 -17.64
N LYS H 121 17.13 -38.59 -18.64
CA LYS H 121 17.04 -39.14 -20.00
C LYS H 121 18.42 -39.38 -20.60
N VAL H 122 19.41 -38.67 -20.08
CA VAL H 122 20.79 -38.80 -20.53
C VAL H 122 21.55 -39.75 -19.62
N ARG H 123 21.27 -39.63 -18.34
CA ARG H 123 21.87 -40.45 -17.33
C ARG H 123 21.76 -41.89 -17.75
N SER H 124 20.56 -42.30 -18.13
CA SER H 124 20.22 -43.70 -18.37
C SER H 124 20.63 -44.17 -19.77
N GLN H 125 21.25 -43.24 -20.49
CA GLN H 125 21.72 -43.47 -21.85
C GLN H 125 23.13 -43.96 -21.83
N LEU H 126 23.91 -43.34 -20.98
CA LEU H 126 25.31 -43.72 -20.74
C LEU H 126 25.53 -44.02 -19.27
N LYS H 127 25.21 -45.26 -18.88
CA LYS H 127 25.27 -45.67 -17.48
C LYS H 127 26.69 -45.69 -16.94
N ASN H 128 27.51 -46.60 -17.48
CA ASN H 128 28.87 -46.80 -16.99
C ASN H 128 29.89 -45.86 -17.63
N ASN H 129 29.65 -45.51 -18.89
CA ASN H 129 30.62 -44.75 -19.68
C ASN H 129 30.95 -43.37 -19.10
N ALA H 130 30.29 -43.02 -17.99
CA ALA H 130 30.54 -41.75 -17.32
C ALA H 130 30.05 -41.78 -15.88
N LYS H 131 30.52 -40.85 -15.06
CA LYS H 131 30.13 -40.81 -13.65
C LYS H 131 29.38 -39.53 -13.30
N GLU H 132 28.49 -39.63 -12.32
CA GLU H 132 27.73 -38.48 -11.85
C GLU H 132 28.53 -37.65 -10.85
N ILE H 133 28.86 -36.42 -11.22
CA ILE H 133 29.51 -35.51 -10.28
C ILE H 133 28.56 -35.19 -9.13
N GLY H 134 27.31 -34.89 -9.48
CA GLY H 134 26.30 -34.54 -8.49
C GLY H 134 25.78 -33.13 -8.71
N ASN H 135 26.40 -32.42 -9.64
CA ASN H 135 26.04 -31.05 -9.95
C ASN H 135 25.31 -30.96 -11.29
N GLY H 136 24.65 -32.04 -11.68
CA GLY H 136 23.99 -32.11 -12.95
C GLY H 136 24.98 -32.36 -14.06
N CYS H 137 26.26 -32.46 -13.69
CA CYS H 137 27.32 -32.66 -14.66
C CYS H 137 27.84 -34.09 -14.65
N PHE H 138 28.18 -34.60 -15.83
CA PHE H 138 28.78 -35.92 -15.97
C PHE H 138 30.23 -35.79 -16.42
N GLU H 139 31.08 -36.72 -15.99
CA GLU H 139 32.45 -36.78 -16.48
C GLU H 139 32.70 -38.07 -17.23
N PHE H 140 32.80 -37.99 -18.54
CA PHE H 140 33.02 -39.14 -19.40
C PHE H 140 34.26 -39.93 -19.01
N TYR H 141 34.21 -41.23 -19.23
CA TYR H 141 35.34 -42.11 -18.99
C TYR H 141 36.08 -42.41 -20.29
N HIS H 142 35.72 -41.70 -21.35
CA HIS H 142 36.36 -41.87 -22.65
C HIS H 142 36.24 -40.61 -23.50
N LYS H 143 37.09 -40.52 -24.52
CA LYS H 143 37.08 -39.35 -25.40
C LYS H 143 35.72 -39.16 -26.06
N CYS H 144 35.07 -38.04 -25.74
CA CYS H 144 33.80 -37.72 -26.37
C CYS H 144 33.92 -36.49 -27.27
N ASP H 145 34.02 -36.74 -28.57
CA ASP H 145 34.16 -35.67 -29.54
C ASP H 145 32.82 -35.03 -29.88
N ASN H 146 32.85 -34.04 -30.76
CA ASN H 146 31.64 -33.32 -31.14
C ASN H 146 30.53 -34.23 -31.66
N THR H 147 30.89 -35.25 -32.42
CA THR H 147 29.91 -36.18 -32.95
C THR H 147 29.58 -37.27 -31.94
N CYS H 148 30.29 -37.28 -30.82
CA CYS H 148 29.96 -38.15 -29.71
C CYS H 148 28.88 -37.49 -28.87
N MET H 149 29.10 -36.22 -28.54
CA MET H 149 28.11 -35.43 -27.82
C MET H 149 26.81 -35.42 -28.62
N GLU H 150 26.95 -35.17 -29.92
CA GLU H 150 25.80 -35.12 -30.83
C GLU H 150 24.86 -36.30 -30.61
N SER H 151 25.43 -37.49 -30.39
CA SER H 151 24.64 -38.71 -30.26
C SER H 151 24.00 -38.84 -28.88
N VAL H 152 24.48 -38.06 -27.92
CA VAL H 152 23.89 -38.05 -26.58
C VAL H 152 22.70 -37.10 -26.56
N LYS H 153 22.91 -35.88 -27.06
CA LYS H 153 21.84 -34.90 -27.14
C LYS H 153 20.84 -35.28 -28.22
N ASN H 154 21.21 -36.27 -29.03
CA ASN H 154 20.37 -36.70 -30.14
C ASN H 154 19.41 -37.81 -29.73
N GLY H 155 19.76 -38.53 -28.65
CA GLY H 155 18.97 -39.64 -28.19
C GLY H 155 19.37 -40.93 -28.88
N THR H 156 20.32 -40.81 -29.80
CA THR H 156 20.85 -41.98 -30.52
C THR H 156 22.29 -42.25 -30.09
N TYR H 157 22.44 -42.78 -28.88
CA TYR H 157 23.76 -42.98 -28.29
C TYR H 157 24.11 -44.45 -28.10
N ASP H 158 24.94 -44.96 -29.02
CA ASP H 158 25.44 -46.32 -28.96
C ASP H 158 26.18 -46.62 -27.64
N TYR H 159 26.41 -47.91 -27.38
CA TYR H 159 27.06 -48.35 -26.16
C TYR H 159 28.18 -49.33 -26.50
N PRO H 160 29.21 -48.86 -27.23
CA PRO H 160 30.26 -49.72 -27.79
C PRO H 160 31.58 -49.65 -27.02
N LYS H 161 31.61 -48.94 -25.90
CA LYS H 161 32.90 -48.57 -25.31
C LYS H 161 33.04 -48.94 -23.82
N TYR H 162 34.25 -48.72 -23.30
CA TYR H 162 34.51 -48.85 -21.87
C TYR H 162 34.37 -47.49 -21.20
N ASP I 1 26.25 -50.00 11.22
CA ASP I 1 25.98 -48.57 11.34
C ASP I 1 24.89 -48.14 10.37
N THR I 2 23.71 -47.82 10.89
CA THR I 2 22.64 -47.45 9.96
C THR I 2 22.26 -45.98 10.00
N LEU I 3 21.68 -45.51 8.90
CA LEU I 3 21.17 -44.15 8.82
C LEU I 3 19.84 -44.12 8.07
N CYS I 4 18.75 -43.88 8.80
CA CYS I 4 17.42 -43.93 8.21
C CYS I 4 16.82 -42.54 7.98
N ILE I 5 15.92 -42.44 7.00
CA ILE I 5 15.25 -41.19 6.68
C ILE I 5 13.74 -41.36 6.75
N GLY I 6 13.07 -40.48 7.48
CA GLY I 6 11.64 -40.59 7.68
C GLY I 6 10.96 -39.27 8.01
N TYR I 7 9.70 -39.36 8.42
CA TYR I 7 8.90 -38.16 8.69
C TYR I 7 8.22 -38.18 10.05
N HIS I 8 7.63 -37.04 10.42
CA HIS I 8 7.00 -36.79 11.71
C HIS I 8 5.64 -37.45 11.92
N ALA I 9 5.30 -37.77 13.17
CA ALA I 9 4.00 -38.32 13.52
C ALA I 9 3.69 -37.96 14.98
N ASN I 10 2.41 -37.87 15.32
CA ASN I 10 2.01 -37.50 16.67
C ASN I 10 0.64 -38.05 17.08
N ASN I 11 0.17 -37.63 18.24
CA ASN I 11 -1.12 -38.10 18.77
C ASN I 11 -2.33 -37.39 18.16
N SER I 12 -2.08 -36.61 17.11
CA SER I 12 -3.14 -35.84 16.46
C SER I 12 -4.16 -36.74 15.75
N THR I 13 -5.41 -36.31 15.75
CA THR I 13 -6.48 -37.06 15.10
C THR I 13 -7.23 -36.19 14.10
N ASP I 14 -6.76 -34.97 13.88
CA ASP I 14 -7.36 -34.06 12.91
C ASP I 14 -7.43 -34.70 11.53
N THR I 15 -8.64 -34.76 10.98
CA THR I 15 -8.83 -35.30 9.65
C THR I 15 -9.13 -34.20 8.64
N VAL I 16 -8.73 -34.42 7.40
CA VAL I 16 -9.02 -33.50 6.31
C VAL I 16 -9.42 -34.31 5.09
N ASP I 17 -9.93 -33.64 4.07
CA ASP I 17 -10.34 -34.33 2.86
C ASP I 17 -9.49 -33.87 1.68
N THR I 18 -9.33 -34.75 0.70
CA THR I 18 -8.65 -34.40 -0.54
C THR I 18 -9.49 -34.86 -1.72
N VAL I 19 -9.10 -34.43 -2.92
CA VAL I 19 -9.82 -34.82 -4.12
C VAL I 19 -9.82 -36.33 -4.28
N LEU I 20 -8.78 -36.95 -3.74
CA LEU I 20 -8.48 -38.35 -3.93
C LEU I 20 -8.79 -39.26 -2.77
N GLU I 21 -8.95 -38.70 -1.59
CA GLU I 21 -9.15 -39.49 -0.38
C GLU I 21 -9.90 -38.72 0.68
N LYS I 22 -10.82 -39.40 1.37
CA LYS I 22 -11.64 -38.76 2.39
C LYS I 22 -11.19 -39.18 3.78
N ASN I 23 -11.34 -38.28 4.76
CA ASN I 23 -10.97 -38.56 6.14
C ASN I 23 -9.51 -39.02 6.28
N VAL I 24 -8.59 -38.20 5.80
CA VAL I 24 -7.16 -38.47 5.93
C VAL I 24 -6.61 -37.82 7.19
N THR I 25 -6.15 -38.63 8.14
CA THR I 25 -5.62 -38.09 9.38
C THR I 25 -4.31 -37.36 9.09
N VAL I 26 -4.08 -36.25 9.78
CA VAL I 26 -2.85 -35.48 9.58
C VAL I 26 -2.26 -34.92 10.86
N THR I 27 -1.01 -34.48 10.77
CA THR I 27 -0.27 -34.02 11.93
C THR I 27 -0.72 -32.62 12.36
N HIS I 28 -0.93 -31.75 11.38
CA HIS I 28 -1.32 -30.38 11.66
C HIS I 28 -2.31 -29.85 10.63
N SER I 29 -3.21 -28.98 11.07
CA SER I 29 -4.22 -28.40 10.18
C SER I 29 -4.86 -27.15 10.78
N VAL I 30 -5.25 -26.23 9.91
CA VAL I 30 -5.95 -25.03 10.33
C VAL I 30 -7.37 -25.04 9.80
N ASN I 31 -8.21 -24.16 10.33
CA ASN I 31 -9.59 -24.06 9.86
C ASN I 31 -9.77 -22.78 9.04
N LEU I 32 -10.36 -22.93 7.85
CA LEU I 32 -10.63 -21.78 7.01
C LEU I 32 -12.04 -21.23 7.26
N LEU I 33 -12.84 -22.00 7.93
CA LEU I 33 -14.19 -21.59 8.19
C LEU I 33 -14.30 -20.98 9.57
N GLU I 34 -15.19 -20.03 9.74
CA GLU I 34 -15.43 -19.52 11.07
C GLU I 34 -16.83 -19.87 11.40
N ASP I 35 -17.03 -20.42 12.57
CA ASP I 35 -18.35 -20.81 12.96
C ASP I 35 -18.45 -20.44 14.38
N LYS I 36 -17.96 -19.27 14.73
CA LYS I 36 -18.13 -18.82 16.10
C LYS I 36 -18.38 -17.30 16.18
N HIS I 37 -19.46 -16.93 16.85
CA HIS I 37 -19.79 -15.52 17.03
C HIS I 37 -20.01 -15.22 18.51
N ASN I 38 -19.89 -13.95 18.88
CA ASN I 38 -19.99 -13.57 20.26
C ASN I 38 -21.39 -13.37 20.78
N GLY I 39 -22.37 -13.61 19.95
CA GLY I 39 -23.76 -13.44 20.32
C GLY I 39 -24.08 -12.07 20.89
N LYS I 40 -23.50 -11.04 20.30
CA LYS I 40 -23.71 -9.67 20.76
C LYS I 40 -23.82 -8.72 19.57
N LEU I 41 -24.70 -7.73 19.66
CA LEU I 41 -24.74 -6.68 18.65
C LEU I 41 -23.80 -5.56 19.07
N CYS I 42 -22.67 -5.45 18.36
CA CYS I 42 -21.60 -4.55 18.75
C CYS I 42 -21.56 -3.31 17.89
N LYS I 43 -20.63 -2.40 18.21
CA LYS I 43 -20.40 -1.22 17.39
C LYS I 43 -19.90 -1.74 16.05
N LEU I 44 -19.99 -0.92 15.01
CA LEU I 44 -19.51 -1.35 13.70
C LEU I 44 -18.27 -0.66 13.12
N ARG I 45 -18.36 0.65 12.93
CA ARG I 45 -17.21 1.43 12.50
C ARG I 45 -16.48 1.68 13.80
N GLY I 46 -17.04 2.53 14.61
CA GLY I 46 -16.68 2.62 15.99
C GLY I 46 -17.91 3.18 16.60
N VAL I 47 -18.97 3.22 15.79
CA VAL I 47 -20.23 3.83 16.16
C VAL I 47 -21.27 2.79 16.48
N ALA I 48 -21.93 2.98 17.60
CA ALA I 48 -22.84 2.00 18.10
C ALA I 48 -24.07 2.08 17.28
N PRO I 49 -24.84 1.01 17.29
CA PRO I 49 -26.09 1.01 16.50
C PRO I 49 -27.18 1.79 17.20
N LEU I 50 -28.28 2.01 16.50
CA LEU I 50 -29.45 2.65 17.09
C LEU I 50 -30.48 1.58 17.42
N HIS I 51 -30.71 1.36 18.71
CA HIS I 51 -31.67 0.37 19.13
C HIS I 51 -32.98 1.01 19.45
N LEU I 52 -34.04 0.52 18.81
CA LEU I 52 -35.37 1.09 18.97
C LEU I 52 -36.20 0.40 20.05
N GLY I 53 -35.73 -0.77 20.49
CA GLY I 53 -36.39 -1.50 21.55
C GLY I 53 -37.83 -1.87 21.25
N LYS I 54 -38.78 -1.26 21.94
CA LYS I 54 -40.14 -1.70 21.73
C LYS I 54 -40.83 -1.04 20.55
N CYS I 55 -40.19 -0.09 19.91
CA CYS I 55 -40.76 0.54 18.72
C CYS I 55 -40.00 0.17 17.46
N ASN I 56 -40.62 0.45 16.31
CA ASN I 56 -39.96 0.32 15.02
C ASN I 56 -39.65 1.69 14.42
N ILE I 57 -39.09 1.72 13.22
CA ILE I 57 -38.70 2.97 12.59
C ILE I 57 -39.85 3.97 12.56
N ALA I 58 -41.00 3.53 12.06
CA ALA I 58 -42.16 4.41 11.91
C ALA I 58 -42.51 5.11 13.21
N GLY I 59 -42.76 4.32 14.26
CA GLY I 59 -43.06 4.87 15.56
C GLY I 59 -41.97 5.78 16.10
N TRP I 60 -40.74 5.52 15.71
CA TRP I 60 -39.60 6.28 16.23
C TRP I 60 -39.54 7.71 15.69
N ILE I 61 -39.66 7.88 14.37
CA ILE I 61 -39.56 9.21 13.78
C ILE I 61 -40.86 10.01 13.92
N LEU I 62 -41.98 9.32 13.90
CA LEU I 62 -43.26 9.99 14.05
C LEU I 62 -43.40 10.52 15.47
N GLY I 63 -42.86 9.78 16.43
CA GLY I 63 -42.89 10.20 17.82
C GLY I 63 -43.98 9.52 18.62
N ASN I 64 -44.36 8.32 18.20
CA ASN I 64 -45.33 7.52 18.95
C ASN I 64 -45.04 7.63 20.44
N PRO I 65 -46.07 7.91 21.24
CA PRO I 65 -45.95 8.17 22.69
C PRO I 65 -45.16 7.11 23.44
N GLU I 66 -45.05 5.90 22.89
CA GLU I 66 -44.31 4.83 23.56
C GLU I 66 -42.80 4.89 23.28
N CYS I 67 -42.43 5.38 22.10
CA CYS I 67 -41.03 5.55 21.74
C CYS I 67 -40.49 6.82 22.38
N GLU I 68 -41.19 7.26 23.43
CA GLU I 68 -40.89 8.51 24.12
C GLU I 68 -39.54 8.57 24.79
N SER I 69 -38.88 7.41 24.86
CA SER I 69 -37.73 7.19 25.71
C SER I 69 -36.35 7.29 25.09
N LEU I 70 -35.90 8.51 24.84
CA LEU I 70 -34.52 8.80 24.47
C LEU I 70 -34.04 8.23 23.15
N SER I 71 -32.72 8.11 23.03
CA SER I 71 -32.09 7.78 21.76
C SER I 71 -32.07 9.05 20.93
N THR I 72 -31.76 10.13 21.62
CA THR I 72 -31.00 11.27 21.11
C THR I 72 -29.76 11.12 20.22
N ALA I 73 -29.11 9.95 20.30
CA ALA I 73 -27.91 9.65 19.53
C ALA I 73 -27.78 10.47 18.25
N SER I 74 -26.64 11.13 18.09
CA SER I 74 -26.41 12.01 16.95
C SER I 74 -25.85 11.27 15.74
N SER I 75 -25.63 9.97 15.90
CA SER I 75 -25.17 9.13 14.78
C SER I 75 -25.16 7.66 15.15
N TRP I 76 -25.34 6.81 14.15
CA TRP I 76 -25.29 5.37 14.36
C TRP I 76 -24.80 4.66 13.10
N SER I 77 -24.29 3.44 13.29
CA SER I 77 -23.73 2.66 12.19
C SER I 77 -24.80 1.81 11.52
N TYR I 78 -25.77 1.35 12.30
CA TYR I 78 -26.89 0.60 11.76
C TYR I 78 -28.06 0.64 12.74
N ILE I 79 -29.20 0.09 12.34
CA ILE I 79 -30.40 0.17 13.17
C ILE I 79 -30.89 -1.22 13.60
N VAL I 80 -31.28 -1.33 14.86
CA VAL I 80 -31.75 -2.59 15.41
C VAL I 80 -33.19 -2.54 15.90
N GLU I 81 -33.99 -3.46 15.40
CA GLU I 81 -35.33 -3.61 15.87
C GLU I 81 -35.43 -4.94 16.54
N THR I 82 -36.44 -5.08 17.36
CA THR I 82 -36.74 -6.39 17.93
C THR I 82 -37.92 -6.97 17.17
N PRO I 83 -37.92 -8.30 16.99
CA PRO I 83 -39.03 -8.96 16.28
C PRO I 83 -40.35 -8.71 16.99
N SER I 84 -40.28 -8.26 18.24
CA SER I 84 -41.46 -8.05 19.05
C SER I 84 -41.96 -6.60 19.02
N SER I 85 -41.11 -5.69 18.52
CA SER I 85 -41.45 -4.27 18.48
C SER I 85 -42.63 -3.99 17.55
N ASP I 86 -43.76 -3.62 18.14
CA ASP I 86 -44.99 -3.41 17.36
C ASP I 86 -45.49 -1.98 17.44
N ASN I 87 -44.81 -1.15 18.22
CA ASN I 87 -45.22 0.25 18.38
C ASN I 87 -44.73 1.15 17.24
N GLY I 88 -45.57 1.30 16.23
CA GLY I 88 -45.25 2.13 15.08
C GLY I 88 -46.32 3.18 14.85
N THR I 89 -47.00 3.09 13.71
CA THR I 89 -48.06 4.04 13.38
C THR I 89 -49.36 3.67 14.09
N CYS I 90 -49.58 4.26 15.26
CA CYS I 90 -50.72 3.91 16.09
C CYS I 90 -52.05 4.26 15.42
N TYR I 91 -52.08 5.35 14.68
CA TYR I 91 -53.28 5.70 13.91
C TYR I 91 -53.19 5.07 12.53
N PRO I 92 -54.08 4.12 12.24
CA PRO I 92 -54.08 3.35 10.99
C PRO I 92 -53.86 4.24 9.77
N GLY I 93 -53.08 3.75 8.82
CA GLY I 93 -52.79 4.51 7.63
C GLY I 93 -51.66 3.91 6.81
N ASP I 94 -51.22 4.63 5.80
CA ASP I 94 -50.22 4.13 4.87
C ASP I 94 -48.97 5.00 4.93
N PHE I 95 -47.84 4.39 5.28
CA PHE I 95 -46.58 5.11 5.32
C PHE I 95 -45.94 5.03 3.95
N ILE I 96 -46.09 6.09 3.16
CA ILE I 96 -45.61 6.12 1.79
C ILE I 96 -44.09 6.03 1.71
N ASP I 97 -43.62 5.14 0.87
CA ASP I 97 -42.22 4.88 0.71
C ASP I 97 -41.56 4.73 2.04
N TYR I 98 -42.10 3.81 2.80
CA TYR I 98 -41.62 3.51 4.14
C TYR I 98 -40.27 2.81 4.10
N GLU I 99 -40.20 1.71 3.35
CA GLU I 99 -38.97 0.94 3.24
C GLU I 99 -37.82 1.83 2.79
N GLU I 100 -38.07 2.68 1.79
CA GLU I 100 -37.07 3.60 1.31
C GLU I 100 -36.51 4.47 2.43
N LEU I 101 -37.40 5.05 3.22
CA LEU I 101 -37.01 5.90 4.34
C LEU I 101 -36.11 5.14 5.32
N ARG I 102 -36.53 3.94 5.69
CA ARG I 102 -35.73 3.10 6.57
C ARG I 102 -34.30 2.93 6.03
N GLU I 103 -34.19 2.70 4.72
CA GLU I 103 -32.87 2.57 4.10
C GLU I 103 -32.07 3.86 4.25
N GLN I 104 -32.73 4.98 4.00
CA GLN I 104 -32.09 6.29 4.09
C GLN I 104 -31.64 6.55 5.52
N LEU I 105 -32.37 5.98 6.47
CA LEU I 105 -32.15 6.23 7.89
C LEU I 105 -31.27 5.17 8.52
N SER I 106 -30.95 4.13 7.76
CA SER I 106 -30.18 3.00 8.28
C SER I 106 -28.89 3.43 8.97
N SER I 107 -28.15 4.34 8.33
CA SER I 107 -26.94 4.88 8.93
C SER I 107 -26.83 6.37 8.68
N VAL I 108 -26.43 7.10 9.72
CA VAL I 108 -26.39 8.55 9.69
C VAL I 108 -25.14 9.05 10.39
N SER I 109 -24.55 10.12 9.86
CA SER I 109 -23.32 10.68 10.42
C SER I 109 -23.61 11.78 11.44
N SER I 110 -24.69 12.49 11.19
CA SER I 110 -25.23 13.49 12.06
C SER I 110 -26.70 13.25 12.18
N PHE I 111 -27.33 13.67 13.26
CA PHE I 111 -28.78 13.57 13.32
C PHE I 111 -29.32 14.32 14.53
N GLU I 112 -29.62 15.61 14.34
CA GLU I 112 -30.23 16.39 15.41
C GLU I 112 -31.68 16.72 15.09
N ARG I 113 -32.53 16.60 16.09
CA ARG I 113 -33.96 16.80 15.92
C ARG I 113 -34.40 18.15 16.46
N PHE I 114 -34.72 19.06 15.56
CA PHE I 114 -35.12 20.42 15.94
C PHE I 114 -36.59 20.66 15.67
N GLU I 115 -37.18 21.59 16.43
CA GLU I 115 -38.58 21.96 16.23
C GLU I 115 -38.73 22.89 15.03
N ILE I 116 -39.24 22.34 13.93
CA ILE I 116 -39.35 23.10 12.69
C ILE I 116 -40.44 24.17 12.75
N PHE I 117 -41.66 23.76 13.10
CA PHE I 117 -42.77 24.68 13.26
C PHE I 117 -43.22 24.73 14.71
N PRO I 118 -42.61 25.63 15.51
CA PRO I 118 -42.95 25.77 16.94
C PRO I 118 -44.45 25.81 17.15
N LYS I 119 -44.96 24.88 17.96
CA LYS I 119 -46.39 24.70 18.16
C LYS I 119 -47.12 25.97 18.60
N THR I 120 -46.52 26.70 19.54
CA THR I 120 -47.17 27.85 20.15
C THR I 120 -47.35 29.01 19.19
N SER I 121 -46.32 29.31 18.41
CA SER I 121 -46.31 30.52 17.58
C SER I 121 -46.61 30.29 16.10
N SER I 122 -46.84 29.05 15.71
CA SER I 122 -47.00 28.72 14.29
C SER I 122 -48.44 28.65 13.83
N TRP I 123 -49.34 28.26 14.72
CA TRP I 123 -50.74 28.04 14.33
C TRP I 123 -51.72 28.86 15.18
N PRO I 124 -51.78 30.18 14.91
CA PRO I 124 -52.65 31.10 15.66
C PRO I 124 -54.07 31.07 15.13
N ASN I 125 -54.30 30.39 14.02
CA ASN I 125 -55.61 30.37 13.38
C ASN I 125 -56.24 28.99 13.36
N HIS I 126 -55.62 28.05 14.05
CA HIS I 126 -56.12 26.68 14.12
C HIS I 126 -55.88 26.10 15.50
N ASP I 127 -56.67 25.10 15.88
CA ASP I 127 -56.54 24.49 17.19
C ASP I 127 -55.48 23.39 17.18
N SER I 128 -54.49 23.57 18.03
CA SER I 128 -53.38 22.67 18.12
C SER I 128 -53.39 21.96 19.46
N ASN I 129 -54.56 21.64 19.96
CA ASN I 129 -54.68 21.00 21.26
C ASN I 129 -55.75 19.91 21.31
N LYS I 130 -56.68 19.95 20.36
CA LYS I 130 -57.73 18.95 20.30
C LYS I 130 -57.29 17.73 19.50
N GLY I 131 -56.10 17.83 18.90
CA GLY I 131 -55.62 16.80 17.99
C GLY I 131 -55.02 15.58 18.66
N VAL I 132 -55.85 14.85 19.40
CA VAL I 132 -55.42 13.59 20.02
C VAL I 132 -56.37 12.46 19.66
N THR I 133 -56.03 11.24 20.05
CA THR I 133 -56.83 10.08 19.68
C THR I 133 -56.63 8.93 20.66
N ALA I 134 -57.65 8.10 20.80
CA ALA I 134 -57.59 6.94 21.68
C ALA I 134 -56.70 5.87 21.06
N ALA I 135 -56.37 6.05 19.78
CA ALA I 135 -55.49 5.13 19.09
C ALA I 135 -54.04 5.31 19.53
N CYS I 136 -53.69 6.52 19.97
CA CYS I 136 -52.34 6.82 20.42
C CYS I 136 -52.33 7.13 21.92
N PRO I 137 -52.55 6.11 22.75
CA PRO I 137 -52.70 6.28 24.20
C PRO I 137 -51.38 6.53 24.92
N HIS I 138 -51.38 7.51 25.82
CA HIS I 138 -50.26 7.72 26.72
C HIS I 138 -50.80 7.76 28.16
N ALA I 139 -50.71 6.62 28.84
CA ALA I 139 -51.29 6.45 30.17
C ALA I 139 -52.82 6.47 30.12
N GLY I 140 -53.39 5.59 29.32
CA GLY I 140 -54.83 5.43 29.26
C GLY I 140 -55.56 6.61 28.65
N ALA I 141 -54.94 7.78 28.74
CA ALA I 141 -55.53 9.01 28.21
C ALA I 141 -55.04 9.29 26.80
N LYS I 142 -55.89 9.93 26.00
CA LYS I 142 -55.61 10.13 24.59
C LYS I 142 -54.41 11.03 24.31
N SER I 143 -53.58 10.62 23.35
CA SER I 143 -52.41 11.38 22.96
C SER I 143 -52.21 11.32 21.44
N PHE I 144 -51.00 11.63 21.00
CA PHE I 144 -50.69 11.66 19.57
C PHE I 144 -49.18 11.63 19.37
N TYR I 145 -48.75 11.67 18.12
CA TYR I 145 -47.33 11.68 17.81
C TYR I 145 -46.68 12.96 18.33
N LYS I 146 -45.47 12.84 18.87
CA LYS I 146 -44.75 13.98 19.43
C LYS I 146 -44.27 14.91 18.32
N ASN I 147 -43.92 14.33 17.18
CA ASN I 147 -43.30 15.09 16.10
C ASN I 147 -44.29 15.59 15.05
N LEU I 148 -45.57 15.28 15.26
CA LEU I 148 -46.62 15.77 14.40
C LEU I 148 -47.72 16.47 15.21
N ILE I 149 -48.40 17.42 14.58
CA ILE I 149 -49.54 18.08 15.21
C ILE I 149 -50.79 17.98 14.35
N TRP I 150 -51.87 17.50 14.95
CA TRP I 150 -53.12 17.28 14.24
C TRP I 150 -53.99 18.53 14.31
N LEU I 151 -53.72 19.47 13.42
CA LEU I 151 -54.47 20.73 13.37
C LEU I 151 -55.95 20.52 13.03
N VAL I 152 -56.82 21.01 13.91
CA VAL I 152 -58.26 21.02 13.66
C VAL I 152 -58.77 22.45 13.61
N LYS I 153 -60.04 22.62 13.24
CA LYS I 153 -60.63 23.94 13.15
C LYS I 153 -60.76 24.60 14.52
N LYS I 154 -60.65 25.92 14.51
CA LYS I 154 -60.82 26.76 15.69
C LYS I 154 -62.24 27.23 15.88
N GLY I 155 -63.07 26.40 16.44
CA GLY I 155 -64.47 26.76 16.56
C GLY I 155 -65.23 27.25 15.34
N ASN I 156 -65.45 26.35 14.38
CA ASN I 156 -66.33 26.64 13.24
C ASN I 156 -65.55 27.37 12.15
N SER I 157 -64.23 27.38 12.24
CA SER I 157 -63.43 28.06 11.22
C SER I 157 -62.07 27.41 10.97
N TYR I 158 -61.87 26.95 9.75
CA TYR I 158 -60.58 26.43 9.32
C TYR I 158 -60.10 27.24 8.13
N PRO I 159 -59.37 28.33 8.40
CA PRO I 159 -58.86 29.24 7.37
C PRO I 159 -57.72 28.58 6.61
N LYS I 160 -57.55 28.87 5.33
CA LYS I 160 -56.45 28.28 4.60
C LYS I 160 -55.22 28.64 5.39
N LEU I 161 -54.40 27.64 5.69
CA LEU I 161 -53.10 27.85 6.34
C LEU I 161 -52.01 27.78 5.30
N SER I 162 -50.91 28.46 5.58
CA SER I 162 -49.81 28.53 4.62
C SER I 162 -48.48 28.84 5.32
N LYS I 163 -47.82 27.79 5.78
CA LYS I 163 -46.51 27.92 6.43
C LYS I 163 -45.43 27.41 5.50
N SER I 164 -44.18 27.76 5.80
CA SER I 164 -43.06 27.30 5.01
C SER I 164 -41.74 27.42 5.78
N TYR I 165 -40.83 26.50 5.49
CA TYR I 165 -39.51 26.50 6.11
C TYR I 165 -38.35 26.42 5.16
N ILE I 166 -37.44 27.35 5.31
CA ILE I 166 -36.20 27.35 4.56
C ILE I 166 -35.09 26.71 5.34
N ASN I 167 -34.54 25.66 4.79
CA ASN I 167 -33.44 24.91 5.38
C ASN I 167 -32.18 25.73 5.54
N ASP I 168 -31.94 26.23 6.75
CA ASP I 168 -30.74 27.00 7.05
C ASP I 168 -29.70 26.11 7.74
N LYS I 169 -30.03 24.84 7.91
CA LYS I 169 -29.07 23.87 8.43
C LYS I 169 -28.04 23.60 7.33
N GLY I 170 -26.88 23.09 7.71
CA GLY I 170 -25.84 22.80 6.74
C GLY I 170 -25.89 21.37 6.24
N LYS I 171 -27.11 20.87 6.09
CA LYS I 171 -27.32 19.50 5.69
C LYS I 171 -28.74 19.24 5.27
N GLU I 172 -29.09 17.97 5.09
CA GLU I 172 -30.43 17.61 4.68
C GLU I 172 -31.34 17.62 5.85
N VAL I 173 -32.62 17.85 5.58
CA VAL I 173 -33.60 17.98 6.61
C VAL I 173 -34.76 17.09 6.30
N LEU I 174 -34.94 16.07 7.08
CA LEU I 174 -36.04 15.15 6.91
C LEU I 174 -37.30 15.76 7.51
N VAL I 175 -38.33 15.94 6.68
CA VAL I 175 -39.58 16.52 7.14
C VAL I 175 -40.71 15.51 6.96
N LEU I 176 -41.44 15.25 8.02
CA LEU I 176 -42.56 14.32 7.95
C LEU I 176 -43.88 15.05 8.21
N TRP I 177 -44.92 14.63 7.48
CA TRP I 177 -46.25 15.17 7.70
C TRP I 177 -47.29 14.08 7.47
N GLY I 178 -48.57 14.45 7.59
CA GLY I 178 -49.64 13.49 7.44
C GLY I 178 -50.91 14.07 6.83
N ILE I 179 -51.65 13.22 6.13
CA ILE I 179 -52.93 13.59 5.56
C ILE I 179 -54.01 12.72 6.18
N HIS I 180 -54.98 13.36 6.81
CA HIS I 180 -56.04 12.61 7.49
C HIS I 180 -57.29 12.45 6.63
N HIS I 181 -57.80 11.23 6.57
CA HIS I 181 -58.99 10.93 5.80
C HIS I 181 -60.10 10.48 6.73
N PRO I 182 -61.03 11.39 7.04
CA PRO I 182 -62.16 11.10 7.93
C PRO I 182 -63.06 10.01 7.37
N SER I 183 -63.89 9.38 8.17
CA SER I 183 -64.77 8.36 7.61
C SER I 183 -66.07 8.93 7.13
N THR I 184 -66.40 10.14 7.57
CA THR I 184 -67.72 10.72 7.46
C THR I 184 -67.73 12.20 7.17
N SER I 185 -68.39 12.59 6.10
CA SER I 185 -68.59 13.98 5.82
C SER I 185 -69.05 14.65 7.07
N ALA I 186 -69.60 13.87 8.00
CA ALA I 186 -69.99 14.54 9.24
C ALA I 186 -68.75 14.85 10.08
N ASP I 187 -67.80 13.96 10.06
CA ASP I 187 -66.61 14.18 10.81
C ASP I 187 -65.69 15.05 10.05
N GLN I 188 -65.88 15.13 8.75
CA GLN I 188 -65.05 16.02 8.01
C GLN I 188 -65.27 17.43 8.52
N GLN I 189 -66.49 17.89 8.44
CA GLN I 189 -66.78 19.26 8.84
C GLN I 189 -66.60 19.46 10.34
N SER I 190 -66.89 18.40 11.11
CA SER I 190 -66.72 18.44 12.56
C SER I 190 -65.26 18.67 12.93
N LEU I 191 -64.35 18.32 12.02
CA LEU I 191 -62.92 18.50 12.24
C LEU I 191 -62.38 19.72 11.50
N TYR I 192 -62.75 19.85 10.23
CA TYR I 192 -62.30 20.97 9.40
C TYR I 192 -63.60 21.38 8.72
N GLN I 193 -64.18 22.49 9.15
CA GLN I 193 -65.47 22.97 8.68
C GLN I 193 -65.80 22.70 7.21
N ASN I 194 -64.90 23.08 6.33
CA ASN I 194 -65.07 22.94 4.90
C ASN I 194 -65.26 21.47 4.51
N ALA I 195 -66.17 21.21 3.58
CA ALA I 195 -66.46 19.84 3.15
C ALA I 195 -65.58 19.40 1.97
N ASP I 196 -65.07 20.37 1.23
CA ASP I 196 -64.15 20.07 0.12
C ASP I 196 -62.80 20.74 0.34
N THR I 197 -61.86 19.98 0.89
CA THR I 197 -60.56 20.51 1.25
C THR I 197 -59.45 19.97 0.35
N TYR I 198 -58.26 20.53 0.51
CA TYR I 198 -57.09 20.06 -0.21
C TYR I 198 -55.84 20.41 0.57
N VAL I 199 -54.81 19.60 0.43
CA VAL I 199 -53.51 19.87 1.06
C VAL I 199 -52.45 19.90 -0.02
N PHE I 200 -51.52 20.85 0.07
CA PHE I 200 -50.41 20.91 -0.88
C PHE I 200 -49.06 21.07 -0.19
N VAL I 201 -48.15 20.16 -0.50
CA VAL I 201 -46.77 20.24 -0.03
C VAL I 201 -45.85 20.43 -1.22
N GLY I 202 -44.94 21.39 -1.13
CA GLY I 202 -44.05 21.67 -2.23
C GLY I 202 -42.69 22.22 -1.83
N SER I 203 -41.65 21.77 -2.53
CA SER I 203 -40.31 22.31 -2.36
C SER I 203 -39.70 22.53 -3.74
N SER I 204 -38.37 22.55 -3.81
CA SER I 204 -37.71 22.72 -5.11
C SER I 204 -37.83 21.46 -5.96
N ARG I 205 -37.96 20.31 -5.30
CA ARG I 205 -38.07 19.03 -6.01
C ARG I 205 -39.41 18.36 -5.78
N TYR I 206 -39.97 18.52 -4.58
CA TYR I 206 -41.23 17.88 -4.24
C TYR I 206 -42.42 18.78 -4.57
N SER I 207 -43.55 18.17 -4.92
CA SER I 207 -44.77 18.91 -5.24
C SER I 207 -45.81 17.80 -5.30
N LYS I 208 -46.92 18.01 -4.60
CA LYS I 208 -47.97 17.01 -4.54
C LYS I 208 -49.20 17.62 -3.89
N LYS I 209 -50.36 17.45 -4.54
CA LYS I 209 -51.62 17.96 -4.01
C LYS I 209 -52.50 16.80 -3.57
N PHE I 210 -52.83 16.79 -2.28
CA PHE I 210 -53.59 15.69 -1.70
C PHE I 210 -55.07 16.03 -1.56
N LYS I 211 -55.92 15.08 -1.93
CA LYS I 211 -57.36 15.21 -1.78
C LYS I 211 -57.88 14.13 -0.83
N PRO I 212 -58.46 14.55 0.31
CA PRO I 212 -58.99 13.62 1.30
C PRO I 212 -59.98 12.63 0.71
N GLU I 213 -59.83 11.36 1.06
CA GLU I 213 -60.70 10.31 0.56
C GLU I 213 -61.59 9.83 1.69
N ILE I 214 -62.77 10.43 1.79
CA ILE I 214 -63.71 10.16 2.88
C ILE I 214 -64.54 8.91 2.65
N ALA I 215 -64.44 7.95 3.57
CA ALA I 215 -65.16 6.69 3.46
C ALA I 215 -64.98 5.85 4.72
N ILE I 216 -65.83 4.84 4.89
CA ILE I 216 -65.77 3.95 6.04
C ILE I 216 -64.82 2.77 5.79
N ARG I 217 -63.67 2.79 6.45
CA ARG I 217 -62.76 1.65 6.41
C ARG I 217 -63.06 0.72 7.58
N PRO I 218 -62.75 -0.57 7.43
CA PRO I 218 -62.88 -1.50 8.56
C PRO I 218 -62.09 -0.99 9.76
N LYS I 219 -62.59 -1.23 10.95
CA LYS I 219 -61.94 -0.73 12.16
C LYS I 219 -60.54 -1.31 12.39
N VAL I 220 -59.58 -0.42 12.55
CA VAL I 220 -58.23 -0.79 12.96
C VAL I 220 -57.86 0.07 14.16
N ARG I 221 -57.63 -0.57 15.30
CA ARG I 221 -57.38 0.17 16.54
C ARG I 221 -58.52 1.16 16.75
N ASP I 222 -59.73 0.71 16.42
CA ASP I 222 -60.97 1.44 16.67
C ASP I 222 -61.14 2.69 15.81
N GLN I 223 -60.50 2.73 14.66
CA GLN I 223 -60.69 3.85 13.77
C GLN I 223 -61.19 3.45 12.41
N GLU I 224 -62.27 4.04 12.00
CA GLU I 224 -62.87 3.77 10.70
C GLU I 224 -62.28 4.74 9.68
N GLY I 225 -61.48 5.68 10.19
CA GLY I 225 -60.79 6.62 9.33
C GLY I 225 -59.34 6.20 9.12
N ARG I 226 -58.65 6.95 8.29
CA ARG I 226 -57.27 6.64 8.02
C ARG I 226 -56.36 7.86 7.96
N MET I 227 -55.06 7.63 8.17
CA MET I 227 -54.10 8.72 8.17
C MET I 227 -52.82 8.29 7.46
N ASN I 228 -52.57 8.87 6.28
CA ASN I 228 -51.37 8.52 5.51
C ASN I 228 -50.19 9.40 5.85
N TYR I 229 -49.02 8.80 5.94
CA TYR I 229 -47.82 9.52 6.33
C TYR I 229 -46.87 9.73 5.15
N TYR I 230 -46.29 10.93 5.08
CA TYR I 230 -45.42 11.29 3.97
C TYR I 230 -44.15 11.93 4.52
N TRP I 231 -43.08 11.84 3.73
CA TRP I 231 -41.80 12.42 4.14
C TRP I 231 -41.02 12.90 2.94
N THR I 232 -40.06 13.80 3.18
CA THR I 232 -39.19 14.29 2.12
C THR I 232 -37.90 14.86 2.69
N LEU I 233 -36.88 14.95 1.85
CA LEU I 233 -35.62 15.55 2.24
C LEU I 233 -35.46 16.91 1.58
N VAL I 234 -35.20 17.93 2.38
CA VAL I 234 -35.04 19.29 1.88
C VAL I 234 -33.57 19.64 1.82
N GLU I 235 -33.08 19.99 0.63
CA GLU I 235 -31.69 20.38 0.45
C GLU I 235 -31.37 21.60 1.30
N PRO I 236 -30.08 21.81 1.62
CA PRO I 236 -29.67 23.04 2.30
C PRO I 236 -29.95 24.26 1.42
N GLY I 237 -30.51 25.31 2.00
CA GLY I 237 -30.81 26.52 1.25
C GLY I 237 -32.16 26.47 0.56
N ASP I 238 -32.70 25.26 0.43
CA ASP I 238 -34.02 25.08 -0.16
C ASP I 238 -35.11 25.28 0.89
N LYS I 239 -36.32 25.59 0.46
CA LYS I 239 -37.44 25.72 1.39
C LYS I 239 -38.59 24.79 1.00
N ILE I 240 -39.40 24.43 1.99
CA ILE I 240 -40.59 23.60 1.77
C ILE I 240 -41.83 24.34 2.25
N THR I 241 -42.88 24.35 1.41
CA THR I 241 -44.10 25.10 1.74
C THR I 241 -45.29 24.19 1.97
N PHE I 242 -45.95 24.40 3.11
CA PHE I 242 -47.20 23.71 3.42
C PHE I 242 -48.38 24.65 3.22
N GLU I 243 -49.44 24.12 2.63
CA GLU I 243 -50.65 24.89 2.36
C GLU I 243 -51.83 23.92 2.42
N ALA I 244 -52.86 24.29 3.17
CA ALA I 244 -53.99 23.39 3.36
C ALA I 244 -55.25 24.09 3.86
N THR I 245 -56.39 23.56 3.46
CA THR I 245 -57.68 24.04 3.93
C THR I 245 -58.34 22.96 4.78
N GLY I 246 -57.52 22.10 5.37
CA GLY I 246 -58.00 21.03 6.23
C GLY I 246 -57.30 19.71 6.01
N ASN I 247 -57.43 18.81 6.98
CA ASN I 247 -56.95 17.44 6.86
C ASN I 247 -55.42 17.29 6.97
N LEU I 248 -54.72 18.39 7.23
CA LEU I 248 -53.26 18.35 7.29
C LEU I 248 -52.70 18.15 8.69
N VAL I 249 -51.99 17.04 8.88
CA VAL I 249 -51.24 16.82 10.11
C VAL I 249 -49.86 17.42 9.90
N VAL I 250 -49.62 18.58 10.50
CA VAL I 250 -48.41 19.34 10.23
C VAL I 250 -47.18 18.85 10.98
N PRO I 251 -45.99 19.20 10.46
CA PRO I 251 -44.72 18.92 11.13
C PRO I 251 -44.54 19.79 12.38
N ARG I 252 -44.06 19.18 13.46
CA ARG I 252 -43.74 19.92 14.68
C ARG I 252 -42.23 19.85 14.87
N TYR I 253 -41.68 18.66 14.72
CA TYR I 253 -40.24 18.45 14.80
C TYR I 253 -39.71 17.88 13.48
N ALA I 254 -38.61 18.45 13.00
CA ALA I 254 -37.92 17.93 11.83
C ALA I 254 -36.58 17.35 12.27
N PHE I 255 -35.74 16.98 11.31
CA PHE I 255 -34.45 16.38 11.62
C PHE I 255 -33.33 16.86 10.71
N ALA I 256 -32.38 17.59 11.28
CA ALA I 256 -31.16 17.94 10.56
C ALA I 256 -30.31 16.69 10.51
N MET I 257 -29.98 16.23 9.32
CA MET I 257 -29.29 14.97 9.23
C MET I 257 -28.39 14.82 8.04
N GLU I 258 -27.38 13.98 8.24
CA GLU I 258 -26.36 13.70 7.27
C GLU I 258 -26.17 12.21 7.14
N ARG I 259 -26.36 11.70 5.95
CA ARG I 259 -26.39 10.25 5.82
C ARG I 259 -25.22 9.65 5.06
N ASN I 260 -24.43 8.83 5.73
CA ASN I 260 -23.38 8.05 5.09
C ASN I 260 -23.93 6.72 4.58
N ALA I 261 -24.38 6.72 3.33
CA ALA I 261 -25.03 5.56 2.75
C ALA I 261 -24.21 4.28 2.87
N GLY I 262 -24.90 3.14 2.83
CA GLY I 262 -24.23 1.85 2.77
C GLY I 262 -24.36 0.98 4.00
N SER I 263 -25.49 1.08 4.70
CA SER I 263 -25.74 0.22 5.85
C SER I 263 -27.10 -0.46 5.76
N GLY I 264 -27.54 -1.05 6.87
CA GLY I 264 -28.79 -1.77 6.90
C GLY I 264 -29.47 -1.81 8.25
N ILE I 265 -30.43 -2.72 8.40
CA ILE I 265 -31.24 -2.80 9.60
C ILE I 265 -31.33 -4.24 10.09
N ILE I 266 -31.08 -4.45 11.37
CA ILE I 266 -31.08 -5.78 11.94
C ILE I 266 -32.27 -5.99 12.86
N ILE I 267 -33.05 -7.04 12.57
CA ILE I 267 -34.19 -7.38 13.40
C ILE I 267 -33.87 -8.60 14.25
N SER I 268 -33.38 -8.35 15.48
CA SER I 268 -32.92 -9.43 16.34
C SER I 268 -33.13 -9.16 17.83
N ASP I 269 -33.24 -10.23 18.60
CA ASP I 269 -33.37 -10.13 20.05
C ASP I 269 -32.01 -9.98 20.71
N THR I 270 -30.95 -10.31 19.96
CA THR I 270 -29.60 -10.28 20.48
C THR I 270 -29.28 -8.96 21.18
N PRO I 271 -28.82 -9.03 22.43
CA PRO I 271 -28.49 -7.88 23.27
C PRO I 271 -27.40 -7.01 22.65
N VAL I 272 -27.54 -5.70 22.77
CA VAL I 272 -26.52 -4.77 22.28
C VAL I 272 -25.50 -4.47 23.38
N HIS I 273 -24.23 -4.65 23.08
CA HIS I 273 -23.17 -4.47 24.06
C HIS I 273 -22.16 -3.43 23.62
N ASP I 274 -21.22 -3.12 24.51
CA ASP I 274 -20.14 -2.20 24.21
C ASP I 274 -18.91 -2.95 23.72
N CYS I 275 -18.88 -3.27 22.42
CA CYS I 275 -17.75 -3.98 21.84
C CYS I 275 -17.52 -3.55 20.40
N ASN I 276 -16.32 -3.71 19.91
CA ASN I 276 -16.07 -3.35 18.54
C ASN I 276 -16.14 -4.58 17.71
N THR I 277 -16.56 -4.43 16.48
CA THR I 277 -16.60 -5.51 15.51
C THR I 277 -16.50 -4.96 14.11
N THR I 278 -15.94 -5.75 13.20
CA THR I 278 -15.79 -5.33 11.81
C THR I 278 -16.88 -5.97 10.96
N CYS I 279 -17.59 -6.93 11.56
CA CYS I 279 -18.63 -7.67 10.85
C CYS I 279 -19.76 -8.04 11.81
N GLN I 280 -20.99 -7.70 11.43
CA GLN I 280 -22.13 -7.95 12.30
C GLN I 280 -23.22 -8.78 11.62
N THR I 281 -23.78 -9.72 12.39
CA THR I 281 -24.90 -10.52 11.93
C THR I 281 -25.99 -10.50 13.00
N PRO I 282 -27.24 -10.84 12.63
CA PRO I 282 -28.35 -10.86 13.57
C PRO I 282 -28.09 -11.74 14.79
N LYS I 283 -27.30 -12.77 14.62
CA LYS I 283 -27.03 -13.72 15.66
C LYS I 283 -25.93 -13.28 16.58
N GLY I 284 -25.08 -12.40 16.10
CA GLY I 284 -23.94 -11.89 16.86
C GLY I 284 -22.84 -11.36 15.97
N ALA I 285 -21.76 -10.87 16.58
CA ALA I 285 -20.66 -10.30 15.82
C ALA I 285 -19.66 -11.37 15.43
N ILE I 286 -18.82 -11.07 14.44
CA ILE I 286 -17.79 -12.01 13.98
C ILE I 286 -16.40 -11.37 14.01
N ASN I 287 -15.55 -11.87 14.90
CA ASN I 287 -14.16 -11.42 14.96
C ASN I 287 -13.26 -12.46 14.33
N THR I 288 -13.04 -12.35 13.02
CA THR I 288 -12.26 -13.35 12.31
C THR I 288 -11.45 -12.78 11.14
N SER I 289 -10.44 -13.53 10.73
CA SER I 289 -9.63 -13.17 9.58
C SER I 289 -9.84 -14.18 8.46
N LEU I 290 -10.55 -15.26 8.80
CA LEU I 290 -10.84 -16.32 7.85
C LEU I 290 -11.65 -15.82 6.67
N PRO I 291 -11.50 -16.47 5.51
CA PRO I 291 -12.16 -16.03 4.27
C PRO I 291 -13.64 -16.41 4.24
N PHE I 292 -14.03 -17.39 5.03
CA PHE I 292 -15.40 -17.90 4.98
C PHE I 292 -16.05 -18.04 6.35
N GLN I 293 -17.36 -17.98 6.36
CA GLN I 293 -18.15 -18.15 7.58
C GLN I 293 -19.49 -18.79 7.28
N ASN I 294 -20.02 -19.54 8.23
CA ASN I 294 -21.32 -20.20 8.05
C ASN I 294 -22.31 -19.84 9.14
N ILE I 295 -22.14 -18.65 9.71
CA ILE I 295 -23.00 -18.19 10.80
C ILE I 295 -24.33 -17.62 10.31
N HIS I 296 -24.26 -16.70 9.36
CA HIS I 296 -25.47 -16.04 8.87
C HIS I 296 -25.23 -15.36 7.52
N PRO I 297 -26.18 -15.53 6.57
CA PRO I 297 -26.10 -14.94 5.24
C PRO I 297 -26.25 -13.42 5.28
N ILE I 298 -27.12 -12.93 6.17
CA ILE I 298 -27.31 -11.50 6.33
C ILE I 298 -26.22 -10.90 7.20
N THR I 299 -25.39 -10.07 6.60
CA THR I 299 -24.20 -9.56 7.27
C THR I 299 -24.09 -8.06 7.05
N ILE I 300 -23.42 -7.37 7.97
CA ILE I 300 -23.16 -5.94 7.81
C ILE I 300 -21.71 -5.62 8.15
N GLY I 301 -21.03 -4.94 7.23
CA GLY I 301 -19.64 -4.57 7.40
C GLY I 301 -18.76 -5.26 6.39
N LYS I 302 -17.47 -5.36 6.70
CA LYS I 302 -16.53 -6.08 5.87
C LYS I 302 -16.40 -7.51 6.39
N CYS I 303 -17.19 -8.42 5.82
CA CYS I 303 -17.35 -9.76 6.37
C CYS I 303 -16.81 -10.86 5.46
N PRO I 304 -16.58 -12.05 6.04
CA PRO I 304 -16.24 -13.24 5.27
C PRO I 304 -17.41 -13.68 4.42
N LYS I 305 -17.16 -14.29 3.27
CA LYS I 305 -18.23 -14.77 2.41
C LYS I 305 -19.03 -15.87 3.11
N TYR I 306 -20.35 -15.81 3.01
CA TYR I 306 -21.18 -16.82 3.62
C TYR I 306 -21.14 -18.11 2.82
N VAL I 307 -20.94 -19.23 3.51
CA VAL I 307 -20.79 -20.52 2.87
C VAL I 307 -21.64 -21.58 3.60
N LYS I 308 -22.15 -22.54 2.84
CA LYS I 308 -22.99 -23.60 3.38
C LYS I 308 -22.18 -24.68 4.11
N SER I 309 -20.87 -24.70 3.86
CA SER I 309 -20.00 -25.74 4.41
C SER I 309 -20.11 -25.88 5.92
N THR I 310 -19.97 -27.12 6.39
CA THR I 310 -19.98 -27.40 7.82
C THR I 310 -18.58 -27.42 8.40
N LYS I 311 -17.60 -27.75 7.55
CA LYS I 311 -16.19 -27.73 7.95
C LYS I 311 -15.28 -27.48 6.76
N LEU I 312 -14.35 -26.53 6.92
CA LEU I 312 -13.35 -26.26 5.90
C LEU I 312 -11.96 -26.37 6.50
N ARG I 313 -11.54 -27.60 6.77
CA ARG I 313 -10.25 -27.84 7.37
C ARG I 313 -9.18 -27.93 6.34
N LEU I 314 -8.17 -27.10 6.50
CA LEU I 314 -7.06 -27.05 5.55
C LEU I 314 -5.80 -27.68 6.15
N ALA I 315 -5.34 -28.77 5.55
CA ALA I 315 -4.18 -29.50 6.05
C ALA I 315 -2.89 -28.68 5.89
N THR I 316 -2.06 -28.71 6.92
CA THR I 316 -0.76 -28.02 6.89
C THR I 316 0.39 -29.01 7.07
N GLY I 317 0.19 -30.00 7.93
CA GLY I 317 1.18 -31.02 8.17
C GLY I 317 1.08 -32.15 7.17
N LEU I 318 1.53 -33.33 7.57
CA LEU I 318 1.51 -34.50 6.68
C LEU I 318 0.73 -35.65 7.29
N ARG I 319 0.59 -36.74 6.54
CA ARG I 319 -0.14 -37.91 7.03
C ARG I 319 0.37 -38.35 8.40
N ASN I 320 -0.51 -38.77 9.26
CA ASN I 320 -0.10 -39.18 10.58
C ASN I 320 -0.22 -40.69 10.69
N ILE I 321 0.74 -41.28 11.40
CA ILE I 321 0.78 -42.69 11.73
C ILE I 321 0.58 -42.92 13.22
N GLY J 1 2.68 -40.63 -1.60
CA GLY J 1 1.56 -40.79 -2.51
C GLY J 1 1.89 -40.43 -3.95
N LEU J 2 2.44 -39.25 -4.15
CA LEU J 2 2.70 -38.74 -5.50
C LEU J 2 4.18 -38.80 -5.86
N PHE J 3 5.02 -38.84 -4.84
CA PHE J 3 6.47 -38.94 -5.04
C PHE J 3 7.02 -40.25 -4.50
N GLY J 4 6.12 -41.09 -3.99
CA GLY J 4 6.48 -42.43 -3.56
C GLY J 4 7.17 -42.51 -2.21
N ALA J 5 7.51 -41.37 -1.63
CA ALA J 5 8.22 -41.34 -0.35
C ALA J 5 7.38 -41.60 0.90
N ILE J 6 6.52 -40.64 1.24
CA ILE J 6 5.66 -40.75 2.41
C ILE J 6 4.59 -41.79 2.12
N ALA J 7 4.36 -42.69 3.07
CA ALA J 7 3.39 -43.77 2.90
C ALA J 7 3.69 -44.57 1.64
N GLY J 8 4.92 -44.46 1.16
CA GLY J 8 5.35 -45.20 -0.02
C GLY J 8 6.43 -46.20 0.33
N PHE J 9 7.67 -45.91 -0.06
CA PHE J 9 8.79 -46.78 0.29
C PHE J 9 9.27 -46.49 1.70
N ILE J 10 8.76 -45.41 2.28
CA ILE J 10 8.95 -45.13 3.71
C ILE J 10 7.59 -45.21 4.40
N GLU J 11 7.22 -46.40 4.83
CA GLU J 11 5.86 -46.69 5.31
C GLU J 11 5.32 -45.74 6.38
N GLY J 12 5.95 -45.73 7.56
CA GLY J 12 5.44 -44.96 8.67
C GLY J 12 6.24 -43.72 9.01
N GLY J 13 5.83 -43.03 10.06
CA GLY J 13 6.51 -41.84 10.54
C GLY J 13 7.05 -42.05 11.94
N TRP J 14 7.91 -41.15 12.38
CA TRP J 14 8.58 -41.31 13.67
C TRP J 14 7.99 -40.44 14.74
N THR J 15 7.20 -41.05 15.62
CA THR J 15 6.64 -40.35 16.78
C THR J 15 7.80 -39.81 17.62
N GLY J 16 8.97 -40.42 17.46
CA GLY J 16 10.15 -40.00 18.19
C GLY J 16 10.61 -38.61 17.84
N MET J 17 10.83 -38.36 16.54
CA MET J 17 11.27 -37.06 16.08
C MET J 17 10.21 -35.99 16.36
N VAL J 18 10.62 -34.92 17.04
CA VAL J 18 9.68 -33.88 17.45
C VAL J 18 10.24 -32.47 17.25
N ASP J 19 11.28 -32.36 16.44
CA ASP J 19 11.93 -31.07 16.22
C ASP J 19 11.49 -30.44 14.90
N GLY J 20 10.98 -31.28 14.00
CA GLY J 20 10.56 -30.81 12.69
C GLY J 20 9.76 -31.87 11.94
N TRP J 21 9.45 -31.58 10.68
CA TRP J 21 8.64 -32.49 9.87
C TRP J 21 9.49 -33.60 9.25
N TYR J 22 10.70 -33.26 8.82
CA TYR J 22 11.60 -34.23 8.23
C TYR J 22 12.92 -34.27 8.97
N GLY J 23 13.50 -35.47 9.10
CA GLY J 23 14.77 -35.62 9.80
C GLY J 23 15.42 -36.98 9.62
N TYR J 24 16.35 -37.28 10.51
CA TYR J 24 17.09 -38.52 10.47
C TYR J 24 17.07 -39.18 11.80
N HIS J 25 17.39 -40.45 11.77
CA HIS J 25 17.69 -41.18 12.95
C HIS J 25 18.91 -41.94 12.56
N HIS J 26 19.96 -41.77 13.34
CA HIS J 26 21.24 -42.40 13.10
C HIS J 26 21.38 -43.52 14.09
N GLN J 27 22.34 -44.39 13.85
CA GLN J 27 22.57 -45.55 14.71
C GLN J 27 24.02 -46.02 14.63
N ASN J 28 24.92 -45.31 15.31
CA ASN J 28 26.31 -45.71 15.38
C ASN J 28 26.68 -46.21 16.77
N GLU J 29 27.98 -46.30 17.05
CA GLU J 29 28.44 -46.78 18.33
C GLU J 29 28.18 -45.79 19.46
N GLN J 30 28.32 -44.50 19.16
CA GLN J 30 28.07 -43.46 20.16
C GLN J 30 26.63 -43.47 20.66
N GLY J 31 25.71 -43.96 19.84
CA GLY J 31 24.33 -44.09 20.25
C GLY J 31 23.31 -43.81 19.16
N SER J 32 22.04 -44.01 19.49
CA SER J 32 20.95 -43.75 18.55
C SER J 32 20.29 -42.41 18.88
N GLY J 33 19.73 -41.76 17.87
CA GLY J 33 19.08 -40.48 18.07
C GLY J 33 18.28 -39.96 16.89
N TYR J 34 17.18 -39.30 17.20
CA TYR J 34 16.34 -38.71 16.17
C TYR J 34 16.65 -37.23 16.06
N ALA J 35 17.00 -36.78 14.87
CA ALA J 35 17.38 -35.38 14.65
C ALA J 35 16.71 -34.83 13.40
N ALA J 36 15.82 -33.87 13.59
CA ALA J 36 15.07 -33.29 12.48
C ALA J 36 15.95 -32.34 11.65
N ASP J 37 15.85 -32.45 10.34
CA ASP J 37 16.56 -31.56 9.43
C ASP J 37 16.05 -30.14 9.62
N LEU J 38 16.87 -29.30 10.27
CA LEU J 38 16.47 -27.92 10.56
C LEU J 38 16.14 -27.13 9.30
N LYS J 39 17.12 -26.99 8.41
CA LYS J 39 16.94 -26.19 7.20
C LYS J 39 15.71 -26.56 6.40
N SER J 40 15.55 -27.85 6.13
CA SER J 40 14.42 -28.34 5.33
C SER J 40 13.07 -28.06 6.02
N THR J 41 12.96 -28.48 7.27
CA THR J 41 11.75 -28.24 8.06
C THR J 41 11.43 -26.74 8.10
N GLN J 42 12.46 -25.93 8.32
CA GLN J 42 12.29 -24.49 8.44
C GLN J 42 11.80 -23.85 7.15
N ASN J 43 12.19 -24.42 6.02
CA ASN J 43 11.78 -23.89 4.72
C ASN J 43 10.33 -24.22 4.42
N ALA J 44 9.93 -25.45 4.73
CA ALA J 44 8.55 -25.87 4.51
C ALA J 44 7.60 -25.04 5.35
N ILE J 45 7.92 -24.92 6.63
CA ILE J 45 7.12 -24.11 7.54
C ILE J 45 6.93 -22.69 7.00
N ASP J 46 8.00 -22.14 6.42
CA ASP J 46 7.94 -20.80 5.84
C ASP J 46 7.04 -20.74 4.61
N GLU J 47 7.03 -21.82 3.84
CA GLU J 47 6.25 -21.85 2.61
C GLU J 47 4.78 -22.23 2.84
N ILE J 48 4.54 -23.20 3.71
CA ILE J 48 3.17 -23.58 4.06
C ILE J 48 2.44 -22.43 4.74
N THR J 49 3.14 -21.75 5.64
CA THR J 49 2.59 -20.56 6.29
C THR J 49 2.16 -19.55 5.24
N ASN J 50 3.05 -19.24 4.30
CA ASN J 50 2.72 -18.31 3.24
C ASN J 50 1.51 -18.78 2.43
N LYS J 51 1.36 -20.09 2.31
CA LYS J 51 0.22 -20.66 1.59
C LYS J 51 -1.09 -20.32 2.28
N VAL J 52 -1.15 -20.59 3.58
CA VAL J 52 -2.34 -20.29 4.36
C VAL J 52 -2.62 -18.78 4.38
N ASN J 53 -1.56 -17.98 4.49
CA ASN J 53 -1.71 -16.53 4.51
C ASN J 53 -2.00 -15.96 3.13
N SER J 54 -2.08 -16.82 2.13
CA SER J 54 -2.49 -16.40 0.79
C SER J 54 -3.97 -16.66 0.59
N VAL J 55 -4.41 -17.86 0.93
CA VAL J 55 -5.81 -18.23 0.85
C VAL J 55 -6.68 -17.32 1.71
N ILE J 56 -6.12 -16.87 2.83
CA ILE J 56 -6.84 -15.98 3.73
C ILE J 56 -6.72 -14.51 3.33
N GLU J 57 -5.49 -14.05 3.16
CA GLU J 57 -5.23 -12.62 2.97
C GLU J 57 -5.67 -12.09 1.60
N LYS J 58 -5.93 -12.99 0.66
CA LYS J 58 -6.41 -12.58 -0.67
C LYS J 58 -7.90 -12.32 -0.67
N MET J 59 -8.58 -12.72 0.41
CA MET J 59 -10.01 -12.47 0.56
C MET J 59 -10.27 -11.11 1.19
N ASN J 60 -10.27 -10.07 0.35
CA ASN J 60 -10.57 -8.73 0.79
C ASN J 60 -11.98 -8.34 0.35
N THR J 61 -12.88 -8.16 1.31
CA THR J 61 -14.28 -7.89 1.00
C THR J 61 -14.65 -6.41 1.14
N GLN J 62 -15.84 -6.08 0.66
CA GLN J 62 -16.35 -4.72 0.70
C GLN J 62 -17.17 -4.53 1.96
N PHE J 63 -17.47 -3.27 2.29
CA PHE J 63 -18.40 -2.99 3.39
C PHE J 63 -19.81 -2.87 2.83
N THR J 64 -20.57 -3.96 2.93
CA THR J 64 -21.93 -3.96 2.42
C THR J 64 -22.88 -4.60 3.42
N ALA J 65 -24.14 -4.19 3.35
CA ALA J 65 -25.16 -4.76 4.21
C ALA J 65 -26.12 -5.61 3.40
N VAL J 66 -25.84 -6.91 3.34
CA VAL J 66 -26.75 -7.83 2.67
C VAL J 66 -28.11 -7.80 3.36
N GLY J 67 -29.15 -8.27 2.67
CA GLY J 67 -30.47 -8.28 3.28
C GLY J 67 -31.17 -6.95 3.08
N LYS J 68 -32.36 -7.02 2.49
CA LYS J 68 -33.14 -5.85 2.17
C LYS J 68 -34.59 -6.09 2.56
N GLU J 69 -35.38 -5.02 2.61
CA GLU J 69 -36.78 -5.13 3.01
C GLU J 69 -37.71 -4.81 1.84
N PHE J 70 -38.71 -5.66 1.65
CA PHE J 70 -39.71 -5.46 0.59
C PHE J 70 -41.12 -5.71 1.10
N ASN J 71 -42.08 -4.93 0.62
CA ASN J 71 -43.47 -5.11 1.00
C ASN J 71 -44.17 -6.19 0.19
N HIS J 72 -45.42 -6.48 0.54
CA HIS J 72 -46.16 -7.57 -0.08
C HIS J 72 -46.39 -7.38 -1.57
N LEU J 73 -46.06 -6.19 -2.08
CA LEU J 73 -46.22 -5.90 -3.50
C LEU J 73 -44.88 -5.77 -4.20
N GLU J 74 -43.86 -6.38 -3.60
CA GLU J 74 -42.52 -6.38 -4.18
C GLU J 74 -41.91 -7.77 -4.08
N LYS J 75 -42.76 -8.79 -4.20
CA LYS J 75 -42.32 -10.17 -4.08
C LYS J 75 -41.33 -10.55 -5.17
N ARG J 76 -41.48 -9.94 -6.34
CA ARG J 76 -40.58 -10.22 -7.46
C ARG J 76 -39.14 -9.79 -7.18
N ILE J 77 -38.95 -8.51 -6.86
CA ILE J 77 -37.61 -8.03 -6.55
C ILE J 77 -37.11 -8.59 -5.23
N GLU J 78 -38.00 -9.12 -4.43
CA GLU J 78 -37.61 -9.80 -3.23
C GLU J 78 -37.09 -11.17 -3.52
N ASN J 79 -37.61 -11.77 -4.57
CA ASN J 79 -37.07 -13.02 -5.09
C ASN J 79 -35.80 -12.82 -5.92
N LEU J 80 -35.71 -11.67 -6.59
CA LEU J 80 -34.50 -11.31 -7.31
C LEU J 80 -33.38 -11.22 -6.29
N ASN J 81 -33.61 -10.44 -5.24
CA ASN J 81 -32.65 -10.30 -4.16
C ASN J 81 -32.24 -11.65 -3.58
N LYS J 82 -33.23 -12.53 -3.40
CA LYS J 82 -32.96 -13.85 -2.88
C LYS J 82 -32.10 -14.64 -3.85
N LYS J 83 -32.34 -14.44 -5.14
CA LYS J 83 -31.57 -15.13 -6.17
C LYS J 83 -30.10 -14.70 -6.14
N VAL J 84 -29.87 -13.43 -5.88
CA VAL J 84 -28.51 -12.90 -5.77
C VAL J 84 -27.79 -13.48 -4.56
N ASP J 85 -28.52 -13.66 -3.47
CA ASP J 85 -27.95 -14.20 -2.25
C ASP J 85 -27.65 -15.70 -2.37
N ASP J 86 -28.52 -16.41 -3.08
CA ASP J 86 -28.34 -17.85 -3.26
C ASP J 86 -27.31 -18.15 -4.34
N GLY J 87 -27.18 -17.26 -5.32
CA GLY J 87 -26.17 -17.40 -6.34
C GLY J 87 -24.78 -17.28 -5.73
N PHE J 88 -24.61 -16.26 -4.89
CA PHE J 88 -23.34 -16.05 -4.21
C PHE J 88 -23.07 -17.13 -3.19
N LEU J 89 -24.13 -17.77 -2.71
CA LEU J 89 -23.99 -18.85 -1.74
C LEU J 89 -23.43 -20.10 -2.38
N ASP J 90 -23.94 -20.44 -3.55
CA ASP J 90 -23.48 -21.63 -4.26
C ASP J 90 -22.09 -21.46 -4.85
N ILE J 91 -21.78 -20.25 -5.31
CA ILE J 91 -20.46 -19.97 -5.88
C ILE J 91 -19.36 -20.06 -4.83
N TRP J 92 -19.55 -19.42 -3.68
CA TRP J 92 -18.53 -19.44 -2.64
C TRP J 92 -18.42 -20.79 -1.95
N THR J 93 -19.56 -21.43 -1.71
CA THR J 93 -19.54 -22.76 -1.07
C THR J 93 -18.76 -23.75 -1.92
N TYR J 94 -19.04 -23.78 -3.22
CA TYR J 94 -18.38 -24.70 -4.14
C TYR J 94 -16.89 -24.38 -4.27
N ASN J 95 -16.58 -23.13 -4.55
CA ASN J 95 -15.19 -22.70 -4.69
C ASN J 95 -14.36 -22.95 -3.44
N ALA J 96 -14.95 -22.70 -2.27
CA ALA J 96 -14.25 -22.93 -1.01
C ALA J 96 -14.07 -24.42 -0.75
N GLU J 97 -15.08 -25.20 -1.09
CA GLU J 97 -15.01 -26.65 -0.90
C GLU J 97 -13.92 -27.26 -1.78
N LEU J 98 -13.84 -26.84 -3.03
CA LEU J 98 -12.84 -27.38 -3.95
C LEU J 98 -11.45 -26.82 -3.70
N LEU J 99 -11.37 -25.54 -3.35
CA LEU J 99 -10.09 -24.92 -3.05
C LEU J 99 -9.37 -25.69 -1.96
N VAL J 100 -10.12 -26.17 -0.98
CA VAL J 100 -9.55 -26.95 0.11
C VAL J 100 -9.16 -28.35 -0.34
N LEU J 101 -10.03 -29.00 -1.10
CA LEU J 101 -9.74 -30.34 -1.61
C LEU J 101 -8.47 -30.36 -2.45
N LEU J 102 -8.31 -29.36 -3.31
CA LEU J 102 -7.14 -29.27 -4.18
C LEU J 102 -5.87 -28.93 -3.42
N GLU J 103 -5.93 -27.90 -2.59
CA GLU J 103 -4.75 -27.45 -1.86
C GLU J 103 -4.34 -28.38 -0.73
N ASN J 104 -5.24 -29.28 -0.34
CA ASN J 104 -4.88 -30.35 0.59
C ASN J 104 -4.10 -31.43 -0.15
N GLU J 105 -4.59 -31.81 -1.32
CA GLU J 105 -3.90 -32.78 -2.15
C GLU J 105 -2.48 -32.29 -2.45
N ARG J 106 -2.31 -31.05 -2.83
CA ARG J 106 -0.97 -30.59 -3.11
C ARG J 106 -0.12 -30.46 -1.88
N THR J 107 -0.69 -29.97 -0.80
CA THR J 107 0.12 -29.83 0.41
C THR J 107 0.74 -31.15 0.84
N LEU J 108 -0.05 -32.23 0.78
CA LEU J 108 0.47 -33.55 1.12
C LEU J 108 1.55 -34.00 0.12
N ASP J 109 1.39 -33.62 -1.14
CA ASP J 109 2.39 -33.92 -2.15
C ASP J 109 3.64 -33.07 -1.96
N TYR J 110 3.45 -31.89 -1.37
CA TYR J 110 4.57 -31.01 -1.07
C TYR J 110 5.49 -31.66 -0.04
N HIS J 111 4.89 -32.23 1.00
CA HIS J 111 5.65 -32.91 2.03
C HIS J 111 6.28 -34.18 1.49
N ASP J 112 5.57 -34.87 0.61
CA ASP J 112 6.09 -36.07 -0.03
C ASP J 112 7.34 -35.71 -0.83
N SER J 113 7.23 -34.65 -1.62
CA SER J 113 8.36 -34.14 -2.38
C SER J 113 9.55 -33.82 -1.49
N ASN J 114 9.33 -33.12 -0.39
CA ASN J 114 10.45 -32.75 0.42
C ASN J 114 11.14 -33.92 1.06
N VAL J 115 10.38 -34.93 1.44
CA VAL J 115 11.00 -36.12 1.98
C VAL J 115 11.85 -36.83 0.92
N LYS J 116 11.23 -37.19 -0.19
CA LYS J 116 11.94 -37.80 -1.30
C LYS J 116 13.17 -36.98 -1.69
N ASN J 117 12.99 -35.67 -1.81
CA ASN J 117 14.10 -34.78 -2.14
C ASN J 117 15.24 -34.89 -1.13
N LEU J 118 14.89 -35.15 0.12
CA LEU J 118 15.88 -35.30 1.17
C LEU J 118 16.62 -36.64 1.03
N TYR J 119 15.87 -37.67 0.70
CA TYR J 119 16.43 -39.00 0.47
C TYR J 119 17.47 -38.97 -0.64
N GLU J 120 17.13 -38.32 -1.74
CA GLU J 120 18.03 -38.22 -2.89
C GLU J 120 19.25 -37.33 -2.60
N LYS J 121 19.04 -36.29 -1.81
CA LYS J 121 20.10 -35.32 -1.55
C LYS J 121 21.24 -35.92 -0.74
N VAL J 122 20.95 -36.99 -0.01
CA VAL J 122 21.93 -37.70 0.79
C VAL J 122 22.46 -38.90 0.01
N ARG J 123 21.59 -39.50 -0.75
CA ARG J 123 21.90 -40.69 -1.48
C ARG J 123 22.88 -40.46 -2.59
N SER J 124 23.01 -39.22 -3.03
CA SER J 124 23.96 -38.84 -4.07
C SER J 124 25.21 -38.20 -3.49
N GLN J 125 25.26 -38.08 -2.16
CA GLN J 125 26.43 -37.51 -1.49
C GLN J 125 27.39 -38.63 -1.10
N LEU J 126 26.83 -39.76 -0.69
CA LEU J 126 27.62 -40.96 -0.40
C LEU J 126 27.18 -42.13 -1.26
N LYS J 127 27.68 -42.18 -2.48
CA LYS J 127 27.25 -43.18 -3.46
C LYS J 127 27.66 -44.60 -3.05
N ASN J 128 28.97 -44.83 -3.02
CA ASN J 128 29.51 -46.17 -2.74
C ASN J 128 29.67 -46.47 -1.26
N ASN J 129 29.98 -45.43 -0.48
CA ASN J 129 30.31 -45.59 0.93
C ASN J 129 29.18 -46.20 1.78
N ALA J 130 28.04 -46.46 1.15
CA ALA J 130 26.91 -47.08 1.83
C ALA J 130 25.95 -47.71 0.82
N LYS J 131 25.08 -48.59 1.31
CA LYS J 131 24.12 -49.26 0.44
C LYS J 131 22.67 -48.93 0.79
N GLU J 132 21.79 -48.95 -0.21
CA GLU J 132 20.39 -48.69 0.00
C GLU J 132 19.65 -49.94 0.45
N ILE J 133 19.13 -49.90 1.68
CA ILE J 133 18.31 -51.00 2.17
C ILE J 133 17.03 -51.08 1.35
N GLY J 134 16.40 -49.93 1.13
CA GLY J 134 15.16 -49.85 0.39
C GLY J 134 14.03 -49.29 1.24
N ASN J 135 14.32 -49.10 2.52
CA ASN J 135 13.34 -48.59 3.47
C ASN J 135 13.64 -47.16 3.86
N GLY J 136 14.30 -46.43 2.97
CA GLY J 136 14.72 -45.07 3.25
C GLY J 136 15.95 -45.05 4.13
N CYS J 137 16.44 -46.24 4.47
CA CYS J 137 17.60 -46.37 5.35
C CYS J 137 18.84 -46.79 4.57
N PHE J 138 19.99 -46.24 4.98
CA PHE J 138 21.26 -46.61 4.41
C PHE J 138 22.10 -47.35 5.45
N GLU J 139 22.92 -48.29 4.99
CA GLU J 139 23.87 -48.97 5.87
C GLU J 139 25.30 -48.65 5.45
N PHE J 140 25.97 -47.85 6.25
CA PHE J 140 27.35 -47.44 5.97
C PHE J 140 28.29 -48.63 5.80
N TYR J 141 29.30 -48.46 4.96
CA TYR J 141 30.32 -49.47 4.77
C TYR J 141 31.57 -49.13 5.57
N HIS J 142 31.47 -48.13 6.43
CA HIS J 142 32.58 -47.72 7.28
C HIS J 142 32.09 -47.03 8.55
N LYS J 143 32.95 -46.96 9.55
CA LYS J 143 32.61 -46.34 10.82
C LYS J 143 32.17 -44.89 10.62
N CYS J 144 30.91 -44.61 10.95
CA CYS J 144 30.40 -43.24 10.87
C CYS J 144 30.08 -42.71 12.25
N ASP J 145 30.98 -41.90 12.79
CA ASP J 145 30.82 -41.33 14.12
C ASP J 145 29.90 -40.10 14.09
N ASN J 146 29.69 -39.49 15.25
CA ASN J 146 28.81 -38.35 15.37
C ASN J 146 29.19 -37.20 14.44
N THR J 147 30.48 -36.97 14.29
CA THR J 147 30.96 -35.89 13.41
C THR J 147 31.03 -36.35 11.96
N CYS J 148 30.78 -37.64 11.74
CA CYS J 148 30.65 -38.17 10.38
C CYS J 148 29.23 -37.93 9.90
N MET J 149 28.27 -38.30 10.74
CA MET J 149 26.86 -38.04 10.45
C MET J 149 26.67 -36.56 10.24
N GLU J 150 27.24 -35.76 11.14
CA GLU J 150 27.15 -34.31 11.08
C GLU J 150 27.42 -33.80 9.67
N SER J 151 28.41 -34.38 9.00
CA SER J 151 28.82 -33.91 7.68
C SER J 151 27.88 -34.38 6.56
N VAL J 152 27.05 -35.38 6.87
CA VAL J 152 26.05 -35.85 5.92
C VAL J 152 24.81 -34.98 5.98
N LYS J 153 24.32 -34.76 7.20
CA LYS J 153 23.16 -33.91 7.42
C LYS J 153 23.53 -32.45 7.22
N ASN J 154 24.82 -32.18 7.10
CA ASN J 154 25.32 -30.82 6.95
C ASN J 154 25.43 -30.42 5.49
N GLY J 155 25.53 -31.41 4.61
CA GLY J 155 25.69 -31.16 3.19
C GLY J 155 27.16 -31.03 2.83
N THR J 156 28.01 -31.08 3.84
CA THR J 156 29.47 -31.00 3.63
C THR J 156 30.10 -32.36 3.93
N TYR J 157 29.91 -33.30 3.01
CA TYR J 157 30.36 -34.67 3.22
C TYR J 157 31.47 -35.14 2.28
N ASP J 158 32.65 -35.30 2.88
CA ASP J 158 33.78 -36.00 2.28
C ASP J 158 33.39 -37.30 1.61
N TYR J 159 33.87 -37.51 0.39
CA TYR J 159 33.81 -38.83 -0.22
C TYR J 159 35.17 -39.54 -0.13
N PRO J 160 36.25 -38.79 0.18
CA PRO J 160 37.50 -39.46 0.54
C PRO J 160 37.01 -40.37 1.68
N LYS J 161 36.92 -41.64 1.31
CA LYS J 161 36.52 -42.71 2.18
C LYS J 161 36.42 -43.96 1.33
N TYR J 162 36.29 -45.08 2.02
CA TYR J 162 36.59 -46.39 1.48
C TYR J 162 37.99 -46.54 0.91
N ASP K 1 14.68 -64.28 -20.38
CA ASP K 1 13.93 -63.92 -19.18
C ASP K 1 13.89 -62.41 -18.99
N THR K 2 12.68 -61.85 -19.00
CA THR K 2 12.50 -60.42 -18.77
C THR K 2 11.25 -60.10 -17.95
N LEU K 3 11.22 -58.89 -17.40
CA LEU K 3 10.06 -58.42 -16.63
C LEU K 3 9.83 -56.94 -16.93
N CYS K 4 8.78 -56.64 -17.69
CA CYS K 4 8.51 -55.27 -18.11
C CYS K 4 7.37 -54.62 -17.32
N ILE K 5 7.39 -53.29 -17.37
CA ILE K 5 6.49 -52.37 -16.68
C ILE K 5 6.08 -51.29 -17.66
N GLY K 6 4.79 -51.05 -17.78
CA GLY K 6 4.39 -50.08 -18.76
C GLY K 6 2.95 -49.73 -18.62
N TYR K 7 2.46 -48.92 -19.55
CA TYR K 7 1.10 -48.41 -19.45
C TYR K 7 0.22 -49.05 -20.50
N HIS K 8 -1.09 -49.01 -20.24
CA HIS K 8 -2.11 -49.67 -21.02
C HIS K 8 -2.52 -48.96 -22.32
N ALA K 9 -3.68 -49.31 -22.83
CA ALA K 9 -4.23 -48.73 -24.05
C ALA K 9 -5.51 -49.49 -24.39
N ASN K 10 -6.27 -49.03 -25.37
CA ASN K 10 -7.54 -49.69 -25.73
C ASN K 10 -8.16 -49.08 -26.98
N ASN K 11 -9.36 -49.49 -27.36
CA ASN K 11 -9.90 -48.95 -28.61
C ASN K 11 -10.63 -47.63 -28.43
N SER K 12 -10.52 -47.04 -27.23
CA SER K 12 -11.21 -45.80 -26.91
C SER K 12 -10.68 -44.61 -27.70
N THR K 13 -11.57 -43.69 -28.05
CA THR K 13 -11.20 -42.50 -28.81
C THR K 13 -11.62 -41.21 -28.09
N ASP K 14 -12.15 -41.36 -26.88
CA ASP K 14 -12.56 -40.22 -26.07
C ASP K 14 -11.41 -39.24 -25.89
N THR K 15 -11.63 -38.01 -26.30
CA THR K 15 -10.64 -36.96 -26.10
C THR K 15 -11.03 -36.00 -24.97
N VAL K 16 -10.02 -35.44 -24.32
CA VAL K 16 -10.23 -34.44 -23.29
C VAL K 16 -9.20 -33.34 -23.47
N ASP K 17 -9.37 -32.24 -22.75
CA ASP K 17 -8.42 -31.13 -22.84
C ASP K 17 -7.72 -30.91 -21.51
N THR K 18 -6.49 -30.40 -21.58
CA THR K 18 -5.76 -30.02 -20.38
C THR K 18 -5.20 -28.61 -20.55
N VAL K 19 -4.69 -28.05 -19.47
CA VAL K 19 -4.11 -26.71 -19.51
C VAL K 19 -2.96 -26.67 -20.52
N LEU K 20 -2.26 -27.80 -20.66
CA LEU K 20 -1.06 -27.87 -21.49
C LEU K 20 -1.29 -28.42 -22.89
N GLU K 21 -2.30 -29.26 -23.05
CA GLU K 21 -2.49 -29.99 -24.30
C GLU K 21 -3.96 -30.14 -24.67
N LYS K 22 -4.28 -29.98 -25.95
CA LYS K 22 -5.64 -30.07 -26.42
C LYS K 22 -5.88 -31.37 -27.18
N ASN K 23 -7.10 -31.90 -27.09
CA ASN K 23 -7.47 -33.14 -27.77
C ASN K 23 -6.54 -34.30 -27.42
N VAL K 24 -6.42 -34.59 -26.13
CA VAL K 24 -5.64 -35.73 -25.67
C VAL K 24 -6.52 -36.97 -25.53
N THR K 25 -6.24 -37.99 -26.34
CA THR K 25 -7.01 -39.22 -26.29
C THR K 25 -6.76 -39.95 -24.99
N VAL K 26 -7.74 -40.68 -24.50
CA VAL K 26 -7.70 -41.19 -23.15
C VAL K 26 -8.48 -42.51 -23.06
N THR K 27 -8.14 -43.34 -22.08
CA THR K 27 -8.76 -44.65 -21.93
C THR K 27 -10.17 -44.57 -21.38
N HIS K 28 -10.37 -43.71 -20.39
CA HIS K 28 -11.68 -43.56 -19.76
C HIS K 28 -11.96 -42.11 -19.39
N SER K 29 -13.22 -41.72 -19.45
CA SER K 29 -13.63 -40.36 -19.10
C SER K 29 -15.13 -40.26 -18.84
N VAL K 30 -15.51 -39.35 -17.97
CA VAL K 30 -16.91 -39.08 -17.69
C VAL K 30 -17.28 -37.68 -18.18
N ASN K 31 -18.58 -37.40 -18.23
CA ASN K 31 -19.05 -36.09 -18.63
C ASN K 31 -19.60 -35.33 -17.42
N LEU K 32 -19.14 -34.10 -17.24
CA LEU K 32 -19.62 -33.25 -16.15
C LEU K 32 -20.81 -32.40 -16.60
N LEU K 33 -20.98 -32.30 -17.91
CA LEU K 33 -22.00 -31.44 -18.49
C LEU K 33 -23.24 -32.21 -18.91
N GLU K 34 -24.39 -31.86 -18.32
CA GLU K 34 -25.66 -32.44 -18.73
C GLU K 34 -26.21 -31.69 -19.92
N ASP K 35 -26.49 -32.41 -21.01
CA ASP K 35 -26.99 -31.78 -22.22
C ASP K 35 -28.20 -32.51 -22.78
N LYS K 36 -28.93 -33.19 -21.90
CA LYS K 36 -30.06 -34.00 -22.33
C LYS K 36 -31.27 -33.82 -21.43
N HIS K 37 -32.40 -33.49 -22.04
CA HIS K 37 -33.66 -33.31 -21.31
C HIS K 37 -34.75 -34.17 -21.93
N ASN K 38 -35.78 -34.49 -21.15
CA ASN K 38 -36.84 -35.37 -21.61
C ASN K 38 -37.95 -34.67 -22.41
N GLY K 39 -37.77 -33.39 -22.68
CA GLY K 39 -38.72 -32.62 -23.46
C GLY K 39 -40.14 -32.74 -22.95
N LYS K 40 -40.29 -32.71 -21.63
CA LYS K 40 -41.60 -32.81 -20.99
C LYS K 40 -41.67 -31.89 -19.80
N LEU K 41 -42.84 -31.29 -19.59
CA LEU K 41 -43.10 -30.50 -18.41
C LEU K 41 -43.64 -31.41 -17.31
N CYS K 42 -42.82 -31.72 -16.33
CA CYS K 42 -43.16 -32.72 -15.32
C CYS K 42 -43.57 -32.10 -13.99
N LYS K 43 -43.93 -32.96 -13.05
CA LYS K 43 -44.22 -32.54 -11.68
C LYS K 43 -42.91 -31.97 -11.15
N LEU K 44 -43.00 -31.18 -10.08
CA LEU K 44 -41.83 -30.65 -9.42
C LEU K 44 -41.39 -31.17 -8.05
N ARG K 45 -42.19 -30.89 -7.03
CA ARG K 45 -41.90 -31.40 -5.70
C ARG K 45 -42.51 -32.81 -5.81
N GLY K 46 -43.83 -32.88 -5.81
CA GLY K 46 -44.52 -34.11 -6.10
C GLY K 46 -45.84 -33.71 -6.72
N VAL K 47 -45.99 -32.40 -6.88
CA VAL K 47 -47.22 -31.77 -7.35
C VAL K 47 -47.08 -31.29 -8.78
N ALA K 48 -48.07 -31.60 -9.61
CA ALA K 48 -48.04 -31.19 -11.01
C ALA K 48 -48.22 -29.68 -11.15
N PRO K 49 -47.83 -29.14 -12.32
CA PRO K 49 -47.99 -27.71 -12.57
C PRO K 49 -49.44 -27.35 -12.89
N LEU K 50 -49.73 -26.06 -12.96
CA LEU K 50 -51.02 -25.59 -13.40
C LEU K 50 -50.92 -25.15 -14.86
N HIS K 51 -51.58 -25.88 -15.76
CA HIS K 51 -51.53 -25.55 -17.17
C HIS K 51 -52.77 -24.78 -17.58
N LEU K 52 -52.59 -23.57 -18.12
CA LEU K 52 -53.70 -22.70 -18.47
C LEU K 52 -54.17 -22.88 -19.91
N GLY K 53 -53.36 -23.57 -20.71
CA GLY K 53 -53.72 -23.85 -22.09
C GLY K 53 -53.97 -22.62 -22.93
N LYS K 54 -55.23 -22.41 -23.29
CA LYS K 54 -55.61 -21.32 -24.20
C LYS K 54 -55.55 -19.95 -23.54
N CYS K 55 -55.64 -19.92 -22.21
CA CYS K 55 -55.69 -18.67 -21.47
C CYS K 55 -54.40 -18.35 -20.72
N ASN K 56 -54.28 -17.10 -20.29
CA ASN K 56 -53.19 -16.70 -19.41
C ASN K 56 -53.70 -16.45 -17.99
N ILE K 57 -52.81 -16.02 -17.10
CA ILE K 57 -53.18 -15.80 -15.70
C ILE K 57 -54.40 -14.90 -15.57
N ALA K 58 -54.36 -13.73 -16.21
CA ALA K 58 -55.45 -12.77 -16.12
C ALA K 58 -56.81 -13.39 -16.44
N GLY K 59 -56.92 -13.98 -17.62
CA GLY K 59 -58.15 -14.62 -18.03
C GLY K 59 -58.57 -15.75 -17.09
N TRP K 60 -57.60 -16.39 -16.48
CA TRP K 60 -57.88 -17.52 -15.60
C TRP K 60 -58.58 -17.14 -14.29
N ILE K 61 -58.04 -16.15 -13.58
CA ILE K 61 -58.62 -15.73 -12.32
C ILE K 61 -59.87 -14.86 -12.47
N LEU K 62 -59.90 -14.06 -13.52
CA LEU K 62 -61.06 -13.22 -13.78
C LEU K 62 -62.26 -14.07 -14.18
N GLY K 63 -61.98 -15.15 -14.90
CA GLY K 63 -63.02 -16.08 -15.30
C GLY K 63 -63.48 -15.88 -16.73
N ASN K 64 -62.59 -15.35 -17.56
CA ASN K 64 -62.88 -15.22 -18.99
C ASN K 64 -63.62 -16.46 -19.49
N PRO K 65 -64.73 -16.25 -20.20
CA PRO K 65 -65.62 -17.32 -20.67
C PRO K 65 -64.89 -18.46 -21.40
N GLU K 66 -63.70 -18.21 -21.92
CA GLU K 66 -62.95 -19.26 -22.63
C GLU K 66 -62.14 -20.15 -21.68
N CYS K 67 -61.69 -19.57 -20.57
CA CYS K 67 -60.96 -20.33 -19.54
C CYS K 67 -61.95 -21.12 -18.69
N GLU K 68 -63.14 -21.31 -19.25
CA GLU K 68 -64.26 -21.95 -18.56
C GLU K 68 -63.94 -23.36 -18.07
N SER K 69 -62.97 -24.01 -18.71
CA SER K 69 -62.74 -25.42 -18.51
C SER K 69 -61.37 -25.73 -17.90
N LEU K 70 -60.96 -25.00 -16.87
CA LEU K 70 -59.62 -25.22 -16.34
C LEU K 70 -59.58 -25.41 -14.83
N SER K 71 -59.73 -24.32 -14.11
CA SER K 71 -59.41 -24.28 -12.69
C SER K 71 -60.20 -25.06 -11.65
N THR K 72 -59.68 -26.24 -11.31
CA THR K 72 -60.00 -26.92 -10.06
C THR K 72 -58.88 -27.33 -9.10
N ALA K 73 -57.71 -27.66 -9.66
CA ALA K 73 -56.55 -28.10 -8.88
C ALA K 73 -56.40 -27.28 -7.61
N SER K 74 -56.20 -27.98 -6.50
CA SER K 74 -56.12 -27.39 -5.18
C SER K 74 -54.73 -26.89 -4.86
N SER K 75 -53.78 -27.22 -5.72
CA SER K 75 -52.39 -26.84 -5.52
C SER K 75 -51.54 -27.16 -6.74
N TRP K 76 -50.48 -26.36 -6.95
CA TRP K 76 -49.55 -26.60 -8.04
C TRP K 76 -48.15 -26.13 -7.67
N SER K 77 -47.15 -26.68 -8.36
CA SER K 77 -45.76 -26.36 -8.09
C SER K 77 -45.30 -25.15 -8.90
N TYR K 78 -45.85 -25.01 -10.10
CA TYR K 78 -45.55 -23.86 -10.95
C TYR K 78 -46.65 -23.69 -11.99
N ILE K 79 -46.58 -22.62 -12.77
CA ILE K 79 -47.64 -22.33 -13.73
C ILE K 79 -47.13 -22.33 -15.17
N VAL K 80 -47.92 -22.91 -16.07
CA VAL K 80 -47.53 -23.01 -17.48
C VAL K 80 -48.49 -22.29 -18.41
N GLU K 81 -47.98 -21.31 -19.15
CA GLU K 81 -48.74 -20.66 -20.20
C GLU K 81 -48.15 -21.07 -21.55
N THR K 82 -48.99 -21.08 -22.58
CA THR K 82 -48.50 -21.31 -23.93
C THR K 82 -48.23 -19.95 -24.57
N PRO K 83 -47.20 -19.88 -25.43
CA PRO K 83 -46.88 -18.63 -26.13
C PRO K 83 -48.06 -18.15 -26.96
N SER K 84 -49.00 -19.06 -27.22
CA SER K 84 -50.14 -18.76 -28.07
C SER K 84 -51.37 -18.30 -27.28
N SER K 85 -51.36 -18.55 -25.96
CA SER K 85 -52.50 -18.21 -25.12
C SER K 85 -52.75 -16.69 -25.07
N ASP K 86 -53.85 -16.26 -25.67
CA ASP K 86 -54.16 -14.84 -25.77
C ASP K 86 -55.44 -14.47 -25.04
N ASN K 87 -56.13 -15.46 -24.48
CA ASN K 87 -57.39 -15.22 -23.79
C ASN K 87 -57.20 -14.74 -22.35
N GLY K 88 -57.15 -13.43 -22.18
CA GLY K 88 -56.98 -12.84 -20.86
C GLY K 88 -58.10 -11.86 -20.55
N THR K 89 -57.75 -10.58 -20.40
CA THR K 89 -58.73 -9.54 -20.12
C THR K 89 -59.45 -9.13 -21.40
N CYS K 90 -60.59 -9.76 -21.67
CA CYS K 90 -61.34 -9.51 -22.89
C CYS K 90 -61.85 -8.07 -22.99
N TYR K 91 -62.22 -7.49 -21.87
CA TYR K 91 -62.62 -6.08 -21.87
C TYR K 91 -61.40 -5.22 -21.57
N PRO K 92 -60.98 -4.42 -22.57
CA PRO K 92 -59.78 -3.58 -22.50
C PRO K 92 -59.67 -2.86 -21.17
N GLY K 93 -58.45 -2.78 -20.65
CA GLY K 93 -58.22 -2.15 -19.37
C GLY K 93 -56.83 -2.42 -18.84
N ASP K 94 -56.60 -2.00 -17.60
CA ASP K 94 -55.29 -2.10 -16.99
C ASP K 94 -55.34 -3.01 -15.75
N PHE K 95 -54.59 -4.11 -15.80
CA PHE K 95 -54.51 -5.00 -14.65
C PHE K 95 -53.42 -4.52 -13.70
N ILE K 96 -53.84 -3.82 -12.65
CA ILE K 96 -52.89 -3.21 -11.70
C ILE K 96 -52.08 -4.27 -10.95
N ASP K 97 -50.77 -4.05 -10.88
CA ASP K 97 -49.86 -5.00 -10.23
C ASP K 97 -50.10 -6.42 -10.73
N TYR K 98 -50.19 -6.63 -12.03
CA TYR K 98 -50.44 -7.97 -12.52
C TYR K 98 -49.23 -8.83 -12.32
N GLU K 99 -48.09 -8.41 -12.83
CA GLU K 99 -46.91 -9.24 -12.69
C GLU K 99 -46.75 -9.73 -11.25
N GLU K 100 -46.96 -8.82 -10.31
CA GLU K 100 -46.87 -9.16 -8.90
C GLU K 100 -47.81 -10.31 -8.55
N LEU K 101 -49.05 -10.19 -8.99
CA LEU K 101 -50.06 -11.20 -8.72
C LEU K 101 -49.62 -12.56 -9.28
N ARG K 102 -49.17 -12.56 -10.53
CA ARG K 102 -48.67 -13.78 -11.14
C ARG K 102 -47.62 -14.45 -10.27
N GLU K 103 -46.71 -13.64 -9.73
CA GLU K 103 -45.66 -14.16 -8.86
C GLU K 103 -46.27 -14.80 -7.61
N GLN K 104 -47.25 -14.10 -7.02
CA GLN K 104 -47.92 -14.58 -5.81
C GLN K 104 -48.66 -15.86 -6.10
N LEU K 105 -49.11 -16.01 -7.34
CA LEU K 105 -49.93 -17.15 -7.76
C LEU K 105 -49.10 -18.28 -8.36
N SER K 106 -47.81 -18.03 -8.55
CA SER K 106 -46.93 -18.98 -9.22
C SER K 106 -47.02 -20.36 -8.59
N SER K 107 -46.97 -20.41 -7.27
CA SER K 107 -47.11 -21.69 -6.58
C SER K 107 -47.98 -21.54 -5.34
N VAL K 108 -48.92 -22.46 -5.18
CA VAL K 108 -49.77 -22.46 -4.00
C VAL K 108 -49.97 -23.84 -3.40
N SER K 109 -50.18 -23.85 -2.09
CA SER K 109 -50.29 -25.10 -1.34
C SER K 109 -51.75 -25.54 -1.22
N SER K 110 -52.65 -24.58 -1.13
CA SER K 110 -54.09 -24.85 -1.14
C SER K 110 -54.83 -23.70 -1.81
N PHE K 111 -55.78 -24.04 -2.67
CA PHE K 111 -56.41 -23.03 -3.51
C PHE K 111 -57.85 -23.43 -3.86
N GLU K 112 -58.79 -23.03 -3.02
CA GLU K 112 -60.20 -23.30 -3.28
C GLU K 112 -60.94 -22.02 -3.64
N ARG K 113 -61.79 -22.11 -4.65
CA ARG K 113 -62.50 -20.94 -5.15
C ARG K 113 -63.96 -20.94 -4.69
N PHE K 114 -64.28 -20.04 -3.76
CA PHE K 114 -65.62 -19.97 -3.19
C PHE K 114 -66.34 -18.70 -3.63
N GLU K 115 -67.67 -18.75 -3.65
CA GLU K 115 -68.47 -17.60 -4.02
C GLU K 115 -68.57 -16.61 -2.85
N ILE K 116 -67.82 -15.52 -2.95
CA ILE K 116 -67.75 -14.55 -1.85
C ILE K 116 -69.05 -13.76 -1.69
N PHE K 117 -69.52 -13.14 -2.76
CA PHE K 117 -70.78 -12.41 -2.76
C PHE K 117 -71.79 -13.08 -3.67
N PRO K 118 -72.57 -14.03 -3.11
CA PRO K 118 -73.59 -14.76 -3.88
C PRO K 118 -74.44 -13.83 -4.73
N LYS K 119 -74.44 -14.05 -6.04
CA LYS K 119 -75.09 -13.15 -7.00
C LYS K 119 -76.56 -12.89 -6.68
N THR K 120 -77.29 -13.95 -6.33
CA THR K 120 -78.73 -13.85 -6.14
C THR K 120 -79.14 -13.00 -4.94
N SER K 121 -78.45 -13.20 -3.82
CA SER K 121 -78.86 -12.59 -2.56
C SER K 121 -78.05 -11.35 -2.15
N SER K 122 -77.06 -10.98 -2.96
CA SER K 122 -76.16 -9.90 -2.57
C SER K 122 -76.53 -8.53 -3.13
N TRP K 123 -77.15 -8.51 -4.32
CA TRP K 123 -77.44 -7.24 -4.98
C TRP K 123 -78.92 -7.08 -5.31
N PRO K 124 -79.74 -6.80 -4.29
CA PRO K 124 -81.19 -6.66 -4.44
C PRO K 124 -81.57 -5.27 -4.93
N ASN K 125 -80.59 -4.36 -4.99
CA ASN K 125 -80.86 -2.97 -5.35
C ASN K 125 -80.18 -2.56 -6.65
N HIS K 126 -79.58 -3.53 -7.34
CA HIS K 126 -78.89 -3.26 -8.59
C HIS K 126 -79.11 -4.42 -9.56
N ASP K 127 -78.98 -4.15 -10.85
CA ASP K 127 -79.17 -5.18 -11.86
C ASP K 127 -77.89 -5.99 -12.09
N SER K 128 -77.97 -7.29 -11.85
CA SER K 128 -76.83 -8.18 -12.00
C SER K 128 -77.00 -9.12 -13.18
N ASN K 129 -77.70 -8.65 -14.22
CA ASN K 129 -78.00 -9.49 -15.37
C ASN K 129 -77.75 -8.80 -16.71
N LYS K 130 -77.71 -7.48 -16.69
CA LYS K 130 -77.46 -6.72 -17.91
C LYS K 130 -75.97 -6.53 -18.14
N GLY K 131 -75.17 -6.97 -17.17
CA GLY K 131 -73.73 -6.74 -17.21
C GLY K 131 -72.95 -7.69 -18.10
N VAL K 132 -73.20 -7.63 -19.39
CA VAL K 132 -72.44 -8.42 -20.36
C VAL K 132 -71.91 -7.52 -21.46
N THR K 133 -71.09 -8.09 -22.35
CA THR K 133 -70.45 -7.32 -23.40
C THR K 133 -70.06 -8.18 -24.59
N ALA K 134 -70.04 -7.57 -25.78
CA ALA K 134 -69.65 -8.28 -26.99
C ALA K 134 -68.15 -8.54 -26.98
N ALA K 135 -67.43 -7.88 -26.07
CA ALA K 135 -66.01 -8.08 -25.93
C ALA K 135 -65.70 -9.43 -25.28
N CYS K 136 -66.64 -9.92 -24.47
CA CYS K 136 -66.45 -11.20 -23.80
C CYS K 136 -67.46 -12.24 -24.29
N PRO K 137 -67.28 -12.70 -25.53
CA PRO K 137 -68.24 -13.58 -26.20
C PRO K 137 -68.19 -15.01 -25.70
N HIS K 138 -69.36 -15.60 -25.44
CA HIS K 138 -69.45 -17.01 -25.17
C HIS K 138 -70.50 -17.62 -26.11
N ALA K 139 -70.01 -18.19 -27.21
CA ALA K 139 -70.88 -18.72 -28.26
C ALA K 139 -71.59 -17.60 -29.02
N GLY K 140 -70.81 -16.65 -29.53
CA GLY K 140 -71.33 -15.56 -30.36
C GLY K 140 -72.16 -14.56 -29.61
N ALA K 141 -72.71 -15.01 -28.50
CA ALA K 141 -73.60 -14.17 -27.73
C ALA K 141 -72.84 -13.56 -26.55
N LYS K 142 -73.27 -12.37 -26.13
CA LYS K 142 -72.53 -11.58 -25.14
C LYS K 142 -72.46 -12.21 -23.76
N SER K 143 -71.27 -12.17 -23.16
CA SER K 143 -71.06 -12.72 -21.82
C SER K 143 -70.13 -11.82 -21.02
N PHE K 144 -69.53 -12.37 -19.97
CA PHE K 144 -68.64 -11.60 -19.11
C PHE K 144 -67.80 -12.55 -18.26
N TYR K 145 -66.97 -12.00 -17.39
CA TYR K 145 -66.16 -12.81 -16.49
C TYR K 145 -67.04 -13.60 -15.52
N LYS K 146 -66.67 -14.84 -15.27
CA LYS K 146 -67.43 -15.69 -14.35
C LYS K 146 -67.27 -15.24 -12.91
N ASN K 147 -66.09 -14.72 -12.59
CA ASN K 147 -65.75 -14.39 -11.21
C ASN K 147 -66.01 -12.93 -10.85
N LEU K 148 -66.50 -12.18 -11.83
CA LEU K 148 -66.88 -10.79 -11.60
C LEU K 148 -68.31 -10.53 -12.06
N ILE K 149 -68.97 -9.56 -11.43
CA ILE K 149 -70.31 -9.15 -11.84
C ILE K 149 -70.35 -7.66 -12.14
N TRP K 150 -70.85 -7.32 -13.32
CA TRP K 150 -70.91 -5.92 -13.75
C TRP K 150 -72.23 -5.29 -13.34
N LEU K 151 -72.30 -4.81 -12.10
CA LEU K 151 -73.52 -4.18 -11.59
C LEU K 151 -73.87 -2.90 -12.33
N VAL K 152 -75.10 -2.86 -12.86
CA VAL K 152 -75.63 -1.65 -13.46
C VAL K 152 -76.86 -1.19 -12.68
N LYS K 153 -77.37 -0.02 -13.02
CA LYS K 153 -78.54 0.54 -12.34
C LYS K 153 -79.79 -0.28 -12.62
N LYS K 154 -80.64 -0.42 -11.61
CA LYS K 154 -81.92 -1.08 -11.78
C LYS K 154 -82.99 -0.06 -12.17
N GLY K 155 -83.16 0.13 -13.47
CA GLY K 155 -84.13 1.08 -13.98
C GLY K 155 -84.18 2.48 -13.41
N ASN K 156 -83.17 3.27 -13.72
CA ASN K 156 -83.16 4.69 -13.37
C ASN K 156 -82.73 4.92 -11.93
N SER K 157 -82.16 3.90 -11.29
CA SER K 157 -81.73 4.07 -9.91
C SER K 157 -80.51 3.22 -9.57
N TYR K 158 -79.42 3.91 -9.20
CA TYR K 158 -78.23 3.26 -8.69
C TYR K 158 -77.96 3.77 -7.27
N PRO K 159 -78.53 3.10 -6.27
CA PRO K 159 -78.38 3.48 -4.87
C PRO K 159 -76.97 3.15 -4.38
N LYS K 160 -76.44 3.94 -3.46
CA LYS K 160 -75.15 3.62 -2.86
C LYS K 160 -75.18 2.19 -2.36
N LEU K 161 -74.26 1.37 -2.88
CA LEU K 161 -74.15 0.00 -2.43
C LEU K 161 -73.04 -0.11 -1.39
N SER K 162 -73.16 -1.06 -0.48
CA SER K 162 -72.18 -1.19 0.59
C SER K 162 -72.16 -2.62 1.14
N LYS K 163 -71.35 -3.47 0.52
CA LYS K 163 -71.19 -4.85 0.96
C LYS K 163 -69.82 -5.02 1.62
N SER K 164 -69.64 -6.10 2.35
CA SER K 164 -68.36 -6.39 2.98
C SER K 164 -68.25 -7.87 3.35
N TYR K 165 -67.07 -8.43 3.11
CA TYR K 165 -66.82 -9.82 3.44
C TYR K 165 -65.76 -9.94 4.52
N ILE K 166 -66.04 -10.79 5.51
CA ILE K 166 -65.06 -11.04 6.55
C ILE K 166 -64.43 -12.42 6.38
N ASN K 167 -63.11 -12.45 6.27
CA ASN K 167 -62.39 -13.68 6.01
C ASN K 167 -62.46 -14.68 7.16
N ASP K 168 -63.34 -15.66 7.04
CA ASP K 168 -63.47 -16.71 8.05
C ASP K 168 -62.74 -17.97 7.62
N LYS K 169 -62.09 -17.91 6.47
CA LYS K 169 -61.22 -19.00 6.03
C LYS K 169 -59.98 -18.99 6.90
N GLY K 170 -59.26 -20.11 6.94
CA GLY K 170 -58.06 -20.22 7.75
C GLY K 170 -56.81 -19.89 6.95
N LYS K 171 -56.96 -18.94 6.03
CA LYS K 171 -55.90 -18.61 5.10
C LYS K 171 -56.23 -17.29 4.40
N GLU K 172 -55.30 -16.82 3.58
CA GLU K 172 -55.52 -15.59 2.83
C GLU K 172 -56.62 -15.78 1.79
N VAL K 173 -57.31 -14.69 1.49
CA VAL K 173 -58.34 -14.70 0.46
C VAL K 173 -58.04 -13.68 -0.62
N LEU K 174 -57.74 -14.16 -1.83
CA LEU K 174 -57.53 -13.28 -2.96
C LEU K 174 -58.87 -12.76 -3.46
N VAL K 175 -59.03 -11.45 -3.45
CA VAL K 175 -60.26 -10.82 -3.90
C VAL K 175 -59.99 -9.92 -5.10
N LEU K 176 -60.70 -10.16 -6.20
CA LEU K 176 -60.54 -9.33 -7.39
C LEU K 176 -61.80 -8.52 -7.67
N TRP K 177 -61.61 -7.29 -8.13
CA TRP K 177 -62.73 -6.45 -8.53
C TRP K 177 -62.34 -5.59 -9.72
N GLY K 178 -63.24 -4.73 -10.16
CA GLY K 178 -62.97 -3.90 -11.32
C GLY K 178 -63.65 -2.54 -11.25
N ILE K 179 -63.03 -1.56 -11.90
CA ILE K 179 -63.59 -0.23 -12.01
C ILE K 179 -63.82 0.08 -13.49
N HIS K 180 -65.06 0.38 -13.84
CA HIS K 180 -65.38 0.64 -15.25
C HIS K 180 -65.40 2.13 -15.56
N HIS K 181 -64.74 2.49 -16.66
CA HIS K 181 -64.67 3.87 -17.10
C HIS K 181 -65.37 4.01 -18.45
N PRO K 182 -66.61 4.49 -18.43
CA PRO K 182 -67.41 4.68 -19.65
C PRO K 182 -66.76 5.67 -20.60
N SER K 183 -67.11 5.57 -21.89
CA SER K 183 -66.49 6.41 -22.91
C SER K 183 -67.11 7.80 -22.97
N THR K 184 -68.40 7.89 -22.69
CA THR K 184 -69.12 9.15 -22.76
C THR K 184 -70.03 9.33 -21.56
N SER K 185 -70.27 10.58 -21.17
CA SER K 185 -71.12 10.89 -20.03
C SER K 185 -72.55 10.42 -20.26
N ALA K 186 -72.90 10.15 -21.51
CA ALA K 186 -74.19 9.59 -21.85
C ALA K 186 -74.29 8.13 -21.42
N ASP K 187 -73.21 7.38 -21.67
CA ASP K 187 -73.14 5.99 -21.25
C ASP K 187 -73.01 5.89 -19.73
N GLN K 188 -72.41 6.92 -19.14
CA GLN K 188 -72.24 6.97 -17.69
C GLN K 188 -73.58 6.86 -16.99
N GLN K 189 -74.51 7.76 -17.33
CA GLN K 189 -75.82 7.75 -16.69
C GLN K 189 -76.67 6.59 -17.20
N SER K 190 -76.46 6.22 -18.46
CA SER K 190 -77.17 5.11 -19.06
C SER K 190 -76.86 3.81 -18.33
N LEU K 191 -75.72 3.76 -17.67
CA LEU K 191 -75.27 2.59 -16.92
C LEU K 191 -75.50 2.76 -15.42
N TYR K 192 -75.09 3.91 -14.89
CA TYR K 192 -75.22 4.20 -13.47
C TYR K 192 -75.74 5.63 -13.50
N GLN K 193 -77.03 5.83 -13.30
CA GLN K 193 -77.64 7.15 -13.46
C GLN K 193 -76.86 8.35 -13.01
N ASN K 194 -76.23 8.25 -11.84
CA ASN K 194 -75.51 9.39 -11.28
C ASN K 194 -74.36 9.74 -12.22
N ALA K 195 -74.11 11.03 -12.41
CA ALA K 195 -73.05 11.49 -13.32
C ALA K 195 -71.70 11.62 -12.61
N ASP K 196 -71.74 11.83 -11.30
CA ASP K 196 -70.51 11.91 -10.50
C ASP K 196 -70.47 10.81 -9.45
N THR K 197 -69.80 9.72 -9.79
CA THR K 197 -69.76 8.55 -8.92
C THR K 197 -68.39 8.36 -8.30
N TYR K 198 -68.30 7.42 -7.36
CA TYR K 198 -67.04 7.06 -6.74
C TYR K 198 -67.12 5.63 -6.24
N VAL K 199 -66.00 4.91 -6.27
CA VAL K 199 -65.95 3.61 -5.61
C VAL K 199 -64.83 3.53 -4.58
N PHE K 200 -65.12 2.85 -3.47
CA PHE K 200 -64.16 2.72 -2.40
C PHE K 200 -64.00 1.27 -1.94
N VAL K 201 -62.77 0.79 -1.97
CA VAL K 201 -62.44 -0.53 -1.43
C VAL K 201 -61.51 -0.36 -0.24
N GLY K 202 -61.80 -1.05 0.85
CA GLY K 202 -60.99 -0.92 2.06
C GLY K 202 -60.96 -2.15 2.93
N SER K 203 -59.79 -2.43 3.49
CA SER K 203 -59.63 -3.49 4.47
C SER K 203 -58.78 -2.97 5.62
N SER K 204 -58.13 -3.88 6.34
CA SER K 204 -57.25 -3.47 7.43
C SER K 204 -55.96 -2.84 6.89
N ARG K 205 -55.56 -3.24 5.70
CA ARG K 205 -54.33 -2.74 5.09
C ARG K 205 -54.60 -1.94 3.80
N TYR K 206 -55.61 -2.37 3.05
CA TYR K 206 -55.93 -1.73 1.79
C TYR K 206 -56.94 -0.60 1.99
N SER K 207 -56.85 0.43 1.16
CA SER K 207 -57.77 1.57 1.22
C SER K 207 -57.45 2.35 -0.06
N LYS K 208 -58.49 2.62 -0.85
CA LYS K 208 -58.30 3.32 -2.12
C LYS K 208 -59.66 3.79 -2.64
N LYS K 209 -59.73 5.06 -3.02
CA LYS K 209 -60.96 5.63 -3.57
C LYS K 209 -60.80 5.91 -5.06
N PHE K 210 -61.62 5.24 -5.87
CA PHE K 210 -61.52 5.34 -7.32
C PHE K 210 -62.52 6.34 -7.90
N LYS K 211 -62.05 7.16 -8.83
CA LYS K 211 -62.91 8.11 -9.54
C LYS K 211 -62.89 7.78 -11.03
N PRO K 212 -64.07 7.44 -11.58
CA PRO K 212 -64.19 7.09 -13.00
C PRO K 212 -63.62 8.17 -13.91
N GLU K 213 -62.84 7.76 -14.90
CA GLU K 213 -62.25 8.69 -15.85
C GLU K 213 -62.93 8.54 -17.21
N ILE K 214 -63.95 9.36 -17.43
CA ILE K 214 -64.78 9.25 -18.63
C ILE K 214 -64.14 9.96 -19.82
N ALA K 215 -63.89 9.20 -20.88
CA ALA K 215 -63.31 9.75 -22.10
C ALA K 215 -63.29 8.72 -23.22
N ILE K 216 -63.07 9.18 -24.45
CA ILE K 216 -63.03 8.29 -25.60
C ILE K 216 -61.63 7.74 -25.84
N ARG K 217 -61.45 6.45 -25.56
CA ARG K 217 -60.21 5.77 -25.89
C ARG K 217 -60.31 5.14 -27.26
N PRO K 218 -59.17 4.94 -27.93
CA PRO K 218 -59.18 4.24 -29.21
C PRO K 218 -59.80 2.86 -29.04
N LYS K 219 -60.50 2.38 -30.06
CA LYS K 219 -61.20 1.11 -29.97
C LYS K 219 -60.26 -0.08 -29.78
N VAL K 220 -60.52 -0.85 -28.73
CA VAL K 220 -59.85 -2.12 -28.52
C VAL K 220 -60.92 -3.18 -28.30
N ARG K 221 -60.98 -4.16 -29.19
CA ARG K 221 -62.04 -5.15 -29.14
C ARG K 221 -63.40 -4.44 -29.14
N ASP K 222 -63.46 -3.36 -29.91
CA ASP K 222 -64.69 -2.62 -30.16
C ASP K 222 -65.19 -1.85 -28.94
N GLN K 223 -64.28 -1.55 -28.01
CA GLN K 223 -64.65 -0.76 -26.84
C GLN K 223 -63.90 0.57 -26.81
N GLU K 224 -64.65 1.67 -26.70
CA GLU K 224 -64.04 2.99 -26.55
C GLU K 224 -63.89 3.28 -25.07
N GLY K 225 -64.44 2.40 -24.25
CA GLY K 225 -64.35 2.54 -22.81
C GLY K 225 -63.26 1.63 -22.26
N ARG K 226 -63.00 1.72 -20.97
CA ARG K 226 -61.96 0.92 -20.34
C ARG K 226 -62.44 0.32 -19.02
N MET K 227 -61.77 -0.74 -18.58
CA MET K 227 -62.09 -1.39 -17.33
C MET K 227 -60.81 -1.85 -16.64
N ASN K 228 -60.46 -1.19 -15.54
CA ASN K 228 -59.25 -1.53 -14.79
C ASN K 228 -59.51 -2.59 -13.73
N TYR K 229 -58.58 -3.52 -13.58
CA TYR K 229 -58.75 -4.63 -12.65
C TYR K 229 -57.84 -4.47 -11.45
N TYR K 230 -58.37 -4.79 -10.28
CA TYR K 230 -57.63 -4.65 -9.03
C TYR K 230 -57.77 -5.92 -8.20
N TRP K 231 -56.80 -6.14 -7.32
CA TRP K 231 -56.82 -7.33 -6.46
C TRP K 231 -56.15 -7.04 -5.13
N THR K 232 -56.44 -7.88 -4.14
CA THR K 232 -55.83 -7.75 -2.83
C THR K 232 -55.94 -9.05 -2.04
N LEU K 233 -55.08 -9.19 -1.05
CA LEU K 233 -55.12 -10.35 -0.17
C LEU K 233 -55.66 -9.93 1.20
N VAL K 234 -56.69 -10.64 1.65
CA VAL K 234 -57.31 -10.35 2.94
C VAL K 234 -56.83 -11.36 3.97
N GLU K 235 -56.22 -10.88 5.05
CA GLU K 235 -55.75 -11.75 6.12
C GLU K 235 -56.91 -12.51 6.74
N PRO K 236 -56.62 -13.64 7.38
CA PRO K 236 -57.67 -14.36 8.12
C PRO K 236 -58.18 -13.51 9.27
N GLY K 237 -59.50 -13.46 9.46
CA GLY K 237 -60.09 -12.66 10.52
C GLY K 237 -60.34 -11.22 10.12
N ASP K 238 -59.65 -10.79 9.09
CA ASP K 238 -59.72 -9.42 8.63
C ASP K 238 -61.02 -9.23 7.93
N LYS K 239 -61.32 -8.01 7.54
CA LYS K 239 -62.49 -7.79 6.70
C LYS K 239 -62.25 -6.76 5.61
N ILE K 240 -62.96 -6.93 4.52
CA ILE K 240 -62.90 -6.01 3.41
C ILE K 240 -64.26 -5.42 3.13
N THR K 241 -64.29 -4.17 2.75
CA THR K 241 -65.54 -3.47 2.50
C THR K 241 -65.60 -2.80 1.13
N PHE K 242 -66.65 -3.12 0.38
CA PHE K 242 -66.93 -2.46 -0.89
C PHE K 242 -68.03 -1.42 -0.73
N GLU K 243 -67.84 -0.27 -1.36
CA GLU K 243 -68.80 0.81 -1.31
C GLU K 243 -68.71 1.60 -2.61
N ALA K 244 -69.84 1.83 -3.25
CA ALA K 244 -69.83 2.48 -4.56
C ALA K 244 -71.18 3.07 -4.95
N THR K 245 -71.12 4.16 -5.71
CA THR K 245 -72.32 4.78 -6.25
C THR K 245 -72.33 4.62 -7.77
N GLY K 246 -71.64 3.58 -8.25
CA GLY K 246 -71.58 3.30 -9.67
C GLY K 246 -70.19 2.89 -10.14
N ASN K 247 -70.14 2.28 -11.33
CA ASN K 247 -68.87 1.95 -11.97
C ASN K 247 -68.12 0.76 -11.35
N LEU K 248 -68.71 0.13 -10.34
CA LEU K 248 -68.03 -0.97 -9.67
C LEU K 248 -68.37 -2.34 -10.23
N VAL K 249 -67.36 -3.04 -10.74
CA VAL K 249 -67.50 -4.44 -11.11
C VAL K 249 -67.17 -5.29 -9.88
N VAL K 250 -68.20 -5.81 -9.22
CA VAL K 250 -68.04 -6.47 -7.93
C VAL K 250 -67.50 -7.90 -8.01
N PRO K 251 -66.93 -8.39 -6.91
CA PRO K 251 -66.48 -9.78 -6.79
C PRO K 251 -67.68 -10.73 -6.67
N ARG K 252 -67.60 -11.86 -7.37
CA ARG K 252 -68.62 -12.90 -7.30
C ARG K 252 -67.98 -14.12 -6.68
N TYR K 253 -66.79 -14.46 -7.17
CA TYR K 253 -66.01 -15.56 -6.62
C TYR K 253 -64.67 -15.06 -6.11
N ALA K 254 -64.30 -15.49 -4.91
CA ALA K 254 -62.99 -15.21 -4.35
C ALA K 254 -62.18 -16.50 -4.30
N PHE K 255 -61.02 -16.46 -3.66
CA PHE K 255 -60.16 -17.64 -3.58
C PHE K 255 -59.49 -17.79 -2.22
N ALA K 256 -59.86 -18.83 -1.49
CA ALA K 256 -59.15 -19.21 -0.28
C ALA K 256 -57.84 -19.84 -0.71
N MET K 257 -56.73 -19.30 -0.23
CA MET K 257 -55.44 -19.59 -0.83
C MET K 257 -54.30 -19.55 0.18
N GLU K 258 -53.38 -20.50 0.06
CA GLU K 258 -52.17 -20.52 0.88
C GLU K 258 -50.96 -20.73 0.00
N ARG K 259 -50.04 -19.79 -0.02
CA ARG K 259 -48.96 -19.87 -0.97
C ARG K 259 -47.66 -20.35 -0.36
N ASN K 260 -46.87 -21.03 -1.17
CA ASN K 260 -45.56 -21.52 -0.75
C ASN K 260 -44.46 -20.83 -1.55
N ALA K 261 -44.20 -19.60 -1.21
CA ALA K 261 -43.38 -18.76 -2.09
C ALA K 261 -42.16 -19.50 -2.62
N GLY K 262 -41.65 -19.02 -3.76
CA GLY K 262 -40.40 -19.53 -4.30
C GLY K 262 -40.51 -20.31 -5.59
N SER K 263 -41.48 -19.98 -6.43
CA SER K 263 -41.60 -20.62 -7.73
C SER K 263 -41.72 -19.61 -8.86
N GLY K 264 -42.09 -20.08 -10.04
CA GLY K 264 -42.17 -19.24 -11.22
C GLY K 264 -43.18 -19.68 -12.25
N ILE K 265 -43.06 -19.15 -13.46
CA ILE K 265 -44.03 -19.38 -14.52
C ILE K 265 -43.31 -19.72 -15.82
N ILE K 266 -43.74 -20.80 -16.46
CA ILE K 266 -43.10 -21.25 -17.69
C ILE K 266 -43.99 -21.01 -18.90
N ILE K 267 -43.47 -20.30 -19.89
CA ILE K 267 -44.20 -20.06 -21.12
C ILE K 267 -43.63 -20.94 -22.23
N SER K 268 -44.24 -22.11 -22.41
CA SER K 268 -43.72 -23.10 -23.36
C SER K 268 -44.81 -23.96 -23.99
N ASP K 269 -44.52 -24.46 -25.19
CA ASP K 269 -45.42 -25.36 -25.91
C ASP K 269 -45.25 -26.79 -25.42
N THR K 270 -44.13 -27.05 -24.75
CA THR K 270 -43.78 -28.39 -24.29
C THR K 270 -44.93 -29.05 -23.54
N PRO K 271 -45.33 -30.25 -23.98
CA PRO K 271 -46.44 -31.01 -23.40
C PRO K 271 -46.22 -31.34 -21.92
N VAL K 272 -47.27 -31.27 -21.13
CA VAL K 272 -47.19 -31.62 -19.72
C VAL K 272 -47.51 -33.10 -19.53
N HIS K 273 -46.62 -33.82 -18.85
CA HIS K 273 -46.77 -35.26 -18.66
C HIS K 273 -46.79 -35.64 -17.20
N ASP K 274 -47.05 -36.92 -16.93
CA ASP K 274 -47.04 -37.46 -15.58
C ASP K 274 -45.67 -38.04 -15.25
N CYS K 275 -44.76 -37.18 -14.82
CA CYS K 275 -43.42 -37.61 -14.47
C CYS K 275 -42.84 -36.76 -13.33
N ASN K 276 -41.94 -37.36 -12.56
CA ASN K 276 -41.25 -36.64 -11.49
C ASN K 276 -39.95 -36.02 -12.00
N THR K 277 -39.68 -34.80 -11.55
CA THR K 277 -38.41 -34.15 -11.87
C THR K 277 -38.01 -33.21 -10.73
N THR K 278 -36.71 -33.03 -10.57
CA THR K 278 -36.21 -32.17 -9.51
C THR K 278 -35.81 -30.81 -10.09
N CYS K 279 -35.77 -30.75 -11.42
CA CYS K 279 -35.37 -29.55 -12.13
C CYS K 279 -36.15 -29.42 -13.44
N GLN K 280 -36.76 -28.25 -13.65
CA GLN K 280 -37.58 -28.04 -14.83
C GLN K 280 -37.14 -26.83 -15.66
N THR K 281 -37.14 -27.00 -16.97
CA THR K 281 -36.87 -25.90 -17.89
C THR K 281 -37.95 -25.85 -18.96
N PRO K 282 -38.09 -24.69 -19.63
CA PRO K 282 -39.11 -24.54 -20.68
C PRO K 282 -39.02 -25.63 -21.76
N LYS K 283 -37.81 -26.10 -22.05
CA LYS K 283 -37.60 -27.07 -23.11
C LYS K 283 -37.91 -28.50 -22.65
N GLY K 284 -37.85 -28.72 -21.34
CA GLY K 284 -38.10 -30.03 -20.77
C GLY K 284 -37.46 -30.19 -19.40
N ALA K 285 -37.64 -31.37 -18.80
CA ALA K 285 -37.10 -31.63 -17.47
C ALA K 285 -35.67 -32.15 -17.52
N ILE K 286 -35.00 -32.17 -16.40
CA ILE K 286 -33.63 -32.62 -16.38
C ILE K 286 -33.30 -33.47 -15.18
N ASN K 287 -33.28 -34.79 -15.33
CA ASN K 287 -32.94 -35.68 -14.23
C ASN K 287 -31.46 -36.02 -14.29
N THR K 288 -30.70 -35.44 -13.37
CA THR K 288 -29.26 -35.46 -13.51
C THR K 288 -28.51 -35.04 -12.24
N SER K 289 -27.33 -35.63 -12.04
CA SER K 289 -26.59 -35.41 -10.81
C SER K 289 -25.38 -34.53 -11.10
N LEU K 290 -25.13 -34.29 -12.38
CA LEU K 290 -24.00 -33.48 -12.81
C LEU K 290 -24.12 -32.05 -12.29
N PRO K 291 -22.98 -31.38 -12.11
CA PRO K 291 -22.92 -30.03 -11.54
C PRO K 291 -23.34 -28.96 -12.53
N PHE K 292 -23.23 -29.26 -13.83
CA PHE K 292 -23.49 -28.27 -14.85
C PHE K 292 -24.44 -28.75 -15.94
N GLN K 293 -25.11 -27.80 -16.59
CA GLN K 293 -26.00 -28.09 -17.70
C GLN K 293 -26.00 -26.93 -18.70
N ASN K 294 -26.23 -27.23 -19.96
CA ASN K 294 -26.28 -26.20 -21.00
C ASN K 294 -27.59 -26.22 -21.78
N ILE K 295 -28.65 -26.68 -21.13
CA ILE K 295 -29.95 -26.80 -21.78
C ILE K 295 -30.72 -25.48 -21.81
N HIS K 296 -30.83 -24.82 -20.65
CA HIS K 296 -31.60 -23.59 -20.56
C HIS K 296 -31.26 -22.80 -19.30
N PRO K 297 -31.08 -21.47 -19.44
CA PRO K 297 -30.75 -20.58 -18.32
C PRO K 297 -31.91 -20.45 -17.36
N ILE K 298 -33.13 -20.40 -17.89
CA ILE K 298 -34.32 -20.30 -17.05
C ILE K 298 -34.70 -21.67 -16.50
N THR K 299 -34.55 -21.83 -15.20
CA THR K 299 -34.72 -23.12 -14.55
C THR K 299 -35.63 -22.99 -13.33
N ILE K 300 -36.28 -24.08 -12.95
CA ILE K 300 -37.07 -24.10 -11.73
C ILE K 300 -36.81 -25.36 -10.92
N GLY K 301 -36.50 -25.18 -9.64
CA GLY K 301 -36.20 -26.29 -8.76
C GLY K 301 -34.76 -26.27 -8.30
N LYS K 302 -34.25 -27.42 -7.88
CA LYS K 302 -32.84 -27.55 -7.51
C LYS K 302 -32.04 -28.07 -8.70
N CYS K 303 -31.48 -27.13 -9.47
CA CYS K 303 -30.90 -27.46 -10.76
C CYS K 303 -29.39 -27.27 -10.82
N PRO K 304 -28.75 -27.89 -11.83
CA PRO K 304 -27.33 -27.66 -12.12
C PRO K 304 -27.14 -26.23 -12.61
N LYS K 305 -25.97 -25.66 -12.35
CA LYS K 305 -25.68 -24.31 -12.81
C LYS K 305 -25.65 -24.26 -14.34
N TYR K 306 -26.26 -23.23 -14.92
CA TYR K 306 -26.25 -23.09 -16.37
C TYR K 306 -24.88 -22.63 -16.86
N VAL K 307 -24.38 -23.31 -17.88
CA VAL K 307 -23.06 -23.03 -18.42
C VAL K 307 -23.10 -22.96 -19.95
N LYS K 308 -22.25 -22.10 -20.52
CA LYS K 308 -22.19 -21.92 -21.97
C LYS K 308 -21.44 -23.05 -22.68
N SER K 309 -20.68 -23.83 -21.91
CA SER K 309 -19.82 -24.86 -22.47
C SER K 309 -20.57 -25.84 -23.35
N THR K 310 -19.88 -26.33 -24.38
CA THR K 310 -20.46 -27.31 -25.30
C THR K 310 -20.08 -28.74 -24.88
N LYS K 311 -18.94 -28.87 -24.21
CA LYS K 311 -18.52 -30.15 -23.65
C LYS K 311 -17.63 -29.98 -22.43
N LEU K 312 -17.96 -30.71 -21.37
CA LEU K 312 -17.13 -30.72 -20.17
C LEU K 312 -16.73 -32.15 -19.83
N ARG K 313 -15.81 -32.69 -20.62
CA ARG K 313 -15.39 -34.08 -20.49
C ARG K 313 -14.22 -34.20 -19.51
N LEU K 314 -14.44 -34.92 -18.42
CA LEU K 314 -13.45 -35.07 -17.35
C LEU K 314 -12.73 -36.41 -17.44
N ALA K 315 -11.44 -36.36 -17.70
CA ALA K 315 -10.64 -37.59 -17.85
C ALA K 315 -10.53 -38.37 -16.55
N THR K 316 -10.67 -39.69 -16.64
CA THR K 316 -10.54 -40.56 -15.47
C THR K 316 -9.40 -41.56 -15.68
N GLY K 317 -9.25 -42.05 -16.91
CA GLY K 317 -8.20 -42.98 -17.24
C GLY K 317 -6.91 -42.26 -17.59
N LEU K 318 -6.08 -42.91 -18.40
CA LEU K 318 -4.79 -42.34 -18.80
C LEU K 318 -4.67 -42.26 -20.32
N ARG K 319 -3.56 -41.69 -20.78
CA ARG K 319 -3.34 -41.54 -22.21
C ARG K 319 -3.52 -42.87 -22.92
N ASN K 320 -4.07 -42.82 -24.13
CA ASN K 320 -4.34 -44.03 -24.90
C ASN K 320 -3.42 -44.12 -26.10
N ILE K 321 -2.93 -45.34 -26.37
CA ILE K 321 -2.02 -45.55 -27.50
C ILE K 321 -2.29 -46.89 -28.20
N LEU L 2 5.14 -35.27 -17.09
CA LEU L 2 5.63 -34.47 -15.96
C LEU L 2 6.61 -35.29 -15.13
N PHE L 3 6.50 -36.60 -15.21
CA PHE L 3 7.38 -37.49 -14.47
C PHE L 3 8.27 -38.30 -15.41
N GLY L 4 8.12 -38.05 -16.71
CA GLY L 4 8.98 -38.65 -17.71
C GLY L 4 8.67 -40.10 -18.06
N ALA L 5 7.74 -40.70 -17.34
CA ALA L 5 7.39 -42.10 -17.56
C ALA L 5 6.49 -42.35 -18.77
N ILE L 6 5.21 -42.02 -18.63
CA ILE L 6 4.23 -42.20 -19.69
C ILE L 6 4.56 -41.26 -20.85
N ALA L 7 4.55 -41.80 -22.07
CA ALA L 7 4.91 -41.03 -23.26
C ALA L 7 6.28 -40.38 -23.10
N GLY L 8 7.08 -40.92 -22.18
CA GLY L 8 8.43 -40.42 -21.96
C GLY L 8 9.46 -41.47 -22.32
N PHE L 9 10.09 -42.07 -21.30
CA PHE L 9 11.06 -43.13 -21.55
C PHE L 9 10.33 -44.46 -21.76
N ILE L 10 9.03 -44.48 -21.51
CA ILE L 10 8.17 -45.60 -21.87
C ILE L 10 7.94 -45.66 -23.37
N GLU L 11 7.23 -44.67 -23.92
CA GLU L 11 6.92 -44.64 -25.35
C GLU L 11 5.92 -45.67 -25.90
N GLY L 12 4.79 -45.88 -25.24
CA GLY L 12 3.66 -46.57 -25.82
C GLY L 12 3.03 -47.34 -24.67
N GLY L 13 1.79 -47.78 -24.88
CA GLY L 13 1.07 -48.57 -23.90
C GLY L 13 0.74 -49.94 -24.44
N TRP L 14 0.32 -50.84 -23.56
CA TRP L 14 0.08 -52.22 -23.94
C TRP L 14 -1.41 -52.53 -24.11
N THR L 15 -1.85 -52.58 -25.36
CA THR L 15 -3.21 -52.99 -25.67
C THR L 15 -3.46 -54.38 -25.09
N GLY L 16 -2.37 -55.13 -24.89
CA GLY L 16 -2.45 -56.47 -24.34
C GLY L 16 -2.99 -56.50 -22.92
N MET L 17 -2.37 -55.73 -22.04
CA MET L 17 -2.79 -55.68 -20.64
C MET L 17 -4.20 -55.10 -20.53
N VAL L 18 -5.09 -55.83 -19.85
CA VAL L 18 -6.49 -55.42 -19.75
C VAL L 18 -7.07 -55.63 -18.35
N ASP L 19 -6.19 -55.81 -17.36
CA ASP L 19 -6.63 -56.07 -16.00
C ASP L 19 -6.57 -54.82 -15.13
N GLY L 20 -5.77 -53.84 -15.56
CA GLY L 20 -5.59 -52.61 -14.82
C GLY L 20 -4.87 -51.54 -15.63
N TRP L 21 -4.56 -50.43 -14.99
CA TRP L 21 -3.90 -49.32 -15.68
C TRP L 21 -2.40 -49.52 -15.79
N TYR L 22 -1.80 -50.06 -14.74
CA TYR L 22 -0.36 -50.31 -14.72
C TYR L 22 -0.07 -51.79 -14.44
N GLY L 23 0.96 -52.33 -15.09
CA GLY L 23 1.31 -53.71 -14.89
C GLY L 23 2.65 -54.10 -15.48
N TYR L 24 2.84 -55.39 -15.70
CA TYR L 24 4.10 -55.91 -16.22
C TYR L 24 3.93 -56.83 -17.42
N HIS L 25 5.03 -57.09 -18.12
CA HIS L 25 5.07 -58.10 -19.17
C HIS L 25 6.33 -58.93 -19.03
N HIS L 26 6.23 -60.06 -18.32
CA HIS L 26 7.37 -60.93 -18.10
C HIS L 26 7.67 -61.80 -19.32
N GLN L 27 8.91 -62.23 -19.44
CA GLN L 27 9.34 -63.03 -20.57
C GLN L 27 10.43 -64.01 -20.17
N ASN L 28 10.04 -65.11 -19.51
CA ASN L 28 10.97 -66.16 -19.15
C ASN L 28 10.76 -67.41 -20.00
N GLU L 29 11.31 -68.52 -19.55
CA GLU L 29 11.20 -69.79 -20.28
C GLU L 29 9.77 -70.35 -20.21
N GLN L 30 9.13 -70.21 -19.05
CA GLN L 30 7.76 -70.70 -18.87
C GLN L 30 6.78 -70.03 -19.84
N GLY L 31 7.10 -68.81 -20.27
CA GLY L 31 6.29 -68.12 -21.25
C GLY L 31 6.17 -66.62 -21.03
N SER L 32 5.49 -65.95 -21.96
CA SER L 32 5.27 -64.50 -21.88
C SER L 32 3.86 -64.22 -21.38
N GLY L 33 3.67 -63.10 -20.70
CA GLY L 33 2.36 -62.75 -20.18
C GLY L 33 2.24 -61.33 -19.66
N TYR L 34 1.11 -60.71 -19.93
CA TYR L 34 0.79 -59.40 -19.37
C TYR L 34 0.04 -59.57 -18.05
N ALA L 35 0.53 -58.90 -17.01
CA ALA L 35 -0.13 -58.97 -15.71
C ALA L 35 -0.18 -57.59 -15.04
N ALA L 36 -1.37 -57.06 -14.88
CA ALA L 36 -1.55 -55.74 -14.30
C ALA L 36 -1.32 -55.75 -12.80
N ASP L 37 -0.58 -54.76 -12.31
CA ASP L 37 -0.36 -54.61 -10.88
C ASP L 37 -1.69 -54.35 -10.18
N LEU L 38 -2.19 -55.34 -9.46
CA LEU L 38 -3.48 -55.22 -8.80
C LEU L 38 -3.52 -54.07 -7.78
N LYS L 39 -2.66 -54.13 -6.77
CA LYS L 39 -2.65 -53.13 -5.71
C LYS L 39 -2.59 -51.68 -6.20
N SER L 40 -1.63 -51.40 -7.08
CA SER L 40 -1.45 -50.06 -7.65
C SER L 40 -2.67 -49.61 -8.44
N THR L 41 -3.11 -50.43 -9.40
CA THR L 41 -4.29 -50.12 -10.18
C THR L 41 -5.51 -49.88 -9.28
N GLN L 42 -5.65 -50.73 -8.27
CA GLN L 42 -6.78 -50.66 -7.36
C GLN L 42 -6.77 -49.38 -6.54
N ASN L 43 -5.58 -48.87 -6.24
CA ASN L 43 -5.45 -47.66 -5.44
C ASN L 43 -5.79 -46.42 -6.25
N ALA L 44 -5.31 -46.38 -7.50
CA ALA L 44 -5.60 -45.27 -8.39
C ALA L 44 -7.09 -45.16 -8.64
N ILE L 45 -7.70 -46.29 -9.00
CA ILE L 45 -9.15 -46.33 -9.24
C ILE L 45 -9.91 -45.78 -8.04
N ASP L 46 -9.45 -46.12 -6.84
CA ASP L 46 -10.08 -45.63 -5.63
C ASP L 46 -9.92 -44.11 -5.44
N GLU L 47 -8.77 -43.59 -5.88
CA GLU L 47 -8.47 -42.18 -5.72
C GLU L 47 -9.08 -41.31 -6.81
N ILE L 48 -9.00 -41.77 -8.06
CA ILE L 48 -9.61 -41.06 -9.18
C ILE L 48 -11.11 -40.99 -9.02
N THR L 49 -11.70 -42.05 -8.53
CA THR L 49 -13.11 -42.10 -8.33
C THR L 49 -13.54 -41.13 -7.25
N ASN L 50 -12.76 -41.01 -6.19
CA ASN L 50 -12.99 -40.00 -5.16
C ASN L 50 -12.86 -38.60 -5.73
N LYS L 51 -11.96 -38.44 -6.72
CA LYS L 51 -11.75 -37.15 -7.36
C LYS L 51 -13.01 -36.69 -8.08
N VAL L 52 -13.55 -37.56 -8.91
CA VAL L 52 -14.77 -37.26 -9.66
C VAL L 52 -15.94 -37.02 -8.71
N ASN L 53 -16.02 -37.82 -7.65
CA ASN L 53 -17.09 -37.69 -6.67
C ASN L 53 -16.90 -36.48 -5.75
N SER L 54 -15.80 -35.76 -5.95
CA SER L 54 -15.58 -34.51 -5.21
C SER L 54 -16.05 -33.33 -6.04
N VAL L 55 -15.62 -33.30 -7.30
CA VAL L 55 -16.02 -32.25 -8.23
C VAL L 55 -17.53 -32.20 -8.39
N ILE L 56 -18.16 -33.38 -8.31
CA ILE L 56 -19.61 -33.48 -8.44
C ILE L 56 -20.33 -33.23 -7.13
N GLU L 57 -19.96 -33.98 -6.10
CA GLU L 57 -20.70 -33.99 -4.83
C GLU L 57 -20.56 -32.69 -4.04
N LYS L 58 -19.56 -31.87 -4.36
CA LYS L 58 -19.37 -30.59 -3.68
C LYS L 58 -20.30 -29.51 -4.23
N MET L 59 -20.93 -29.80 -5.37
CA MET L 59 -21.89 -28.89 -5.97
C MET L 59 -23.28 -29.10 -5.40
N ASN L 60 -23.54 -28.47 -4.26
CA ASN L 60 -24.85 -28.52 -3.62
C ASN L 60 -25.59 -27.20 -3.83
N THR L 61 -26.68 -27.24 -4.58
CA THR L 61 -27.39 -26.02 -4.95
C THR L 61 -28.65 -25.80 -4.12
N GLN L 62 -29.21 -24.60 -4.24
CA GLN L 62 -30.42 -24.23 -3.52
C GLN L 62 -31.64 -24.52 -4.39
N PHE L 63 -32.82 -24.52 -3.78
CA PHE L 63 -34.05 -24.60 -4.55
C PHE L 63 -34.54 -23.21 -4.89
N THR L 64 -34.23 -22.77 -6.11
CA THR L 64 -34.63 -21.45 -6.55
C THR L 64 -35.21 -21.49 -7.96
N ALA L 65 -36.08 -20.54 -8.27
CA ALA L 65 -36.67 -20.44 -9.59
C ALA L 65 -36.12 -19.20 -10.31
N VAL L 66 -35.06 -19.41 -11.08
CA VAL L 66 -34.52 -18.31 -11.89
C VAL L 66 -35.59 -17.85 -12.86
N GLY L 67 -35.43 -16.64 -13.39
CA GLY L 67 -36.39 -16.11 -14.33
C GLY L 67 -37.54 -15.43 -13.63
N LYS L 68 -37.77 -14.17 -14.00
CA LYS L 68 -38.79 -13.35 -13.37
C LYS L 68 -39.56 -12.61 -14.45
N GLU L 69 -40.71 -12.06 -14.10
CA GLU L 69 -41.54 -11.33 -15.05
C GLU L 69 -41.61 -9.83 -14.73
N PHE L 70 -41.41 -9.02 -15.76
CA PHE L 70 -41.48 -7.57 -15.61
C PHE L 70 -42.29 -6.94 -16.73
N ASN L 71 -43.03 -5.89 -16.41
CA ASN L 71 -43.81 -5.17 -17.42
C ASN L 71 -42.98 -4.14 -18.18
N HIS L 72 -43.59 -3.50 -19.17
CA HIS L 72 -42.89 -2.57 -20.05
C HIS L 72 -42.33 -1.34 -19.31
N LEU L 73 -42.71 -1.19 -18.05
CA LEU L 73 -42.23 -0.06 -17.25
C LEU L 73 -41.27 -0.54 -16.15
N GLU L 74 -40.66 -1.69 -16.38
CA GLU L 74 -39.70 -2.23 -15.44
C GLU L 74 -38.49 -2.79 -16.20
N LYS L 75 -38.16 -2.14 -17.31
CA LYS L 75 -37.06 -2.58 -18.16
C LYS L 75 -35.73 -2.52 -17.42
N ARG L 76 -35.59 -1.58 -16.50
CA ARG L 76 -34.35 -1.45 -15.74
C ARG L 76 -34.08 -2.65 -14.85
N ILE L 77 -35.03 -2.96 -13.96
CA ILE L 77 -34.85 -4.12 -13.08
C ILE L 77 -34.92 -5.42 -13.87
N GLU L 78 -35.47 -5.36 -15.08
CA GLU L 78 -35.46 -6.52 -15.97
C GLU L 78 -34.03 -6.74 -16.44
N ASN L 79 -33.35 -5.64 -16.75
CA ASN L 79 -31.95 -5.69 -17.15
C ASN L 79 -31.03 -5.99 -15.97
N LEU L 80 -31.41 -5.55 -14.78
CA LEU L 80 -30.67 -5.90 -13.58
C LEU L 80 -30.72 -7.40 -13.45
N ASN L 81 -31.93 -7.95 -13.49
CA ASN L 81 -32.12 -9.39 -13.41
C ASN L 81 -31.31 -10.13 -14.47
N LYS L 82 -31.29 -9.59 -15.68
CA LYS L 82 -30.53 -10.19 -16.76
C LYS L 82 -29.04 -10.15 -16.45
N LYS L 83 -28.60 -9.07 -15.81
CA LYS L 83 -27.20 -8.92 -15.45
C LYS L 83 -26.78 -9.97 -14.42
N VAL L 84 -27.68 -10.27 -13.50
CA VAL L 84 -27.42 -11.29 -12.48
C VAL L 84 -27.31 -12.67 -13.12
N ASP L 85 -28.14 -12.92 -14.13
CA ASP L 85 -28.13 -14.21 -14.82
C ASP L 85 -26.91 -14.38 -15.69
N ASP L 86 -26.48 -13.30 -16.33
CA ASP L 86 -25.30 -13.32 -17.20
C ASP L 86 -24.00 -13.33 -16.39
N GLY L 87 -24.03 -12.70 -15.23
CA GLY L 87 -22.89 -12.70 -14.34
C GLY L 87 -22.60 -14.10 -13.85
N PHE L 88 -23.66 -14.79 -13.41
CA PHE L 88 -23.53 -16.17 -12.95
C PHE L 88 -23.20 -17.11 -14.10
N LEU L 89 -23.55 -16.70 -15.32
CA LEU L 89 -23.27 -17.52 -16.49
C LEU L 89 -21.79 -17.52 -16.80
N ASP L 90 -21.18 -16.34 -16.75
CA ASP L 90 -19.76 -16.20 -17.06
C ASP L 90 -18.88 -16.78 -15.97
N ILE L 91 -19.32 -16.65 -14.72
CA ILE L 91 -18.55 -17.16 -13.59
C ILE L 91 -18.48 -18.68 -13.60
N TRP L 92 -19.63 -19.32 -13.76
CA TRP L 92 -19.68 -20.79 -13.78
C TRP L 92 -19.05 -21.38 -15.04
N THR L 93 -19.31 -20.78 -16.19
CA THR L 93 -18.73 -21.27 -17.43
C THR L 93 -17.21 -21.27 -17.37
N TYR L 94 -16.64 -20.15 -16.91
CA TYR L 94 -15.19 -20.01 -16.83
C TYR L 94 -14.60 -20.96 -15.80
N ASN L 95 -15.16 -20.95 -14.60
CA ASN L 95 -14.67 -21.83 -13.53
C ASN L 95 -14.77 -23.31 -13.88
N ALA L 96 -15.85 -23.70 -14.55
CA ALA L 96 -16.02 -25.09 -14.97
C ALA L 96 -15.05 -25.45 -16.08
N GLU L 97 -14.84 -24.53 -17.01
CA GLU L 97 -13.91 -24.75 -18.11
C GLU L 97 -12.48 -24.93 -17.61
N LEU L 98 -12.06 -24.09 -16.67
CA LEU L 98 -10.71 -24.16 -16.13
C LEU L 98 -10.53 -25.31 -15.16
N LEU L 99 -11.56 -25.58 -14.37
CA LEU L 99 -11.51 -26.69 -13.40
C LEU L 99 -11.20 -27.99 -14.11
N VAL L 100 -11.76 -28.16 -15.30
CA VAL L 100 -11.53 -29.36 -16.09
C VAL L 100 -10.14 -29.36 -16.72
N LEU L 101 -9.72 -28.22 -17.26
CA LEU L 101 -8.39 -28.12 -17.85
C LEU L 101 -7.30 -28.43 -16.83
N LEU L 102 -7.45 -27.91 -15.62
CA LEU L 102 -6.46 -28.11 -14.56
C LEU L 102 -6.46 -29.54 -14.05
N GLU L 103 -7.64 -30.06 -13.72
CA GLU L 103 -7.75 -31.39 -13.15
C GLU L 103 -7.51 -32.51 -14.16
N ASN L 104 -7.55 -32.16 -15.44
CA ASN L 104 -7.14 -33.10 -16.47
C ASN L 104 -5.62 -33.18 -16.53
N GLU L 105 -4.98 -32.02 -16.50
CA GLU L 105 -3.53 -31.96 -16.48
C GLU L 105 -2.99 -32.74 -15.28
N ARG L 106 -3.60 -32.52 -14.12
CA ARG L 106 -3.17 -33.19 -12.90
C ARG L 106 -3.41 -34.71 -12.96
N THR L 107 -4.57 -35.11 -13.48
CA THR L 107 -4.90 -36.52 -13.54
C THR L 107 -3.92 -37.31 -14.39
N LEU L 108 -3.54 -36.75 -15.54
CA LEU L 108 -2.56 -37.39 -16.41
C LEU L 108 -1.20 -37.47 -15.74
N ASP L 109 -0.86 -36.46 -14.94
CA ASP L 109 0.38 -36.46 -14.18
C ASP L 109 0.32 -37.46 -13.05
N TYR L 110 -0.89 -37.71 -12.55
CA TYR L 110 -1.10 -38.68 -11.49
C TYR L 110 -0.75 -40.08 -11.98
N HIS L 111 -1.22 -40.40 -13.19
CA HIS L 111 -0.92 -41.69 -13.80
C HIS L 111 0.56 -41.80 -14.15
N ASP L 112 1.15 -40.70 -14.59
CA ASP L 112 2.56 -40.67 -14.92
C ASP L 112 3.37 -40.97 -13.66
N SER L 113 3.00 -40.33 -12.56
CA SER L 113 3.64 -40.56 -11.27
C SER L 113 3.52 -42.02 -10.87
N ASN L 114 2.31 -42.57 -10.98
CA ASN L 114 2.08 -43.95 -10.58
C ASN L 114 2.92 -44.97 -11.35
N VAL L 115 3.13 -44.70 -12.65
CA VAL L 115 3.97 -45.56 -13.47
C VAL L 115 5.44 -45.44 -13.06
N LYS L 116 5.98 -44.24 -13.12
CA LYS L 116 7.35 -43.98 -12.68
C LYS L 116 7.60 -44.55 -11.29
N ASN L 117 6.68 -44.28 -10.35
CA ASN L 117 6.81 -44.83 -9.00
C ASN L 117 6.92 -46.34 -8.99
N LEU L 118 6.26 -46.99 -9.95
CA LEU L 118 6.28 -48.44 -10.06
C LEU L 118 7.63 -48.91 -10.60
N TYR L 119 8.15 -48.16 -11.56
CA TYR L 119 9.45 -48.45 -12.16
C TYR L 119 10.55 -48.41 -11.10
N GLU L 120 10.53 -47.37 -10.28
CA GLU L 120 11.52 -47.20 -9.22
C GLU L 120 11.36 -48.24 -8.11
N LYS L 121 10.10 -48.61 -7.82
CA LYS L 121 9.83 -49.52 -6.71
C LYS L 121 10.38 -50.92 -6.97
N VAL L 122 10.53 -51.28 -8.24
CA VAL L 122 11.17 -52.56 -8.55
C VAL L 122 12.64 -52.43 -8.87
N ARG L 123 13.02 -51.30 -9.47
CA ARG L 123 14.41 -51.05 -9.79
C ARG L 123 15.30 -51.07 -8.56
N SER L 124 14.75 -50.67 -7.42
CA SER L 124 15.53 -50.62 -6.18
C SER L 124 15.40 -51.90 -5.35
N GLN L 125 14.63 -52.84 -5.87
CA GLN L 125 14.46 -54.13 -5.20
C GLN L 125 15.50 -55.14 -5.71
N LEU L 126 15.79 -55.07 -7.01
CA LEU L 126 16.83 -55.89 -7.62
C LEU L 126 17.87 -55.00 -8.31
N LYS L 127 18.82 -54.50 -7.52
CA LYS L 127 19.80 -53.53 -7.98
C LYS L 127 20.76 -54.13 -9.01
N ASN L 128 21.55 -55.09 -8.55
CA ASN L 128 22.58 -55.72 -9.38
C ASN L 128 22.06 -56.88 -10.23
N ASN L 129 21.11 -57.63 -9.67
CA ASN L 129 20.61 -58.85 -10.29
C ASN L 129 20.03 -58.67 -11.69
N ALA L 130 19.97 -57.43 -12.16
CA ALA L 130 19.46 -57.12 -13.49
C ALA L 130 19.95 -55.74 -13.95
N LYS L 131 19.86 -55.49 -15.25
CA LYS L 131 20.31 -54.21 -15.81
C LYS L 131 19.17 -53.43 -16.46
N GLU L 132 19.28 -52.10 -16.43
CA GLU L 132 18.28 -51.23 -17.04
C GLU L 132 18.53 -51.07 -18.53
N ILE L 133 17.60 -51.56 -19.34
CA ILE L 133 17.66 -51.36 -20.78
C ILE L 133 17.53 -49.86 -21.10
N GLY L 134 16.55 -49.23 -20.46
CA GLY L 134 16.27 -47.82 -20.68
C GLY L 134 14.88 -47.61 -21.23
N ASN L 135 14.20 -48.70 -21.54
CA ASN L 135 12.87 -48.67 -22.11
C ASN L 135 11.82 -49.11 -21.09
N GLY L 136 12.13 -48.92 -19.81
CA GLY L 136 11.26 -49.36 -18.74
C GLY L 136 11.40 -50.85 -18.52
N CYS L 137 12.25 -51.47 -19.33
CA CYS L 137 12.45 -52.91 -19.27
C CYS L 137 13.77 -53.29 -18.59
N PHE L 138 13.75 -54.36 -17.80
CA PHE L 138 14.94 -54.89 -17.17
C PHE L 138 15.32 -56.24 -17.78
N GLU L 139 16.62 -56.53 -17.85
CA GLU L 139 17.07 -57.84 -18.28
C GLU L 139 17.80 -58.56 -17.14
N PHE L 140 17.15 -59.57 -16.59
CA PHE L 140 17.70 -60.34 -15.48
C PHE L 140 19.08 -60.92 -15.81
N TYR L 141 19.91 -61.05 -14.77
CA TYR L 141 21.21 -61.68 -14.92
C TYR L 141 21.18 -63.12 -14.43
N HIS L 142 19.98 -63.61 -14.16
CA HIS L 142 19.80 -64.99 -13.71
C HIS L 142 18.41 -65.51 -14.05
N LYS L 143 18.26 -66.82 -14.03
CA LYS L 143 16.97 -67.45 -14.34
C LYS L 143 15.87 -66.97 -13.41
N CYS L 144 14.88 -66.29 -13.98
CA CYS L 144 13.74 -65.81 -13.20
C CYS L 144 12.47 -66.54 -13.62
N ASP L 145 12.09 -67.54 -12.83
CA ASP L 145 10.90 -68.34 -13.12
C ASP L 145 9.64 -67.62 -12.67
N ASN L 146 8.48 -68.27 -12.87
CA ASN L 146 7.19 -67.69 -12.53
C ASN L 146 7.09 -67.27 -11.06
N THR L 147 7.68 -68.07 -10.18
CA THR L 147 7.65 -67.76 -8.76
C THR L 147 8.78 -66.81 -8.37
N CYS L 148 9.65 -66.53 -9.32
CA CYS L 148 10.66 -65.50 -9.14
C CYS L 148 10.06 -64.13 -9.45
N MET L 149 9.38 -64.06 -10.59
CA MET L 149 8.66 -62.85 -10.96
C MET L 149 7.66 -62.51 -9.88
N GLU L 150 6.92 -63.53 -9.43
CA GLU L 150 5.91 -63.37 -8.39
C GLU L 150 6.43 -62.56 -7.22
N SER L 151 7.69 -62.81 -6.85
CA SER L 151 8.28 -62.16 -5.67
C SER L 151 8.74 -60.73 -5.97
N VAL L 152 8.84 -60.38 -7.24
CA VAL L 152 9.18 -59.01 -7.63
C VAL L 152 7.93 -58.15 -7.65
N LYS L 153 6.89 -58.65 -8.30
CA LYS L 153 5.61 -57.96 -8.37
C LYS L 153 4.90 -58.03 -7.02
N ASN L 154 5.43 -58.87 -6.13
CA ASN L 154 4.83 -59.07 -4.82
C ASN L 154 5.39 -58.11 -3.77
N GLY L 155 6.58 -57.60 -4.04
CA GLY L 155 7.25 -56.71 -3.11
C GLY L 155 8.07 -57.48 -2.11
N THR L 156 7.98 -58.81 -2.19
CA THR L 156 8.76 -59.70 -1.33
C THR L 156 9.84 -60.41 -2.15
N TYR L 157 10.86 -59.64 -2.54
CA TYR L 157 11.95 -60.15 -3.36
C TYR L 157 13.18 -60.15 -2.45
N ASP L 158 13.08 -60.99 -1.43
CA ASP L 158 14.02 -61.02 -0.31
C ASP L 158 15.27 -61.77 -0.74
N TYR L 159 15.08 -62.72 -1.63
CA TYR L 159 16.16 -63.53 -2.18
C TYR L 159 17.00 -62.73 -3.16
N PRO L 160 18.23 -62.36 -2.76
CA PRO L 160 19.16 -61.70 -3.67
C PRO L 160 19.96 -62.77 -4.41
N LYS L 161 19.27 -63.69 -5.09
CA LYS L 161 19.92 -64.84 -5.69
C LYS L 161 20.90 -64.46 -6.79
N TYR L 162 22.14 -64.18 -6.39
CA TYR L 162 23.23 -64.06 -7.35
C TYR L 162 24.40 -64.93 -6.90
C1 NAG M . -27.31 24.72 25.10
C2 NAG M . -26.06 24.06 25.67
C3 NAG M . -25.43 22.99 24.78
C4 NAG M . -26.42 22.24 23.92
C5 NAG M . -27.42 23.20 23.31
C6 NAG M . -28.42 22.48 22.41
C7 NAG M . -24.65 25.48 27.08
C8 NAG M . -23.63 26.59 27.08
N2 NAG M . -25.07 25.11 25.89
O3 NAG M . -24.72 22.06 25.59
O4 NAG M . -25.72 21.57 22.90
O5 NAG M . -28.13 23.85 24.35
O6 NAG M . -29.19 21.61 23.20
O7 NAG M . -25.04 24.99 28.14
C1 GAL M . -25.53 20.17 23.22
C2 GAL M . -25.51 19.36 21.92
C3 GAL M . -25.33 17.87 22.19
C4 GAL M . -24.18 17.63 23.18
C5 GAL M . -24.34 18.55 24.39
C6 GAL M . -23.26 18.31 25.44
O2 GAL M . -26.71 19.58 21.21
O3 GAL M . -25.07 17.19 20.99
O4 GAL M . -22.97 17.88 22.53
O5 GAL M . -24.36 19.90 23.96
O6 GAL M . -23.54 19.13 26.54
C1 SIA M . -21.26 19.03 27.50
C2 SIA M . -22.34 19.86 26.87
C3 SIA M . -22.96 20.14 28.25
C4 SIA M . -22.05 20.88 29.24
C5 SIA M . -21.63 22.21 28.67
C6 SIA M . -21.16 21.95 27.26
C7 SIA M . -20.83 23.23 26.53
C8 SIA M . -20.06 22.96 25.25
C9 SIA M . -19.59 24.27 24.60
C10 SIA M . -20.74 24.01 30.06
C11 SIA M . -22.08 24.65 29.87
N5 SIA M . -20.58 22.83 29.47
O1A SIA M . -20.07 19.27 27.19
O1B SIA M . -21.60 18.11 28.28
O4 SIA M . -22.70 21.06 30.50
O6 SIA M . -22.22 21.26 26.59
O7 SIA M . -22.03 23.90 26.19
O8 SIA M . -18.93 22.12 25.54
O9 SIA M . -19.13 24.05 23.26
O10 SIA M . -19.86 24.52 30.73
C1 GAL N . -19.84 46.90 -11.58
C2 GAL N . -18.54 46.33 -12.13
C3 GAL N . -17.47 47.41 -12.24
C4 GAL N . -18.02 48.72 -12.82
C5 GAL N . -19.44 49.06 -12.38
C6 GAL N . -20.00 50.13 -13.31
O2 GAL N . -18.11 45.28 -11.30
O3 GAL N . -16.41 46.98 -13.06
O4 GAL N . -17.96 48.70 -14.23
O5 GAL N . -20.28 47.92 -12.44
O6 GAL N . -21.40 50.24 -13.17
C1 NAG N . -15.29 46.49 -12.30
C2 NAG N . -14.84 45.14 -12.87
C3 NAG N . -13.39 44.75 -12.61
C4 NAG N . -12.43 45.92 -12.47
C5 NAG N . -13.04 47.10 -11.73
C6 NAG N . -12.09 48.28 -11.79
C7 NAG N . -15.88 42.96 -13.06
C8 NAG N . -16.72 41.90 -12.40
N2 NAG N . -15.66 44.06 -12.34
O3 NAG N . -12.93 43.92 -13.65
O4 NAG N . -11.30 45.47 -11.78
O5 NAG N . -14.27 47.47 -12.32
O6 NAG N . -11.77 48.56 -13.14
O7 NAG N . -15.42 42.79 -14.18
C1 GAL N . -10.30 45.03 -12.71
C2 GAL N . -8.96 45.65 -12.29
C3 GAL N . -7.89 45.26 -13.29
C4 GAL N . -7.86 43.73 -13.38
C5 GAL N . -9.24 43.26 -13.81
C6 GAL N . -9.24 41.76 -14.09
O2 GAL N . -9.06 47.06 -12.22
O3 GAL N . -6.65 45.76 -12.87
O4 GAL N . -7.59 43.19 -12.12
O5 GAL N . -10.17 43.63 -12.81
O6 GAL N . -10.52 41.32 -14.46
C1 SIA N . -10.58 38.89 -13.95
C2 SIA N . -10.92 40.30 -13.53
C3 SIA N . -12.26 40.14 -14.27
C4 SIA N . -13.07 38.92 -13.81
C5 SIA N . -13.42 39.05 -12.34
C6 SIA N . -12.17 39.50 -11.62
C7 SIA N . -12.40 39.88 -10.16
C8 SIA N . -11.06 40.28 -9.53
C9 SIA N . -11.26 40.90 -8.15
C10 SIA N . -15.10 37.57 -11.33
C11 SIA N . -16.04 38.74 -11.35
N5 SIA N . -13.88 37.78 -11.81
O1A SIA N . -10.37 38.03 -13.07
O1B SIA N . -10.49 38.66 -15.18
O4 SIA N . -14.24 38.75 -14.61
O6 SIA N . -11.62 40.61 -12.33
O7 SIA N . -13.31 40.96 -10.08
O8 SIA N . -10.20 39.14 -9.41
O9 SIA N . -9.99 41.29 -7.60
O10 SIA N . -15.43 36.47 -10.90
C1 NAG O . 23.01 47.79 25.50
C2 NAG O . 21.67 48.41 25.91
C3 NAG O . 21.59 48.74 27.40
C4 NAG O . 22.17 47.63 28.28
C5 NAG O . 23.50 47.16 27.74
C6 NAG O . 24.05 45.99 28.54
C7 NAG O . 20.54 49.66 24.16
C8 NAG O . 20.36 50.98 23.46
N2 NAG O . 21.43 49.62 25.15
O3 NAG O . 20.25 48.99 27.76
O4 NAG O . 22.33 48.11 29.60
O5 NAG O . 23.37 46.75 26.40
O6 NAG O . 23.26 44.83 28.31
O7 NAG O . 19.88 48.69 23.80
C1 NAG O . 21.43 47.45 30.52
C2 NAG O . 22.14 47.32 31.86
C3 NAG O . 21.22 46.73 32.93
C4 NAG O . 19.91 47.49 32.98
C5 NAG O . 19.29 47.51 31.58
C6 NAG O . 17.96 48.25 31.59
C7 NAG O . 24.53 47.09 31.59
C8 NAG O . 25.71 46.17 31.49
N2 NAG O . 23.34 46.52 31.74
O3 NAG O . 21.85 46.79 34.19
O4 NAG O . 19.03 46.87 33.89
O5 NAG O . 20.19 48.12 30.67
O6 NAG O . 18.14 49.60 31.96
O7 NAG O . 24.68 48.31 31.54
C1 GAL P . -2.82 62.05 27.29
C2 GAL P . -1.30 61.89 27.18
C3 GAL P . -0.81 60.89 28.21
C4 GAL P . -1.33 61.23 29.60
C5 GAL P . -2.84 61.45 29.56
C6 GAL P . -3.35 61.86 30.93
O2 GAL P . -0.97 61.45 25.88
O3 GAL P . 0.60 60.83 28.23
O4 GAL P . -0.71 62.41 30.07
O5 GAL P . -3.14 62.44 28.60
O6 GAL P . -4.74 62.06 30.86
C1 NAG P . 0.95 59.48 28.60
C2 NAG P . 2.12 58.97 27.78
C3 NAG P . 2.55 57.57 28.22
C4 NAG P . 2.51 57.38 29.72
C5 NAG P . 1.29 58.00 30.37
C6 NAG P . 1.38 57.96 31.89
C7 NAG P . 2.39 59.73 25.49
C8 NAG P . 1.91 59.65 24.07
N2 NAG P . 1.76 58.97 26.37
O3 NAG P . 3.85 57.32 27.76
O4 NAG P . 2.57 56.00 30.03
O5 NAG P . 1.22 59.35 29.98
O6 NAG P . 2.44 58.78 32.31
O7 NAG P . 3.34 60.47 25.79
C1 GAL P . 3.82 55.73 30.70
C2 GAL P . 3.63 54.65 31.76
C3 GAL P . 4.93 54.39 32.51
C4 GAL P . 6.09 54.23 31.55
C5 GAL P . 6.08 55.36 30.52
C6 GAL P . 7.24 55.28 29.54
O2 GAL P . 2.63 55.06 32.66
O3 GAL P . 4.80 53.23 33.30
O4 GAL P . 6.02 52.98 30.89
O5 GAL P . 4.85 55.35 29.83
O6 GAL P . 7.08 56.37 28.65
C1 SIA P . 8.53 55.68 26.73
C2 SIA P . 7.15 55.90 27.29
C3 SIA P . 7.27 57.38 26.92
C4 SIA P . 7.53 57.66 25.45
C5 SIA P . 6.38 57.13 24.62
C6 SIA P . 6.13 55.71 25.07
C7 SIA P . 4.89 55.12 24.39
C8 SIA P . 4.68 53.64 24.70
C9 SIA P . 3.42 53.14 24.02
C10 SIA P . 5.88 57.66 22.29
C11 SIA P . 4.56 58.15 22.79
N5 SIA P . 6.71 57.18 23.22
O1A SIA P . 8.70 54.79 25.87
O1B SIA P . 9.44 56.39 27.19
O4 SIA P . 7.68 59.06 25.24
O6 SIA P . 5.97 55.71 26.49
O7 SIA P . 3.72 55.86 24.77
O8 SIA P . 5.82 52.90 24.24
O9 SIA P . 3.29 51.72 24.24
O10 SIA P . 6.17 57.70 21.10
C1 NAG Q . -68.26 13.53 17.32
C2 NAG Q . -66.96 12.97 17.90
C3 NAG Q . -66.38 11.86 17.03
C4 NAG Q . -67.45 10.84 16.67
C5 NAG Q . -68.63 11.57 16.04
C6 NAG Q . -69.71 10.58 15.60
C7 NAG Q . -65.65 14.55 19.23
C8 NAG Q . -64.64 15.66 19.22
N2 NAG Q . -65.99 14.05 18.05
O3 NAG Q . -65.31 11.24 17.71
O4 NAG Q . -66.93 9.87 15.79
O5 NAG Q . -69.17 12.50 16.95
O6 NAG Q . -69.85 9.58 16.59
O7 NAG Q . -66.12 14.17 20.30
C1 GAL Q . -66.44 8.75 16.53
C2 GAL Q . -66.98 7.46 15.90
C3 GAL Q . -66.40 6.19 16.54
C4 GAL Q . -64.92 6.33 16.89
C5 GAL Q . -64.65 7.69 17.51
C6 GAL Q . -63.19 7.84 17.90
O2 GAL Q . -68.38 7.44 16.04
O3 GAL Q . -66.53 5.12 15.64
O4 GAL Q . -64.13 6.15 15.74
O5 GAL Q . -65.04 8.70 16.60
O6 GAL Q . -63.02 9.02 18.64
C1 SIA Q . -60.57 9.48 18.76
C2 SIA Q . -61.90 9.72 18.10
C3 SIA Q . -62.20 10.84 19.09
C4 SIA Q . -61.16 11.96 19.09
C5 SIA Q . -61.12 12.63 17.73
C6 SIA Q . -61.04 11.53 16.69
C7 SIA Q . -61.27 12.03 15.27
C8 SIA Q . -61.36 10.85 14.31
C9 SIA Q . -61.98 11.23 12.99
C10 SIA Q . -60.21 14.84 17.40
C11 SIA Q . -61.63 15.27 17.19
N5 SIA Q . -60.01 13.55 17.65
O1A SIA Q . -59.51 9.69 18.11
O1B SIA Q . -60.56 9.06 19.94
O4 SIA Q . -61.49 12.92 20.11
O6 SIA Q . -62.06 10.58 16.96
O7 SIA Q . -62.49 12.78 15.22
O8 SIA Q . -60.04 10.35 14.08
O9 SIA Q . -61.83 10.14 12.07
O10 SIA Q . -59.29 15.63 17.33
C1 NAG R . -76.67 5.13 -28.26
C2 NAG R . -76.64 3.62 -28.09
C3 NAG R . -75.21 3.09 -28.07
C4 NAG R . -74.33 3.70 -29.15
C5 NAG R . -74.54 5.21 -29.28
C6 NAG R . -73.82 5.78 -30.50
C7 NAG R . -78.28 2.34 -26.84
C8 NAG R . -78.89 2.05 -25.50
N2 NAG R . -77.31 3.26 -26.86
O3 NAG R . -75.24 1.68 -28.22
O4 NAG R . -72.98 3.44 -28.83
O5 NAG R . -75.92 5.51 -29.40
O6 NAG R . -74.43 5.31 -31.67
O7 NAG R . -78.66 1.74 -27.84
C1 GAL R . -72.55 2.17 -29.33
C2 GAL R . -71.54 2.40 -30.45
C3 GAL R . -71.05 1.08 -31.06
C4 GAL R . -70.66 0.10 -29.97
C5 GAL R . -71.68 0.04 -28.84
C6 GAL R . -71.11 -0.82 -27.72
O2 GAL R . -72.12 3.20 -31.46
O3 GAL R . -69.93 1.34 -31.87
O4 GAL R . -69.40 0.44 -29.45
O5 GAL R . -71.95 1.33 -28.36
O6 GAL R . -72.07 -1.71 -27.20
C1 SIA R . -71.03 -3.58 -25.86
C2 SIA R . -71.59 -2.17 -25.93
C3 SIA R . -72.96 -2.76 -25.64
C4 SIA R . -73.04 -3.53 -24.32
C5 SIA R . -72.84 -2.58 -23.16
C6 SIA R . -71.56 -1.82 -23.48
C7 SIA R . -71.29 -0.68 -22.51
C8 SIA R . -70.03 0.06 -22.95
C9 SIA R . -69.55 1.06 -21.90
C10 SIA R . -73.55 -3.05 -20.86
C11 SIA R . -74.60 -2.00 -21.07
N5 SIA R . -72.74 -3.29 -21.90
O1A SIA R . -70.15 -3.85 -25.01
O1B SIA R . -71.46 -4.41 -26.69
O4 SIA R . -74.30 -4.21 -24.20
O6 SIA R . -71.65 -1.28 -24.80
O7 SIA R . -72.40 0.22 -22.50
O8 SIA R . -69.00 -0.91 -23.20
O9 SIA R . -68.82 2.12 -22.54
O10 SIA R . -73.44 -3.66 -19.81
C1 NAG S . 35.02 -30.76 23.05
C2 NAG S . 35.98 -29.91 23.89
C3 NAG S . 35.61 -29.94 25.38
C4 NAG S . 34.14 -29.66 25.58
C5 NAG S . 33.30 -30.54 24.66
C6 NAG S . 31.82 -30.20 24.82
C7 NAG S . 38.35 -29.44 23.72
C8 NAG S . 39.74 -29.98 23.52
N2 NAG S . 37.36 -30.33 23.72
O3 NAG S . 36.38 -28.98 26.07
O4 NAG S . 33.79 -29.89 26.92
O5 NAG S . 33.69 -30.36 23.31
O6 NAG S . 31.25 -30.03 23.54
O7 NAG S . 38.17 -28.23 23.88
C1 NAG T . 28.55 -20.10 3.87
C2 NAG T . 27.18 -20.61 4.33
C3 NAG T . 26.09 -19.60 4.01
C4 NAG T . 26.50 -18.20 4.46
C5 NAG T . 27.90 -17.85 3.99
C6 NAG T . 28.34 -16.49 4.51
C7 NAG T . 27.85 -22.74 3.37
C8 NAG T . 27.42 -24.01 2.71
N2 NAG T . 26.89 -21.87 3.69
O3 NAG T . 24.90 -19.97 4.65
O4 NAG T . 25.59 -17.26 3.92
O5 NAG T . 28.80 -18.84 4.45
O6 NAG T . 29.55 -16.11 3.88
O7 NAG T . 29.04 -22.53 3.61
C1 NAG U . -10.16 7.46 27.65
C2 NAG U . -10.96 6.17 27.40
C3 NAG U . -12.45 6.43 27.21
C4 NAG U . -12.97 7.37 28.29
C5 NAG U . -12.11 8.63 28.33
C6 NAG U . -12.61 9.63 29.36
C7 NAG U . -9.53 4.53 26.32
C8 NAG U . -9.08 3.91 25.03
N2 NAG U . -10.44 5.49 26.23
O3 NAG U . -13.14 5.22 27.24
O4 NAG U . -14.32 7.71 28.04
O5 NAG U . -10.78 8.26 28.64
O6 NAG U . -11.76 10.76 29.37
O7 NAG U . -9.06 4.15 27.39
C1 NAG V . 20.92 0.39 39.73
C2 NAG V . 21.15 -0.48 40.95
C3 NAG V . 20.75 0.25 42.23
C4 NAG V . 21.35 1.65 42.26
C5 NAG V . 21.10 2.37 40.95
C6 NAG V . 21.76 3.75 40.95
C7 NAG V . 20.94 -2.81 40.28
C8 NAG V . 20.05 -4.01 40.21
N2 NAG V . 20.40 -1.72 40.83
O3 NAG V . 21.22 -0.48 43.36
O4 NAG V . 20.77 2.37 43.33
O5 NAG V . 21.62 1.61 39.89
O6 NAG V . 20.81 4.72 41.34
O7 NAG V . 22.09 -2.84 39.85
C1 NAG W . 1.63 28.86 -18.77
C2 NAG W . 0.74 30.04 -18.38
C3 NAG W . 1.04 31.28 -19.21
C4 NAG W . 2.52 31.59 -19.14
C5 NAG W . 3.31 30.37 -19.59
C6 NAG W . 4.81 30.63 -19.47
C7 NAG W . -1.43 29.58 -17.39
C8 NAG W . -2.88 29.26 -17.60
N2 NAG W . -0.67 29.72 -18.47
O3 NAG W . 0.29 32.38 -18.74
O4 NAG W . 2.83 32.71 -19.96
O5 NAG W . 2.99 29.23 -18.80
O6 NAG W . 5.35 29.69 -18.57
O7 NAG W . -0.98 29.71 -16.25
C1 NAG X . 7.84 -8.57 -2.20
C2 NAG X . 7.11 -7.34 -2.72
C3 NAG X . 7.31 -6.15 -1.78
C4 NAG X . 7.04 -6.53 -0.34
C5 NAG X . 7.79 -7.81 0.04
C6 NAG X . 7.46 -8.25 1.46
C7 NAG X . 6.79 -6.36 -4.91
C8 NAG X . 7.40 -6.08 -6.26
N2 NAG X . 7.56 -7.00 -4.05
O3 NAG X . 6.43 -5.08 -2.16
O4 NAG X . 7.46 -5.47 0.53
O5 NAG X . 7.42 -8.85 -0.88
O6 NAG X . 8.58 -7.99 2.31
O7 NAG X . 5.64 -6.02 -4.64
C1 NAG Y . -28.91 26.25 -19.40
C2 NAG Y . -27.71 27.19 -19.17
C3 NAG Y . -28.11 28.66 -18.97
C4 NAG Y . -29.34 29.09 -19.79
C5 NAG Y . -30.37 27.98 -19.75
C6 NAG Y . -31.65 28.29 -20.51
C7 NAG Y . -26.74 25.65 -17.42
C8 NAG Y . -25.77 25.60 -16.28
N2 NAG Y . -26.86 26.83 -18.03
O3 NAG Y . -27.02 29.50 -19.30
O4 NAG Y . -29.88 30.27 -19.24
O5 NAG Y . -29.77 26.86 -20.33
O6 NAG Y . -32.45 27.14 -20.50
O7 NAG Y . -27.34 24.62 -17.74
C1 SIA Z . -42.33 34.10 -17.07
C2 SIA Z . -43.63 34.84 -17.29
C3 SIA Z . -43.67 35.38 -18.72
C4 SIA Z . -44.10 34.31 -19.72
C5 SIA Z . -45.42 33.71 -19.26
C6 SIA Z . -45.26 33.08 -17.89
C7 SIA Z . -46.59 32.52 -17.39
C8 SIA Z . -46.41 31.66 -16.16
C9 SIA Z . -47.75 31.07 -15.74
C10 SIA Z . -47.06 32.69 -20.76
C11 SIA Z . -47.96 33.84 -20.38
N5 SIA Z . -45.85 32.69 -20.18
O1A SIA Z . -42.38 32.89 -16.73
O1B SIA Z . -41.26 34.71 -17.25
O4 SIA Z . -44.27 34.90 -21.01
O6 SIA Z . -44.71 33.97 -16.91
O7 SIA Z . -47.50 33.58 -17.09
O8 SIA Z . -45.49 30.60 -16.45
O9 SIA Z . -47.53 29.90 -14.93
O10 SIA Z . -47.40 31.82 -21.54
#